data_2KT4
#
_entry.id   2KT4
#
_cell.length_a   1.000
_cell.length_b   1.000
_cell.length_c   1.000
_cell.angle_alpha   90.00
_cell.angle_beta   90.00
_cell.angle_gamma   90.00
#
_symmetry.space_group_name_H-M   'P 1'
#
loop_
_entity.id
_entity.type
_entity.pdbx_description
1 polymer 'Extracellular fatty acid-binding protein'
2 non-polymer "N,N',N''-[(3S,7S,11S)-2,6,10-trioxo-1,5,9-trioxacyclododecane-3,7,11-triyl]tris(2,3-dihydroxybenzamide)"
3 non-polymer 'GALLIUM (III) ION'
#
_entity_poly.entity_id   1
_entity_poly.type   'polypeptide(L)'
_entity_poly.pdbx_seq_one_letter_code
;MTVPDRSEIAGKWYVVALASNTEFFLREKDKMKMAMARISFLGEDELKVSYAVPKPNGCRKWETTFKKTSDDGEVYYSEE
AKKKVEVLDTDYKSYAVIYATRVKDGRTLHMMRLYSRSPEVSPAATAIFRKLAGERNYTDEMVAMLPRQEECTVDEV
;
_entity_poly.pdbx_strand_id   B
#
loop_
_chem_comp.id
_chem_comp.type
_chem_comp.name
_chem_comp.formula
EB4 non-polymer N,N',N''-[(3S,7S,11S)-2,6,10-trioxo-1,5,9-trioxacyclododecane-3,7,11-triyl]tris(2,3-dihydroxybenzamide) 'C30 H27 N3 O15'
GA non-polymer 'GALLIUM (III) ION' 'Ga 3'
#
# COMPACT_ATOMS: atom_id res chain seq x y z
N MET A 1 16.96 3.16 -23.16
CA MET A 1 16.01 2.42 -22.29
C MET A 1 16.55 2.33 -20.88
N THR A 2 15.65 2.28 -19.90
CA THR A 2 16.03 2.18 -18.49
C THR A 2 17.00 3.31 -18.10
N VAL A 3 16.73 4.52 -18.60
CA VAL A 3 17.57 5.68 -18.30
C VAL A 3 17.26 6.25 -16.92
N PRO A 4 18.26 6.87 -16.28
CA PRO A 4 18.11 7.46 -14.95
C PRO A 4 17.37 8.81 -15.00
N ASP A 5 16.18 8.80 -15.60
CA ASP A 5 15.39 10.03 -15.71
C ASP A 5 14.23 10.04 -14.72
N ARG A 6 13.00 10.02 -15.21
CA ARG A 6 11.81 10.01 -14.34
C ARG A 6 11.84 8.85 -13.34
N SER A 7 12.62 7.82 -13.66
CA SER A 7 12.74 6.65 -12.81
C SER A 7 12.97 7.03 -11.35
N GLU A 8 13.65 8.16 -11.11
CA GLU A 8 13.90 8.64 -9.76
C GLU A 8 12.59 8.86 -8.98
N ILE A 9 11.52 9.16 -9.69
CA ILE A 9 10.20 9.41 -9.13
C ILE A 9 9.41 8.12 -8.88
N ALA A 10 9.99 6.98 -9.23
CA ALA A 10 9.32 5.69 -9.09
C ALA A 10 10.22 4.66 -8.42
N GLY A 11 9.67 3.49 -8.13
CA GLY A 11 10.45 2.45 -7.50
C GLY A 11 9.59 1.43 -6.78
N LYS A 12 10.14 0.83 -5.74
CA LYS A 12 9.45 -0.17 -4.94
C LYS A 12 9.19 0.31 -3.53
N TRP A 13 8.06 -0.09 -2.96
CA TRP A 13 7.70 0.28 -1.60
C TRP A 13 7.28 -0.98 -0.84
N TYR A 14 7.69 -1.07 0.42
CA TYR A 14 7.35 -2.23 1.24
C TYR A 14 6.23 -1.90 2.21
N VAL A 15 5.09 -2.64 2.08
CA VAL A 15 3.99 -2.33 3.00
C VAL A 15 4.17 -3.20 4.25
N VAL A 16 4.45 -2.47 5.33
CA VAL A 16 4.68 -3.07 6.64
C VAL A 16 3.51 -2.81 7.57
N ALA A 17 2.46 -2.17 7.04
CA ALA A 17 1.28 -1.85 7.82
C ALA A 17 0.03 -2.05 6.99
N LEU A 18 -1.08 -2.36 7.66
CA LEU A 18 -2.34 -2.62 6.98
C LEU A 18 -3.53 -2.29 7.85
N ALA A 19 -4.63 -1.88 7.24
CA ALA A 19 -5.86 -1.60 7.97
C ALA A 19 -7.04 -1.99 7.07
N SER A 20 -8.00 -2.73 7.65
CA SER A 20 -9.15 -3.17 6.87
C SER A 20 -10.45 -2.86 7.60
N ASN A 21 -11.47 -2.51 6.83
CA ASN A 21 -12.78 -2.18 7.37
C ASN A 21 -13.62 -3.44 7.57
N THR A 22 -13.33 -4.48 6.77
CA THR A 22 -14.06 -5.74 6.88
C THR A 22 -13.37 -6.74 7.80
N GLU A 23 -14.14 -7.32 8.72
CA GLU A 23 -13.61 -8.29 9.68
C GLU A 23 -12.78 -9.37 8.96
N PHE A 24 -13.33 -9.93 7.88
CA PHE A 24 -12.64 -10.98 7.12
C PHE A 24 -11.22 -10.58 6.75
N PHE A 25 -11.06 -9.42 6.11
CA PHE A 25 -9.74 -8.94 5.71
C PHE A 25 -8.80 -8.85 6.91
N LEU A 26 -9.29 -8.31 8.01
CA LEU A 26 -8.50 -8.18 9.23
C LEU A 26 -8.08 -9.57 9.70
N ARG A 27 -9.05 -10.46 9.76
CA ARG A 27 -8.82 -11.83 10.19
C ARG A 27 -7.78 -12.50 9.30
N GLU A 28 -7.98 -12.40 7.99
CA GLU A 28 -7.07 -12.99 7.03
C GLU A 28 -5.71 -12.30 7.03
N LYS A 29 -5.71 -10.98 6.85
CA LYS A 29 -4.46 -10.22 6.84
C LYS A 29 -3.67 -10.35 8.12
N ASP A 30 -4.34 -10.24 9.27
CA ASP A 30 -3.65 -10.37 10.56
C ASP A 30 -2.93 -11.71 10.66
N LYS A 31 -3.46 -12.73 10.00
CA LYS A 31 -2.83 -14.04 10.01
C LYS A 31 -1.79 -14.19 8.92
N MET A 32 -1.79 -13.22 7.89
CA MET A 32 -0.74 -13.52 6.94
C MET A 32 0.63 -12.82 7.18
N LYS A 33 1.21 -12.16 6.18
CA LYS A 33 2.55 -11.56 6.40
C LYS A 33 2.60 -10.24 5.66
N MET A 34 3.74 -9.56 5.69
CA MET A 34 3.86 -8.25 5.07
C MET A 34 3.78 -8.40 3.54
N ALA A 35 3.28 -7.38 2.89
CA ALA A 35 3.06 -7.36 1.45
C ALA A 35 4.05 -6.42 0.76
N MET A 36 3.99 -6.38 -0.56
CA MET A 36 4.89 -5.57 -1.35
C MET A 36 4.12 -4.65 -2.30
N ALA A 37 4.80 -3.62 -2.79
CA ALA A 37 4.18 -2.69 -3.74
C ALA A 37 5.27 -1.91 -4.50
N ARG A 38 5.19 -2.01 -5.81
CA ARG A 38 6.11 -1.30 -6.69
C ARG A 38 5.28 -0.57 -7.72
N ILE A 39 5.52 0.71 -7.92
CA ILE A 39 4.73 1.50 -8.85
C ILE A 39 5.58 2.01 -10.01
N SER A 40 4.99 2.08 -11.19
CA SER A 40 5.67 2.56 -12.37
C SER A 40 4.78 3.49 -13.19
N PHE A 41 5.33 4.63 -13.60
CA PHE A 41 4.58 5.61 -14.37
C PHE A 41 4.31 5.12 -15.79
N LEU A 42 3.05 4.76 -16.05
CA LEU A 42 2.64 4.28 -17.36
C LEU A 42 2.62 5.45 -18.34
N GLY A 43 2.11 6.57 -17.89
CA GLY A 43 1.94 7.75 -18.72
C GLY A 43 1.73 8.98 -17.88
N GLU A 44 1.50 10.11 -18.53
CA GLU A 44 1.23 11.36 -17.82
C GLU A 44 -0.04 11.26 -16.95
N ASP A 45 -1.03 10.52 -17.46
CA ASP A 45 -2.30 10.33 -16.77
C ASP A 45 -2.53 8.87 -16.37
N GLU A 46 -1.57 7.98 -16.69
CA GLU A 46 -1.72 6.57 -16.37
C GLU A 46 -0.53 6.05 -15.57
N LEU A 47 -0.78 5.07 -14.74
CA LEU A 47 0.22 4.50 -13.85
C LEU A 47 0.03 3.00 -13.68
N LYS A 48 1.12 2.29 -13.43
CA LYS A 48 1.10 0.86 -13.25
C LYS A 48 1.69 0.48 -11.89
N VAL A 49 1.13 -0.52 -11.24
CA VAL A 49 1.61 -0.95 -9.94
C VAL A 49 1.75 -2.46 -9.86
N SER A 50 2.84 -2.92 -9.25
CA SER A 50 3.07 -4.35 -9.10
C SER A 50 2.97 -4.73 -7.62
N TYR A 51 2.08 -5.67 -7.32
CA TYR A 51 1.86 -6.13 -5.97
C TYR A 51 2.57 -7.45 -5.73
N ALA A 52 3.12 -7.62 -4.53
CA ALA A 52 3.77 -8.88 -4.18
C ALA A 52 3.35 -9.28 -2.77
N VAL A 53 2.62 -10.39 -2.67
CA VAL A 53 2.15 -10.86 -1.37
C VAL A 53 2.43 -12.35 -1.18
N PRO A 54 2.88 -12.74 0.02
CA PRO A 54 3.18 -14.14 0.34
C PRO A 54 1.89 -14.92 0.64
N LYS A 55 1.41 -15.65 -0.33
CA LYS A 55 0.21 -16.45 -0.25
C LYS A 55 0.52 -17.92 -0.01
N PRO A 56 -0.29 -18.63 0.79
CA PRO A 56 -0.08 -20.07 1.05
C PRO A 56 0.38 -20.86 -0.19
N ASN A 57 -0.01 -20.40 -1.37
CA ASN A 57 0.37 -21.05 -2.62
C ASN A 57 1.73 -20.55 -3.13
N GLY A 58 2.32 -19.59 -2.42
CA GLY A 58 3.58 -19.02 -2.84
C GLY A 58 3.52 -17.52 -2.98
N CYS A 59 4.61 -16.91 -3.45
CA CYS A 59 4.64 -15.47 -3.63
C CYS A 59 3.68 -15.04 -4.73
N ARG A 60 2.57 -14.41 -4.32
CA ARG A 60 1.58 -13.98 -5.29
C ARG A 60 1.81 -12.52 -5.64
N LYS A 61 2.01 -12.27 -6.92
CA LYS A 61 2.24 -10.92 -7.41
C LYS A 61 1.20 -10.55 -8.45
N TRP A 62 1.01 -9.27 -8.67
CA TRP A 62 0.07 -8.79 -9.67
C TRP A 62 0.38 -7.35 -10.03
N GLU A 63 0.14 -7.01 -11.29
CA GLU A 63 0.43 -5.65 -11.72
C GLU A 63 -0.82 -5.09 -12.38
N THR A 64 -1.23 -3.92 -11.86
CA THR A 64 -2.43 -3.25 -12.32
C THR A 64 -2.11 -1.84 -12.81
N THR A 65 -2.92 -1.34 -13.73
CA THR A 65 -2.77 0.01 -14.27
C THR A 65 -3.86 0.93 -13.75
N PHE A 66 -3.49 2.13 -13.32
CA PHE A 66 -4.45 3.09 -12.80
C PHE A 66 -4.36 4.41 -13.55
N LYS A 67 -5.31 5.31 -13.27
CA LYS A 67 -5.34 6.61 -13.91
C LYS A 67 -5.06 7.71 -12.89
N LYS A 68 -4.39 8.77 -13.34
CA LYS A 68 -4.03 9.89 -12.49
C LYS A 68 -5.28 10.59 -11.95
N THR A 69 -5.32 10.82 -10.63
CA THR A 69 -6.46 11.54 -10.05
C THR A 69 -5.93 12.38 -8.89
N SER A 70 -5.55 13.61 -9.23
CA SER A 70 -5.01 14.55 -8.25
C SER A 70 -6.13 15.05 -7.32
N ASP A 71 -6.73 14.12 -6.57
CA ASP A 71 -7.80 14.47 -5.65
C ASP A 71 -7.28 15.36 -4.51
N ASP A 72 -6.41 14.79 -3.68
CA ASP A 72 -5.81 15.51 -2.57
C ASP A 72 -4.31 15.73 -2.84
N GLY A 73 -4.00 15.91 -4.08
CA GLY A 73 -2.76 16.21 -4.72
C GLY A 73 -2.01 15.13 -5.50
N GLU A 74 -1.65 13.98 -5.00
CA GLU A 74 -1.08 12.95 -5.88
C GLU A 74 -1.82 11.65 -5.58
N VAL A 75 -3.13 11.72 -5.75
CA VAL A 75 -4.00 10.57 -5.50
C VAL A 75 -4.25 9.84 -6.82
N TYR A 76 -4.69 8.58 -6.74
CA TYR A 76 -4.94 7.78 -7.93
C TYR A 76 -6.26 7.04 -7.85
N TYR A 77 -6.90 6.86 -8.99
CA TYR A 77 -8.19 6.18 -9.07
C TYR A 77 -8.16 5.12 -10.17
N SER A 78 -8.58 3.90 -9.83
CA SER A 78 -8.63 2.86 -10.87
C SER A 78 -10.09 2.46 -11.08
N GLU A 79 -10.74 3.21 -11.98
CA GLU A 79 -12.14 2.96 -12.30
C GLU A 79 -12.31 1.53 -12.81
N GLU A 80 -11.40 1.11 -13.68
CA GLU A 80 -11.43 -0.22 -14.26
C GLU A 80 -11.35 -1.31 -13.18
N ALA A 81 -10.72 -1.00 -12.06
CA ALA A 81 -10.57 -1.96 -10.97
C ALA A 81 -11.45 -1.66 -9.75
N LYS A 82 -11.97 -0.43 -9.68
CA LYS A 82 -12.80 0.01 -8.55
C LYS A 82 -11.96 0.17 -7.29
N LYS A 83 -10.78 0.78 -7.46
CA LYS A 83 -9.86 0.99 -6.35
C LYS A 83 -9.27 2.40 -6.37
N LYS A 84 -9.31 3.06 -5.23
CA LYS A 84 -8.76 4.40 -5.08
C LYS A 84 -7.65 4.40 -4.04
N VAL A 85 -6.59 5.18 -4.30
CA VAL A 85 -5.50 5.29 -3.34
C VAL A 85 -5.10 6.75 -3.18
N GLU A 86 -4.97 7.17 -1.93
CA GLU A 86 -4.61 8.56 -1.63
C GLU A 86 -3.48 8.62 -0.61
N VAL A 87 -2.36 9.20 -1.05
CA VAL A 87 -1.20 9.34 -0.17
C VAL A 87 -1.50 10.37 0.91
N LEU A 88 -1.65 9.88 2.14
CA LEU A 88 -1.97 10.76 3.26
C LEU A 88 -0.73 11.54 3.71
N ASP A 89 0.36 10.82 3.99
CA ASP A 89 1.61 11.45 4.41
C ASP A 89 2.79 10.55 4.07
N THR A 90 3.92 11.15 3.73
CA THR A 90 5.11 10.41 3.37
C THR A 90 6.38 11.20 3.66
N ASP A 91 7.41 10.52 4.15
CA ASP A 91 8.67 11.17 4.45
C ASP A 91 9.68 10.88 3.34
N TYR A 92 10.42 11.91 2.93
CA TYR A 92 11.42 11.75 1.87
C TYR A 92 12.50 10.75 2.28
N LYS A 93 12.80 10.69 3.57
CA LYS A 93 13.81 9.78 4.09
C LYS A 93 13.31 8.94 5.26
N SER A 94 12.01 8.69 5.32
CA SER A 94 11.46 7.91 6.42
C SER A 94 10.24 7.07 6.00
N TYR A 95 9.33 6.86 6.94
CA TYR A 95 8.12 6.05 6.70
C TYR A 95 7.08 6.85 5.95
N ALA A 96 6.06 6.16 5.45
CA ALA A 96 4.97 6.79 4.71
C ALA A 96 3.65 6.07 4.95
N VAL A 97 2.56 6.82 4.94
CA VAL A 97 1.24 6.24 5.13
C VAL A 97 0.29 6.65 4.00
N ILE A 98 -0.30 5.67 3.34
CA ILE A 98 -1.21 5.93 2.24
C ILE A 98 -2.59 5.33 2.52
N TYR A 99 -3.63 6.06 2.16
CA TYR A 99 -4.98 5.61 2.38
C TYR A 99 -5.55 5.05 1.08
N ALA A 100 -6.31 3.96 1.18
CA ALA A 100 -6.89 3.33 0.01
C ALA A 100 -8.35 2.97 0.23
N THR A 101 -9.13 3.06 -0.83
CA THR A 101 -10.55 2.74 -0.77
C THR A 101 -10.99 2.09 -2.08
N ARG A 102 -11.87 1.12 -1.99
CA ARG A 102 -12.39 0.44 -3.18
C ARG A 102 -13.90 0.29 -3.04
N VAL A 103 -14.64 0.63 -4.07
CA VAL A 103 -16.09 0.52 -4.00
C VAL A 103 -16.63 -0.47 -5.03
N LYS A 104 -17.47 -1.36 -4.56
CA LYS A 104 -18.10 -2.37 -5.40
C LYS A 104 -19.58 -2.06 -5.48
N ASP A 105 -20.24 -2.51 -6.54
CA ASP A 105 -21.67 -2.28 -6.74
C ASP A 105 -22.46 -2.37 -5.43
N GLY A 106 -22.75 -1.21 -4.84
CA GLY A 106 -23.53 -1.23 -3.61
C GLY A 106 -22.72 -1.37 -2.32
N ARG A 107 -21.40 -1.47 -2.43
CA ARG A 107 -20.55 -1.63 -1.24
C ARG A 107 -19.24 -0.85 -1.34
N THR A 108 -18.91 -0.14 -0.26
CA THR A 108 -17.69 0.66 -0.18
C THR A 108 -16.68 0.05 0.79
N LEU A 109 -15.47 -0.20 0.35
CA LEU A 109 -14.46 -0.76 1.23
C LEU A 109 -13.27 0.17 1.35
N HIS A 110 -12.74 0.29 2.56
CA HIS A 110 -11.58 1.15 2.80
C HIS A 110 -10.44 0.27 3.31
N MET A 111 -9.21 0.66 2.97
CA MET A 111 -8.05 -0.10 3.41
C MET A 111 -6.89 0.88 3.60
N MET A 112 -6.44 0.96 4.85
CA MET A 112 -5.35 1.90 5.15
C MET A 112 -4.07 1.07 5.12
N ARG A 113 -2.97 1.71 4.70
CA ARG A 113 -1.70 1.03 4.58
C ARG A 113 -0.52 1.94 4.85
N LEU A 114 0.58 1.34 5.30
CA LEU A 114 1.80 2.07 5.61
C LEU A 114 2.98 1.35 4.97
N TYR A 115 3.86 2.10 4.32
CA TYR A 115 5.01 1.51 3.67
C TYR A 115 6.31 2.09 4.21
N SER A 116 7.36 1.28 4.18
CA SER A 116 8.64 1.72 4.69
C SER A 116 9.59 1.77 3.50
N ARG A 117 10.62 2.64 3.60
CA ARG A 117 11.55 2.82 2.49
C ARG A 117 12.24 1.50 2.15
N SER A 118 12.23 0.55 3.08
CA SER A 118 12.81 -0.77 2.88
C SER A 118 11.93 -1.78 3.61
N PRO A 119 12.14 -3.09 3.41
CA PRO A 119 11.34 -4.13 4.09
C PRO A 119 11.65 -4.20 5.58
N GLU A 120 11.41 -3.12 6.30
CA GLU A 120 11.67 -3.07 7.73
C GLU A 120 10.76 -2.04 8.41
N VAL A 121 9.92 -2.53 9.32
CA VAL A 121 8.97 -1.65 10.00
C VAL A 121 9.71 -0.90 11.14
N SER A 122 9.41 0.39 11.19
CA SER A 122 9.99 1.31 12.17
C SER A 122 9.04 1.71 13.28
N PRO A 123 9.54 1.92 14.50
CA PRO A 123 8.71 2.35 15.63
C PRO A 123 8.00 3.68 15.33
N ALA A 124 8.74 4.62 14.74
CA ALA A 124 8.20 5.92 14.40
C ALA A 124 6.99 5.77 13.48
N ALA A 125 7.13 4.95 12.44
CA ALA A 125 6.05 4.72 11.50
C ALA A 125 4.87 4.04 12.21
N THR A 126 5.22 3.15 13.14
CA THR A 126 4.22 2.42 13.90
C THR A 126 3.39 3.39 14.75
N ALA A 127 4.08 4.23 15.52
CA ALA A 127 3.41 5.21 16.38
C ALA A 127 2.59 6.19 15.57
N ILE A 128 3.14 6.61 14.43
CA ILE A 128 2.46 7.57 13.56
C ILE A 128 1.19 6.94 12.99
N PHE A 129 1.33 5.78 12.36
CA PHE A 129 0.20 5.06 11.77
C PHE A 129 -0.89 4.81 12.83
N ARG A 130 -0.46 4.48 14.04
CA ARG A 130 -1.38 4.21 15.13
C ARG A 130 -2.06 5.48 15.63
N LYS A 131 -1.26 6.54 15.80
CA LYS A 131 -1.79 7.81 16.28
C LYS A 131 -3.00 8.24 15.46
N LEU A 132 -2.87 8.15 14.14
CA LEU A 132 -3.97 8.51 13.25
C LEU A 132 -5.09 7.48 13.38
N ALA A 133 -4.70 6.21 13.43
CA ALA A 133 -5.66 5.13 13.57
C ALA A 133 -6.53 5.31 14.82
N GLY A 134 -5.92 5.75 15.92
CA GLY A 134 -6.66 5.94 17.15
C GLY A 134 -7.57 7.15 17.06
N GLU A 135 -7.16 8.14 16.28
CA GLU A 135 -7.94 9.35 16.10
C GLU A 135 -9.28 9.01 15.43
N ARG A 136 -9.29 7.90 14.69
CA ARG A 136 -10.49 7.45 14.00
C ARG A 136 -11.22 6.38 14.80
N ASN A 137 -10.88 6.28 16.10
CA ASN A 137 -11.51 5.29 16.99
C ASN A 137 -11.29 3.86 16.48
N TYR A 138 -10.10 3.62 15.91
CA TYR A 138 -9.80 2.30 15.36
C TYR A 138 -9.67 1.26 16.48
N THR A 139 -9.68 -0.01 16.08
CA THR A 139 -9.55 -1.12 17.02
C THR A 139 -8.39 -2.01 16.59
N ASP A 140 -7.76 -2.67 17.56
CA ASP A 140 -6.58 -3.49 17.25
C ASP A 140 -6.78 -4.43 16.04
N GLU A 141 -7.81 -5.26 16.06
CA GLU A 141 -8.10 -6.18 14.94
C GLU A 141 -8.31 -5.44 13.62
N MET A 142 -8.51 -4.12 13.65
CA MET A 142 -8.74 -3.36 12.41
C MET A 142 -7.43 -3.05 11.71
N VAL A 143 -6.34 -3.02 12.46
CA VAL A 143 -5.02 -2.75 11.96
C VAL A 143 -4.16 -4.01 11.91
N ALA A 144 -3.22 -4.04 10.98
CA ALA A 144 -2.33 -5.19 10.82
C ALA A 144 -0.89 -4.76 10.58
N MET A 145 0.01 -5.29 11.36
CA MET A 145 1.45 -5.03 11.33
C MET A 145 2.30 -6.26 11.17
N LEU A 146 3.40 -6.19 10.44
CA LEU A 146 4.30 -7.33 10.31
C LEU A 146 5.71 -7.04 10.83
N PRO A 147 6.16 -7.73 11.87
CA PRO A 147 7.51 -7.54 12.41
C PRO A 147 8.57 -8.11 11.47
N ARG A 148 9.78 -8.29 11.97
CA ARG A 148 10.90 -8.85 11.20
C ARG A 148 10.65 -10.27 10.62
N GLN A 149 9.58 -10.41 9.89
CA GLN A 149 9.10 -11.64 9.28
C GLN A 149 9.30 -11.69 7.76
N GLU A 150 10.21 -10.87 7.25
CA GLU A 150 10.41 -10.76 5.81
C GLU A 150 11.23 -11.91 5.24
N GLU A 151 10.97 -12.23 3.98
CA GLU A 151 11.66 -13.32 3.29
C GLU A 151 11.44 -13.24 1.78
N CYS A 152 10.17 -13.09 1.40
CA CYS A 152 9.89 -13.05 -0.04
C CYS A 152 9.69 -11.56 -0.37
N THR A 153 10.37 -11.18 -1.47
CA THR A 153 10.40 -9.80 -1.92
C THR A 153 10.17 -9.70 -3.42
N VAL A 154 9.71 -8.54 -3.87
CA VAL A 154 9.45 -8.30 -5.29
C VAL A 154 10.61 -7.54 -5.91
N ASP A 155 10.99 -7.94 -7.12
CA ASP A 155 12.09 -7.31 -7.84
C ASP A 155 11.73 -5.91 -8.33
N GLU A 156 12.75 -5.10 -8.57
CA GLU A 156 12.55 -3.75 -9.05
C GLU A 156 12.96 -3.59 -10.52
N VAL A 157 14.05 -4.23 -10.92
CA VAL A 157 14.54 -4.13 -12.29
C VAL A 157 15.51 -5.26 -12.62
O6 EB4 B . -3.55 -3.50 -2.86
O4 EB4 B . -5.47 -2.90 -2.33
O5 EB4 B . -5.19 -3.02 -4.47
N1 EB4 B . -8.76 -6.41 -2.64
C5 EB4 B . -5.24 -3.55 -5.72
C4 EB4 B . -6.79 -2.83 -2.02
C1 EB4 B . -7.52 -3.92 -2.47
C2 EB4 B . -5.22 -4.94 -5.74
C6 EB4 B . -2.92 -4.17 -1.86
C8 EB4 B . -5.21 -2.84 -6.92
N2 EB4 B . -5.68 -7.61 -5.84
C9 EB4 B . -1.81 -3.74 -1.16
C10 EB4 B . -8.78 -1.92 -1.02
O3 EB4 B . -4.71 -5.60 -2.16
N3 EB4 B . -4.47 -7.95 -1.13
C16 EB4 B . -8.86 -4.04 -2.16
C7 EB4 B . -7.43 -1.81 -1.32
C3 EB4 B . -3.56 -5.36 -1.49
C11 EB4 B . -5.19 -3.52 -8.13
O1 EB4 B . -6.76 -4.78 -3.21
O2 EB4 B . -5.07 -5.51 -4.52
C12 EB4 B . -1.30 -4.51 -0.13
C15 EB4 B . -1.89 -5.72 0.20
C14 EB4 B . -5.22 -4.90 -8.15
C13 EB4 B . -9.49 -3.05 -1.43
O7 EB4 B . -10.73 -5.48 -1.97
C19 EB4 B . -9.54 -5.38 -2.25
C22 EB4 B . -9.26 -7.81 -2.78
C25 EB4 B . -8.52 -8.75 -1.84
O10 EB4 B . -9.12 -9.68 -1.31
O15 EB4 B . -7.23 -8.44 -1.60
C30 EB4 B . -6.49 -9.31 -0.71
C24 EB4 B . -5.04 -9.31 -1.14
C21 EB4 B . -3.43 -7.59 -0.36
C18 EB4 B . -3.02 -6.16 -0.49
O9 EB4 B . -2.95 -8.30 0.52
C27 EB4 B . -4.98 -9.97 -2.55
O12 EB4 B . -5.00 -11.20 -2.68
C28 EB4 B . -9.29 -8.25 -4.23
O13 EB4 B . -7.98 -8.16 -4.80
C26 EB4 B . -7.28 -9.30 -5.04
O11 EB4 B . -7.66 -10.42 -4.70
C23 EB4 B . -5.91 -9.07 -5.69
C29 EB4 B . -4.80 -9.73 -4.87
O14 EB4 B . -4.81 -9.10 -3.59
C20 EB4 B . -5.44 -6.99 -7.01
O8 EB4 B . -5.42 -7.58 -8.09
C17 EB4 B . -5.29 -5.62 -6.96
HN1 EB4 B . -7.80 -6.28 -2.87
H8 EB4 B . -5.29 -1.76 -6.91
HN2 EB4 B . -5.68 -7.07 -5.00
H9 EB4 B . -1.25 -2.87 -1.51
H10 EB4 B . -9.30 -1.11 -0.52
HN3 EB4 B . -4.98 -7.26 -1.66
H7 EB4 B . -6.87 -0.92 -1.01
H11 EB4 B . -5.11 -2.96 -9.06
H12 EB4 B . -0.32 -4.25 0.31
H15 EB4 B . -1.49 -6.34 1.01
H14 EB4 B . -5.19 -5.43 -9.10
H13 EB4 B . -10.48 -3.22 -1.00
H22 EB4 B . -8.89 -6.78 -2.68
H30 EB4 B . -6.89 -10.32 -0.81
H30A EB4 B . -6.57 -8.89 0.29
H24 EB4 B . -4.63 -8.32 -1.14
H28 EB4 B . -9.88 -7.59 -4.87
H28A EB4 B . -9.55 -9.30 -4.28
H23 EB4 B . -5.74 -8.01 -5.80
H29 EB4 B . -3.88 -9.44 -5.39
H29A EB4 B . -5.07 -10.77 -4.87
GA GA C . -4.88 -3.93 -3.27
N MET A 1 18.40 3.31 -23.19
CA MET A 1 17.24 2.74 -22.46
C MET A 1 17.59 2.57 -20.99
N THR A 2 16.58 2.33 -20.15
CA THR A 2 16.80 2.13 -18.72
C THR A 2 17.65 3.28 -18.14
N VAL A 3 17.32 4.50 -18.54
CA VAL A 3 18.04 5.68 -18.09
C VAL A 3 17.47 6.19 -16.77
N PRO A 4 18.34 6.50 -15.80
CA PRO A 4 17.94 6.99 -14.47
C PRO A 4 17.43 8.42 -14.50
N ASP A 5 16.46 8.69 -15.38
CA ASP A 5 15.88 10.02 -15.49
C ASP A 5 14.65 10.14 -14.59
N ARG A 6 13.53 9.60 -15.06
CA ARG A 6 12.27 9.62 -14.31
C ARG A 6 12.28 8.57 -13.20
N SER A 7 13.18 7.59 -13.31
CA SER A 7 13.27 6.50 -12.35
C SER A 7 13.25 7.00 -10.91
N GLU A 8 13.90 8.14 -10.66
CA GLU A 8 13.95 8.73 -9.32
C GLU A 8 12.54 9.01 -8.77
N ILE A 9 11.58 9.19 -9.68
CA ILE A 9 10.20 9.46 -9.31
C ILE A 9 9.43 8.18 -8.95
N ALA A 10 10.06 7.02 -9.13
CA ALA A 10 9.41 5.75 -8.85
C ALA A 10 10.35 4.81 -8.10
N GLY A 11 9.91 3.57 -7.90
CA GLY A 11 10.74 2.60 -7.20
C GLY A 11 9.92 1.50 -6.56
N LYS A 12 10.47 0.92 -5.50
CA LYS A 12 9.82 -0.16 -4.78
C LYS A 12 9.47 0.28 -3.35
N TRP A 13 8.31 -0.15 -2.85
CA TRP A 13 7.88 0.19 -1.51
C TRP A 13 7.47 -1.07 -0.75
N TYR A 14 7.80 -1.13 0.53
CA TYR A 14 7.45 -2.29 1.35
C TYR A 14 6.32 -1.96 2.29
N VAL A 15 5.16 -2.62 2.14
CA VAL A 15 4.07 -2.28 3.05
C VAL A 15 4.26 -3.16 4.30
N VAL A 16 4.54 -2.44 5.37
CA VAL A 16 4.77 -3.05 6.69
C VAL A 16 3.60 -2.80 7.60
N ALA A 17 2.56 -2.14 7.06
CA ALA A 17 1.37 -1.83 7.84
C ALA A 17 0.13 -1.90 6.96
N LEU A 18 -1.01 -2.20 7.58
CA LEU A 18 -2.25 -2.34 6.86
C LEU A 18 -3.46 -2.06 7.77
N ALA A 19 -4.56 -1.63 7.18
CA ALA A 19 -5.78 -1.42 7.93
C ALA A 19 -6.95 -1.88 7.05
N SER A 20 -7.84 -2.68 7.62
CA SER A 20 -8.98 -3.18 6.86
C SER A 20 -10.27 -2.95 7.62
N ASN A 21 -11.33 -2.66 6.88
CA ASN A 21 -12.64 -2.42 7.48
C ASN A 21 -13.48 -3.70 7.46
N THR A 22 -13.12 -4.65 6.59
CA THR A 22 -13.87 -5.89 6.52
C THR A 22 -13.31 -6.92 7.51
N GLU A 23 -14.22 -7.53 8.27
CA GLU A 23 -13.85 -8.55 9.26
C GLU A 23 -12.92 -9.59 8.65
N PHE A 24 -13.37 -10.18 7.53
CA PHE A 24 -12.58 -11.20 6.84
C PHE A 24 -11.16 -10.72 6.56
N PHE A 25 -11.04 -9.54 5.95
CA PHE A 25 -9.73 -8.98 5.61
C PHE A 25 -8.83 -8.96 6.83
N LEU A 26 -9.33 -8.43 7.94
CA LEU A 26 -8.56 -8.35 9.18
C LEU A 26 -8.16 -9.76 9.62
N ARG A 27 -9.15 -10.65 9.60
CA ARG A 27 -8.92 -12.04 10.00
C ARG A 27 -7.82 -12.66 9.15
N GLU A 28 -7.91 -12.49 7.83
CA GLU A 28 -6.94 -13.03 6.91
C GLU A 28 -5.60 -12.28 7.02
N LYS A 29 -5.63 -10.96 6.83
CA LYS A 29 -4.41 -10.17 6.89
C LYS A 29 -3.66 -10.33 8.21
N ASP A 30 -4.37 -10.22 9.33
CA ASP A 30 -3.74 -10.36 10.65
C ASP A 30 -2.98 -11.68 10.75
N LYS A 31 -3.55 -12.73 10.14
CA LYS A 31 -2.92 -14.02 10.16
C LYS A 31 -1.88 -14.17 9.08
N MET A 32 -1.89 -13.31 8.01
CA MET A 32 -0.90 -13.69 7.04
C MET A 32 0.55 -13.09 7.25
N LYS A 33 1.07 -12.29 6.30
CA LYS A 33 2.44 -11.72 6.52
C LYS A 33 2.51 -10.38 5.85
N MET A 34 3.67 -9.74 5.89
CA MET A 34 3.84 -8.41 5.33
C MET A 34 3.84 -8.49 3.79
N ALA A 35 3.37 -7.43 3.16
CA ALA A 35 3.24 -7.30 1.71
C ALA A 35 4.19 -6.24 1.15
N MET A 36 4.22 -6.15 -0.17
CA MET A 36 5.09 -5.25 -0.91
C MET A 36 4.36 -4.54 -2.05
N ALA A 37 5.05 -3.58 -2.65
CA ALA A 37 4.47 -2.84 -3.76
C ALA A 37 5.55 -2.08 -4.56
N ARG A 38 5.52 -2.22 -5.87
CA ARG A 38 6.44 -1.48 -6.74
C ARG A 38 5.60 -0.75 -7.76
N ILE A 39 5.80 0.55 -7.89
CA ILE A 39 5.01 1.37 -8.79
C ILE A 39 5.82 1.87 -9.98
N SER A 40 5.18 1.97 -11.13
CA SER A 40 5.86 2.44 -12.33
C SER A 40 4.96 3.39 -13.13
N PHE A 41 5.51 4.55 -13.51
CA PHE A 41 4.75 5.54 -14.26
C PHE A 41 4.49 5.04 -15.68
N LEU A 42 3.24 4.70 -15.94
CA LEU A 42 2.85 4.22 -17.26
C LEU A 42 2.83 5.36 -18.27
N GLY A 43 2.26 6.49 -17.87
CA GLY A 43 2.16 7.63 -18.75
C GLY A 43 1.84 8.89 -17.99
N GLU A 44 1.86 10.03 -18.68
CA GLU A 44 1.56 11.31 -18.05
C GLU A 44 0.27 11.27 -17.24
N ASP A 45 -0.69 10.43 -17.65
CA ASP A 45 -1.96 10.31 -16.95
C ASP A 45 -2.26 8.86 -16.51
N GLU A 46 -1.30 7.95 -16.73
CA GLU A 46 -1.50 6.55 -16.37
C GLU A 46 -0.34 6.02 -15.49
N LEU A 47 -0.65 5.04 -14.67
CA LEU A 47 0.29 4.46 -13.73
C LEU A 47 0.06 2.97 -13.54
N LYS A 48 1.14 2.26 -13.27
CA LYS A 48 1.13 0.81 -13.10
C LYS A 48 1.83 0.40 -11.81
N VAL A 49 1.31 -0.61 -11.13
CA VAL A 49 1.88 -1.05 -9.86
C VAL A 49 2.00 -2.58 -9.79
N SER A 50 3.08 -3.05 -9.16
CA SER A 50 3.28 -4.47 -8.99
C SER A 50 2.97 -4.83 -7.54
N TYR A 51 2.07 -5.78 -7.33
CA TYR A 51 1.69 -6.16 -5.99
C TYR A 51 2.55 -7.35 -5.61
N ALA A 52 3.09 -7.34 -4.40
CA ALA A 52 3.89 -8.46 -3.93
C ALA A 52 3.36 -8.89 -2.58
N VAL A 53 2.79 -10.07 -2.52
CA VAL A 53 2.24 -10.60 -1.26
C VAL A 53 2.50 -12.10 -1.12
N PRO A 54 2.86 -12.53 0.08
CA PRO A 54 3.13 -13.95 0.36
C PRO A 54 1.81 -14.71 0.56
N LYS A 55 1.52 -15.60 -0.36
CA LYS A 55 0.31 -16.42 -0.38
C LYS A 55 0.61 -17.89 -0.19
N PRO A 56 -0.22 -18.64 0.56
CA PRO A 56 0.00 -20.09 0.77
C PRO A 56 0.47 -20.80 -0.52
N ASN A 57 0.10 -20.26 -1.67
CA ASN A 57 0.49 -20.83 -2.97
C ASN A 57 1.88 -20.35 -3.39
N GLY A 58 2.48 -19.47 -2.60
CA GLY A 58 3.79 -18.94 -2.92
C GLY A 58 3.77 -17.42 -3.05
N CYS A 59 4.83 -16.85 -3.61
CA CYS A 59 4.91 -15.41 -3.81
C CYS A 59 3.91 -14.96 -4.86
N ARG A 60 2.81 -14.37 -4.41
CA ARG A 60 1.79 -13.92 -5.36
C ARG A 60 1.98 -12.43 -5.65
N LYS A 61 2.11 -12.12 -6.93
CA LYS A 61 2.25 -10.75 -7.37
C LYS A 61 1.14 -10.41 -8.35
N TRP A 62 0.75 -9.15 -8.38
CA TRP A 62 -0.27 -8.74 -9.31
C TRP A 62 0.08 -7.34 -9.82
N GLU A 63 -0.24 -7.07 -11.06
CA GLU A 63 0.15 -5.77 -11.59
C GLU A 63 -1.14 -5.06 -11.95
N THR A 64 -1.25 -3.86 -11.39
CA THR A 64 -2.44 -3.03 -11.53
C THR A 64 -2.13 -1.71 -12.21
N THR A 65 -3.06 -1.27 -13.05
CA THR A 65 -2.94 -0.01 -13.77
C THR A 65 -3.93 1.03 -13.24
N PHE A 66 -3.51 2.28 -13.10
CA PHE A 66 -4.39 3.33 -12.62
C PHE A 66 -4.29 4.58 -13.51
N LYS A 67 -5.18 5.53 -13.26
CA LYS A 67 -5.19 6.78 -14.00
C LYS A 67 -4.99 7.92 -13.01
N LYS A 68 -4.35 9.00 -13.46
CA LYS A 68 -4.10 10.14 -12.59
C LYS A 68 -5.37 10.82 -12.13
N THR A 69 -5.52 10.95 -10.81
CA THR A 69 -6.65 11.66 -10.26
C THR A 69 -6.15 12.44 -9.05
N SER A 70 -5.67 13.64 -9.31
CA SER A 70 -5.14 14.52 -8.27
C SER A 70 -6.25 15.07 -7.39
N ASP A 71 -6.90 14.16 -6.66
CA ASP A 71 -7.99 14.55 -5.77
C ASP A 71 -7.46 15.44 -4.64
N ASP A 72 -6.64 14.85 -3.77
CA ASP A 72 -6.03 15.59 -2.66
C ASP A 72 -4.51 15.66 -2.86
N GLY A 73 -4.15 16.33 -3.93
CA GLY A 73 -2.84 16.61 -4.47
C GLY A 73 -2.09 15.47 -5.16
N GLU A 74 -1.92 14.27 -4.58
CA GLU A 74 -1.31 13.18 -5.38
C GLU A 74 -2.11 11.91 -5.16
N VAL A 75 -3.40 12.01 -5.45
CA VAL A 75 -4.30 10.87 -5.31
C VAL A 75 -4.50 10.19 -6.68
N TYR A 76 -4.95 8.94 -6.65
CA TYR A 76 -5.16 8.18 -7.88
C TYR A 76 -6.45 7.37 -7.80
N TYR A 77 -7.07 7.14 -8.95
CA TYR A 77 -8.33 6.41 -9.00
C TYR A 77 -8.32 5.37 -10.11
N SER A 78 -8.72 4.14 -9.79
CA SER A 78 -8.77 3.12 -10.82
C SER A 78 -10.23 2.76 -11.09
N GLU A 79 -10.85 3.52 -11.99
CA GLU A 79 -12.24 3.29 -12.36
C GLU A 79 -12.40 1.89 -12.94
N GLU A 80 -11.40 1.46 -13.70
CA GLU A 80 -11.41 0.14 -14.31
C GLU A 80 -11.39 -0.97 -13.25
N ALA A 81 -10.93 -0.62 -12.04
CA ALA A 81 -10.88 -1.57 -10.93
C ALA A 81 -11.93 -1.29 -9.85
N LYS A 82 -12.53 -0.10 -9.89
CA LYS A 82 -13.54 0.31 -8.90
C LYS A 82 -12.86 0.53 -7.54
N LYS A 83 -11.74 1.25 -7.58
CA LYS A 83 -10.95 1.51 -6.38
C LYS A 83 -10.17 2.80 -6.48
N LYS A 84 -10.01 3.46 -5.35
CA LYS A 84 -9.28 4.72 -5.25
C LYS A 84 -8.25 4.67 -4.14
N VAL A 85 -7.16 5.42 -4.31
CA VAL A 85 -6.12 5.48 -3.30
C VAL A 85 -5.59 6.92 -3.15
N GLU A 86 -5.39 7.35 -1.92
CA GLU A 86 -4.90 8.68 -1.65
C GLU A 86 -3.72 8.65 -0.67
N VAL A 87 -2.58 9.16 -1.12
CA VAL A 87 -1.40 9.20 -0.27
C VAL A 87 -1.64 10.19 0.86
N LEU A 88 -1.84 9.67 2.06
CA LEU A 88 -2.12 10.51 3.21
C LEU A 88 -0.85 11.23 3.65
N ASP A 89 0.22 10.49 3.89
CA ASP A 89 1.50 11.07 4.29
C ASP A 89 2.66 10.19 3.84
N THR A 90 3.72 10.84 3.37
CA THR A 90 4.90 10.12 2.90
C THR A 90 6.16 10.96 3.07
N ASP A 91 7.28 10.31 3.37
CA ASP A 91 8.55 11.00 3.53
C ASP A 91 9.49 10.62 2.40
N TYR A 92 10.39 11.52 2.03
CA TYR A 92 11.35 11.25 0.97
C TYR A 92 12.45 10.30 1.43
N LYS A 93 12.78 10.36 2.72
CA LYS A 93 13.81 9.51 3.29
C LYS A 93 13.29 8.69 4.47
N SER A 94 11.98 8.42 4.48
CA SER A 94 11.43 7.62 5.56
C SER A 94 10.26 6.73 5.08
N TYR A 95 9.31 6.46 5.96
CA TYR A 95 8.15 5.63 5.64
C TYR A 95 7.00 6.48 5.14
N ALA A 96 5.91 5.84 4.77
CA ALA A 96 4.73 6.53 4.29
C ALA A 96 3.42 5.80 4.62
N VAL A 97 2.32 6.53 4.64
CA VAL A 97 1.01 5.95 4.89
C VAL A 97 0.04 6.37 3.78
N ILE A 98 -0.56 5.38 3.11
CA ILE A 98 -1.48 5.66 2.02
C ILE A 98 -2.89 5.16 2.36
N TYR A 99 -3.88 5.95 2.00
CA TYR A 99 -5.27 5.60 2.25
C TYR A 99 -5.90 5.05 0.98
N ALA A 100 -6.70 3.99 1.11
CA ALA A 100 -7.34 3.37 -0.04
C ALA A 100 -8.81 3.06 0.21
N THR A 101 -9.63 3.27 -0.83
CA THR A 101 -11.06 3.00 -0.76
C THR A 101 -11.58 2.46 -2.10
N ARG A 102 -12.49 1.50 -2.05
CA ARG A 102 -13.11 0.94 -3.25
C ARG A 102 -14.57 0.63 -2.98
N VAL A 103 -15.43 0.80 -3.98
CA VAL A 103 -16.86 0.55 -3.80
C VAL A 103 -17.41 -0.46 -4.80
N LYS A 104 -18.19 -1.38 -4.26
CA LYS A 104 -18.85 -2.47 -4.98
C LYS A 104 -20.34 -2.42 -4.71
N ASP A 105 -21.13 -3.12 -5.53
CA ASP A 105 -22.60 -3.13 -5.36
C ASP A 105 -23.05 -2.85 -3.93
N GLY A 106 -23.36 -1.59 -3.65
CA GLY A 106 -23.89 -1.30 -2.33
C GLY A 106 -22.87 -1.41 -1.21
N ARG A 107 -21.61 -1.70 -1.55
CA ARG A 107 -20.60 -1.92 -0.51
C ARG A 107 -19.33 -1.12 -0.77
N THR A 108 -18.92 -0.38 0.26
CA THR A 108 -17.71 0.43 0.20
C THR A 108 -16.62 -0.16 1.07
N LEU A 109 -15.45 -0.42 0.52
CA LEU A 109 -14.38 -0.98 1.32
C LEU A 109 -13.25 0.03 1.46
N HIS A 110 -12.78 0.19 2.68
CA HIS A 110 -11.69 1.11 2.96
C HIS A 110 -10.54 0.29 3.51
N MET A 111 -9.33 0.66 3.12
CA MET A 111 -8.16 -0.06 3.57
C MET A 111 -6.95 0.88 3.56
N MET A 112 -6.38 1.10 4.73
CA MET A 112 -5.22 1.97 4.88
C MET A 112 -3.97 1.13 5.00
N ARG A 113 -2.83 1.71 4.69
CA ARG A 113 -1.57 0.98 4.75
C ARG A 113 -0.38 1.91 4.98
N LEU A 114 0.72 1.31 5.41
CA LEU A 114 1.94 2.04 5.67
C LEU A 114 3.11 1.31 5.05
N TYR A 115 3.96 2.03 4.33
CA TYR A 115 5.10 1.41 3.70
C TYR A 115 6.40 1.99 4.24
N SER A 116 7.43 1.18 4.23
CA SER A 116 8.73 1.61 4.74
C SER A 116 9.69 1.64 3.57
N ARG A 117 10.71 2.49 3.70
CA ARG A 117 11.66 2.69 2.61
C ARG A 117 12.37 1.39 2.25
N SER A 118 12.37 0.43 3.17
CA SER A 118 12.98 -0.87 2.96
C SER A 118 12.15 -1.90 3.73
N PRO A 119 12.42 -3.20 3.58
CA PRO A 119 11.68 -4.25 4.28
C PRO A 119 11.96 -4.24 5.80
N GLU A 120 11.62 -3.13 6.45
CA GLU A 120 11.84 -2.99 7.88
C GLU A 120 10.83 -2.02 8.48
N VAL A 121 9.96 -2.54 9.33
CA VAL A 121 8.94 -1.68 9.91
C VAL A 121 9.59 -0.81 10.99
N SER A 122 9.29 0.48 10.90
CA SER A 122 9.88 1.49 11.77
C SER A 122 8.96 1.83 12.94
N PRO A 123 9.53 1.98 14.14
CA PRO A 123 8.77 2.33 15.34
C PRO A 123 8.02 3.65 15.15
N ALA A 124 8.70 4.62 14.55
CA ALA A 124 8.09 5.94 14.29
C ALA A 124 6.84 5.79 13.45
N ALA A 125 6.93 4.97 12.40
CA ALA A 125 5.79 4.74 11.51
C ALA A 125 4.68 4.04 12.29
N THR A 126 5.09 3.13 13.16
CA THR A 126 4.15 2.39 13.99
C THR A 126 3.35 3.34 14.89
N ALA A 127 4.07 4.21 15.59
CA ALA A 127 3.44 5.18 16.49
C ALA A 127 2.61 6.19 15.71
N ILE A 128 3.14 6.64 14.58
CA ILE A 128 2.46 7.62 13.75
C ILE A 128 1.18 7.03 13.16
N PHE A 129 1.30 5.85 12.56
CA PHE A 129 0.15 5.17 11.97
C PHE A 129 -0.93 4.94 13.02
N ARG A 130 -0.52 4.64 14.25
CA ARG A 130 -1.46 4.41 15.34
C ARG A 130 -2.16 5.71 15.73
N LYS A 131 -1.38 6.77 15.87
CA LYS A 131 -1.93 8.07 16.26
C LYS A 131 -3.12 8.44 15.39
N LEU A 132 -2.95 8.35 14.08
CA LEU A 132 -4.03 8.67 13.15
C LEU A 132 -5.14 7.62 13.26
N ALA A 133 -4.74 6.35 13.29
CA ALA A 133 -5.68 5.25 13.39
C ALA A 133 -6.55 5.37 14.64
N GLY A 134 -5.95 5.75 15.77
CA GLY A 134 -6.69 5.88 17.01
C GLY A 134 -7.62 7.07 17.00
N GLU A 135 -7.23 8.12 16.29
CA GLU A 135 -8.04 9.33 16.20
C GLU A 135 -9.34 9.02 15.45
N ARG A 136 -9.30 7.98 14.62
CA ARG A 136 -10.46 7.56 13.84
C ARG A 136 -11.24 6.45 14.56
N ASN A 137 -11.01 6.32 15.88
CA ASN A 137 -11.69 5.31 16.68
C ASN A 137 -11.45 3.89 16.16
N TYR A 138 -10.26 3.65 15.62
CA TYR A 138 -9.92 2.33 15.08
C TYR A 138 -9.74 1.30 16.18
N THR A 139 -9.67 0.04 15.78
CA THR A 139 -9.45 -1.04 16.73
C THR A 139 -8.23 -1.83 16.27
N ASP A 140 -7.48 -2.39 17.23
CA ASP A 140 -6.25 -3.13 16.89
C ASP A 140 -6.42 -4.10 15.73
N GLU A 141 -7.38 -5.03 15.85
CA GLU A 141 -7.65 -6.01 14.80
C GLU A 141 -7.95 -5.38 13.45
N MET A 142 -8.28 -4.09 13.44
CA MET A 142 -8.61 -3.40 12.19
C MET A 142 -7.32 -3.05 11.42
N VAL A 143 -6.21 -3.04 12.14
CA VAL A 143 -4.88 -2.75 11.62
C VAL A 143 -4.01 -3.99 11.62
N ALA A 144 -3.05 -4.06 10.71
CA ALA A 144 -2.16 -5.22 10.61
C ALA A 144 -0.69 -4.78 10.48
N MET A 145 0.13 -5.29 11.39
CA MET A 145 1.58 -5.03 11.46
C MET A 145 2.42 -6.29 11.26
N LEU A 146 3.52 -6.19 10.53
CA LEU A 146 4.40 -7.33 10.34
C LEU A 146 5.82 -7.07 10.84
N PRO A 147 6.29 -7.74 11.91
CA PRO A 147 7.66 -7.55 12.41
C PRO A 147 8.68 -8.16 11.44
N ARG A 148 9.90 -8.41 11.93
CA ARG A 148 10.97 -9.01 11.10
C ARG A 148 10.65 -10.46 10.63
N GLN A 149 9.50 -10.58 9.97
CA GLN A 149 8.95 -11.80 9.47
C GLN A 149 8.98 -11.95 7.94
N GLU A 150 9.90 -11.22 7.32
CA GLU A 150 9.96 -11.14 5.86
C GLU A 150 10.92 -12.16 5.25
N GLU A 151 10.80 -12.33 3.92
CA GLU A 151 11.66 -13.28 3.19
C GLU A 151 11.51 -13.15 1.68
N CYS A 152 10.28 -13.10 1.23
CA CYS A 152 10.11 -13.05 -0.22
C CYS A 152 9.99 -11.59 -0.56
N THR A 153 10.76 -11.22 -1.58
CA THR A 153 10.92 -9.83 -1.99
C THR A 153 10.57 -9.67 -3.46
N VAL A 154 10.00 -8.52 -3.81
CA VAL A 154 9.62 -8.27 -5.19
C VAL A 154 10.79 -7.61 -5.92
N ASP A 155 11.08 -8.09 -7.12
CA ASP A 155 12.18 -7.57 -7.92
C ASP A 155 11.89 -6.14 -8.37
N GLU A 156 12.95 -5.35 -8.53
CA GLU A 156 12.80 -3.97 -8.95
C GLU A 156 13.26 -3.74 -10.39
N VAL A 157 14.46 -4.20 -10.73
CA VAL A 157 14.99 -4.03 -12.07
C VAL A 157 16.30 -4.79 -12.27
O6 EB4 B . -3.53 -3.11 -1.67
O4 EB4 B . -5.53 -2.48 -1.99
O5 EB4 B . -5.92 -2.77 -4.21
N1 EB4 B . -8.78 -6.20 -1.91
C5 EB4 B . -5.99 -3.29 -5.46
C4 EB4 B . -6.76 -2.53 -1.43
C1 EB4 B . -7.45 -3.68 -1.75
C2 EB4 B . -5.82 -4.68 -5.51
C6 EB4 B . -2.79 -4.03 -0.99
C8 EB4 B . -6.23 -2.58 -6.62
N2 EB4 B . -6.23 -7.35 -5.57
C9 EB4 B . -1.66 -3.74 -0.25
C10 EB4 B . -8.68 -1.69 -0.24
O3 EB4 B . -4.39 -5.46 -1.84
N3 EB4 B . -4.42 -7.92 -0.90
C16 EB4 B . -8.77 -3.84 -1.33
C7 EB4 B . -7.37 -1.53 -0.67
C3 EB4 B . -3.33 -5.30 -1.01
C11 EB4 B . -6.23 -3.23 -7.85
O1 EB4 B . -6.70 -4.57 -2.46
O2 EB4 B . -5.46 -5.24 -4.33
C12 EB4 B . -1.06 -4.75 0.50
C15 EB4 B . -1.62 -6.02 0.53
C14 EB4 B . -6.12 -4.61 -7.89
C13 EB4 B . -9.37 -2.85 -0.56
O7 EB4 B . -10.68 -5.22 -1.17
C19 EB4 B . -9.48 -5.16 -1.42
C22 EB4 B . -9.34 -7.57 -2.05
C25 EB4 B . -8.54 -8.57 -1.24
O10 EB4 B . -9.08 -9.51 -0.67
O15 EB4 B . -7.21 -8.30 -1.12
C30 EB4 B . -6.42 -9.25 -0.37
C24 EB4 B . -5.04 -9.25 -0.98
C21 EB4 B . -3.26 -7.70 -0.24
C18 EB4 B . -2.75 -6.30 -0.22
O9 EB4 B . -2.72 -8.56 0.45
C27 EB4 B . -5.18 -9.81 -2.44
O12 EB4 B . -5.24 -11.02 -2.63
C28 EB4 B . -9.57 -7.94 -3.51
O13 EB4 B . -8.33 -7.86 -4.24
C26 EB4 B . -7.72 -9.02 -4.60
O11 EB4 B . -8.13 -10.15 -4.30
C23 EB4 B . -6.45 -8.82 -5.41
C29 EB4 B . -5.25 -9.47 -4.73
O14 EB4 B . -5.12 -8.88 -3.43
C20 EB4 B . -6.11 -6.73 -6.76
O8 EB4 B . -6.18 -7.32 -7.84
C17 EB4 B . -5.99 -5.34 -6.73
HN1 EB4 B . -7.82 -6.12 -2.19
H8 EB4 B . -6.43 -1.51 -6.57
HN2 EB4 B . -6.29 -6.80 -4.74
H9 EB4 B . -1.14 -2.79 -0.40
H10 EB4 B . -9.22 -0.86 0.20
HN3 EB4 B . -4.96 -7.17 -1.31
H7 EB4 B . -6.81 -0.63 -0.40
H11 EB4 B . -6.33 -2.65 -8.77
H12 EB4 B . -0.08 -4.58 0.95
H15 EB4 B . -1.19 -6.79 1.16
H14 EB4 B . -6.14 -5.12 -8.86
H13 EB4 B . -10.38 -3.00 -0.18
H22 EB4 B . -8.93 -6.57 -1.95
H30 EB4 B . -6.87 -10.24 -0.49
H30A EB4 B . -6.36 -8.90 0.66
H24 EB4 B . -4.59 -8.28 -0.92
H28 EB4 B . -10.21 -7.25 -4.04
H28A EB4 B . -9.86 -8.99 -3.56
H23 EB4 B . -6.29 -7.75 -5.52
H29 EB4 B . -4.39 -9.15 -5.33
H29A EB4 B . -5.52 -10.52 -4.70
GA GA C . -4.79 -3.91 -3.00
N MET A 1 17.60 3.61 -23.43
CA MET A 1 16.58 2.77 -22.75
C MET A 1 16.96 2.53 -21.30
N THR A 2 15.95 2.40 -20.44
CA THR A 2 16.17 2.15 -19.01
C THR A 2 17.20 3.11 -18.43
N VAL A 3 17.11 4.38 -18.82
CA VAL A 3 18.03 5.40 -18.35
C VAL A 3 17.56 5.97 -17.01
N PRO A 4 18.52 6.34 -16.13
CA PRO A 4 18.20 6.90 -14.81
C PRO A 4 17.63 8.32 -14.92
N ASP A 5 16.49 8.44 -15.58
CA ASP A 5 15.84 9.73 -15.77
C ASP A 5 14.67 9.88 -14.78
N ARG A 6 13.45 9.68 -15.26
CA ARG A 6 12.25 9.75 -14.43
C ARG A 6 12.25 8.69 -13.33
N SER A 7 13.09 7.67 -13.50
CA SER A 7 13.14 6.54 -12.57
C SER A 7 13.15 7.01 -11.11
N GLU A 8 13.77 8.16 -10.84
CA GLU A 8 13.81 8.72 -9.49
C GLU A 8 12.40 9.01 -8.95
N ILE A 9 11.45 9.23 -9.86
CA ILE A 9 10.07 9.53 -9.50
C ILE A 9 9.27 8.27 -9.15
N ALA A 10 9.87 7.09 -9.33
CA ALA A 10 9.19 5.84 -9.05
C ALA A 10 10.12 4.88 -8.30
N GLY A 11 9.65 3.65 -8.07
CA GLY A 11 10.45 2.67 -7.37
C GLY A 11 9.63 1.61 -6.69
N LYS A 12 10.19 1.00 -5.65
CA LYS A 12 9.53 -0.04 -4.90
C LYS A 12 9.29 0.38 -3.44
N TRP A 13 8.16 -0.01 -2.88
CA TRP A 13 7.83 0.31 -1.50
C TRP A 13 7.41 -0.96 -0.76
N TYR A 14 7.73 -1.06 0.52
CA TYR A 14 7.38 -2.23 1.30
C TYR A 14 6.25 -1.93 2.26
N VAL A 15 5.11 -2.63 2.12
CA VAL A 15 4.04 -2.33 3.04
C VAL A 15 4.24 -3.23 4.28
N VAL A 16 4.55 -2.51 5.35
CA VAL A 16 4.80 -3.12 6.64
C VAL A 16 3.66 -2.85 7.60
N ALA A 17 2.63 -2.19 7.09
CA ALA A 17 1.46 -1.86 7.89
C ALA A 17 0.19 -2.02 7.07
N LEU A 18 -0.90 -2.34 7.74
CA LEU A 18 -2.17 -2.55 7.07
C LEU A 18 -3.36 -2.24 7.97
N ALA A 19 -4.47 -1.81 7.39
CA ALA A 19 -5.68 -1.56 8.13
C ALA A 19 -6.86 -1.94 7.24
N SER A 20 -7.82 -2.66 7.79
CA SER A 20 -8.97 -3.07 6.99
C SER A 20 -10.29 -2.73 7.70
N ASN A 21 -11.27 -2.37 6.91
CA ASN A 21 -12.58 -2.02 7.44
C ASN A 21 -13.50 -3.25 7.50
N THR A 22 -13.12 -4.32 6.78
CA THR A 22 -13.89 -5.54 6.77
C THR A 22 -13.34 -6.61 7.74
N GLU A 23 -14.23 -7.24 8.51
CA GLU A 23 -13.83 -8.31 9.43
C GLU A 23 -12.93 -9.34 8.73
N PHE A 24 -13.41 -9.85 7.60
CA PHE A 24 -12.67 -10.87 6.85
C PHE A 24 -11.23 -10.43 6.57
N PHE A 25 -11.07 -9.25 5.96
CA PHE A 25 -9.74 -8.74 5.65
C PHE A 25 -8.84 -8.71 6.87
N LEU A 26 -9.37 -8.22 7.99
CA LEU A 26 -8.61 -8.15 9.23
C LEU A 26 -8.22 -9.56 9.66
N ARG A 27 -9.21 -10.46 9.60
CA ARG A 27 -9.01 -11.85 9.98
C ARG A 27 -7.94 -12.49 9.09
N GLU A 28 -8.08 -12.30 7.78
CA GLU A 28 -7.14 -12.88 6.82
C GLU A 28 -5.79 -12.18 6.90
N LYS A 29 -5.77 -10.85 6.76
CA LYS A 29 -4.53 -10.09 6.81
C LYS A 29 -3.72 -10.39 8.07
N ASP A 30 -4.36 -10.34 9.24
CA ASP A 30 -3.67 -10.62 10.49
C ASP A 30 -3.02 -12.01 10.43
N LYS A 31 -3.66 -12.93 9.71
CA LYS A 31 -3.14 -14.26 9.58
C LYS A 31 -2.04 -14.32 8.55
N MET A 32 -1.98 -13.38 7.56
CA MET A 32 -0.87 -13.67 6.68
C MET A 32 0.46 -12.90 7.01
N LYS A 33 1.01 -12.12 6.06
CA LYS A 33 2.29 -11.42 6.40
C LYS A 33 2.42 -10.16 5.60
N MET A 34 3.55 -9.47 5.74
CA MET A 34 3.74 -8.19 5.05
C MET A 34 3.76 -8.41 3.53
N ALA A 35 3.32 -7.37 2.83
CA ALA A 35 3.17 -7.35 1.39
C ALA A 35 4.15 -6.41 0.72
N MET A 36 4.13 -6.38 -0.60
CA MET A 36 5.06 -5.53 -1.36
C MET A 36 4.27 -4.61 -2.29
N ALA A 37 4.98 -3.60 -2.81
CA ALA A 37 4.37 -2.66 -3.73
C ALA A 37 5.45 -1.96 -4.55
N ARG A 38 5.30 -2.06 -5.86
CA ARG A 38 6.22 -1.44 -6.81
C ARG A 38 5.37 -0.70 -7.83
N ILE A 39 5.61 0.58 -8.01
CA ILE A 39 4.83 1.42 -8.92
C ILE A 39 5.61 1.85 -10.15
N SER A 40 4.92 1.96 -11.27
CA SER A 40 5.54 2.39 -12.52
C SER A 40 4.68 3.43 -13.24
N PHE A 41 5.30 4.52 -13.68
CA PHE A 41 4.57 5.58 -14.38
C PHE A 41 4.32 5.19 -15.83
N LEU A 42 3.07 4.89 -16.14
CA LEU A 42 2.71 4.52 -17.50
C LEU A 42 2.72 5.74 -18.41
N GLY A 43 2.11 6.81 -17.91
CA GLY A 43 1.93 8.04 -18.65
C GLY A 43 1.69 9.19 -17.70
N GLU A 44 1.47 10.37 -18.24
CA GLU A 44 1.20 11.54 -17.39
C GLU A 44 -0.11 11.35 -16.60
N ASP A 45 -1.10 10.67 -17.21
CA ASP A 45 -2.38 10.44 -16.56
C ASP A 45 -2.64 8.94 -16.32
N GLU A 46 -1.67 8.09 -16.70
CA GLU A 46 -1.79 6.64 -16.52
C GLU A 46 -0.59 6.07 -15.75
N LEU A 47 -0.84 5.05 -14.96
CA LEU A 47 0.16 4.46 -14.09
C LEU A 47 0.00 2.95 -13.90
N LYS A 48 1.09 2.27 -13.65
CA LYS A 48 1.10 0.83 -13.42
C LYS A 48 1.60 0.52 -12.00
N VAL A 49 0.98 -0.43 -11.33
CA VAL A 49 1.37 -0.80 -9.99
C VAL A 49 1.58 -2.31 -9.88
N SER A 50 2.69 -2.72 -9.28
CA SER A 50 2.97 -4.14 -9.11
C SER A 50 2.87 -4.49 -7.63
N TYR A 51 2.00 -5.45 -7.33
CA TYR A 51 1.78 -5.91 -5.98
C TYR A 51 2.42 -7.26 -5.76
N ALA A 52 2.97 -7.45 -4.57
CA ALA A 52 3.60 -8.71 -4.21
C ALA A 52 3.13 -9.14 -2.82
N VAL A 53 2.48 -10.28 -2.72
CA VAL A 53 1.99 -10.77 -1.44
C VAL A 53 2.30 -12.25 -1.24
N PRO A 54 2.73 -12.61 -0.01
CA PRO A 54 3.04 -14.00 0.33
C PRO A 54 1.76 -14.78 0.67
N LYS A 55 1.31 -15.55 -0.31
CA LYS A 55 0.11 -16.38 -0.22
C LYS A 55 0.45 -17.84 0.05
N PRO A 56 -0.33 -18.54 0.90
CA PRO A 56 -0.09 -19.96 1.20
C PRO A 56 0.32 -20.75 -0.06
N ASN A 57 -0.19 -20.35 -1.23
CA ASN A 57 0.12 -21.01 -2.49
C ASN A 57 1.44 -20.49 -3.09
N GLY A 58 2.12 -19.59 -2.38
CA GLY A 58 3.36 -19.04 -2.87
C GLY A 58 3.29 -17.54 -3.05
N CYS A 59 4.42 -16.93 -3.45
CA CYS A 59 4.46 -15.49 -3.66
C CYS A 59 3.50 -15.08 -4.76
N ARG A 60 2.51 -14.26 -4.42
CA ARG A 60 1.55 -13.81 -5.40
C ARG A 60 1.85 -12.37 -5.79
N LYS A 61 2.02 -12.14 -7.08
CA LYS A 61 2.30 -10.81 -7.60
C LYS A 61 1.26 -10.42 -8.63
N TRP A 62 0.93 -9.15 -8.69
CA TRP A 62 -0.05 -8.68 -9.65
C TRP A 62 0.20 -7.20 -9.96
N GLU A 63 -0.02 -6.82 -11.20
CA GLU A 63 0.19 -5.44 -11.60
C GLU A 63 -0.99 -4.94 -12.42
N THR A 64 -1.50 -3.79 -12.01
CA THR A 64 -2.65 -3.18 -12.65
C THR A 64 -2.34 -1.77 -13.13
N THR A 65 -3.12 -1.29 -14.09
CA THR A 65 -2.93 0.05 -14.63
C THR A 65 -3.94 1.00 -13.99
N PHE A 66 -3.45 2.07 -13.39
CA PHE A 66 -4.32 3.04 -12.73
C PHE A 66 -4.36 4.34 -13.50
N LYS A 67 -5.25 5.24 -13.10
CA LYS A 67 -5.41 6.52 -13.77
C LYS A 67 -5.07 7.66 -12.82
N LYS A 68 -4.51 8.72 -13.37
CA LYS A 68 -4.15 9.89 -12.58
C LYS A 68 -5.37 10.56 -11.99
N THR A 69 -5.42 10.66 -10.66
CA THR A 69 -6.48 11.39 -10.02
C THR A 69 -5.85 12.04 -8.77
N SER A 70 -5.24 13.18 -9.02
CA SER A 70 -4.60 13.95 -7.96
C SER A 70 -5.62 14.62 -7.08
N ASP A 71 -6.35 13.80 -6.32
CA ASP A 71 -7.41 14.36 -5.46
C ASP A 71 -6.82 15.18 -4.31
N ASP A 72 -6.20 14.51 -3.34
CA ASP A 72 -5.55 15.20 -2.21
C ASP A 72 -4.02 15.15 -2.40
N GLY A 73 -3.61 15.84 -3.46
CA GLY A 73 -2.33 16.07 -4.06
C GLY A 73 -1.66 14.94 -4.83
N GLU A 74 -1.36 13.73 -4.32
CA GLU A 74 -0.85 12.68 -5.23
C GLU A 74 -1.72 11.46 -5.06
N VAL A 75 -3.00 11.64 -5.32
CA VAL A 75 -3.98 10.57 -5.19
C VAL A 75 -4.23 9.93 -6.54
N TYR A 76 -4.79 8.71 -6.53
CA TYR A 76 -5.04 7.98 -7.76
C TYR A 76 -6.33 7.15 -7.67
N TYR A 77 -6.92 6.88 -8.82
CA TYR A 77 -8.17 6.12 -8.89
C TYR A 77 -8.12 5.12 -10.04
N SER A 78 -8.58 3.90 -9.79
CA SER A 78 -8.58 2.88 -10.83
C SER A 78 -10.03 2.52 -11.17
N GLU A 79 -10.59 3.25 -12.12
CA GLU A 79 -11.97 3.00 -12.55
C GLU A 79 -12.12 1.57 -13.05
N GLU A 80 -11.13 1.12 -13.81
CA GLU A 80 -11.15 -0.23 -14.37
C GLU A 80 -11.23 -1.31 -13.27
N ALA A 81 -10.64 -1.01 -12.10
CA ALA A 81 -10.62 -1.92 -10.97
C ALA A 81 -11.42 -1.47 -9.74
N LYS A 82 -12.22 -0.41 -9.89
CA LYS A 82 -12.97 0.16 -8.76
C LYS A 82 -12.08 0.30 -7.51
N LYS A 83 -10.88 0.85 -7.68
CA LYS A 83 -9.95 1.00 -6.55
C LYS A 83 -9.31 2.38 -6.56
N LYS A 84 -9.38 3.07 -5.45
CA LYS A 84 -8.82 4.41 -5.31
C LYS A 84 -7.89 4.48 -4.11
N VAL A 85 -6.87 5.33 -4.19
CA VAL A 85 -5.89 5.48 -3.11
C VAL A 85 -5.64 6.95 -2.80
N GLU A 86 -5.02 7.20 -1.65
CA GLU A 86 -4.73 8.56 -1.25
C GLU A 86 -3.49 8.63 -0.35
N VAL A 87 -2.43 9.29 -0.83
CA VAL A 87 -1.25 9.44 -0.01
C VAL A 87 -1.57 10.46 1.08
N LEU A 88 -1.78 9.95 2.29
CA LEU A 88 -2.13 10.81 3.41
C LEU A 88 -0.89 11.54 3.90
N ASP A 89 0.18 10.80 4.18
CA ASP A 89 1.43 11.40 4.64
C ASP A 89 2.62 10.54 4.22
N THR A 90 3.72 11.19 3.86
CA THR A 90 4.91 10.49 3.44
C THR A 90 6.17 11.30 3.75
N ASP A 91 7.23 10.64 4.18
CA ASP A 91 8.48 11.32 4.48
C ASP A 91 9.50 11.08 3.38
N TYR A 92 10.18 12.13 2.96
CA TYR A 92 11.18 12.02 1.90
C TYR A 92 12.31 11.05 2.29
N LYS A 93 12.62 11.00 3.59
CA LYS A 93 13.66 10.14 4.10
C LYS A 93 13.18 9.24 5.25
N SER A 94 11.90 8.88 5.25
CA SER A 94 11.37 8.05 6.32
C SER A 94 10.23 7.14 5.82
N TYR A 95 9.24 6.87 6.69
CA TYR A 95 8.10 6.03 6.35
C TYR A 95 7.03 6.83 5.63
N ALA A 96 6.01 6.12 5.13
CA ALA A 96 4.90 6.76 4.45
C ALA A 96 3.58 6.02 4.72
N VAL A 97 2.49 6.77 4.82
CA VAL A 97 1.18 6.17 5.05
C VAL A 97 0.20 6.56 3.94
N ILE A 98 -0.33 5.57 3.24
CA ILE A 98 -1.26 5.82 2.15
C ILE A 98 -2.58 5.09 2.41
N TYR A 99 -3.67 5.75 2.08
CA TYR A 99 -5.03 5.23 2.25
C TYR A 99 -5.59 4.71 0.94
N ALA A 100 -6.42 3.68 1.01
CA ALA A 100 -7.01 3.10 -0.18
C ALA A 100 -8.50 2.79 0.02
N THR A 101 -9.27 2.88 -1.06
CA THR A 101 -10.70 2.59 -1.01
C THR A 101 -11.15 1.85 -2.27
N ARG A 102 -12.01 0.87 -2.11
CA ARG A 102 -12.53 0.12 -3.24
C ARG A 102 -14.04 -0.05 -3.08
N VAL A 103 -14.80 0.29 -4.12
CA VAL A 103 -16.25 0.18 -4.06
C VAL A 103 -16.77 -0.82 -5.12
N LYS A 104 -17.62 -1.71 -4.67
CA LYS A 104 -18.25 -2.77 -5.42
C LYS A 104 -19.75 -2.60 -5.43
N ASP A 105 -20.42 -3.40 -6.24
CA ASP A 105 -21.88 -3.34 -6.36
C ASP A 105 -22.55 -3.13 -4.98
N GLY A 106 -22.86 -1.88 -4.67
CA GLY A 106 -23.55 -1.64 -3.41
C GLY A 106 -22.67 -1.74 -2.19
N ARG A 107 -21.37 -2.00 -2.37
CA ARG A 107 -20.48 -2.20 -1.22
C ARG A 107 -19.21 -1.36 -1.32
N THR A 108 -18.91 -0.66 -0.24
CA THR A 108 -17.72 0.18 -0.15
C THR A 108 -16.68 -0.42 0.78
N LEU A 109 -15.47 -0.69 0.30
CA LEU A 109 -14.44 -1.25 1.14
C LEU A 109 -13.38 -0.19 1.48
N HIS A 110 -13.01 -0.12 2.75
CA HIS A 110 -12.02 0.86 3.24
C HIS A 110 -10.85 0.13 3.89
N MET A 111 -9.65 0.65 3.63
CA MET A 111 -8.44 0.07 4.18
C MET A 111 -7.27 1.04 4.14
N MET A 112 -6.44 1.09 5.17
CA MET A 112 -5.27 1.96 5.18
C MET A 112 -4.00 1.11 5.05
N ARG A 113 -2.93 1.70 4.54
CA ARG A 113 -1.68 0.99 4.38
C ARG A 113 -0.48 1.89 4.71
N LEU A 114 0.58 1.28 5.19
CA LEU A 114 1.80 2.00 5.54
C LEU A 114 2.99 1.32 4.89
N TYR A 115 3.82 2.08 4.21
CA TYR A 115 4.97 1.51 3.55
C TYR A 115 6.27 2.11 4.07
N SER A 116 7.33 1.33 4.02
CA SER A 116 8.62 1.78 4.49
C SER A 116 9.56 1.79 3.29
N ARG A 117 10.58 2.65 3.38
CA ARG A 117 11.51 2.82 2.25
C ARG A 117 12.22 1.51 1.95
N SER A 118 12.21 0.56 2.89
CA SER A 118 12.84 -0.72 2.72
C SER A 118 12.07 -1.74 3.56
N PRO A 119 12.36 -3.05 3.43
CA PRO A 119 11.66 -4.09 4.19
C PRO A 119 12.06 -4.06 5.68
N GLU A 120 11.80 -2.93 6.33
CA GLU A 120 12.13 -2.77 7.73
C GLU A 120 11.12 -1.84 8.40
N VAL A 121 10.27 -2.41 9.26
CA VAL A 121 9.24 -1.61 9.91
C VAL A 121 9.88 -0.82 11.05
N SER A 122 9.60 0.48 11.01
CA SER A 122 10.16 1.44 11.96
C SER A 122 9.16 1.84 13.05
N PRO A 123 9.65 2.08 14.28
CA PRO A 123 8.79 2.49 15.40
C PRO A 123 8.09 3.82 15.12
N ALA A 124 8.82 4.77 14.53
CA ALA A 124 8.27 6.08 14.21
C ALA A 124 7.01 5.94 13.35
N ALA A 125 7.08 5.10 12.32
CA ALA A 125 5.95 4.89 11.43
C ALA A 125 4.83 4.19 12.19
N THR A 126 5.23 3.22 13.02
CA THR A 126 4.29 2.46 13.82
C THR A 126 3.53 3.37 14.80
N ALA A 127 4.28 4.20 15.52
CA ALA A 127 3.70 5.11 16.49
C ALA A 127 2.81 6.16 15.84
N ILE A 128 3.27 6.72 14.72
CA ILE A 128 2.50 7.75 14.02
C ILE A 128 1.25 7.16 13.38
N PHE A 129 1.40 6.02 12.70
CA PHE A 129 0.27 5.37 12.04
C PHE A 129 -0.82 5.06 13.07
N ARG A 130 -0.40 4.68 14.27
CA ARG A 130 -1.35 4.36 15.33
C ARG A 130 -2.06 5.61 15.81
N LYS A 131 -1.31 6.69 16.00
CA LYS A 131 -1.87 7.97 16.44
C LYS A 131 -3.03 8.37 15.52
N LEU A 132 -2.79 8.29 14.23
CA LEU A 132 -3.82 8.63 13.25
C LEU A 132 -4.97 7.63 13.36
N ALA A 133 -4.61 6.36 13.45
CA ALA A 133 -5.59 5.28 13.58
C ALA A 133 -6.49 5.51 14.78
N GLY A 134 -5.91 5.96 15.90
CA GLY A 134 -6.68 6.20 17.10
C GLY A 134 -7.59 7.41 16.95
N GLU A 135 -7.13 8.39 16.18
CA GLU A 135 -7.90 9.60 15.94
C GLU A 135 -9.20 9.24 15.23
N ARG A 136 -9.18 8.12 14.53
CA ARG A 136 -10.35 7.64 13.80
C ARG A 136 -11.10 6.56 14.58
N ASN A 137 -10.83 6.46 15.89
CA ASN A 137 -11.49 5.47 16.75
C ASN A 137 -11.26 4.06 16.22
N TYR A 138 -10.06 3.78 15.72
CA TYR A 138 -9.76 2.46 15.16
C TYR A 138 -9.72 1.40 16.25
N THR A 139 -9.66 0.15 15.83
CA THR A 139 -9.63 -0.98 16.74
C THR A 139 -8.40 -1.84 16.48
N ASP A 140 -7.93 -2.57 17.50
CA ASP A 140 -6.70 -3.36 17.34
C ASP A 140 -6.73 -4.28 16.11
N GLU A 141 -7.72 -5.16 16.04
CA GLU A 141 -7.90 -6.07 14.91
C GLU A 141 -8.11 -5.34 13.57
N MET A 142 -8.35 -4.04 13.62
CA MET A 142 -8.61 -3.30 12.39
C MET A 142 -7.29 -2.98 11.68
N VAL A 143 -6.20 -3.00 12.43
CA VAL A 143 -4.85 -2.73 11.94
C VAL A 143 -4.00 -4.00 11.93
N ALA A 144 -3.03 -4.06 11.03
CA ALA A 144 -2.16 -5.22 10.91
C ALA A 144 -0.69 -4.77 10.83
N MET A 145 0.14 -5.32 11.71
CA MET A 145 1.57 -5.02 11.78
C MET A 145 2.42 -6.22 11.40
N LEU A 146 3.49 -6.02 10.64
CA LEU A 146 4.36 -7.11 10.28
C LEU A 146 5.79 -6.90 10.82
N PRO A 147 6.18 -7.63 11.88
CA PRO A 147 7.53 -7.53 12.45
C PRO A 147 8.56 -8.21 11.54
N ARG A 148 9.73 -8.54 12.10
CA ARG A 148 10.81 -9.23 11.35
C ARG A 148 10.39 -10.59 10.76
N GLN A 149 9.33 -10.57 9.98
CA GLN A 149 8.72 -11.71 9.34
C GLN A 149 8.88 -11.74 7.82
N GLU A 150 9.89 -11.03 7.32
CA GLU A 150 10.07 -10.88 5.89
C GLU A 150 10.84 -12.04 5.27
N GLU A 151 10.60 -12.29 3.99
CA GLU A 151 11.26 -13.38 3.26
C GLU A 151 11.05 -13.28 1.75
N CYS A 152 9.80 -13.07 1.36
CA CYS A 152 9.55 -13.03 -0.07
C CYS A 152 9.58 -11.57 -0.46
N THR A 153 10.42 -11.32 -1.46
CA THR A 153 10.70 -9.97 -1.92
C THR A 153 10.43 -9.82 -3.41
N VAL A 154 9.94 -8.64 -3.79
CA VAL A 154 9.60 -8.36 -5.18
C VAL A 154 10.78 -7.69 -5.89
N ASP A 155 10.99 -8.06 -7.14
CA ASP A 155 12.07 -7.49 -7.94
C ASP A 155 11.87 -5.99 -8.18
N GLU A 156 12.97 -5.28 -8.41
CA GLU A 156 12.93 -3.84 -8.65
C GLU A 156 13.27 -3.47 -10.11
N VAL A 157 13.94 -4.37 -10.84
CA VAL A 157 14.31 -4.11 -12.23
C VAL A 157 15.17 -5.24 -12.81
O6 EB4 B . -3.51 -4.05 -2.78
O4 EB4 B . -5.48 -3.34 -2.45
O5 EB4 B . -4.86 -3.72 -4.50
N1 EB4 B . -8.74 -6.94 -2.30
C5 EB4 B . -4.96 -4.32 -5.71
C4 EB4 B . -6.77 -3.27 -2.07
C1 EB4 B . -7.48 -4.43 -2.33
C2 EB4 B . -5.17 -5.69 -5.64
C6 EB4 B . -2.95 -4.64 -1.69
C8 EB4 B . -4.84 -3.70 -6.95
N2 EB4 B . -5.76 -8.35 -5.55
C9 EB4 B . -1.87 -4.16 -0.98
C10 EB4 B . -8.75 -2.29 -1.11
O3 EB4 B . -4.62 -6.18 -2.10
N3 EB4 B . -4.47 -8.46 -0.85
C16 EB4 B . -8.83 -4.54 -1.97
C7 EB4 B . -7.42 -2.19 -1.47
C3 EB4 B . -3.52 -5.87 -1.37
C11 EB4 B . -4.89 -4.46 -8.12
O1 EB4 B . -6.73 -5.39 -2.94
O2 EB4 B . -5.18 -6.18 -4.38
C12 EB4 B . -1.32 -4.92 0.06
C15 EB4 B . -1.86 -6.16 0.36
C14 EB4 B . -5.14 -5.81 -8.05
C13 EB4 B . -9.45 -3.47 -1.34
O7 EB4 B . -10.69 -5.96 -1.66
C19 EB4 B . -9.50 -5.86 -1.96
C22 EB4 B . -9.25 -8.32 -2.35
C25 EB4 B . -8.53 -9.24 -1.40
O10 EB4 B . -9.10 -10.18 -0.84
O15 EB4 B . -7.22 -8.94 -1.20
C30 EB4 B . -6.48 -9.78 -0.29
C24 EB4 B . -5.05 -9.82 -0.77
C21 EB4 B . -3.40 -8.05 -0.14
C18 EB4 B . -2.96 -6.65 -0.35
O9 EB4 B . -2.86 -8.74 0.73
C27 EB4 B . -5.05 -10.56 -2.14
O12 EB4 B . -5.13 -11.78 -2.21
C28 EB4 B . -9.35 -8.81 -3.79
O13 EB4 B . -8.05 -8.75 -4.40
C26 EB4 B . -7.40 -9.92 -4.63
O11 EB4 B . -7.80 -11.01 -4.23
C23 EB4 B . -6.04 -9.78 -5.31
C29 EB4 B . -4.93 -10.42 -4.50
O14 EB4 B . -4.90 -9.75 -3.24
C20 EB4 B . -5.53 -7.80 -6.77
O8 EB4 B . -5.62 -8.45 -7.81
C17 EB4 B . -5.33 -6.43 -6.81
HN1 EB4 B . -7.75 -6.87 -2.38
H8 EB4 B . -4.69 -2.62 -7.00
HN2 EB4 B . -5.86 -7.73 -4.76
H9 EB4 B . -1.37 -3.24 -1.29
H10 EB4 B . -9.27 -1.42 -0.71
HN3 EB4 B . -5.04 -7.80 -1.34
H7 EB4 B . -6.88 -1.26 -1.32
H11 EB4 B . -4.78 -3.97 -9.08
H12 EB4 B . -0.43 -4.58 0.58
H15 EB4 B . -1.44 -6.76 1.16
H14 EB4 B . -5.22 -6.41 -8.96
H13 EB4 B . -10.37 -3.65 -0.79
H22 EB4 B . -8.88 -7.32 -2.31
H30 EB4 B . -6.89 -10.79 -0.34
H30A EB4 B . -6.52 -9.32 0.70
H24 EB4 B . -4.62 -8.82 -0.82
H28 EB4 B . -9.97 -8.19 -4.43
H28A EB4 B . -9.59 -9.87 -3.80
H23 EB4 B . -5.84 -8.74 -5.48
H29 EB4 B . -4.02 -10.17 -5.04
H29A EB4 B . -5.23 -11.46 -4.44
GA GA C . -4.89 -4.55 -3.22
N MET A 1 17.16 3.27 -22.94
CA MET A 1 16.30 2.27 -22.26
C MET A 1 16.79 2.05 -20.83
N THR A 2 15.84 1.97 -19.89
CA THR A 2 16.15 1.76 -18.49
C THR A 2 17.24 2.72 -18.02
N VAL A 3 17.03 4.00 -18.28
CA VAL A 3 17.99 5.04 -17.91
C VAL A 3 17.59 5.73 -16.60
N PRO A 4 18.56 6.36 -15.92
CA PRO A 4 18.32 7.06 -14.65
C PRO A 4 17.63 8.42 -14.85
N ASP A 5 16.47 8.39 -15.50
CA ASP A 5 15.71 9.61 -15.73
C ASP A 5 14.49 9.67 -14.80
N ARG A 6 13.28 9.66 -15.36
CA ARG A 6 12.06 9.69 -14.55
C ARG A 6 12.04 8.55 -13.53
N SER A 7 12.80 7.50 -13.82
CA SER A 7 12.87 6.32 -12.95
C SER A 7 13.10 6.73 -11.48
N GLU A 8 13.82 7.81 -11.26
CA GLU A 8 14.09 8.32 -9.91
C GLU A 8 12.80 8.68 -9.16
N ILE A 9 11.76 9.04 -9.91
CA ILE A 9 10.48 9.43 -9.33
C ILE A 9 9.68 8.22 -8.83
N ALA A 10 9.95 7.05 -9.39
CA ALA A 10 9.25 5.83 -9.00
C ALA A 10 10.16 4.92 -8.19
N GLY A 11 9.73 3.69 -7.96
CA GLY A 11 10.53 2.75 -7.21
C GLY A 11 9.71 1.66 -6.55
N LYS A 12 10.26 1.08 -5.49
CA LYS A 12 9.60 0.01 -4.76
C LYS A 12 9.29 0.45 -3.32
N TRP A 13 8.17 -0.01 -2.79
CA TRP A 13 7.78 0.32 -1.43
C TRP A 13 7.35 -0.95 -0.68
N TYR A 14 7.73 -1.06 0.58
CA TYR A 14 7.39 -2.25 1.36
C TYR A 14 6.21 -1.96 2.26
N VAL A 15 5.11 -2.73 2.11
CA VAL A 15 4.03 -2.44 3.01
C VAL A 15 4.21 -3.30 4.26
N VAL A 16 4.44 -2.56 5.32
CA VAL A 16 4.65 -3.13 6.65
C VAL A 16 3.48 -2.81 7.56
N ALA A 17 2.50 -2.10 7.02
CA ALA A 17 1.33 -1.71 7.77
C ALA A 17 0.08 -1.95 6.95
N LEU A 18 -1.01 -2.30 7.62
CA LEU A 18 -2.27 -2.57 6.95
C LEU A 18 -3.45 -2.24 7.86
N ALA A 19 -4.56 -1.81 7.27
CA ALA A 19 -5.76 -1.54 8.02
C ALA A 19 -6.96 -1.89 7.14
N SER A 20 -7.93 -2.58 7.72
CA SER A 20 -9.10 -3.00 6.96
C SER A 20 -10.38 -2.77 7.77
N ASN A 21 -11.46 -2.46 7.07
CA ASN A 21 -12.74 -2.23 7.72
C ASN A 21 -13.58 -3.50 7.77
N THR A 22 -13.19 -4.52 6.98
CA THR A 22 -13.91 -5.77 7.02
C THR A 22 -13.21 -6.81 7.92
N GLU A 23 -13.98 -7.44 8.81
CA GLU A 23 -13.45 -8.47 9.69
C GLU A 23 -12.67 -9.53 8.91
N PHE A 24 -13.27 -10.02 7.84
CA PHE A 24 -12.64 -11.07 7.03
C PHE A 24 -11.22 -10.67 6.63
N PHE A 25 -11.05 -9.50 6.03
CA PHE A 25 -9.72 -9.04 5.61
C PHE A 25 -8.77 -8.96 6.79
N LEU A 26 -9.26 -8.41 7.91
CA LEU A 26 -8.44 -8.30 9.12
C LEU A 26 -8.05 -9.70 9.58
N ARG A 27 -9.04 -10.58 9.62
CA ARG A 27 -8.83 -11.96 10.04
C ARG A 27 -7.77 -12.62 9.17
N GLU A 28 -7.92 -12.49 7.85
CA GLU A 28 -6.97 -13.09 6.92
C GLU A 28 -5.62 -12.38 6.94
N LYS A 29 -5.64 -11.06 6.75
CA LYS A 29 -4.40 -10.29 6.75
C LYS A 29 -3.61 -10.46 8.04
N ASP A 30 -4.30 -10.37 9.18
CA ASP A 30 -3.64 -10.52 10.48
C ASP A 30 -2.96 -11.88 10.57
N LYS A 31 -3.50 -12.87 9.86
CA LYS A 31 -2.93 -14.18 9.84
C LYS A 31 -1.85 -14.29 8.80
N MET A 32 -1.77 -13.39 7.76
CA MET A 32 -0.67 -13.82 6.91
C MET A 32 0.69 -13.07 7.17
N LYS A 33 1.26 -12.37 6.17
CA LYS A 33 2.56 -11.71 6.43
C LYS A 33 2.62 -10.42 5.69
N MET A 34 3.76 -9.72 5.78
CA MET A 34 3.87 -8.43 5.13
C MET A 34 3.87 -8.59 3.61
N ALA A 35 3.42 -7.54 2.94
CA ALA A 35 3.25 -7.47 1.49
C ALA A 35 4.23 -6.51 0.84
N MET A 36 4.22 -6.47 -0.47
CA MET A 36 5.14 -5.65 -1.24
C MET A 36 4.38 -4.76 -2.23
N ALA A 37 5.06 -3.73 -2.73
CA ALA A 37 4.45 -2.83 -3.68
C ALA A 37 5.52 -2.04 -4.44
N ARG A 38 5.42 -2.06 -5.76
CA ARG A 38 6.32 -1.31 -6.64
C ARG A 38 5.48 -0.63 -7.69
N ILE A 39 5.74 0.65 -7.92
CA ILE A 39 4.95 1.43 -8.88
C ILE A 39 5.76 1.87 -10.09
N SER A 40 5.12 1.87 -11.25
CA SER A 40 5.77 2.29 -12.49
C SER A 40 4.89 3.31 -13.22
N PHE A 41 5.50 4.40 -13.68
CA PHE A 41 4.75 5.43 -14.39
C PHE A 41 4.44 5.00 -15.82
N LEU A 42 3.16 4.71 -16.06
CA LEU A 42 2.72 4.29 -17.38
C LEU A 42 2.67 5.48 -18.33
N GLY A 43 2.10 6.58 -17.85
CA GLY A 43 1.92 7.77 -18.64
C GLY A 43 1.62 8.96 -17.77
N GLU A 44 1.48 10.13 -18.37
CA GLU A 44 1.18 11.35 -17.63
C GLU A 44 -0.11 11.15 -16.80
N ASP A 45 -1.08 10.45 -17.38
CA ASP A 45 -2.36 10.21 -16.72
C ASP A 45 -2.56 8.74 -16.34
N GLU A 46 -1.58 7.88 -16.65
CA GLU A 46 -1.68 6.46 -16.33
C GLU A 46 -0.49 5.97 -15.51
N LEU A 47 -0.76 5.01 -14.64
CA LEU A 47 0.23 4.46 -13.72
C LEU A 47 0.04 2.97 -13.53
N LYS A 48 1.15 2.27 -13.34
CA LYS A 48 1.18 0.83 -13.18
C LYS A 48 1.80 0.44 -11.85
N VAL A 49 1.25 -0.55 -11.18
CA VAL A 49 1.77 -0.98 -9.89
C VAL A 49 1.94 -2.50 -9.83
N SER A 50 3.04 -2.95 -9.26
CA SER A 50 3.29 -4.37 -9.12
C SER A 50 3.08 -4.76 -7.66
N TYR A 51 2.19 -5.71 -7.43
CA TYR A 51 1.87 -6.16 -6.09
C TYR A 51 2.59 -7.47 -5.80
N ALA A 52 3.09 -7.59 -4.57
CA ALA A 52 3.76 -8.81 -4.16
C ALA A 52 3.29 -9.22 -2.78
N VAL A 53 2.68 -10.39 -2.67
CA VAL A 53 2.18 -10.88 -1.40
C VAL A 53 2.48 -12.37 -1.20
N PRO A 54 2.83 -12.76 0.04
CA PRO A 54 3.12 -14.15 0.36
C PRO A 54 1.83 -14.94 0.61
N LYS A 55 1.38 -15.65 -0.41
CA LYS A 55 0.16 -16.46 -0.41
C LYS A 55 0.47 -17.92 -0.13
N PRO A 56 -0.37 -18.58 0.70
CA PRO A 56 -0.17 -20.00 1.06
C PRO A 56 0.24 -20.85 -0.16
N ASN A 57 -0.22 -20.45 -1.36
CA ASN A 57 0.11 -21.18 -2.59
C ASN A 57 1.46 -20.71 -3.17
N GLY A 58 2.15 -19.83 -2.45
CA GLY A 58 3.41 -19.31 -2.89
C GLY A 58 3.33 -17.80 -3.15
N CYS A 59 4.48 -17.18 -3.31
CA CYS A 59 4.57 -15.73 -3.59
C CYS A 59 3.60 -15.31 -4.68
N ARG A 60 2.72 -14.36 -4.38
CA ARG A 60 1.78 -13.87 -5.35
C ARG A 60 2.16 -12.47 -5.84
N LYS A 61 2.25 -12.30 -7.15
CA LYS A 61 2.57 -10.99 -7.71
C LYS A 61 1.51 -10.61 -8.74
N TRP A 62 1.17 -9.34 -8.79
CA TRP A 62 0.16 -8.87 -9.72
C TRP A 62 0.50 -7.45 -10.16
N GLU A 63 0.03 -7.07 -11.34
CA GLU A 63 0.33 -5.72 -11.82
C GLU A 63 -0.98 -5.06 -12.20
N THR A 64 -1.14 -3.86 -11.62
CA THR A 64 -2.35 -3.06 -11.79
C THR A 64 -2.05 -1.69 -12.39
N THR A 65 -2.99 -1.19 -13.18
CA THR A 65 -2.89 0.10 -13.81
C THR A 65 -3.89 1.11 -13.24
N PHE A 66 -3.50 2.35 -13.00
CA PHE A 66 -4.42 3.37 -12.50
C PHE A 66 -4.36 4.64 -13.34
N LYS A 67 -5.26 5.58 -13.07
CA LYS A 67 -5.30 6.85 -13.78
C LYS A 67 -4.96 8.01 -12.85
N LYS A 68 -4.48 9.09 -13.45
CA LYS A 68 -4.11 10.28 -12.68
C LYS A 68 -5.34 10.92 -12.04
N THR A 69 -5.37 10.92 -10.69
CA THR A 69 -6.45 11.60 -10.02
C THR A 69 -5.84 12.24 -8.76
N SER A 70 -5.32 13.44 -8.98
CA SER A 70 -4.72 14.23 -7.91
C SER A 70 -5.80 14.84 -7.04
N ASP A 71 -6.58 13.98 -6.39
CA ASP A 71 -7.69 14.42 -5.54
C ASP A 71 -7.20 15.37 -4.44
N ASP A 72 -6.39 14.82 -3.52
CA ASP A 72 -5.82 15.59 -2.41
C ASP A 72 -4.27 15.55 -2.44
N GLY A 73 -3.78 16.02 -3.55
CA GLY A 73 -2.46 16.27 -4.14
C GLY A 73 -1.73 15.12 -4.80
N GLU A 74 -1.41 13.89 -4.27
CA GLU A 74 -0.82 12.89 -5.16
C GLU A 74 -1.66 11.64 -5.02
N VAL A 75 -2.94 11.81 -5.30
CA VAL A 75 -3.88 10.71 -5.17
C VAL A 75 -4.11 10.07 -6.53
N TYR A 76 -4.60 8.82 -6.53
CA TYR A 76 -4.84 8.10 -7.76
C TYR A 76 -6.12 7.26 -7.68
N TYR A 77 -6.74 7.04 -8.83
CA TYR A 77 -7.98 6.28 -8.90
C TYR A 77 -7.96 5.28 -10.05
N SER A 78 -8.46 4.07 -9.79
CA SER A 78 -8.53 3.06 -10.85
C SER A 78 -10.00 2.77 -11.15
N GLU A 79 -10.55 3.51 -12.12
CA GLU A 79 -11.95 3.35 -12.49
C GLU A 79 -12.25 1.93 -12.99
N GLU A 80 -11.37 1.42 -13.82
CA GLU A 80 -11.53 0.07 -14.37
C GLU A 80 -11.51 -0.99 -13.28
N ALA A 81 -10.71 -0.76 -12.24
CA ALA A 81 -10.60 -1.71 -11.14
C ALA A 81 -11.56 -1.40 -9.99
N LYS A 82 -12.12 -0.19 -9.96
CA LYS A 82 -13.05 0.22 -8.92
C LYS A 82 -12.32 0.36 -7.58
N LYS A 83 -11.15 1.00 -7.63
CA LYS A 83 -10.31 1.18 -6.46
C LYS A 83 -9.57 2.52 -6.53
N LYS A 84 -9.49 3.22 -5.42
CA LYS A 84 -8.82 4.51 -5.36
C LYS A 84 -7.91 4.60 -4.14
N VAL A 85 -6.82 5.33 -4.26
CA VAL A 85 -5.90 5.49 -3.14
C VAL A 85 -5.51 6.95 -2.97
N GLU A 86 -5.46 7.39 -1.72
CA GLU A 86 -5.12 8.76 -1.42
C GLU A 86 -3.96 8.81 -0.43
N VAL A 87 -2.86 9.44 -0.88
CA VAL A 87 -1.68 9.56 -0.03
C VAL A 87 -1.98 10.57 1.07
N LEU A 88 -2.11 10.05 2.29
CA LEU A 88 -2.43 10.91 3.42
C LEU A 88 -1.19 11.65 3.92
N ASP A 89 -0.13 10.92 4.22
CA ASP A 89 1.11 11.53 4.68
C ASP A 89 2.32 10.71 4.26
N THR A 90 3.37 11.41 3.83
CA THR A 90 4.59 10.75 3.39
C THR A 90 5.80 11.64 3.63
N ASP A 91 6.92 11.04 4.01
CA ASP A 91 8.15 11.80 4.23
C ASP A 91 9.17 11.46 3.17
N TYR A 92 9.71 12.48 2.52
CA TYR A 92 10.70 12.27 1.46
C TYR A 92 11.88 11.40 1.91
N LYS A 93 12.19 11.43 3.20
CA LYS A 93 13.28 10.64 3.74
C LYS A 93 12.83 9.75 4.90
N SER A 94 11.55 9.39 4.94
CA SER A 94 11.09 8.54 6.03
C SER A 94 9.96 7.60 5.60
N TYR A 95 9.05 7.30 6.54
CA TYR A 95 7.90 6.43 6.28
C TYR A 95 6.79 7.18 5.58
N ALA A 96 5.79 6.44 5.09
CA ALA A 96 4.66 7.05 4.43
C ALA A 96 3.37 6.28 4.69
N VAL A 97 2.24 6.98 4.79
CA VAL A 97 0.95 6.33 4.99
C VAL A 97 -0.03 6.73 3.89
N ILE A 98 -0.60 5.73 3.21
CA ILE A 98 -1.53 5.99 2.13
C ILE A 98 -2.89 5.35 2.43
N TYR A 99 -3.95 6.05 2.06
CA TYR A 99 -5.31 5.56 2.30
C TYR A 99 -5.85 4.94 1.01
N ALA A 100 -6.54 3.81 1.15
CA ALA A 100 -7.09 3.12 -0.01
C ALA A 100 -8.57 2.83 0.16
N THR A 101 -9.32 3.00 -0.93
CA THR A 101 -10.75 2.75 -0.92
C THR A 101 -11.22 2.18 -2.26
N ARG A 102 -12.17 1.26 -2.20
CA ARG A 102 -12.73 0.64 -3.40
C ARG A 102 -14.20 0.33 -3.18
N VAL A 103 -15.01 0.53 -4.20
CA VAL A 103 -16.46 0.32 -4.11
C VAL A 103 -16.97 -0.62 -5.18
N LYS A 104 -17.87 -1.50 -4.78
CA LYS A 104 -18.50 -2.54 -5.59
C LYS A 104 -20.01 -2.49 -5.43
N ASP A 105 -20.72 -3.15 -6.34
CA ASP A 105 -22.19 -3.17 -6.32
C ASP A 105 -22.78 -2.92 -4.93
N GLY A 106 -23.05 -1.65 -4.64
CA GLY A 106 -23.73 -1.43 -3.37
C GLY A 106 -22.81 -1.50 -2.16
N ARG A 107 -21.52 -1.79 -2.34
CA ARG A 107 -20.62 -2.01 -1.21
C ARG A 107 -19.31 -1.24 -1.33
N THR A 108 -18.98 -0.53 -0.26
CA THR A 108 -17.77 0.27 -0.17
C THR A 108 -16.75 -0.32 0.81
N LEU A 109 -15.51 -0.51 0.39
CA LEU A 109 -14.50 -1.01 1.31
C LEU A 109 -13.35 0.00 1.41
N HIS A 110 -12.89 0.23 2.64
CA HIS A 110 -11.81 1.17 2.89
C HIS A 110 -10.65 0.42 3.53
N MET A 111 -9.44 0.92 3.32
CA MET A 111 -8.26 0.30 3.85
C MET A 111 -7.13 1.30 4.06
N MET A 112 -6.38 1.15 5.13
CA MET A 112 -5.25 2.03 5.41
C MET A 112 -3.95 1.25 5.22
N ARG A 113 -2.91 1.92 4.75
CA ARG A 113 -1.63 1.25 4.53
C ARG A 113 -0.45 2.16 4.78
N LEU A 114 0.64 1.56 5.23
CA LEU A 114 1.88 2.28 5.50
C LEU A 114 3.03 1.55 4.83
N TYR A 115 3.82 2.28 4.08
CA TYR A 115 4.94 1.67 3.39
C TYR A 115 6.27 2.16 3.98
N SER A 116 7.26 1.28 3.95
CA SER A 116 8.56 1.65 4.49
C SER A 116 9.56 1.62 3.35
N ARG A 117 10.59 2.42 3.49
CA ARG A 117 11.58 2.58 2.43
C ARG A 117 12.29 1.27 2.14
N SER A 118 12.30 0.37 3.11
CA SER A 118 12.92 -0.94 2.95
C SER A 118 12.07 -1.97 3.69
N PRO A 119 12.34 -3.27 3.52
CA PRO A 119 11.56 -4.33 4.20
C PRO A 119 11.86 -4.38 5.70
N GLU A 120 11.57 -3.28 6.39
CA GLU A 120 11.80 -3.20 7.81
C GLU A 120 10.89 -2.13 8.42
N VAL A 121 10.03 -2.56 9.35
CA VAL A 121 9.07 -1.62 9.93
C VAL A 121 9.79 -0.83 11.02
N SER A 122 9.50 0.49 10.96
CA SER A 122 10.10 1.46 11.86
C SER A 122 9.17 1.85 13.00
N PRO A 123 9.68 1.97 14.22
CA PRO A 123 8.87 2.35 15.39
C PRO A 123 8.16 3.70 15.14
N ALA A 124 8.90 4.65 14.58
CA ALA A 124 8.36 5.98 14.30
C ALA A 124 7.10 5.89 13.43
N ALA A 125 7.17 5.10 12.36
CA ALA A 125 6.05 4.93 11.46
C ALA A 125 4.93 4.17 12.17
N THR A 126 5.33 3.17 12.95
CA THR A 126 4.39 2.36 13.70
C THR A 126 3.58 3.23 14.66
N ALA A 127 4.28 4.06 15.43
CA ALA A 127 3.64 4.96 16.38
C ALA A 127 2.76 5.99 15.68
N ILE A 128 3.25 6.50 14.55
CA ILE A 128 2.51 7.49 13.78
C ILE A 128 1.23 6.89 13.22
N PHE A 129 1.37 5.73 12.56
CA PHE A 129 0.23 5.05 11.98
C PHE A 129 -0.84 4.79 13.05
N ARG A 130 -0.39 4.47 14.26
CA ARG A 130 -1.30 4.20 15.38
C ARG A 130 -1.96 5.49 15.86
N LYS A 131 -1.15 6.53 16.04
CA LYS A 131 -1.65 7.81 16.52
C LYS A 131 -2.83 8.28 15.66
N LEU A 132 -2.66 8.24 14.35
CA LEU A 132 -3.72 8.64 13.42
C LEU A 132 -4.89 7.66 13.52
N ALA A 133 -4.57 6.37 13.46
CA ALA A 133 -5.58 5.33 13.55
C ALA A 133 -6.43 5.48 14.81
N GLY A 134 -5.81 5.91 15.91
CA GLY A 134 -6.54 6.06 17.15
C GLY A 134 -7.50 7.24 17.12
N GLU A 135 -7.11 8.30 16.41
CA GLU A 135 -7.97 9.47 16.30
C GLU A 135 -9.23 9.14 15.51
N ARG A 136 -9.16 8.08 14.72
CA ARG A 136 -10.29 7.62 13.92
C ARG A 136 -11.04 6.49 14.64
N ASN A 137 -10.77 6.34 15.95
CA ASN A 137 -11.42 5.32 16.77
C ASN A 137 -11.19 3.91 16.22
N TYR A 138 -10.00 3.68 15.67
CA TYR A 138 -9.69 2.37 15.08
C TYR A 138 -9.55 1.31 16.16
N THR A 139 -9.64 0.05 15.74
CA THR A 139 -9.52 -1.06 16.67
C THR A 139 -8.26 -1.87 16.31
N ASP A 140 -7.66 -2.51 17.31
CA ASP A 140 -6.41 -3.25 17.03
C ASP A 140 -6.53 -4.23 15.88
N GLU A 141 -7.53 -5.11 15.93
CA GLU A 141 -7.77 -6.07 14.86
C GLU A 141 -8.06 -5.41 13.51
N MET A 142 -8.34 -4.11 13.52
CA MET A 142 -8.65 -3.40 12.27
C MET A 142 -7.36 -3.06 11.53
N VAL A 143 -6.26 -3.05 12.26
CA VAL A 143 -4.91 -2.76 11.74
C VAL A 143 -4.06 -4.02 11.72
N ALA A 144 -3.13 -4.10 10.79
CA ALA A 144 -2.24 -5.26 10.66
C ALA A 144 -0.78 -4.80 10.54
N MET A 145 0.05 -5.30 11.45
CA MET A 145 1.48 -5.00 11.51
C MET A 145 2.35 -6.23 11.26
N LEU A 146 3.41 -6.10 10.48
CA LEU A 146 4.30 -7.22 10.20
C LEU A 146 5.73 -6.97 10.73
N PRO A 147 6.16 -7.65 11.80
CA PRO A 147 7.52 -7.49 12.33
C PRO A 147 8.56 -8.13 11.39
N ARG A 148 9.75 -8.40 11.90
CA ARG A 148 10.86 -9.05 11.15
C ARG A 148 10.49 -10.43 10.57
N GLN A 149 9.42 -10.48 9.85
CA GLN A 149 8.82 -11.66 9.23
C GLN A 149 8.99 -11.75 7.71
N GLU A 150 9.94 -11.00 7.16
CA GLU A 150 10.10 -10.90 5.72
C GLU A 150 10.96 -12.02 5.13
N GLU A 151 10.76 -12.28 3.83
CA GLU A 151 11.50 -13.33 3.12
C GLU A 151 11.26 -13.28 1.63
N CYS A 152 10.01 -13.02 1.25
CA CYS A 152 9.70 -13.00 -0.18
C CYS A 152 9.60 -11.55 -0.55
N THR A 153 10.38 -11.24 -1.60
CA THR A 153 10.51 -9.88 -2.07
C THR A 153 10.24 -9.78 -3.56
N VAL A 154 9.77 -8.60 -3.98
CA VAL A 154 9.47 -8.36 -5.38
C VAL A 154 10.66 -7.72 -6.07
N ASP A 155 10.95 -8.15 -7.28
CA ASP A 155 12.08 -7.63 -8.04
C ASP A 155 11.89 -6.15 -8.40
N GLU A 156 13.01 -5.47 -8.59
CA GLU A 156 13.00 -4.06 -8.94
C GLU A 156 13.35 -3.88 -10.42
N VAL A 157 14.45 -4.47 -10.84
CA VAL A 157 14.90 -4.37 -12.23
C VAL A 157 16.22 -5.10 -12.42
O6 EB4 B . -3.53 -3.82 -2.10
O4 EB4 B . -5.50 -3.24 -1.54
O5 EB4 B . -5.17 -3.30 -3.68
N1 EB4 B . -8.53 -7.06 -2.03
C5 EB4 B . -5.17 -3.71 -4.97
C4 EB4 B . -6.82 -3.31 -1.22
C1 EB4 B . -7.41 -4.50 -1.62
C2 EB4 B . -5.12 -5.10 -5.13
C6 EB4 B . -2.83 -4.54 -1.19
C8 EB4 B . -5.21 -2.89 -6.11
N2 EB4 B . -5.47 -7.76 -5.45
C9 EB4 B . -1.68 -4.12 -0.52
C10 EB4 B . -8.89 -2.61 -0.21
O3 EB4 B . -4.53 -6.02 -1.61
N3 EB4 B . -4.13 -8.46 -0.80
C16 EB4 B . -8.75 -4.75 -1.31
C7 EB4 B . -7.57 -2.36 -0.52
C3 EB4 B . -3.37 -5.79 -0.94
C11 EB4 B . -5.14 -3.45 -7.37
O1 EB4 B . -6.58 -5.29 -2.36
O2 EB4 B . -4.96 -5.77 -3.96
C12 EB4 B . -1.07 -4.97 0.39
C15 EB4 B . -1.61 -6.23 0.64
C14 EB4 B . -5.14 -4.84 -7.52
C13 EB4 B . -9.47 -3.82 -0.59
O7 EB4 B . -10.52 -6.30 -1.26
C19 EB4 B . -9.34 -6.11 -1.52
C22 EB4 B . -8.93 -8.44 -2.30
C25 EB4 B . -8.12 -9.44 -1.48
O10 EB4 B . -8.63 -10.45 -1.04
O15 EB4 B . -6.84 -9.06 -1.23
C30 EB4 B . -6.04 -9.98 -0.46
C24 EB4 B . -4.61 -9.87 -0.93
C21 EB4 B . -3.08 -8.11 -0.03
C18 EB4 B . -2.75 -6.65 -0.04
O9 EB4 B . -2.53 -8.86 0.77
C27 EB4 B . -4.56 -10.37 -2.41
O12 EB4 B . -4.49 -11.58 -2.66
C28 EB4 B . -8.99 -8.73 -3.79
O13 EB4 B . -7.71 -8.51 -4.39
C26 EB4 B . -6.96 -9.58 -4.77
O11 EB4 B . -7.31 -10.76 -4.62
C23 EB4 B . -5.62 -9.24 -5.42
C29 EB4 B . -4.45 -9.90 -4.71
O14 EB4 B . -4.47 -9.41 -3.36
C20 EB4 B . -5.27 -7.03 -6.56
O8 EB4 B . -5.33 -7.51 -7.70
C17 EB4 B . -5.21 -5.66 -6.40
HN1 EB4 B . -7.55 -6.87 -2.21
H8 EB4 B . -5.24 -1.81 -5.99
HN2 EB4 B . -5.41 -7.31 -4.57
H9 EB4 B . -1.18 -3.21 -0.82
H10 EB4 B . -9.48 -1.86 0.29
HN3 EB4 B . -4.65 -7.80 -1.34
H7 EB4 B . -7.13 -1.38 -0.31
H11 EB4 B . -5.10 -2.81 -8.26
H12 EB4 B . -0.07 -4.73 0.76
H15 EB4 B . -1.12 -6.89 1.35
H14 EB4 B . -5.12 -5.27 -8.52
H13 EB4 B . -10.50 -4.04 -0.29
H22 EB4 B . -8.63 -7.43 -2.10
H30 EB4 B . -6.39 -11.00 -0.66
H30A EB4 B . -6.10 -9.68 0.59
H24 EB4 B . -4.26 -8.85 -0.83
H28 EB4 B . -9.66 -8.07 -4.35
H28A EB4 B . -9.20 -9.78 -3.95
H23 EB4 B . -5.51 -8.16 -5.44
H29 EB4 B . -3.58 -9.49 -5.20
H29A EB4 B . -4.67 -10.96 -4.79
GA GA C . -4.80 -4.28 -2.61
N MET A 1 18.23 2.99 -23.03
CA MET A 1 16.93 2.56 -22.42
C MET A 1 17.11 2.36 -20.92
N THR A 2 16.00 2.33 -20.19
CA THR A 2 16.04 2.15 -18.74
C THR A 2 17.05 3.11 -18.10
N VAL A 3 16.93 4.38 -18.46
CA VAL A 3 17.83 5.41 -17.96
C VAL A 3 17.38 5.95 -16.60
N PRO A 4 18.32 6.52 -15.83
CA PRO A 4 18.03 7.08 -14.51
C PRO A 4 17.42 8.48 -14.58
N ASP A 5 16.24 8.57 -15.18
CA ASP A 5 15.53 9.84 -15.30
C ASP A 5 14.25 9.83 -14.46
N ARG A 6 13.09 9.77 -15.12
CA ARG A 6 11.81 9.73 -14.41
C ARG A 6 11.83 8.65 -13.33
N SER A 7 12.61 7.60 -13.57
CA SER A 7 12.73 6.49 -12.65
C SER A 7 12.95 6.95 -11.21
N GLU A 8 13.66 8.08 -11.04
CA GLU A 8 13.94 8.62 -9.70
C GLU A 8 12.63 8.91 -8.94
N ILE A 9 11.56 9.21 -9.67
CA ILE A 9 10.26 9.50 -9.09
C ILE A 9 9.46 8.24 -8.74
N ALA A 10 10.02 7.07 -9.07
CA ALA A 10 9.34 5.81 -8.82
C ALA A 10 10.26 4.82 -8.11
N GLY A 11 9.81 3.58 -7.96
CA GLY A 11 10.61 2.58 -7.29
C GLY A 11 9.77 1.52 -6.59
N LYS A 12 10.36 0.90 -5.57
CA LYS A 12 9.69 -0.14 -4.81
C LYS A 12 9.43 0.33 -3.38
N TRP A 13 8.28 -0.05 -2.83
CA TRP A 13 7.90 0.31 -1.48
C TRP A 13 7.45 -0.94 -0.74
N TYR A 14 7.82 -1.05 0.54
CA TYR A 14 7.45 -2.21 1.33
C TYR A 14 6.32 -1.88 2.30
N VAL A 15 5.18 -2.59 2.15
CA VAL A 15 4.07 -2.28 3.05
C VAL A 15 4.26 -3.16 4.30
N VAL A 16 4.55 -2.45 5.38
CA VAL A 16 4.78 -3.06 6.68
C VAL A 16 3.60 -2.81 7.60
N ALA A 17 2.56 -2.17 7.07
CA ALA A 17 1.37 -1.87 7.85
C ALA A 17 0.12 -2.04 6.99
N LEU A 18 -0.99 -2.35 7.64
CA LEU A 18 -2.24 -2.58 6.94
C LEU A 18 -3.45 -2.25 7.82
N ALA A 19 -4.53 -1.81 7.20
CA ALA A 19 -5.77 -1.54 7.92
C ALA A 19 -6.93 -1.89 6.99
N SER A 20 -7.92 -2.61 7.52
CA SER A 20 -9.07 -3.00 6.71
C SER A 20 -10.39 -2.77 7.44
N ASN A 21 -11.42 -2.43 6.68
CA ASN A 21 -12.75 -2.19 7.23
C ASN A 21 -13.56 -3.49 7.28
N THR A 22 -13.13 -4.50 6.50
CA THR A 22 -13.85 -5.76 6.50
C THR A 22 -13.29 -6.72 7.55
N GLU A 23 -14.19 -7.27 8.34
CA GLU A 23 -13.83 -8.22 9.41
C GLU A 23 -12.93 -9.32 8.87
N PHE A 24 -13.40 -9.99 7.81
CA PHE A 24 -12.65 -11.08 7.19
C PHE A 24 -11.22 -10.64 6.82
N PHE A 25 -11.12 -9.50 6.15
CA PHE A 25 -9.82 -8.98 5.72
C PHE A 25 -8.85 -8.90 6.90
N LEU A 26 -9.31 -8.31 8.00
CA LEU A 26 -8.48 -8.17 9.20
C LEU A 26 -8.07 -9.55 9.70
N ARG A 27 -9.07 -10.42 9.83
CA ARG A 27 -8.83 -11.78 10.31
C ARG A 27 -7.81 -12.49 9.42
N GLU A 28 -8.02 -12.42 8.11
CA GLU A 28 -7.12 -13.07 7.17
C GLU A 28 -5.77 -12.35 7.10
N LYS A 29 -5.81 -11.04 6.84
CA LYS A 29 -4.58 -10.26 6.75
C LYS A 29 -3.72 -10.38 8.01
N ASP A 30 -4.34 -10.23 9.18
CA ASP A 30 -3.61 -10.34 10.44
C ASP A 30 -2.87 -11.68 10.52
N LYS A 31 -3.47 -12.71 9.94
CA LYS A 31 -2.87 -14.02 9.93
C LYS A 31 -1.84 -14.14 8.83
N MET A 32 -1.84 -13.19 7.81
CA MET A 32 -0.80 -13.52 6.87
C MET A 32 0.59 -12.82 7.12
N LYS A 33 1.19 -12.25 6.08
CA LYS A 33 2.54 -11.63 6.32
C LYS A 33 2.58 -10.31 5.61
N MET A 34 3.70 -9.61 5.70
CA MET A 34 3.80 -8.29 5.09
C MET A 34 3.77 -8.42 3.57
N ALA A 35 3.33 -7.37 2.91
CA ALA A 35 3.15 -7.33 1.46
C ALA A 35 4.16 -6.40 0.80
N MET A 36 4.14 -6.36 -0.53
CA MET A 36 5.07 -5.54 -1.29
C MET A 36 4.29 -4.59 -2.21
N ALA A 37 5.01 -3.58 -2.70
CA ALA A 37 4.39 -2.61 -3.61
C ALA A 37 5.48 -1.89 -4.41
N ARG A 38 5.35 -1.99 -5.72
CA ARG A 38 6.28 -1.35 -6.65
C ARG A 38 5.43 -0.65 -7.70
N ILE A 39 5.66 0.64 -7.91
CA ILE A 39 4.87 1.41 -8.86
C ILE A 39 5.71 1.91 -10.03
N SER A 40 5.11 1.93 -11.22
CA SER A 40 5.79 2.39 -12.41
C SER A 40 4.95 3.43 -13.15
N PHE A 41 5.56 4.56 -13.51
CA PHE A 41 4.84 5.61 -14.22
C PHE A 41 4.52 5.17 -15.64
N LEU A 42 3.25 4.86 -15.87
CA LEU A 42 2.81 4.42 -17.18
C LEU A 42 2.80 5.60 -18.15
N GLY A 43 2.31 6.73 -17.66
CA GLY A 43 2.18 7.91 -18.48
C GLY A 43 1.70 9.09 -17.65
N GLU A 44 1.57 10.23 -18.30
CA GLU A 44 1.08 11.44 -17.62
C GLU A 44 -0.28 11.20 -16.96
N ASP A 45 -1.09 10.35 -17.57
CA ASP A 45 -2.42 10.04 -17.04
C ASP A 45 -2.55 8.59 -16.54
N GLU A 46 -1.57 7.75 -16.82
CA GLU A 46 -1.65 6.36 -16.40
C GLU A 46 -0.45 5.91 -15.55
N LEU A 47 -0.71 4.99 -14.65
CA LEU A 47 0.30 4.47 -13.74
C LEU A 47 0.19 2.96 -13.59
N LYS A 48 1.32 2.31 -13.44
CA LYS A 48 1.39 0.87 -13.28
C LYS A 48 1.78 0.53 -11.85
N VAL A 49 1.11 -0.42 -11.24
CA VAL A 49 1.41 -0.79 -9.86
C VAL A 49 1.62 -2.29 -9.76
N SER A 50 2.75 -2.69 -9.17
CA SER A 50 3.05 -4.10 -9.01
C SER A 50 2.91 -4.43 -7.52
N TYR A 51 2.00 -5.35 -7.25
CA TYR A 51 1.74 -5.80 -5.89
C TYR A 51 2.34 -7.17 -5.69
N ALA A 52 2.89 -7.40 -4.50
CA ALA A 52 3.48 -8.69 -4.17
C ALA A 52 3.07 -9.11 -2.77
N VAL A 53 2.56 -10.32 -2.64
CA VAL A 53 2.12 -10.83 -1.34
C VAL A 53 2.49 -12.31 -1.17
N PRO A 54 2.81 -12.72 0.06
CA PRO A 54 3.17 -14.10 0.35
C PRO A 54 1.92 -14.94 0.67
N LYS A 55 1.43 -15.62 -0.35
CA LYS A 55 0.25 -16.48 -0.24
C LYS A 55 0.68 -17.93 -0.06
N PRO A 56 0.00 -18.69 0.82
CA PRO A 56 0.33 -20.11 1.06
C PRO A 56 0.69 -20.86 -0.24
N ASN A 57 0.01 -20.49 -1.32
CA ASN A 57 0.24 -21.12 -2.64
C ASN A 57 1.56 -20.66 -3.27
N GLY A 58 2.28 -19.77 -2.58
CA GLY A 58 3.54 -19.25 -3.10
C GLY A 58 3.49 -17.75 -3.29
N CYS A 59 4.66 -17.15 -3.49
CA CYS A 59 4.75 -15.70 -3.69
C CYS A 59 3.79 -15.24 -4.79
N ARG A 60 2.87 -14.36 -4.43
CA ARG A 60 1.90 -13.85 -5.39
C ARG A 60 2.14 -12.39 -5.76
N LYS A 61 2.17 -12.10 -7.05
CA LYS A 61 2.34 -10.75 -7.54
C LYS A 61 1.22 -10.40 -8.50
N TRP A 62 0.88 -9.12 -8.54
CA TRP A 62 -0.17 -8.65 -9.43
C TRP A 62 0.17 -7.24 -9.89
N GLU A 63 -0.21 -6.89 -11.10
CA GLU A 63 0.10 -5.56 -11.60
C GLU A 63 -1.17 -4.92 -12.14
N THR A 64 -1.41 -3.70 -11.67
CA THR A 64 -2.59 -2.94 -12.03
C THR A 64 -2.22 -1.58 -12.61
N THR A 65 -2.99 -1.13 -13.59
CA THR A 65 -2.77 0.17 -14.20
C THR A 65 -3.87 1.16 -13.82
N PHE A 66 -3.51 2.26 -13.20
CA PHE A 66 -4.47 3.27 -12.78
C PHE A 66 -4.27 4.56 -13.55
N LYS A 67 -5.16 5.52 -13.31
CA LYS A 67 -5.09 6.82 -13.98
C LYS A 67 -4.88 7.93 -12.95
N LYS A 68 -4.22 9.00 -13.37
CA LYS A 68 -3.96 10.13 -12.49
C LYS A 68 -5.26 10.80 -12.04
N THR A 69 -5.44 10.90 -10.73
CA THR A 69 -6.61 11.60 -10.21
C THR A 69 -6.14 12.31 -8.93
N SER A 70 -5.61 13.50 -9.15
CA SER A 70 -5.09 14.34 -8.07
C SER A 70 -6.22 14.91 -7.21
N ASP A 71 -7.03 14.02 -6.62
CA ASP A 71 -8.14 14.44 -5.78
C ASP A 71 -7.62 15.22 -4.59
N ASP A 72 -6.84 14.55 -3.74
CA ASP A 72 -6.25 15.17 -2.56
C ASP A 72 -4.74 15.38 -2.78
N GLY A 73 -4.43 16.04 -3.86
CA GLY A 73 -3.15 16.42 -4.39
C GLY A 73 -2.37 15.40 -5.22
N GLU A 74 -2.12 14.17 -4.74
CA GLU A 74 -1.49 13.17 -5.63
C GLU A 74 -2.20 11.85 -5.40
N VAL A 75 -3.51 11.88 -5.62
CA VAL A 75 -4.34 10.70 -5.44
C VAL A 75 -4.54 10.01 -6.78
N TYR A 76 -4.94 8.74 -6.75
CA TYR A 76 -5.15 7.97 -7.97
C TYR A 76 -6.46 7.19 -7.91
N TYR A 77 -7.11 7.06 -9.06
CA TYR A 77 -8.39 6.37 -9.15
C TYR A 77 -8.37 5.31 -10.25
N SER A 78 -8.75 4.09 -9.90
CA SER A 78 -8.80 3.03 -10.91
C SER A 78 -10.26 2.69 -11.18
N GLU A 79 -10.86 3.42 -12.11
CA GLU A 79 -12.26 3.20 -12.46
C GLU A 79 -12.48 1.77 -12.96
N GLU A 80 -11.59 1.31 -13.81
CA GLU A 80 -11.67 -0.04 -14.36
C GLU A 80 -11.59 -1.11 -13.26
N ALA A 81 -10.95 -0.78 -12.15
CA ALA A 81 -10.80 -1.71 -11.04
C ALA A 81 -11.72 -1.39 -9.85
N LYS A 82 -12.24 -0.16 -9.80
CA LYS A 82 -13.12 0.27 -8.72
C LYS A 82 -12.33 0.41 -7.40
N LYS A 83 -11.19 1.08 -7.49
CA LYS A 83 -10.31 1.26 -6.34
C LYS A 83 -9.64 2.63 -6.38
N LYS A 84 -9.62 3.31 -5.24
CA LYS A 84 -8.99 4.63 -5.14
C LYS A 84 -7.90 4.63 -4.07
N VAL A 85 -6.83 5.38 -4.32
CA VAL A 85 -5.74 5.47 -3.35
C VAL A 85 -5.32 6.93 -3.18
N GLU A 86 -5.17 7.33 -1.92
CA GLU A 86 -4.79 8.71 -1.60
C GLU A 86 -3.59 8.73 -0.66
N VAL A 87 -2.49 9.30 -1.13
CA VAL A 87 -1.28 9.39 -0.32
C VAL A 87 -1.53 10.38 0.81
N LEU A 88 -1.71 9.84 2.02
CA LEU A 88 -1.99 10.67 3.19
C LEU A 88 -0.74 11.40 3.63
N ASP A 89 0.34 10.66 3.86
CA ASP A 89 1.61 11.26 4.28
C ASP A 89 2.80 10.40 3.90
N THR A 90 3.91 11.05 3.55
CA THR A 90 5.12 10.36 3.15
C THR A 90 6.36 11.20 3.45
N ASP A 91 7.45 10.57 3.84
CA ASP A 91 8.69 11.27 4.13
C ASP A 91 9.70 11.04 3.00
N TYR A 92 10.49 12.05 2.71
CA TYR A 92 11.50 11.96 1.66
C TYR A 92 12.58 10.94 2.02
N LYS A 93 12.94 10.90 3.30
CA LYS A 93 13.97 10.00 3.79
C LYS A 93 13.43 9.09 4.90
N SER A 94 12.13 8.80 4.86
CA SER A 94 11.57 7.91 5.86
C SER A 94 10.45 7.03 5.29
N TYR A 95 9.48 6.68 6.12
CA TYR A 95 8.36 5.82 5.73
C TYR A 95 7.20 6.67 5.25
N ALA A 96 6.11 6.03 4.89
CA ALA A 96 4.92 6.73 4.41
C ALA A 96 3.62 5.98 4.72
N VAL A 97 2.51 6.72 4.74
CA VAL A 97 1.20 6.12 4.97
C VAL A 97 0.24 6.53 3.86
N ILE A 98 -0.33 5.55 3.17
CA ILE A 98 -1.25 5.84 2.08
C ILE A 98 -2.65 5.31 2.39
N TYR A 99 -3.66 6.07 2.00
CA TYR A 99 -5.05 5.67 2.24
C TYR A 99 -5.62 5.07 0.96
N ALA A 100 -6.32 3.96 1.11
CA ALA A 100 -6.91 3.26 -0.03
C ALA A 100 -8.34 2.81 0.26
N THR A 101 -9.18 2.85 -0.76
CA THR A 101 -10.56 2.43 -0.64
C THR A 101 -11.09 1.84 -1.94
N ARG A 102 -11.93 0.84 -1.84
CA ARG A 102 -12.53 0.21 -3.02
C ARG A 102 -14.04 0.13 -2.82
N VAL A 103 -14.81 0.51 -3.83
CA VAL A 103 -16.27 0.45 -3.70
C VAL A 103 -16.85 -0.58 -4.66
N LYS A 104 -17.58 -1.51 -4.11
CA LYS A 104 -18.26 -2.60 -4.79
C LYS A 104 -19.71 -2.25 -5.03
N ASP A 105 -20.39 -3.07 -5.83
CA ASP A 105 -21.80 -2.84 -6.14
C ASP A 105 -22.62 -2.62 -4.86
N GLY A 106 -22.79 -1.35 -4.49
CA GLY A 106 -23.59 -1.10 -3.30
C GLY A 106 -22.82 -1.16 -1.99
N ARG A 107 -21.50 -1.32 -2.07
CA ARG A 107 -20.69 -1.49 -0.86
C ARG A 107 -19.35 -0.77 -0.96
N THR A 108 -18.96 -0.09 0.11
CA THR A 108 -17.70 0.65 0.16
C THR A 108 -16.70 0.00 1.11
N LEU A 109 -15.50 -0.31 0.65
CA LEU A 109 -14.49 -0.91 1.50
C LEU A 109 -13.31 0.04 1.63
N HIS A 110 -12.79 0.15 2.84
CA HIS A 110 -11.66 1.05 3.09
C HIS A 110 -10.49 0.19 3.56
N MET A 111 -9.28 0.59 3.16
CA MET A 111 -8.09 -0.14 3.55
C MET A 111 -6.92 0.83 3.56
N MET A 112 -6.37 1.04 4.75
CA MET A 112 -5.25 1.97 4.88
C MET A 112 -3.98 1.16 4.85
N ARG A 113 -2.91 1.76 4.35
CA ARG A 113 -1.64 1.06 4.21
C ARG A 113 -0.46 1.94 4.58
N LEU A 114 0.58 1.33 5.14
CA LEU A 114 1.78 2.04 5.53
C LEU A 114 3.00 1.33 4.94
N TYR A 115 3.88 2.09 4.32
CA TYR A 115 5.06 1.51 3.71
C TYR A 115 6.35 2.12 4.27
N SER A 116 7.41 1.33 4.23
CA SER A 116 8.70 1.78 4.74
C SER A 116 9.67 1.80 3.57
N ARG A 117 10.70 2.63 3.68
CA ARG A 117 11.67 2.77 2.59
C ARG A 117 12.40 1.45 2.33
N SER A 118 12.35 0.52 3.28
CA SER A 118 12.97 -0.79 3.12
C SER A 118 12.04 -1.82 3.77
N PRO A 119 12.28 -3.12 3.55
CA PRO A 119 11.44 -4.18 4.10
C PRO A 119 11.60 -4.34 5.62
N GLU A 120 11.25 -3.29 6.37
CA GLU A 120 11.34 -3.34 7.82
C GLU A 120 10.46 -2.27 8.46
N VAL A 121 9.60 -2.69 9.38
CA VAL A 121 8.69 -1.74 10.02
C VAL A 121 9.45 -0.91 11.05
N SER A 122 9.19 0.38 11.00
CA SER A 122 9.83 1.37 11.86
C SER A 122 8.95 1.75 13.05
N PRO A 123 9.55 1.92 14.23
CA PRO A 123 8.80 2.31 15.44
C PRO A 123 8.05 3.63 15.23
N ALA A 124 8.70 4.57 14.56
CA ALA A 124 8.10 5.88 14.30
C ALA A 124 6.82 5.71 13.46
N ALA A 125 6.91 4.90 12.41
CA ALA A 125 5.77 4.66 11.54
C ALA A 125 4.66 3.98 12.33
N THR A 126 5.07 3.05 13.19
CA THR A 126 4.14 2.32 14.03
C THR A 126 3.33 3.28 14.90
N ALA A 127 4.04 4.19 15.57
CA ALA A 127 3.40 5.17 16.43
C ALA A 127 2.58 6.17 15.61
N ILE A 128 3.12 6.57 14.46
CA ILE A 128 2.45 7.53 13.59
C ILE A 128 1.14 6.94 13.07
N PHE A 129 1.25 5.76 12.45
CA PHE A 129 0.08 5.07 11.90
C PHE A 129 -0.96 4.82 13.00
N ARG A 130 -0.46 4.48 14.19
CA ARG A 130 -1.35 4.19 15.32
C ARG A 130 -2.05 5.47 15.79
N LYS A 131 -1.27 6.53 15.98
CA LYS A 131 -1.83 7.81 16.43
C LYS A 131 -2.99 8.24 15.54
N LEU A 132 -2.78 8.17 14.22
CA LEU A 132 -3.82 8.53 13.27
C LEU A 132 -5.00 7.57 13.40
N ALA A 133 -4.67 6.28 13.45
CA ALA A 133 -5.69 5.25 13.60
C ALA A 133 -6.56 5.52 14.82
N GLY A 134 -5.96 6.05 15.89
CA GLY A 134 -6.70 6.34 17.09
C GLY A 134 -7.68 7.48 16.88
N GLU A 135 -7.32 8.41 16.00
CA GLU A 135 -8.18 9.54 15.69
C GLU A 135 -9.45 9.06 15.01
N ARG A 136 -9.36 7.91 14.35
CA ARG A 136 -10.50 7.32 13.67
C ARG A 136 -11.13 6.21 14.51
N ASN A 137 -10.81 6.20 15.82
CA ASN A 137 -11.35 5.19 16.74
C ASN A 137 -11.08 3.79 16.21
N TYR A 138 -9.86 3.59 15.70
CA TYR A 138 -9.52 2.30 15.11
C TYR A 138 -9.50 1.19 16.17
N THR A 139 -9.67 -0.03 15.69
CA THR A 139 -9.66 -1.18 16.58
C THR A 139 -8.39 -1.97 16.32
N ASP A 140 -7.85 -2.60 17.36
CA ASP A 140 -6.58 -3.33 17.20
C ASP A 140 -6.62 -4.32 16.04
N GLU A 141 -7.58 -5.24 16.09
CA GLU A 141 -7.77 -6.23 15.02
C GLU A 141 -8.03 -5.58 13.65
N MET A 142 -8.35 -4.29 13.63
CA MET A 142 -8.63 -3.59 12.38
C MET A 142 -7.32 -3.21 11.66
N VAL A 143 -6.23 -3.17 12.42
CA VAL A 143 -4.92 -2.86 11.90
C VAL A 143 -4.04 -4.11 11.82
N ALA A 144 -3.11 -4.13 10.88
CA ALA A 144 -2.22 -5.28 10.71
C ALA A 144 -0.76 -4.84 10.55
N MET A 145 0.07 -5.33 11.44
CA MET A 145 1.52 -5.06 11.48
C MET A 145 2.38 -6.30 11.31
N LEU A 146 3.47 -6.21 10.58
CA LEU A 146 4.38 -7.33 10.42
C LEU A 146 5.81 -7.01 10.88
N PRO A 147 6.31 -7.64 11.94
CA PRO A 147 7.68 -7.41 12.42
C PRO A 147 8.71 -7.99 11.44
N ARG A 148 9.94 -8.21 11.92
CA ARG A 148 11.03 -8.78 11.10
C ARG A 148 10.71 -10.19 10.56
N GLN A 149 9.60 -10.31 9.87
CA GLN A 149 9.10 -11.55 9.30
C GLN A 149 9.22 -11.59 7.77
N GLU A 150 10.07 -10.74 7.22
CA GLU A 150 10.21 -10.64 5.77
C GLU A 150 11.01 -11.78 5.18
N GLU A 151 10.64 -12.16 3.96
CA GLU A 151 11.29 -13.27 3.26
C GLU A 151 11.09 -13.20 1.74
N CYS A 152 9.82 -13.13 1.34
CA CYS A 152 9.61 -13.16 -0.11
C CYS A 152 9.69 -11.70 -0.52
N THR A 153 10.54 -11.50 -1.54
CA THR A 153 10.88 -10.16 -2.01
C THR A 153 10.53 -10.00 -3.48
N VAL A 154 10.04 -8.81 -3.83
CA VAL A 154 9.67 -8.52 -5.21
C VAL A 154 10.84 -7.86 -5.93
N ASP A 155 11.08 -8.29 -7.16
CA ASP A 155 12.19 -7.76 -7.96
C ASP A 155 11.95 -6.30 -8.35
N GLU A 156 13.04 -5.59 -8.55
CA GLU A 156 13.00 -4.18 -8.92
C GLU A 156 13.44 -3.97 -10.36
N VAL A 157 14.56 -4.58 -10.73
CA VAL A 157 15.10 -4.45 -12.09
C VAL A 157 16.46 -5.14 -12.19
O6 EB4 B . -3.67 -3.96 -2.52
O4 EB4 B . -5.59 -3.21 -1.99
O5 EB4 B . -5.24 -3.40 -4.14
N1 EB4 B . -8.96 -6.71 -2.04
C5 EB4 B . -5.38 -3.95 -5.37
C4 EB4 B . -6.88 -3.12 -1.59
C1 EB4 B . -7.63 -4.25 -1.93
C2 EB4 B . -5.44 -5.35 -5.34
C6 EB4 B . -3.09 -4.59 -1.47
C8 EB4 B . -5.39 -3.28 -6.57
N2 EB4 B . -6.05 -8.02 -5.37
C9 EB4 B . -1.94 -4.19 -0.81
C10 EB4 B . -8.82 -2.16 -0.55
O3 EB4 B . -4.87 -6.01 -1.79
N3 EB4 B . -4.69 -8.36 -0.69
C16 EB4 B . -8.97 -4.34 -1.55
C7 EB4 B . -7.49 -2.07 -0.91
C3 EB4 B . -3.71 -5.78 -1.12
C11 EB4 B . -5.40 -3.99 -7.76
O1 EB4 B . -6.92 -5.18 -2.62
O2 EB4 B . -5.33 -5.88 -4.10
C12 EB4 B . -1.41 -4.98 0.21
C15 EB4 B . -2.03 -6.18 0.54
C14 EB4 B . -5.50 -5.37 -7.75
C13 EB4 B . -9.56 -3.30 -0.85
O7 EB4 B . -10.86 -5.74 -1.26
C19 EB4 B . -9.68 -5.65 -1.62
C22 EB4 B . -9.50 -8.08 -2.17
C25 EB4 B . -8.75 -9.05 -1.26
O10 EB4 B . -9.33 -10.01 -0.75
O15 EB4 B . -7.44 -8.78 -1.06
C30 EB4 B . -6.71 -9.68 -0.20
C24 EB4 B . -5.28 -9.74 -0.70
C21 EB4 B . -3.60 -8.01 0.01
C18 EB4 B . -3.17 -6.60 -0.13
O9 EB4 B . -3.09 -8.71 0.88
C27 EB4 B . -5.29 -10.39 -2.10
O12 EB4 B . -5.41 -11.60 -2.24
C28 EB4 B . -9.61 -8.53 -3.61
O13 EB4 B . -8.33 -8.49 -4.25
C26 EB4 B . -7.68 -9.66 -4.54
O11 EB4 B . -8.14 -10.77 -4.33
C23 EB4 B . -6.32 -9.46 -5.20
C29 EB4 B . -5.19 -10.14 -4.44
O14 EB4 B . -5.14 -9.52 -3.15
C20 EB4 B . -5.80 -7.43 -6.56
O8 EB4 B . -5.82 -8.03 -7.63
C17 EB4 B . -5.60 -6.04 -6.53
HN1 EB4 B . -8.01 -6.61 -2.35
H8 EB4 B . -5.37 -2.20 -6.60
HN2 EB4 B . -6.19 -7.43 -4.56
H9 EB4 B . -1.40 -3.30 -1.14
H10 EB4 B . -9.33 -1.30 -0.10
HN3 EB4 B . -5.23 -7.69 -1.20
H7 EB4 B . -6.92 -1.18 -0.68
H11 EB4 B . -5.39 -3.47 -8.72
H12 EB4 B . -0.49 -4.69 0.71
H15 EB4 B . -1.61 -6.80 1.33
H14 EB4 B . -5.55 -5.95 -8.68
H13 EB4 B . -10.53 -3.45 -0.38
H22 EB4 B . -9.11 -7.09 -2.07
H30 EB4 B . -7.16 -10.67 -0.29
H30A EB4 B . -6.71 -9.28 0.81
H24 EB4 B . -4.86 -8.73 -0.69
H28 EB4 B . -10.24 -7.87 -4.22
H28A EB4 B . -9.92 -9.58 -3.64
H23 EB4 B . -6.12 -8.41 -5.32
H29 EB4 B . -4.28 -9.86 -4.97
H29A EB4 B . -5.50 -11.17 -4.40
GA GA C . -5.07 -4.34 -2.80
N MET A 1 17.14 3.46 -23.20
CA MET A 1 16.30 2.45 -22.50
C MET A 1 16.72 2.34 -21.04
N THR A 2 15.75 2.40 -20.14
CA THR A 2 16.04 2.30 -18.71
C THR A 2 16.93 3.46 -18.25
N VAL A 3 16.72 4.64 -18.84
CA VAL A 3 17.50 5.81 -18.50
C VAL A 3 17.18 6.31 -17.09
N PRO A 4 18.21 6.56 -16.29
CA PRO A 4 18.06 7.03 -14.91
C PRO A 4 17.55 8.48 -14.85
N ASP A 5 16.35 8.68 -15.37
CA ASP A 5 15.73 10.01 -15.38
C ASP A 5 14.51 10.03 -14.48
N ARG A 6 13.36 9.62 -15.03
CA ARG A 6 12.11 9.57 -14.27
C ARG A 6 12.21 8.56 -13.12
N SER A 7 13.16 7.63 -13.22
CA SER A 7 13.36 6.60 -12.22
C SER A 7 13.41 7.20 -10.80
N GLU A 8 13.92 8.41 -10.69
CA GLU A 8 14.02 9.11 -9.42
C GLU A 8 12.64 9.34 -8.78
N ILE A 9 11.60 9.36 -9.63
CA ILE A 9 10.24 9.60 -9.16
C ILE A 9 9.51 8.31 -8.77
N ALA A 10 9.85 7.20 -9.42
CA ALA A 10 9.22 5.92 -9.14
C ALA A 10 10.15 4.99 -8.37
N GLY A 11 9.66 3.80 -8.06
CA GLY A 11 10.47 2.84 -7.32
C GLY A 11 9.64 1.76 -6.67
N LYS A 12 10.21 1.14 -5.64
CA LYS A 12 9.53 0.07 -4.91
C LYS A 12 9.24 0.50 -3.47
N TRP A 13 8.12 0.05 -2.93
CA TRP A 13 7.73 0.39 -1.57
C TRP A 13 7.32 -0.87 -0.83
N TYR A 14 7.73 -0.98 0.44
CA TYR A 14 7.39 -2.14 1.24
C TYR A 14 6.24 -1.85 2.18
N VAL A 15 5.13 -2.60 2.07
CA VAL A 15 4.04 -2.32 2.97
C VAL A 15 4.26 -3.19 4.22
N VAL A 16 4.50 -2.48 5.30
CA VAL A 16 4.74 -3.08 6.60
C VAL A 16 3.58 -2.84 7.54
N ALA A 17 2.52 -2.26 7.00
CA ALA A 17 1.33 -1.96 7.79
C ALA A 17 0.08 -2.09 6.92
N LEU A 18 -1.05 -2.37 7.57
CA LEU A 18 -2.30 -2.55 6.87
C LEU A 18 -3.50 -2.24 7.76
N ALA A 19 -4.62 -1.86 7.15
CA ALA A 19 -5.85 -1.64 7.89
C ALA A 19 -7.01 -2.14 7.02
N SER A 20 -7.90 -2.91 7.61
CA SER A 20 -9.03 -3.42 6.87
C SER A 20 -10.35 -3.10 7.57
N ASN A 21 -11.36 -2.80 6.78
CA ASN A 21 -12.67 -2.47 7.32
C ASN A 21 -13.54 -3.71 7.40
N THR A 22 -13.25 -4.70 6.54
CA THR A 22 -14.02 -5.93 6.55
C THR A 22 -13.41 -7.00 7.47
N GLU A 23 -14.26 -7.61 8.28
CA GLU A 23 -13.85 -8.67 9.22
C GLU A 23 -12.92 -9.67 8.55
N PHE A 24 -13.38 -10.20 7.41
CA PHE A 24 -12.61 -11.20 6.67
C PHE A 24 -11.18 -10.73 6.42
N PHE A 25 -11.02 -9.53 5.87
CA PHE A 25 -9.70 -8.98 5.58
C PHE A 25 -8.83 -8.98 6.83
N LEU A 26 -9.37 -8.48 7.94
CA LEU A 26 -8.64 -8.42 9.20
C LEU A 26 -8.24 -9.83 9.62
N ARG A 27 -9.20 -10.75 9.54
CA ARG A 27 -8.97 -12.13 9.92
C ARG A 27 -7.85 -12.73 9.06
N GLU A 28 -7.96 -12.53 7.76
CA GLU A 28 -6.97 -13.04 6.83
C GLU A 28 -5.64 -12.30 6.95
N LYS A 29 -5.66 -10.98 6.77
CA LYS A 29 -4.45 -10.17 6.86
C LYS A 29 -3.70 -10.40 8.18
N ASP A 30 -4.40 -10.30 9.31
CA ASP A 30 -3.76 -10.50 10.61
C ASP A 30 -3.06 -11.86 10.66
N LYS A 31 -3.60 -12.83 9.92
CA LYS A 31 -3.02 -14.15 9.87
C LYS A 31 -1.96 -14.25 8.80
N MET A 32 -1.93 -13.34 7.79
CA MET A 32 -0.89 -13.69 6.83
C MET A 32 0.54 -13.04 7.08
N LYS A 33 1.05 -12.25 6.12
CA LYS A 33 2.39 -11.64 6.38
C LYS A 33 2.51 -10.35 5.63
N MET A 34 3.66 -9.68 5.70
CA MET A 34 3.81 -8.37 5.08
C MET A 34 3.78 -8.50 3.56
N ALA A 35 3.33 -7.43 2.91
CA ALA A 35 3.16 -7.34 1.47
C ALA A 35 4.16 -6.39 0.82
N MET A 36 4.13 -6.33 -0.50
CA MET A 36 5.06 -5.52 -1.27
C MET A 36 4.29 -4.60 -2.24
N ALA A 37 5.01 -3.63 -2.80
CA ALA A 37 4.39 -2.72 -3.73
C ALA A 37 5.46 -2.01 -4.60
N ARG A 38 5.29 -2.12 -5.90
CA ARG A 38 6.18 -1.46 -6.87
C ARG A 38 5.30 -0.72 -7.86
N ILE A 39 5.59 0.56 -8.06
CA ILE A 39 4.79 1.41 -8.95
C ILE A 39 5.59 1.86 -10.16
N SER A 40 4.91 2.03 -11.29
CA SER A 40 5.58 2.49 -12.50
C SER A 40 4.69 3.46 -13.29
N PHE A 41 5.28 4.55 -13.77
CA PHE A 41 4.52 5.53 -14.54
C PHE A 41 4.22 5.01 -15.94
N LEU A 42 2.96 4.67 -16.16
CA LEU A 42 2.52 4.17 -17.46
C LEU A 42 2.49 5.30 -18.47
N GLY A 43 1.92 6.42 -18.04
CA GLY A 43 1.79 7.57 -18.90
C GLY A 43 1.47 8.81 -18.08
N GLU A 44 1.42 9.97 -18.72
CA GLU A 44 1.12 11.21 -18.02
C GLU A 44 -0.18 11.08 -17.21
N ASP A 45 -1.15 10.35 -17.77
CA ASP A 45 -2.45 10.16 -17.12
C ASP A 45 -2.66 8.71 -16.64
N GLU A 46 -1.73 7.81 -16.94
CA GLU A 46 -1.87 6.42 -16.55
C GLU A 46 -0.66 5.92 -15.74
N LEU A 47 -0.91 4.96 -14.86
CA LEU A 47 0.12 4.44 -13.97
C LEU A 47 -0.03 2.94 -13.76
N LYS A 48 1.08 2.26 -13.59
CA LYS A 48 1.11 0.81 -13.38
C LYS A 48 1.67 0.49 -12.01
N VAL A 49 1.08 -0.48 -11.34
CA VAL A 49 1.54 -0.87 -10.02
C VAL A 49 1.61 -2.40 -9.89
N SER A 50 2.69 -2.90 -9.31
CA SER A 50 2.82 -4.32 -9.11
C SER A 50 2.81 -4.61 -7.62
N TYR A 51 1.85 -5.43 -7.20
CA TYR A 51 1.71 -5.81 -5.82
C TYR A 51 2.31 -7.18 -5.61
N ALA A 52 2.92 -7.39 -4.46
CA ALA A 52 3.52 -8.68 -4.13
C ALA A 52 3.14 -9.08 -2.72
N VAL A 53 2.63 -10.29 -2.55
CA VAL A 53 2.20 -10.78 -1.25
C VAL A 53 2.54 -12.26 -1.06
N PRO A 54 2.86 -12.66 0.19
CA PRO A 54 3.15 -14.06 0.50
C PRO A 54 1.87 -14.88 0.69
N LYS A 55 1.52 -15.65 -0.32
CA LYS A 55 0.34 -16.49 -0.35
C LYS A 55 0.68 -17.94 -0.03
N PRO A 56 -0.15 -18.62 0.78
CA PRO A 56 0.10 -20.04 1.15
C PRO A 56 0.57 -20.89 -0.05
N ASN A 57 0.21 -20.49 -1.26
CA ASN A 57 0.60 -21.21 -2.47
C ASN A 57 1.95 -20.70 -3.01
N GLY A 58 2.56 -19.75 -2.31
CA GLY A 58 3.82 -19.20 -2.75
C GLY A 58 3.76 -17.70 -2.98
N CYS A 59 4.87 -17.10 -3.37
CA CYS A 59 4.92 -15.66 -3.62
C CYS A 59 3.91 -15.26 -4.69
N ARG A 60 2.94 -14.44 -4.30
CA ARG A 60 1.90 -13.97 -5.20
C ARG A 60 2.07 -12.49 -5.53
N LYS A 61 1.95 -12.14 -6.80
CA LYS A 61 2.06 -10.76 -7.22
C LYS A 61 1.02 -10.42 -8.30
N TRP A 62 0.79 -9.14 -8.52
CA TRP A 62 -0.15 -8.70 -9.53
C TRP A 62 0.18 -7.26 -9.95
N GLU A 63 -0.10 -6.92 -11.19
CA GLU A 63 0.17 -5.56 -11.66
C GLU A 63 -1.06 -4.98 -12.33
N THR A 64 -1.43 -3.81 -11.86
CA THR A 64 -2.61 -3.11 -12.37
C THR A 64 -2.27 -1.71 -12.83
N THR A 65 -2.94 -1.24 -13.88
CA THR A 65 -2.70 0.09 -14.39
C THR A 65 -3.86 1.02 -13.98
N PHE A 66 -3.53 2.06 -13.25
CA PHE A 66 -4.52 3.03 -12.76
C PHE A 66 -4.38 4.34 -13.49
N LYS A 67 -5.26 5.28 -13.20
CA LYS A 67 -5.25 6.58 -13.87
C LYS A 67 -4.84 7.69 -12.90
N LYS A 68 -4.18 8.71 -13.44
CA LYS A 68 -3.74 9.84 -12.65
C LYS A 68 -4.92 10.56 -12.03
N THR A 69 -4.98 10.62 -10.71
CA THR A 69 -6.06 11.35 -10.05
C THR A 69 -5.46 12.06 -8.83
N SER A 70 -5.00 13.27 -9.08
CA SER A 70 -4.42 14.12 -8.05
C SER A 70 -5.50 14.67 -7.14
N ASP A 71 -6.23 13.76 -6.49
CA ASP A 71 -7.32 14.14 -5.59
C ASP A 71 -6.79 15.07 -4.50
N ASP A 72 -5.89 14.54 -3.68
CA ASP A 72 -5.26 15.30 -2.58
C ASP A 72 -3.71 15.09 -2.62
N GLY A 73 -3.16 15.71 -3.65
CA GLY A 73 -1.85 15.87 -4.20
C GLY A 73 -1.18 14.72 -4.96
N GLU A 74 -0.82 13.53 -4.47
CA GLU A 74 -0.35 12.49 -5.44
C GLU A 74 -1.22 11.29 -5.27
N VAL A 75 -2.50 11.50 -5.54
CA VAL A 75 -3.49 10.44 -5.38
C VAL A 75 -3.75 9.75 -6.72
N TYR A 76 -4.26 8.52 -6.66
CA TYR A 76 -4.52 7.73 -7.86
C TYR A 76 -5.86 7.00 -7.75
N TYR A 77 -6.50 6.81 -8.90
CA TYR A 77 -7.80 6.15 -8.95
C TYR A 77 -7.84 5.05 -10.00
N SER A 78 -8.31 3.87 -9.62
CA SER A 78 -8.42 2.79 -10.58
C SER A 78 -9.91 2.51 -10.82
N GLU A 79 -10.49 3.24 -11.78
CA GLU A 79 -11.90 3.07 -12.11
C GLU A 79 -12.18 1.66 -12.58
N GLU A 80 -11.30 1.15 -13.44
CA GLU A 80 -11.43 -0.21 -13.99
C GLU A 80 -11.37 -1.27 -12.87
N ALA A 81 -10.77 -0.90 -11.74
CA ALA A 81 -10.64 -1.81 -10.61
C ALA A 81 -11.61 -1.49 -9.45
N LYS A 82 -12.18 -0.28 -9.47
CA LYS A 82 -13.12 0.16 -8.43
C LYS A 82 -12.37 0.37 -7.11
N LYS A 83 -11.22 1.04 -7.20
CA LYS A 83 -10.37 1.29 -6.05
C LYS A 83 -9.66 2.62 -6.16
N LYS A 84 -9.63 3.38 -5.08
CA LYS A 84 -8.96 4.67 -5.04
C LYS A 84 -7.91 4.68 -3.94
N VAL A 85 -6.79 5.36 -4.19
CA VAL A 85 -5.73 5.44 -3.19
C VAL A 85 -5.29 6.89 -3.06
N GLU A 86 -5.18 7.34 -1.82
CA GLU A 86 -4.79 8.71 -1.52
C GLU A 86 -3.67 8.74 -0.49
N VAL A 87 -2.55 9.28 -0.90
CA VAL A 87 -1.40 9.41 -0.03
C VAL A 87 -1.69 10.44 1.05
N LEU A 88 -1.86 9.97 2.28
CA LEU A 88 -2.18 10.86 3.40
C LEU A 88 -0.94 11.64 3.80
N ASP A 89 0.17 10.94 3.97
CA ASP A 89 1.44 11.59 4.31
C ASP A 89 2.60 10.68 3.94
N THR A 90 3.71 11.29 3.52
CA THR A 90 4.88 10.53 3.12
C THR A 90 6.16 11.33 3.37
N ASP A 91 7.21 10.64 3.81
CA ASP A 91 8.48 11.29 4.05
C ASP A 91 9.45 10.95 2.93
N TYR A 92 10.18 11.94 2.45
CA TYR A 92 11.12 11.75 1.37
C TYR A 92 12.22 10.74 1.74
N LYS A 93 12.60 10.72 3.02
CA LYS A 93 13.62 9.82 3.51
C LYS A 93 13.17 8.97 4.70
N SER A 94 11.85 8.83 4.87
CA SER A 94 11.36 8.05 6.01
C SER A 94 10.16 7.16 5.62
N TYR A 95 9.22 6.98 6.55
CA TYR A 95 8.03 6.16 6.33
C TYR A 95 6.96 6.95 5.63
N ALA A 96 5.92 6.26 5.17
CA ALA A 96 4.80 6.91 4.50
C ALA A 96 3.48 6.19 4.78
N VAL A 97 2.38 6.92 4.79
CA VAL A 97 1.07 6.34 5.02
C VAL A 97 0.10 6.72 3.89
N ILE A 98 -0.46 5.72 3.22
CA ILE A 98 -1.38 5.96 2.14
C ILE A 98 -2.76 5.41 2.46
N TYR A 99 -3.79 6.14 2.09
CA TYR A 99 -5.16 5.72 2.35
C TYR A 99 -5.72 5.08 1.09
N ALA A 100 -6.44 3.99 1.26
CA ALA A 100 -7.01 3.27 0.12
C ALA A 100 -8.48 2.95 0.36
N THR A 101 -9.27 3.08 -0.70
CA THR A 101 -10.70 2.82 -0.62
C THR A 101 -11.20 2.18 -1.92
N ARG A 102 -12.15 1.27 -1.79
CA ARG A 102 -12.74 0.59 -2.95
C ARG A 102 -14.24 0.53 -2.75
N VAL A 103 -15.00 0.88 -3.78
CA VAL A 103 -16.45 0.85 -3.66
C VAL A 103 -17.07 -0.13 -4.67
N LYS A 104 -17.97 -0.95 -4.17
CA LYS A 104 -18.70 -1.94 -4.95
C LYS A 104 -20.18 -1.61 -4.94
N ASP A 105 -20.91 -2.12 -5.92
CA ASP A 105 -22.35 -1.90 -6.02
C ASP A 105 -23.04 -1.86 -4.66
N GLY A 106 -23.24 -0.65 -4.13
CA GLY A 106 -23.93 -0.54 -2.85
C GLY A 106 -23.06 -0.72 -1.62
N ARG A 107 -21.76 -0.98 -1.82
CA ARG A 107 -20.86 -1.21 -0.68
C ARG A 107 -19.50 -0.54 -0.86
N THR A 108 -19.07 0.17 0.19
CA THR A 108 -17.80 0.87 0.19
C THR A 108 -16.80 0.22 1.16
N LEU A 109 -15.58 -0.06 0.72
CA LEU A 109 -14.60 -0.63 1.60
C LEU A 109 -13.38 0.28 1.69
N HIS A 110 -12.85 0.44 2.89
CA HIS A 110 -11.68 1.29 3.10
C HIS A 110 -10.55 0.41 3.62
N MET A 111 -9.32 0.74 3.26
CA MET A 111 -8.19 -0.02 3.67
C MET A 111 -6.96 0.91 3.73
N MET A 112 -6.41 1.06 4.90
CA MET A 112 -5.26 1.96 5.03
C MET A 112 -4.00 1.15 4.86
N ARG A 113 -3.02 1.75 4.21
CA ARG A 113 -1.77 1.06 3.93
C ARG A 113 -0.58 1.92 4.33
N LEU A 114 0.41 1.28 4.94
CA LEU A 114 1.60 1.97 5.39
C LEU A 114 2.83 1.31 4.79
N TYR A 115 3.67 2.11 4.13
CA TYR A 115 4.87 1.59 3.52
C TYR A 115 6.13 2.24 4.09
N SER A 116 7.22 1.52 4.04
CA SER A 116 8.49 2.00 4.56
C SER A 116 9.53 1.97 3.46
N ARG A 117 10.55 2.83 3.59
CA ARG A 117 11.58 2.95 2.55
C ARG A 117 12.27 1.61 2.30
N SER A 118 12.27 0.71 3.28
CA SER A 118 12.87 -0.61 3.11
C SER A 118 11.97 -1.64 3.81
N PRO A 119 12.19 -2.94 3.59
CA PRO A 119 11.39 -3.99 4.21
C PRO A 119 11.69 -4.11 5.71
N GLU A 120 11.21 -3.14 6.48
CA GLU A 120 11.40 -3.14 7.92
C GLU A 120 10.51 -2.08 8.57
N VAL A 121 9.63 -2.53 9.45
CA VAL A 121 8.71 -1.60 10.10
C VAL A 121 9.44 -0.80 11.17
N SER A 122 9.19 0.50 11.13
CA SER A 122 9.82 1.46 12.02
C SER A 122 8.87 1.89 13.14
N PRO A 123 9.39 2.04 14.37
CA PRO A 123 8.58 2.48 15.51
C PRO A 123 7.88 3.81 15.22
N ALA A 124 8.61 4.71 14.56
CA ALA A 124 8.08 6.03 14.22
C ALA A 124 6.82 5.90 13.35
N ALA A 125 6.90 5.07 12.31
CA ALA A 125 5.77 4.86 11.41
C ALA A 125 4.64 4.18 12.16
N THR A 126 5.02 3.25 13.03
CA THR A 126 4.05 2.50 13.83
C THR A 126 3.26 3.45 14.74
N ALA A 127 3.98 4.23 15.53
CA ALA A 127 3.35 5.18 16.45
C ALA A 127 2.52 6.22 15.69
N ILE A 128 3.03 6.64 14.54
CA ILE A 128 2.35 7.64 13.73
C ILE A 128 1.07 7.07 13.14
N PHE A 129 1.18 5.90 12.52
CA PHE A 129 0.03 5.23 11.92
C PHE A 129 -1.07 5.01 12.96
N ARG A 130 -0.66 4.67 14.18
CA ARG A 130 -1.61 4.43 15.26
C ARG A 130 -2.29 5.72 15.67
N LYS A 131 -1.52 6.81 15.76
CA LYS A 131 -2.07 8.11 16.15
C LYS A 131 -3.29 8.44 15.29
N LEU A 132 -3.17 8.23 13.98
CA LEU A 132 -4.28 8.49 13.06
C LEU A 132 -5.35 7.42 13.25
N ALA A 133 -4.91 6.17 13.34
CA ALA A 133 -5.82 5.05 13.53
C ALA A 133 -6.71 5.28 14.75
N GLY A 134 -6.12 5.79 15.83
CA GLY A 134 -6.88 6.06 17.04
C GLY A 134 -7.85 7.20 16.82
N GLU A 135 -7.50 8.13 15.94
CA GLU A 135 -8.34 9.27 15.64
C GLU A 135 -9.65 8.81 15.01
N ARG A 136 -9.63 7.63 14.38
CA ARG A 136 -10.82 7.07 13.74
C ARG A 136 -11.47 5.99 14.62
N ASN A 137 -11.08 5.92 15.89
CA ASN A 137 -11.62 4.93 16.82
C ASN A 137 -11.33 3.51 16.32
N TYR A 138 -10.13 3.31 15.79
CA TYR A 138 -9.74 2.01 15.25
C TYR A 138 -9.59 0.97 16.37
N THR A 139 -9.50 -0.29 15.96
CA THR A 139 -9.37 -1.40 16.90
C THR A 139 -8.14 -2.24 16.52
N ASP A 140 -7.53 -2.90 17.50
CA ASP A 140 -6.31 -3.71 17.23
C ASP A 140 -6.42 -4.62 16.00
N GLU A 141 -7.44 -5.51 16.02
CA GLU A 141 -7.69 -6.42 14.91
C GLU A 141 -8.02 -5.72 13.59
N MET A 142 -8.28 -4.41 13.66
CA MET A 142 -8.65 -3.66 12.45
C MET A 142 -7.39 -3.28 11.66
N VAL A 143 -6.27 -3.19 12.37
CA VAL A 143 -4.97 -2.85 11.80
C VAL A 143 -4.07 -4.09 11.75
N ALA A 144 -3.14 -4.09 10.79
CA ALA A 144 -2.22 -5.23 10.62
C ALA A 144 -0.77 -4.76 10.43
N MET A 145 0.11 -5.28 11.29
CA MET A 145 1.54 -4.99 11.32
C MET A 145 2.42 -6.21 11.10
N LEU A 146 3.53 -6.08 10.37
CA LEU A 146 4.43 -7.21 10.21
C LEU A 146 5.84 -6.92 10.76
N PRO A 147 6.29 -7.63 11.81
CA PRO A 147 7.63 -7.43 12.37
C PRO A 147 8.72 -7.98 11.42
N ARG A 148 9.94 -8.12 11.94
CA ARG A 148 11.08 -8.65 11.18
C ARG A 148 10.90 -10.09 10.64
N GLN A 149 9.82 -10.27 9.87
CA GLN A 149 9.42 -11.51 9.28
C GLN A 149 9.61 -11.62 7.76
N GLU A 150 10.59 -10.84 7.26
CA GLU A 150 10.79 -10.75 5.82
C GLU A 150 11.45 -11.99 5.22
N GLU A 151 11.12 -12.26 3.96
CA GLU A 151 11.68 -13.42 3.24
C GLU A 151 11.48 -13.30 1.73
N CYS A 152 10.23 -13.16 1.33
CA CYS A 152 9.97 -13.09 -0.11
C CYS A 152 9.81 -11.64 -0.46
N THR A 153 10.50 -11.26 -1.53
CA THR A 153 10.57 -9.88 -1.98
C THR A 153 10.29 -9.76 -3.47
N VAL A 154 9.92 -8.57 -3.91
CA VAL A 154 9.63 -8.33 -5.32
C VAL A 154 10.85 -7.71 -6.02
N ASP A 155 11.14 -8.21 -7.22
CA ASP A 155 12.28 -7.72 -8.00
C ASP A 155 12.07 -6.30 -8.50
N GLU A 156 13.17 -5.60 -8.74
CA GLU A 156 13.13 -4.24 -9.23
C GLU A 156 13.79 -4.12 -10.60
N VAL A 157 15.02 -4.64 -10.71
CA VAL A 157 15.77 -4.58 -11.96
C VAL A 157 17.00 -5.48 -11.89
O6 EB4 B . -3.96 -4.25 -2.89
O4 EB4 B . -5.84 -3.35 -2.41
O5 EB4 B . -5.28 -3.72 -4.55
N1 EB4 B . -9.35 -6.72 -2.23
C5 EB4 B . -5.45 -4.29 -5.77
C4 EB4 B . -7.11 -3.22 -1.94
C1 EB4 B . -7.91 -4.33 -2.19
C2 EB4 B . -5.82 -5.62 -5.73
C6 EB4 B . -3.39 -4.90 -1.84
C8 EB4 B . -5.29 -3.65 -7.00
N2 EB4 B . -6.63 -8.22 -5.68
C9 EB4 B . -2.25 -4.50 -1.15
C10 EB4 B . -8.97 -2.15 -0.84
O3 EB4 B . -5.17 -6.33 -2.21
N3 EB4 B . -5.09 -8.62 -1.06
C16 EB4 B . -9.23 -4.36 -1.77
C7 EB4 B . -7.65 -2.12 -1.27
C3 EB4 B . -4.03 -6.09 -1.50
C11 EB4 B . -5.48 -4.36 -8.18
O1 EB4 B . -7.25 -5.30 -2.89
O2 EB4 B . -5.83 -6.15 -4.47
C12 EB4 B . -1.72 -5.32 -0.17
C15 EB4 B . -2.31 -6.53 0.13
C14 EB4 B . -5.91 -5.68 -8.13
C13 EB4 B . -9.76 -3.27 -1.07
O7 EB4 B . -11.21 -5.63 -1.49
C19 EB4 B . -10.01 -5.63 -1.77
C22 EB4 B . -9.97 -8.06 -2.33
C25 EB4 B . -9.23 -9.07 -1.44
O10 EB4 B . -9.86 -9.93 -0.81
O15 EB4 B . -7.90 -8.86 -1.31
C30 EB4 B . -7.19 -9.79 -0.48
C24 EB4 B . -5.77 -9.94 -1.02
C21 EB4 B . -3.98 -8.32 -0.37
C18 EB4 B . -3.46 -6.93 -0.55
O9 EB4 B . -3.45 -9.09 0.44
C27 EB4 B . -5.90 -10.60 -2.43
O12 EB4 B . -6.06 -11.81 -2.54
C28 EB4 B . -10.14 -8.50 -3.77
O13 EB4 B . -8.88 -8.51 -4.43
C26 EB4 B . -8.32 -9.72 -4.73
O11 EB4 B . -8.83 -10.81 -4.46
C23 EB4 B . -6.99 -9.64 -5.48
C29 EB4 B . -5.88 -10.39 -4.76
O14 EB4 B . -5.73 -9.76 -3.49
C20 EB4 B . -6.41 -7.66 -6.90
O8 EB4 B . -6.62 -8.26 -7.95
C17 EB4 B . -6.12 -6.30 -6.91
HN1 EB4 B . -8.38 -6.68 -2.49
H8 EB4 B . -5.01 -2.59 -7.03
HN2 EB4 B . -6.91 -7.60 -4.93
H9 EB4 B . -1.69 -3.62 -1.48
H10 EB4 B . -9.41 -1.27 -0.39
HN3 EB4 B . -5.48 -7.98 -1.73
H7 EB4 B . -7.03 -1.23 -1.09
H11 EB4 B . -5.37 -3.86 -9.14
H12 EB4 B . -0.84 -5.00 0.38
H15 EB4 B . -1.89 -7.19 0.89
H14 EB4 B . -6.04 -6.24 -9.06
H13 EB4 B . -10.69 -3.39 -0.52
H22 EB4 B . -9.52 -7.09 -2.25
H30 EB4 B . -7.69 -10.75 -0.55
H30A EB4 B . -7.15 -9.36 0.51
H24 EB4 B . -5.29 -8.98 -1.06
H28 EB4 B . -10.77 -7.86 -4.36
H28A EB4 B . -10.43 -9.55 -3.76
H23 EB4 B . -6.73 -8.60 -5.63
H29 EB4 B . -5.01 -10.21 -5.37
H29A EB4 B . -6.28 -11.40 -4.68
GA GA C . -5.34 -4.66 -3.21
N MET A 1 18.33 3.02 -23.07
CA MET A 1 17.11 2.55 -22.37
C MET A 1 17.38 2.44 -20.87
N THR A 2 16.32 2.41 -20.07
CA THR A 2 16.46 2.31 -18.62
C THR A 2 17.39 3.41 -18.08
N VAL A 3 17.19 4.63 -18.57
CA VAL A 3 18.00 5.77 -18.15
C VAL A 3 17.68 6.19 -16.72
N PRO A 4 18.72 6.49 -15.92
CA PRO A 4 18.55 6.91 -14.53
C PRO A 4 18.00 8.34 -14.43
N ASP A 5 16.85 8.57 -15.03
CA ASP A 5 16.22 9.89 -15.01
C ASP A 5 14.94 9.86 -14.19
N ARG A 6 13.79 9.78 -14.87
CA ARG A 6 12.50 9.75 -14.17
C ARG A 6 12.45 8.63 -13.13
N SER A 7 13.24 7.58 -13.37
CA SER A 7 13.30 6.44 -12.46
C SER A 7 13.50 6.87 -11.00
N GLU A 8 14.21 7.98 -10.79
CA GLU A 8 14.45 8.50 -9.44
C GLU A 8 13.14 8.79 -8.71
N ILE A 9 12.09 9.06 -9.46
CA ILE A 9 10.76 9.36 -8.94
C ILE A 9 9.95 8.09 -8.63
N ALA A 10 10.54 6.93 -8.92
CA ALA A 10 9.84 5.66 -8.73
C ALA A 10 10.75 4.63 -8.07
N GLY A 11 10.21 3.43 -7.84
CA GLY A 11 10.99 2.38 -7.22
C GLY A 11 10.12 1.34 -6.54
N LYS A 12 10.67 0.69 -5.53
CA LYS A 12 9.95 -0.33 -4.79
C LYS A 12 9.64 0.14 -3.37
N TRP A 13 8.47 -0.24 -2.86
CA TRP A 13 8.04 0.14 -1.53
C TRP A 13 7.60 -1.11 -0.77
N TYR A 14 7.93 -1.17 0.51
CA TYR A 14 7.57 -2.32 1.32
C TYR A 14 6.45 -1.98 2.29
N VAL A 15 5.28 -2.67 2.12
CA VAL A 15 4.17 -2.33 3.03
C VAL A 15 4.33 -3.21 4.28
N VAL A 16 4.64 -2.49 5.36
CA VAL A 16 4.86 -3.09 6.67
C VAL A 16 3.69 -2.78 7.59
N ALA A 17 2.67 -2.11 7.05
CA ALA A 17 1.48 -1.76 7.82
C ALA A 17 0.23 -2.02 7.02
N LEU A 18 -0.86 -2.36 7.70
CA LEU A 18 -2.11 -2.67 7.04
C LEU A 18 -3.31 -2.27 7.90
N ALA A 19 -4.35 -1.78 7.25
CA ALA A 19 -5.59 -1.43 7.94
C ALA A 19 -6.74 -1.82 7.04
N SER A 20 -7.70 -2.57 7.59
CA SER A 20 -8.83 -3.01 6.79
C SER A 20 -10.15 -2.66 7.48
N ASN A 21 -11.12 -2.26 6.67
CA ASN A 21 -12.44 -1.89 7.18
C ASN A 21 -13.35 -3.12 7.19
N THR A 22 -12.96 -4.16 6.41
CA THR A 22 -13.77 -5.38 6.38
C THR A 22 -13.23 -6.38 7.41
N GLU A 23 -14.13 -6.90 8.23
CA GLU A 23 -13.78 -7.86 9.28
C GLU A 23 -12.95 -9.01 8.70
N PHE A 24 -13.46 -9.63 7.64
CA PHE A 24 -12.76 -10.74 6.99
C PHE A 24 -11.31 -10.38 6.66
N PHE A 25 -11.13 -9.21 6.05
CA PHE A 25 -9.79 -8.73 5.67
C PHE A 25 -8.86 -8.73 6.88
N LEU A 26 -9.35 -8.22 8.00
CA LEU A 26 -8.56 -8.15 9.23
C LEU A 26 -8.16 -9.56 9.65
N ARG A 27 -9.11 -10.48 9.54
CA ARG A 27 -8.89 -11.87 9.90
C ARG A 27 -7.81 -12.48 9.01
N GLU A 28 -7.95 -12.28 7.71
CA GLU A 28 -6.99 -12.81 6.74
C GLU A 28 -5.65 -12.10 6.86
N LYS A 29 -5.65 -10.77 6.72
CA LYS A 29 -4.41 -10.00 6.81
C LYS A 29 -3.66 -10.26 8.11
N ASP A 30 -4.36 -10.21 9.24
CA ASP A 30 -3.72 -10.45 10.54
C ASP A 30 -3.02 -11.80 10.57
N LYS A 31 -3.56 -12.77 9.85
CA LYS A 31 -2.96 -14.10 9.79
C LYS A 31 -1.88 -14.21 8.73
N MET A 32 -1.92 -13.26 7.69
CA MET A 32 -0.87 -13.55 6.74
C MET A 32 0.52 -12.91 7.07
N LYS A 33 1.14 -12.20 6.10
CA LYS A 33 2.49 -11.65 6.37
C LYS A 33 2.58 -10.32 5.68
N MET A 34 3.74 -9.67 5.76
CA MET A 34 3.89 -8.33 5.17
C MET A 34 3.87 -8.45 3.64
N ALA A 35 3.39 -7.41 2.99
CA ALA A 35 3.22 -7.35 1.54
C ALA A 35 4.22 -6.38 0.92
N MET A 36 4.20 -6.30 -0.40
CA MET A 36 5.11 -5.45 -1.15
C MET A 36 4.35 -4.56 -2.12
N ALA A 37 5.05 -3.53 -2.62
CA ALA A 37 4.44 -2.63 -3.60
C ALA A 37 5.53 -1.88 -4.36
N ARG A 38 5.46 -2.01 -5.68
CA ARG A 38 6.40 -1.34 -6.57
C ARG A 38 5.57 -0.65 -7.64
N ILE A 39 5.81 0.62 -7.88
CA ILE A 39 5.04 1.39 -8.85
C ILE A 39 5.89 1.88 -10.02
N SER A 40 5.29 1.90 -11.19
CA SER A 40 5.97 2.36 -12.40
C SER A 40 5.12 3.41 -13.13
N PHE A 41 5.74 4.52 -13.50
CA PHE A 41 5.03 5.59 -14.20
C PHE A 41 4.70 5.17 -15.63
N LEU A 42 3.42 4.89 -15.87
CA LEU A 42 2.96 4.48 -17.19
C LEU A 42 2.96 5.67 -18.13
N GLY A 43 2.44 6.78 -17.65
CA GLY A 43 2.35 7.98 -18.44
C GLY A 43 2.06 9.19 -17.57
N GLU A 44 2.06 10.37 -18.16
CA GLU A 44 1.79 11.59 -17.42
C GLU A 44 0.47 11.49 -16.63
N ASP A 45 -0.48 10.74 -17.18
CA ASP A 45 -1.78 10.56 -16.52
C ASP A 45 -2.08 9.10 -16.15
N GLU A 46 -1.17 8.17 -16.49
CA GLU A 46 -1.39 6.76 -16.18
C GLU A 46 -0.24 6.18 -15.37
N LEU A 47 -0.54 5.18 -14.57
CA LEU A 47 0.44 4.56 -13.69
C LEU A 47 0.27 3.04 -13.60
N LYS A 48 1.38 2.36 -13.41
CA LYS A 48 1.41 0.92 -13.29
C LYS A 48 1.91 0.53 -11.91
N VAL A 49 1.30 -0.48 -11.29
CA VAL A 49 1.71 -0.89 -9.95
C VAL A 49 1.87 -2.40 -9.87
N SER A 50 2.93 -2.84 -9.21
CA SER A 50 3.19 -4.26 -9.03
C SER A 50 2.95 -4.66 -7.58
N TYR A 51 2.10 -5.67 -7.40
CA TYR A 51 1.77 -6.14 -6.06
C TYR A 51 2.60 -7.38 -5.75
N ALA A 52 3.12 -7.43 -4.52
CA ALA A 52 3.88 -8.60 -4.10
C ALA A 52 3.41 -9.02 -2.73
N VAL A 53 2.76 -10.19 -2.65
CA VAL A 53 2.25 -10.68 -1.38
C VAL A 53 2.53 -12.17 -1.21
N PRO A 54 2.83 -12.59 0.02
CA PRO A 54 3.11 -14.00 0.33
C PRO A 54 1.80 -14.79 0.50
N LYS A 55 1.45 -15.54 -0.50
CA LYS A 55 0.24 -16.36 -0.52
C LYS A 55 0.57 -17.82 -0.20
N PRO A 56 -0.25 -18.51 0.61
CA PRO A 56 -0.03 -19.92 0.95
C PRO A 56 0.44 -20.76 -0.25
N ASN A 57 -0.09 -20.45 -1.43
CA ASN A 57 0.27 -21.17 -2.65
C ASN A 57 1.59 -20.66 -3.24
N GLY A 58 2.25 -19.73 -2.55
CA GLY A 58 3.50 -19.18 -3.03
C GLY A 58 3.40 -17.68 -3.22
N CYS A 59 4.54 -17.03 -3.43
CA CYS A 59 4.59 -15.59 -3.65
C CYS A 59 3.60 -15.16 -4.73
N ARG A 60 2.67 -14.28 -4.38
CA ARG A 60 1.68 -13.81 -5.33
C ARG A 60 1.95 -12.36 -5.76
N LYS A 61 2.01 -12.15 -7.05
CA LYS A 61 2.24 -10.82 -7.60
C LYS A 61 1.06 -10.41 -8.47
N TRP A 62 0.83 -9.10 -8.57
CA TRP A 62 -0.22 -8.60 -9.46
C TRP A 62 0.18 -7.20 -9.87
N GLU A 63 -0.07 -6.90 -11.16
CA GLU A 63 0.32 -5.56 -11.61
C GLU A 63 -0.95 -4.96 -12.20
N THR A 64 -1.26 -3.79 -11.64
CA THR A 64 -2.48 -3.06 -11.97
C THR A 64 -2.14 -1.70 -12.61
N THR A 65 -3.10 -1.16 -13.35
CA THR A 65 -2.97 0.14 -14.00
C THR A 65 -3.94 1.17 -13.43
N PHE A 66 -3.51 2.37 -13.17
CA PHE A 66 -4.42 3.40 -12.66
C PHE A 66 -4.29 4.70 -13.46
N LYS A 67 -5.25 5.59 -13.25
CA LYS A 67 -5.26 6.89 -13.93
C LYS A 67 -5.09 7.99 -12.89
N LYS A 68 -4.38 9.03 -13.25
CA LYS A 68 -4.15 10.15 -12.35
C LYS A 68 -5.43 10.92 -12.05
N THR A 69 -5.63 11.25 -10.77
CA THR A 69 -6.78 12.03 -10.37
C THR A 69 -6.40 12.90 -9.19
N SER A 70 -6.01 14.13 -9.48
CA SER A 70 -5.62 15.08 -8.43
C SER A 70 -6.82 15.47 -7.58
N ASP A 71 -7.44 14.48 -6.95
CA ASP A 71 -8.60 14.68 -6.10
C ASP A 71 -8.21 15.50 -4.88
N ASP A 72 -7.30 14.96 -4.08
CA ASP A 72 -6.81 15.65 -2.90
C ASP A 72 -5.28 15.81 -3.01
N GLY A 73 -4.87 16.51 -3.99
CA GLY A 73 -3.59 16.88 -4.47
C GLY A 73 -2.74 15.87 -5.25
N GLU A 74 -2.37 14.71 -4.73
CA GLU A 74 -1.66 13.73 -5.59
C GLU A 74 -2.35 12.40 -5.40
N VAL A 75 -3.65 12.40 -5.69
CA VAL A 75 -4.48 11.21 -5.55
C VAL A 75 -4.65 10.51 -6.92
N TYR A 76 -5.09 9.25 -6.88
CA TYR A 76 -5.29 8.47 -8.09
C TYR A 76 -6.60 7.68 -8.00
N TYR A 77 -7.19 7.36 -9.15
CA TYR A 77 -8.43 6.61 -9.19
C TYR A 77 -8.38 5.46 -10.19
N SER A 78 -8.67 4.25 -9.73
CA SER A 78 -8.66 3.10 -10.63
C SER A 78 -10.08 2.81 -11.08
N GLU A 79 -10.46 3.39 -12.22
CA GLU A 79 -11.81 3.19 -12.74
C GLU A 79 -12.01 1.75 -13.20
N GLU A 80 -11.05 1.22 -13.95
CA GLU A 80 -11.12 -0.16 -14.43
C GLU A 80 -11.20 -1.16 -13.28
N ALA A 81 -10.81 -0.74 -12.08
CA ALA A 81 -10.84 -1.58 -10.90
C ALA A 81 -11.93 -1.20 -9.89
N LYS A 82 -12.49 0.01 -10.03
CA LYS A 82 -13.52 0.50 -9.11
C LYS A 82 -12.89 0.69 -7.72
N LYS A 83 -11.75 1.37 -7.71
CA LYS A 83 -11.00 1.59 -6.49
C LYS A 83 -10.38 2.98 -6.43
N LYS A 84 -10.41 3.58 -5.25
CA LYS A 84 -9.84 4.91 -5.06
C LYS A 84 -8.59 4.81 -4.18
N VAL A 85 -7.59 5.65 -4.47
CA VAL A 85 -6.37 5.65 -3.64
C VAL A 85 -5.92 7.09 -3.43
N GLU A 86 -5.70 7.43 -2.16
CA GLU A 86 -5.25 8.78 -1.82
C GLU A 86 -4.12 8.69 -0.80
N VAL A 87 -2.96 9.19 -1.22
CA VAL A 87 -1.78 9.17 -0.36
C VAL A 87 -1.99 10.20 0.76
N LEU A 88 -2.01 9.70 2.00
CA LEU A 88 -2.23 10.56 3.15
C LEU A 88 -0.95 11.36 3.42
N ASP A 89 0.17 10.66 3.50
CA ASP A 89 1.47 11.30 3.71
C ASP A 89 2.59 10.33 3.36
N THR A 90 3.73 10.86 2.96
CA THR A 90 4.86 10.04 2.58
C THR A 90 6.17 10.79 2.84
N ASP A 91 7.17 10.09 3.36
CA ASP A 91 8.46 10.70 3.63
C ASP A 91 9.44 10.40 2.51
N TYR A 92 10.22 11.40 2.14
CA TYR A 92 11.21 11.24 1.08
C TYR A 92 12.34 10.31 1.51
N LYS A 93 12.61 10.26 2.81
CA LYS A 93 13.65 9.42 3.37
C LYS A 93 13.12 8.50 4.47
N SER A 94 11.80 8.27 4.47
CA SER A 94 11.23 7.39 5.48
C SER A 94 10.04 6.60 4.95
N TYR A 95 9.10 6.27 5.84
CA TYR A 95 7.92 5.48 5.50
C TYR A 95 6.82 6.40 4.97
N ALA A 96 5.70 5.80 4.59
CA ALA A 96 4.55 6.54 4.09
C ALA A 96 3.24 5.83 4.38
N VAL A 97 2.13 6.57 4.35
CA VAL A 97 0.81 5.99 4.57
C VAL A 97 -0.15 6.41 3.45
N ILE A 98 -0.73 5.41 2.78
CA ILE A 98 -1.66 5.67 1.69
C ILE A 98 -3.05 5.17 2.04
N TYR A 99 -4.07 5.96 1.69
CA TYR A 99 -5.44 5.57 1.98
C TYR A 99 -6.10 4.99 0.72
N ALA A 100 -6.84 3.90 0.92
CA ALA A 100 -7.50 3.22 -0.19
C ALA A 100 -8.90 2.71 0.18
N THR A 101 -9.76 2.62 -0.80
CA THR A 101 -11.13 2.13 -0.64
C THR A 101 -11.69 1.58 -1.95
N ARG A 102 -12.56 0.60 -1.90
CA ARG A 102 -13.20 0.03 -3.09
C ARG A 102 -14.71 -0.02 -2.87
N VAL A 103 -15.49 0.32 -3.88
CA VAL A 103 -16.94 0.30 -3.74
C VAL A 103 -17.58 -0.77 -4.62
N LYS A 104 -18.30 -1.68 -4.00
CA LYS A 104 -18.99 -2.75 -4.73
C LYS A 104 -20.48 -2.66 -4.42
N ASP A 105 -21.30 -3.09 -5.38
CA ASP A 105 -22.75 -3.06 -5.23
C ASP A 105 -23.23 -3.33 -3.80
N GLY A 106 -23.61 -2.27 -3.10
CA GLY A 106 -24.12 -2.39 -1.75
C GLY A 106 -23.08 -2.41 -0.64
N ARG A 107 -21.79 -2.47 -0.98
CA ARG A 107 -20.75 -2.50 0.04
C ARG A 107 -19.45 -1.82 -0.40
N THR A 108 -18.87 -1.04 0.50
CA THR A 108 -17.60 -0.36 0.28
C THR A 108 -16.49 -0.95 1.14
N LEU A 109 -15.30 -1.12 0.61
CA LEU A 109 -14.22 -1.64 1.41
C LEU A 109 -13.18 -0.55 1.59
N HIS A 110 -12.76 -0.35 2.82
CA HIS A 110 -11.77 0.66 3.11
C HIS A 110 -10.53 -0.08 3.58
N MET A 111 -9.36 0.40 3.14
CA MET A 111 -8.12 -0.27 3.48
C MET A 111 -6.96 0.72 3.45
N MET A 112 -6.36 0.93 4.59
CA MET A 112 -5.24 1.85 4.73
C MET A 112 -3.97 1.02 4.91
N ARG A 113 -2.83 1.60 4.60
CA ARG A 113 -1.55 0.90 4.70
C ARG A 113 -0.39 1.85 4.90
N LEU A 114 0.75 1.30 5.29
CA LEU A 114 1.96 2.07 5.49
C LEU A 114 3.14 1.31 4.90
N TYR A 115 4.01 2.03 4.20
CA TYR A 115 5.17 1.40 3.59
C TYR A 115 6.45 2.02 4.13
N SER A 116 7.51 1.23 4.15
CA SER A 116 8.77 1.69 4.70
C SER A 116 9.79 1.70 3.55
N ARG A 117 10.84 2.51 3.70
CA ARG A 117 11.84 2.66 2.65
C ARG A 117 12.51 1.32 2.35
N SER A 118 12.47 0.39 3.29
CA SER A 118 13.04 -0.93 3.11
C SER A 118 12.13 -1.94 3.83
N PRO A 119 12.32 -3.25 3.61
CA PRO A 119 11.50 -4.27 4.27
C PRO A 119 11.78 -4.35 5.78
N GLU A 120 11.45 -3.29 6.50
CA GLU A 120 11.67 -3.23 7.94
C GLU A 120 10.78 -2.16 8.57
N VAL A 121 9.91 -2.60 9.47
CA VAL A 121 8.97 -1.64 10.08
C VAL A 121 9.73 -0.88 11.19
N SER A 122 9.49 0.43 11.17
CA SER A 122 10.11 1.37 12.09
C SER A 122 9.18 1.77 13.23
N PRO A 123 9.71 1.96 14.45
CA PRO A 123 8.91 2.38 15.60
C PRO A 123 8.19 3.70 15.33
N ALA A 124 8.91 4.63 14.70
CA ALA A 124 8.34 5.94 14.37
C ALA A 124 7.09 5.79 13.51
N ALA A 125 7.18 4.95 12.48
CA ALA A 125 6.05 4.72 11.59
C ALA A 125 4.92 4.04 12.35
N THR A 126 5.30 3.11 13.22
CA THR A 126 4.34 2.37 14.03
C THR A 126 3.57 3.32 14.95
N ALA A 127 4.31 4.18 15.65
CA ALA A 127 3.70 5.15 16.57
C ALA A 127 2.87 6.18 15.81
N ILE A 128 3.38 6.63 14.68
CA ILE A 128 2.67 7.63 13.87
C ILE A 128 1.40 7.04 13.27
N PHE A 129 1.53 5.88 12.62
CA PHE A 129 0.40 5.21 12.01
C PHE A 129 -0.73 5.00 13.04
N ARG A 130 -0.34 4.71 14.27
CA ARG A 130 -1.30 4.50 15.34
C ARG A 130 -1.95 5.81 15.77
N LYS A 131 -1.13 6.85 15.87
CA LYS A 131 -1.62 8.17 16.28
C LYS A 131 -2.83 8.56 15.45
N LEU A 132 -2.71 8.42 14.13
CA LEU A 132 -3.81 8.74 13.22
C LEU A 132 -4.92 7.71 13.37
N ALA A 133 -4.52 6.44 13.42
CA ALA A 133 -5.46 5.34 13.57
C ALA A 133 -6.36 5.54 14.79
N GLY A 134 -5.78 6.01 15.90
CA GLY A 134 -6.56 6.23 17.11
C GLY A 134 -7.51 7.40 16.97
N GLU A 135 -7.10 8.40 16.18
CA GLU A 135 -7.93 9.58 15.96
C GLU A 135 -9.22 9.19 15.26
N ARG A 136 -9.18 8.08 14.52
CA ARG A 136 -10.34 7.59 13.80
C ARG A 136 -11.04 6.49 14.58
N ASN A 137 -10.74 6.38 15.88
CA ASN A 137 -11.35 5.37 16.74
C ASN A 137 -11.11 3.96 16.19
N TYR A 138 -9.91 3.73 15.65
CA TYR A 138 -9.61 2.43 15.06
C TYR A 138 -9.51 1.36 16.16
N THR A 139 -9.69 0.11 15.74
CA THR A 139 -9.62 -1.01 16.66
C THR A 139 -8.37 -1.82 16.34
N ASP A 140 -7.80 -2.46 17.37
CA ASP A 140 -6.55 -3.20 17.16
C ASP A 140 -6.63 -4.18 15.98
N GLU A 141 -7.62 -5.09 16.00
CA GLU A 141 -7.82 -6.05 14.91
C GLU A 141 -8.06 -5.38 13.56
N MET A 142 -8.33 -4.07 13.56
CA MET A 142 -8.59 -3.37 12.30
C MET A 142 -7.27 -3.05 11.58
N VAL A 143 -6.18 -3.03 12.32
CA VAL A 143 -4.84 -2.76 11.82
C VAL A 143 -3.99 -4.02 11.83
N ALA A 144 -3.00 -4.08 10.96
CA ALA A 144 -2.10 -5.23 10.89
C ALA A 144 -0.64 -4.78 10.77
N MET A 145 0.20 -5.32 11.62
CA MET A 145 1.63 -5.04 11.65
C MET A 145 2.48 -6.24 11.28
N LEU A 146 3.53 -6.04 10.51
CA LEU A 146 4.42 -7.14 10.16
C LEU A 146 5.84 -6.91 10.68
N PRO A 147 6.23 -7.63 11.74
CA PRO A 147 7.56 -7.51 12.33
C PRO A 147 8.62 -8.23 11.47
N ARG A 148 9.77 -8.54 12.07
CA ARG A 148 10.86 -9.23 11.38
C ARG A 148 10.49 -10.64 10.84
N GLN A 149 9.41 -10.72 10.11
CA GLN A 149 8.79 -11.86 9.52
C GLN A 149 8.89 -12.00 8.00
N GLU A 150 9.91 -11.40 7.39
CA GLU A 150 9.98 -11.35 5.94
C GLU A 150 10.85 -12.43 5.30
N GLU A 151 10.69 -12.59 3.98
CA GLU A 151 11.45 -13.59 3.22
C GLU A 151 11.26 -13.44 1.72
N CYS A 152 10.01 -13.21 1.31
CA CYS A 152 9.78 -13.15 -0.14
C CYS A 152 9.75 -11.64 -0.46
N THR A 153 10.56 -11.32 -1.50
CA THR A 153 10.76 -9.95 -1.93
C THR A 153 10.43 -9.78 -3.41
N VAL A 154 9.92 -8.60 -3.76
CA VAL A 154 9.56 -8.30 -5.14
C VAL A 154 10.77 -7.71 -5.88
N ASP A 155 10.86 -8.01 -7.16
CA ASP A 155 11.96 -7.52 -7.99
C ASP A 155 11.80 -6.05 -8.33
N GLU A 156 12.92 -5.37 -8.54
CA GLU A 156 12.91 -3.96 -8.89
C GLU A 156 13.52 -3.73 -10.27
N VAL A 157 14.73 -4.23 -10.47
CA VAL A 157 15.41 -4.07 -11.75
C VAL A 157 16.58 -5.05 -11.85
O6 EB4 B . -3.33 -2.97 -1.70
O4 EB4 B . -5.28 -2.24 -2.08
O5 EB4 B . -5.72 -2.66 -4.21
N1 EB4 B . -8.63 -5.87 -2.04
C5 EB4 B . -5.76 -3.19 -5.46
C4 EB4 B . -6.53 -2.24 -1.55
C1 EB4 B . -7.25 -3.39 -1.88
C2 EB4 B . -5.55 -4.56 -5.52
C6 EB4 B . -2.61 -3.89 -1.00
C8 EB4 B . -6.05 -2.48 -6.62
N2 EB4 B . -6.03 -7.22 -5.55
C9 EB4 B . -1.47 -3.63 -0.26
C10 EB4 B . -8.49 -1.31 -0.51
O3 EB4 B . -4.27 -5.30 -1.79
N3 EB4 B . -4.36 -7.71 -0.82
C16 EB4 B . -8.59 -3.50 -1.51
C7 EB4 B . -7.14 -1.21 -0.85
C3 EB4 B . -3.19 -5.16 -0.96
C11 EB4 B . -6.07 -3.13 -7.85
O1 EB4 B . -6.50 -4.30 -2.57
O2 EB4 B . -5.18 -5.12 -4.34
C12 EB4 B . -0.90 -4.64 0.51
C15 EB4 B . -1.52 -5.87 0.61
C14 EB4 B . -5.93 -4.51 -7.90
C13 EB4 B . -9.20 -2.45 -0.83
O7 EB4 B . -10.53 -4.82 -1.36
C19 EB4 B . -9.33 -4.78 -1.61
C22 EB4 B . -9.24 -7.21 -2.13
C25 EB4 B . -8.48 -8.21 -1.26
O10 EB4 B . -9.09 -9.11 -0.68
O15 EB4 B . -7.15 -7.99 -1.12
C30 EB4 B . -6.44 -8.94 -0.31
C24 EB4 B . -5.03 -9.02 -0.88
C21 EB4 B . -3.20 -7.52 -0.13
C18 EB4 B . -2.66 -6.14 -0.14
O9 EB4 B . -2.70 -8.40 0.57
C27 EB4 B . -5.13 -9.62 -2.32
O12 EB4 B . -5.24 -10.84 -2.48
C28 EB4 B . -9.45 -7.64 -3.57
O13 EB4 B . -8.19 -7.64 -4.26
C26 EB4 B . -7.59 -8.83 -4.58
O11 EB4 B . -7.99 -9.94 -4.24
C23 EB4 B . -6.27 -8.67 -5.35
C29 EB4 B . -5.12 -9.34 -4.64
O14 EB4 B . -5.00 -8.73 -3.34
C20 EB4 B . -5.89 -6.62 -6.76
O8 EB4 B . -5.92 -7.23 -7.83
C17 EB4 B . -5.72 -5.24 -6.73
HN1 EB4 B . -7.65 -5.82 -2.20
H8 EB4 B . -6.25 -1.40 -6.57
HN2 EB4 B . -6.21 -6.65 -4.75
H9 EB4 B . -0.92 -2.69 -0.43
H10 EB4 B . -9.01 -0.46 -0.06
HN3 EB4 B . -4.87 -6.95 -1.22
H7 EB4 B . -6.57 -0.35 -0.53
H11 EB4 B . -6.19 -2.56 -8.77
H12 EB4 B . 0.11 -4.51 0.92
H15 EB4 B . -1.12 -6.64 1.28
H14 EB4 B . -5.93 -5.03 -8.86
H13 EB4 B . -10.25 -2.56 -0.53
H22 EB4 B . -8.80 -6.23 -2.06
H30 EB4 B . -6.91 -9.91 -0.41
H30A EB4 B . -6.38 -8.57 0.71
H24 EB4 B . -4.54 -8.07 -0.83
H28 EB4 B . -10.05 -6.94 -4.14
H28A EB4 B . -9.81 -8.68 -3.61
H23 EB4 B . -6.10 -7.61 -5.50
H29 EB4 B . -4.25 -9.03 -5.21
H29A EB4 B . -5.41 -10.38 -4.60
GA GA C . -4.56 -3.78 -3.01
N MET A 1 17.89 3.02 -23.16
CA MET A 1 16.62 2.44 -22.64
C MET A 1 16.67 2.34 -21.12
N THR A 2 15.52 2.53 -20.47
CA THR A 2 15.43 2.45 -19.03
C THR A 2 16.58 3.23 -18.36
N VAL A 3 16.63 4.53 -18.62
CA VAL A 3 17.66 5.38 -18.06
C VAL A 3 17.15 6.04 -16.77
N PRO A 4 18.06 6.30 -15.82
CA PRO A 4 17.70 6.92 -14.53
C PRO A 4 17.26 8.38 -14.68
N ASP A 5 16.26 8.61 -15.52
CA ASP A 5 15.74 9.96 -15.75
C ASP A 5 14.53 10.20 -14.85
N ARG A 6 13.44 9.53 -15.16
CA ARG A 6 12.19 9.60 -14.42
C ARG A 6 12.22 8.68 -13.20
N SER A 7 13.17 7.74 -13.20
CA SER A 7 13.28 6.75 -12.15
C SER A 7 13.15 7.37 -10.75
N GLU A 8 13.63 8.59 -10.58
CA GLU A 8 13.55 9.30 -9.31
C GLU A 8 12.09 9.42 -8.83
N ILE A 9 11.16 9.41 -9.76
CA ILE A 9 9.72 9.50 -9.55
C ILE A 9 9.05 8.15 -9.28
N ALA A 10 9.84 7.08 -9.27
CA ALA A 10 9.28 5.74 -9.12
C ALA A 10 10.21 4.81 -8.33
N GLY A 11 9.76 3.58 -8.14
CA GLY A 11 10.55 2.61 -7.41
C GLY A 11 9.69 1.56 -6.74
N LYS A 12 10.21 0.97 -5.68
CA LYS A 12 9.50 -0.05 -4.92
C LYS A 12 9.24 0.40 -3.49
N TRP A 13 8.11 -0.02 -2.93
CA TRP A 13 7.75 0.32 -1.56
C TRP A 13 7.32 -0.93 -0.82
N TYR A 14 7.69 -1.02 0.44
CA TYR A 14 7.35 -2.19 1.25
C TYR A 14 6.22 -1.86 2.22
N VAL A 15 5.06 -2.59 2.06
CA VAL A 15 3.97 -2.26 2.98
C VAL A 15 4.18 -3.13 4.23
N VAL A 16 4.52 -2.37 5.29
CA VAL A 16 4.80 -2.97 6.59
C VAL A 16 3.64 -2.71 7.54
N ALA A 17 2.57 -2.10 7.02
CA ALA A 17 1.40 -1.79 7.83
C ALA A 17 0.14 -1.97 7.00
N LEU A 18 -0.97 -2.29 7.66
CA LEU A 18 -2.23 -2.51 6.99
C LEU A 18 -3.43 -2.27 7.89
N ALA A 19 -4.54 -1.85 7.30
CA ALA A 19 -5.78 -1.64 8.05
C ALA A 19 -6.94 -2.03 7.14
N SER A 20 -7.89 -2.79 7.69
CA SER A 20 -9.03 -3.23 6.90
C SER A 20 -10.34 -2.92 7.62
N ASN A 21 -11.35 -2.56 6.83
CA ASN A 21 -12.67 -2.23 7.37
C ASN A 21 -13.55 -3.48 7.45
N THR A 22 -13.15 -4.54 6.72
CA THR A 22 -13.90 -5.79 6.74
C THR A 22 -13.35 -6.81 7.73
N GLU A 23 -14.23 -7.41 8.52
CA GLU A 23 -13.83 -8.40 9.53
C GLU A 23 -12.93 -9.47 8.89
N PHE A 24 -13.40 -10.07 7.80
CA PHE A 24 -12.65 -11.11 7.11
C PHE A 24 -11.23 -10.65 6.78
N PHE A 25 -11.11 -9.50 6.14
CA PHE A 25 -9.81 -8.96 5.75
C PHE A 25 -8.86 -8.90 6.95
N LEU A 26 -9.37 -8.39 8.07
CA LEU A 26 -8.57 -8.29 9.29
C LEU A 26 -8.14 -9.69 9.73
N ARG A 27 -9.10 -10.61 9.71
CA ARG A 27 -8.85 -11.99 10.10
C ARG A 27 -7.77 -12.60 9.20
N GLU A 28 -7.92 -12.42 7.91
CA GLU A 28 -6.98 -12.97 6.93
C GLU A 28 -5.64 -12.22 6.98
N LYS A 29 -5.69 -10.90 6.77
CA LYS A 29 -4.48 -10.09 6.79
C LYS A 29 -3.68 -10.27 8.07
N ASP A 30 -4.32 -10.18 9.22
CA ASP A 30 -3.63 -10.35 10.50
C ASP A 30 -2.91 -11.69 10.55
N LYS A 31 -3.48 -12.69 9.89
CA LYS A 31 -2.87 -14.01 9.85
C LYS A 31 -1.79 -14.12 8.80
N MET A 32 -1.83 -13.15 7.74
CA MET A 32 -0.73 -13.42 6.84
C MET A 32 0.59 -12.68 7.15
N LYS A 33 1.26 -12.11 6.12
CA LYS A 33 2.57 -11.50 6.38
C LYS A 33 2.60 -10.18 5.64
N MET A 34 3.73 -9.48 5.72
CA MET A 34 3.84 -8.16 5.09
C MET A 34 3.79 -8.32 3.56
N ALA A 35 3.30 -7.30 2.90
CA ALA A 35 3.11 -7.29 1.45
C ALA A 35 4.11 -6.34 0.77
N MET A 36 4.06 -6.30 -0.55
CA MET A 36 4.96 -5.47 -1.33
C MET A 36 4.19 -4.55 -2.27
N ALA A 37 4.89 -3.52 -2.78
CA ALA A 37 4.26 -2.59 -3.73
C ALA A 37 5.34 -1.87 -4.53
N ARG A 38 5.21 -2.00 -5.84
CA ARG A 38 6.12 -1.35 -6.78
C ARG A 38 5.26 -0.62 -7.79
N ILE A 39 5.51 0.66 -8.01
CA ILE A 39 4.72 1.45 -8.94
C ILE A 39 5.51 1.83 -10.18
N SER A 40 4.83 1.88 -11.32
CA SER A 40 5.45 2.24 -12.58
C SER A 40 4.63 3.33 -13.29
N PHE A 41 5.30 4.42 -13.69
CA PHE A 41 4.60 5.50 -14.37
C PHE A 41 4.29 5.09 -15.81
N LEU A 42 3.01 4.81 -16.06
CA LEU A 42 2.56 4.40 -17.39
C LEU A 42 2.51 5.62 -18.31
N GLY A 43 1.96 6.71 -17.81
CA GLY A 43 1.81 7.91 -18.58
C GLY A 43 1.38 9.08 -17.71
N GLU A 44 1.26 10.25 -18.29
CA GLU A 44 0.83 11.43 -17.54
C GLU A 44 -0.48 11.16 -16.79
N ASP A 45 -1.39 10.44 -17.43
CA ASP A 45 -2.69 10.12 -16.83
C ASP A 45 -2.83 8.64 -16.46
N GLU A 46 -1.83 7.82 -16.76
CA GLU A 46 -1.90 6.39 -16.46
C GLU A 46 -0.71 5.92 -15.63
N LEU A 47 -0.95 4.94 -14.79
CA LEU A 47 0.07 4.40 -13.91
C LEU A 47 -0.07 2.90 -13.71
N LYS A 48 1.03 2.23 -13.49
CA LYS A 48 1.08 0.79 -13.29
C LYS A 48 1.57 0.46 -11.88
N VAL A 49 0.98 -0.53 -11.25
CA VAL A 49 1.39 -0.92 -9.91
C VAL A 49 1.59 -2.44 -9.81
N SER A 50 2.69 -2.85 -9.21
CA SER A 50 2.98 -4.27 -9.05
C SER A 50 2.87 -4.63 -7.57
N TYR A 51 1.99 -5.58 -7.29
CA TYR A 51 1.75 -6.04 -5.94
C TYR A 51 2.47 -7.35 -5.70
N ALA A 52 3.03 -7.50 -4.52
CA ALA A 52 3.71 -8.73 -4.15
C ALA A 52 3.29 -9.17 -2.75
N VAL A 53 2.62 -10.30 -2.64
CA VAL A 53 2.16 -10.80 -1.35
C VAL A 53 2.53 -12.26 -1.14
N PRO A 54 2.96 -12.61 0.08
CA PRO A 54 3.33 -14.00 0.39
C PRO A 54 2.07 -14.83 0.65
N LYS A 55 1.63 -15.52 -0.37
CA LYS A 55 0.45 -16.35 -0.32
C LYS A 55 0.84 -17.82 -0.09
N PRO A 56 0.08 -18.56 0.72
CA PRO A 56 0.37 -19.98 1.00
C PRO A 56 0.82 -20.74 -0.24
N ASN A 57 0.24 -20.40 -1.39
CA ASN A 57 0.58 -21.05 -2.66
C ASN A 57 1.93 -20.55 -3.22
N GLY A 58 2.54 -19.58 -2.53
CA GLY A 58 3.80 -19.02 -2.99
C GLY A 58 3.72 -17.51 -3.14
N CYS A 59 4.82 -16.90 -3.58
CA CYS A 59 4.87 -15.45 -3.76
C CYS A 59 3.83 -15.01 -4.79
N ARG A 60 2.80 -14.30 -4.31
CA ARG A 60 1.76 -13.85 -5.23
C ARG A 60 2.06 -12.41 -5.65
N LYS A 61 2.25 -12.26 -6.96
CA LYS A 61 2.52 -10.95 -7.55
C LYS A 61 1.44 -10.63 -8.56
N TRP A 62 1.12 -9.35 -8.69
CA TRP A 62 0.10 -8.91 -9.64
C TRP A 62 0.32 -7.44 -9.97
N GLU A 63 -0.03 -7.03 -11.19
CA GLU A 63 0.16 -5.64 -11.56
C GLU A 63 -1.14 -5.08 -12.13
N THR A 64 -1.47 -3.87 -11.66
CA THR A 64 -2.69 -3.20 -12.07
C THR A 64 -2.37 -1.79 -12.61
N THR A 65 -3.17 -1.34 -13.57
CA THR A 65 -2.99 -0.03 -14.16
C THR A 65 -4.05 0.95 -13.63
N PHE A 66 -3.60 2.10 -13.15
CA PHE A 66 -4.51 3.10 -12.60
C PHE A 66 -4.47 4.39 -13.41
N LYS A 67 -5.37 5.31 -13.07
CA LYS A 67 -5.45 6.60 -13.75
C LYS A 67 -5.04 7.74 -12.83
N LYS A 68 -4.48 8.79 -13.42
CA LYS A 68 -4.04 9.95 -12.68
C LYS A 68 -5.23 10.66 -12.04
N THR A 69 -5.21 10.76 -10.70
CA THR A 69 -6.27 11.51 -10.03
C THR A 69 -5.64 12.21 -8.82
N SER A 70 -5.12 13.40 -9.12
CA SER A 70 -4.48 14.24 -8.11
C SER A 70 -5.54 14.83 -7.18
N ASP A 71 -6.25 13.96 -6.48
CA ASP A 71 -7.30 14.38 -5.57
C ASP A 71 -6.73 15.25 -4.45
N ASP A 72 -5.89 14.66 -3.61
CA ASP A 72 -5.27 15.37 -2.50
C ASP A 72 -3.75 15.43 -2.70
N GLY A 73 -3.33 15.71 -3.86
CA GLY A 73 -2.06 15.95 -4.44
C GLY A 73 -1.33 14.85 -5.24
N GLU A 74 -0.98 13.69 -4.74
CA GLU A 74 -0.41 12.66 -5.63
C GLU A 74 -1.30 11.45 -5.43
N VAL A 75 -2.59 11.65 -5.69
CA VAL A 75 -3.58 10.58 -5.53
C VAL A 75 -3.88 9.92 -6.88
N TYR A 76 -4.43 8.70 -6.83
CA TYR A 76 -4.74 7.96 -8.04
C TYR A 76 -6.03 7.16 -7.88
N TYR A 77 -6.70 6.89 -9.01
CA TYR A 77 -7.96 6.16 -9.01
C TYR A 77 -7.98 5.13 -10.13
N SER A 78 -8.46 3.92 -9.82
CA SER A 78 -8.55 2.86 -10.80
C SER A 78 -10.01 2.56 -11.14
N GLU A 79 -10.48 3.14 -12.24
CA GLU A 79 -11.87 2.94 -12.64
C GLU A 79 -12.15 1.47 -12.99
N GLU A 80 -11.25 0.87 -13.78
CA GLU A 80 -11.42 -0.52 -14.19
C GLU A 80 -11.34 -1.46 -12.99
N ALA A 81 -10.70 -1.02 -11.90
CA ALA A 81 -10.57 -1.85 -10.72
C ALA A 81 -11.53 -1.43 -9.59
N LYS A 82 -12.06 -0.22 -9.67
CA LYS A 82 -12.98 0.30 -8.65
C LYS A 82 -12.25 0.48 -7.32
N LYS A 83 -11.09 1.13 -7.41
CA LYS A 83 -10.24 1.36 -6.25
C LYS A 83 -9.52 2.70 -6.36
N LYS A 84 -9.53 3.47 -5.28
CA LYS A 84 -8.86 4.76 -5.25
C LYS A 84 -7.80 4.76 -4.15
N VAL A 85 -6.68 5.44 -4.41
CA VAL A 85 -5.63 5.49 -3.39
C VAL A 85 -5.27 6.96 -3.17
N GLU A 86 -5.24 7.31 -1.85
CA GLU A 86 -4.94 8.68 -1.47
C GLU A 86 -3.76 8.69 -0.50
N VAL A 87 -2.66 9.28 -0.96
CA VAL A 87 -1.46 9.38 -0.15
C VAL A 87 -1.70 10.40 0.96
N LEU A 88 -1.77 9.89 2.19
CA LEU A 88 -2.03 10.76 3.34
C LEU A 88 -0.78 11.52 3.76
N ASP A 89 0.31 10.80 4.01
CA ASP A 89 1.57 11.42 4.40
C ASP A 89 2.74 10.51 4.00
N THR A 90 3.84 11.11 3.60
CA THR A 90 5.01 10.37 3.17
C THR A 90 6.29 11.15 3.42
N ASP A 91 7.31 10.48 3.93
CA ASP A 91 8.59 11.12 4.21
C ASP A 91 9.58 10.81 3.09
N TYR A 92 10.39 11.80 2.73
CA TYR A 92 11.37 11.64 1.67
C TYR A 92 12.44 10.61 2.04
N LYS A 93 12.76 10.51 3.32
CA LYS A 93 13.75 9.56 3.82
C LYS A 93 13.25 8.71 4.97
N SER A 94 11.94 8.57 5.10
CA SER A 94 11.40 7.78 6.20
C SER A 94 10.19 6.95 5.77
N TYR A 95 9.25 6.75 6.70
CA TYR A 95 8.05 5.95 6.45
C TYR A 95 6.99 6.79 5.73
N ALA A 96 5.95 6.11 5.26
CA ALA A 96 4.84 6.77 4.57
C ALA A 96 3.52 6.03 4.78
N VAL A 97 2.42 6.76 4.80
CA VAL A 97 1.10 6.16 4.97
C VAL A 97 0.16 6.57 3.84
N ILE A 98 -0.46 5.59 3.20
CA ILE A 98 -1.37 5.85 2.10
C ILE A 98 -2.76 5.29 2.40
N TYR A 99 -3.79 6.02 2.00
CA TYR A 99 -5.15 5.61 2.23
C TYR A 99 -5.71 4.97 0.96
N ALA A 100 -6.46 3.88 1.12
CA ALA A 100 -7.03 3.18 -0.02
C ALA A 100 -8.54 3.01 0.13
N THR A 101 -9.26 3.48 -0.88
CA THR A 101 -10.71 3.40 -0.88
C THR A 101 -11.18 2.57 -2.08
N ARG A 102 -11.97 1.53 -1.83
CA ARG A 102 -12.47 0.68 -2.91
C ARG A 102 -13.98 0.50 -2.74
N VAL A 103 -14.74 0.81 -3.78
CA VAL A 103 -16.20 0.69 -3.71
C VAL A 103 -16.73 -0.24 -4.80
N LYS A 104 -17.69 -1.05 -4.44
CA LYS A 104 -18.33 -2.01 -5.33
C LYS A 104 -19.84 -1.81 -5.35
N ASP A 105 -20.51 -2.40 -6.34
CA ASP A 105 -21.97 -2.31 -6.47
C ASP A 105 -22.71 -2.29 -5.12
N GLY A 106 -23.00 -1.07 -4.64
CA GLY A 106 -23.77 -0.99 -3.40
C GLY A 106 -22.94 -1.18 -2.13
N ARG A 107 -21.63 -1.40 -2.27
CA ARG A 107 -20.79 -1.66 -1.10
C ARG A 107 -19.47 -0.87 -1.16
N THR A 108 -19.14 -0.20 -0.07
CA THR A 108 -17.92 0.59 0.03
C THR A 108 -16.88 -0.06 0.94
N LEU A 109 -15.66 -0.27 0.49
CA LEU A 109 -14.64 -0.88 1.31
C LEU A 109 -13.47 0.07 1.52
N HIS A 110 -12.92 0.06 2.72
CA HIS A 110 -11.79 0.92 3.06
C HIS A 110 -10.63 0.06 3.51
N MET A 111 -9.41 0.45 3.10
CA MET A 111 -8.22 -0.31 3.51
C MET A 111 -7.04 0.66 3.55
N MET A 112 -6.50 0.84 4.74
CA MET A 112 -5.38 1.75 4.95
C MET A 112 -4.12 0.92 5.16
N ARG A 113 -2.98 1.52 4.90
CA ARG A 113 -1.70 0.83 5.02
C ARG A 113 -0.52 1.79 5.14
N LEU A 114 0.64 1.26 5.47
CA LEU A 114 1.85 2.05 5.59
C LEU A 114 3.02 1.34 4.90
N TYR A 115 3.86 2.12 4.23
CA TYR A 115 5.00 1.55 3.55
C TYR A 115 6.30 2.15 4.09
N SER A 116 7.35 1.32 4.09
CA SER A 116 8.62 1.80 4.62
C SER A 116 9.59 1.83 3.42
N ARG A 117 10.61 2.71 3.54
CA ARG A 117 11.55 2.90 2.44
C ARG A 117 12.26 1.58 2.13
N SER A 118 12.28 0.64 3.08
CA SER A 118 12.88 -0.66 2.89
C SER A 118 12.01 -1.68 3.63
N PRO A 119 12.22 -2.98 3.39
CA PRO A 119 11.43 -4.02 4.06
C PRO A 119 11.74 -4.10 5.56
N GLU A 120 11.26 -3.12 6.31
CA GLU A 120 11.48 -3.08 7.76
C GLU A 120 10.57 -2.03 8.41
N VAL A 121 9.72 -2.51 9.34
CA VAL A 121 8.78 -1.59 9.99
C VAL A 121 9.52 -0.83 11.10
N SER A 122 9.25 0.48 11.11
CA SER A 122 9.85 1.41 12.06
C SER A 122 8.89 1.83 13.16
N PRO A 123 9.36 1.99 14.41
CA PRO A 123 8.52 2.43 15.52
C PRO A 123 7.84 3.75 15.22
N ALA A 124 8.58 4.68 14.63
CA ALA A 124 8.05 5.99 14.28
C ALA A 124 6.81 5.85 13.40
N ALA A 125 6.93 5.04 12.35
CA ALA A 125 5.82 4.81 11.42
C ALA A 125 4.69 4.10 12.15
N THR A 126 5.08 3.16 13.00
CA THR A 126 4.12 2.37 13.78
C THR A 126 3.30 3.31 14.68
N ALA A 127 3.99 4.14 15.44
CA ALA A 127 3.34 5.08 16.35
C ALA A 127 2.51 6.10 15.57
N ILE A 128 3.06 6.56 14.44
CA ILE A 128 2.37 7.55 13.61
C ILE A 128 1.06 6.96 13.06
N PHE A 129 1.17 5.82 12.40
CA PHE A 129 0.01 5.14 11.82
C PHE A 129 -1.03 4.86 12.91
N ARG A 130 -0.56 4.51 14.11
CA ARG A 130 -1.46 4.21 15.22
C ARG A 130 -2.14 5.48 15.72
N LYS A 131 -1.35 6.54 15.90
CA LYS A 131 -1.89 7.82 16.39
C LYS A 131 -3.08 8.25 15.54
N LEU A 132 -2.94 8.19 14.22
CA LEU A 132 -4.01 8.56 13.32
C LEU A 132 -5.15 7.55 13.45
N ALA A 133 -4.78 6.27 13.47
CA ALA A 133 -5.75 5.19 13.60
C ALA A 133 -6.61 5.40 14.84
N GLY A 134 -6.00 5.83 15.94
CA GLY A 134 -6.74 6.05 17.17
C GLY A 134 -7.70 7.22 17.05
N GLU A 135 -7.32 8.19 16.21
CA GLU A 135 -8.14 9.37 15.98
C GLU A 135 -9.46 8.97 15.31
N ARG A 136 -9.42 7.86 14.57
CA ARG A 136 -10.60 7.37 13.87
C ARG A 136 -11.26 6.22 14.65
N ASN A 137 -10.97 6.14 15.96
CA ASN A 137 -11.53 5.09 16.81
C ASN A 137 -11.19 3.70 16.24
N TYR A 138 -9.96 3.56 15.73
CA TYR A 138 -9.59 2.30 15.11
C TYR A 138 -9.55 1.18 16.17
N THR A 139 -9.75 -0.05 15.67
CA THR A 139 -9.76 -1.20 16.56
C THR A 139 -8.50 -2.00 16.32
N ASP A 140 -8.00 -2.65 17.40
CA ASP A 140 -6.73 -3.37 17.27
C ASP A 140 -6.73 -4.37 16.11
N GLU A 141 -7.68 -5.30 16.07
CA GLU A 141 -7.81 -6.26 14.97
C GLU A 141 -8.05 -5.59 13.62
N MET A 142 -8.35 -4.28 13.62
CA MET A 142 -8.62 -3.58 12.37
C MET A 142 -7.30 -3.23 11.66
N VAL A 143 -6.22 -3.18 12.41
CA VAL A 143 -4.90 -2.89 11.90
C VAL A 143 -4.03 -4.14 11.89
N ALA A 144 -3.07 -4.18 10.97
CA ALA A 144 -2.17 -5.31 10.85
C ALA A 144 -0.72 -4.85 10.69
N MET A 145 0.15 -5.34 11.54
CA MET A 145 1.57 -5.04 11.56
C MET A 145 2.47 -6.24 11.34
N LEU A 146 3.55 -6.10 10.59
CA LEU A 146 4.48 -7.19 10.38
C LEU A 146 5.89 -6.90 10.84
N PRO A 147 6.38 -7.56 11.89
CA PRO A 147 7.75 -7.35 12.40
C PRO A 147 8.78 -7.94 11.43
N ARG A 148 10.00 -8.15 11.90
CA ARG A 148 11.09 -8.72 11.10
C ARG A 148 10.80 -10.14 10.58
N GLN A 149 9.69 -10.30 9.92
CA GLN A 149 9.14 -11.52 9.38
C GLN A 149 9.26 -11.62 7.85
N GLU A 150 10.16 -10.85 7.26
CA GLU A 150 10.27 -10.80 5.81
C GLU A 150 11.05 -11.97 5.21
N GLU A 151 10.73 -12.28 3.97
CA GLU A 151 11.36 -13.39 3.25
C GLU A 151 11.13 -13.29 1.74
N CYS A 152 9.86 -13.07 1.38
CA CYS A 152 9.59 -13.04 -0.06
C CYS A 152 9.55 -11.52 -0.41
N THR A 153 10.35 -11.23 -1.47
CA THR A 153 10.53 -9.87 -1.93
C THR A 153 10.29 -9.76 -3.44
N VAL A 154 9.88 -8.57 -3.88
CA VAL A 154 9.63 -8.33 -5.30
C VAL A 154 10.83 -7.67 -5.95
N ASP A 155 11.18 -8.13 -7.15
CA ASP A 155 12.33 -7.59 -7.87
C ASP A 155 12.13 -6.15 -8.33
N GLU A 156 13.23 -5.42 -8.46
CA GLU A 156 13.20 -4.03 -8.87
C GLU A 156 13.68 -3.86 -10.31
N VAL A 157 14.59 -4.72 -10.76
CA VAL A 157 15.12 -4.66 -12.12
C VAL A 157 16.25 -5.67 -12.33
O6 EB4 B . -3.67 -3.70 -2.50
O4 EB4 B . -5.60 -2.92 -2.04
O5 EB4 B . -5.22 -3.34 -4.10
N1 EB4 B . -8.83 -6.58 -1.82
C5 EB4 B . -5.35 -3.91 -5.33
C4 EB4 B . -6.89 -2.88 -1.64
C1 EB4 B . -7.56 -4.09 -1.83
C2 EB4 B . -5.45 -5.29 -5.29
C6 EB4 B . -3.02 -4.35 -1.50
C8 EB4 B . -5.34 -3.24 -6.56
N2 EB4 B . -5.99 -7.95 -5.22
C9 EB4 B . -1.88 -3.90 -0.87
C10 EB4 B . -8.90 -1.90 -0.75
O3 EB4 B . -4.77 -5.82 -1.75
N3 EB4 B . -4.53 -8.15 -0.61
C16 EB4 B . -8.90 -4.20 -1.45
C7 EB4 B . -7.57 -1.79 -1.11
C3 EB4 B . -3.60 -5.55 -1.12
C11 EB4 B . -5.39 -3.98 -7.74
O1 EB4 B . -6.80 -5.05 -2.39
O2 EB4 B . -5.32 -5.82 -4.03
C12 EB4 B . -1.30 -4.66 0.15
C15 EB4 B . -1.86 -5.88 0.51
C14 EB4 B . -5.55 -5.36 -7.69
C13 EB4 B . -9.59 -3.11 -0.93
O7 EB4 B . -10.79 -5.59 -1.20
C19 EB4 B . -9.60 -5.53 -1.47
C22 EB4 B . -9.35 -7.95 -1.90
C25 EB4 B . -8.59 -8.89 -0.98
O10 EB4 B . -9.16 -9.79 -0.35
O15 EB4 B . -7.27 -8.60 -0.82
C30 EB4 B . -6.51 -9.45 0.03
C24 EB4 B . -5.09 -9.51 -0.52
C21 EB4 B . -3.43 -7.74 0.08
C18 EB4 B . -3.00 -6.33 -0.14
O9 EB4 B . -2.86 -8.45 0.91
C27 EB4 B . -5.16 -10.22 -1.92
O12 EB4 B . -5.31 -11.43 -2.00
C28 EB4 B . -9.49 -8.42 -3.34
O13 EB4 B . -8.23 -8.38 -4.02
C26 EB4 B . -7.59 -9.55 -4.28
O11 EB4 B . -7.97 -10.65 -3.86
C23 EB4 B . -6.26 -9.39 -5.01
C29 EB4 B . -5.12 -10.05 -4.26
O14 EB4 B . -5.03 -9.38 -2.98
C20 EB4 B . -5.82 -7.39 -6.44
O8 EB4 B . -5.90 -8.01 -7.50
C17 EB4 B . -5.61 -6.01 -6.46
HN1 EB4 B . -7.84 -6.48 -1.95
H8 EB4 B . -5.30 -2.16 -6.59
HN2 EB4 B . -6.22 -7.33 -4.46
H9 EB4 B . -1.35 -3.01 -1.22
H10 EB4 B . -9.46 -1.03 -0.41
HN3 EB4 B . -5.00 -7.54 -1.25
H7 EB4 B . -7.05 -0.85 -0.95
H11 EB4 B . -5.35 -3.47 -8.70
H12 EB4 B . -0.31 -4.37 0.52
H15 EB4 B . -1.39 -6.49 1.28
H14 EB4 B . -5.60 -5.94 -8.62
H13 EB4 B . -10.60 -3.22 -0.55
H22 EB4 B . -8.97 -6.94 -1.85
H30 EB4 B . -6.93 -10.45 -0.02
H30A EB4 B . -6.46 -9.01 1.02
H24 EB4 B . -4.68 -8.52 -0.58
H28 EB4 B . -10.12 -7.78 -3.94
H28A EB4 B . -9.75 -9.48 -3.37
H23 EB4 B . -6.07 -8.34 -5.16
H29 EB4 B . -4.22 -9.76 -4.83
H29A EB4 B . -5.39 -11.10 -4.21
GA GA C . -5.07 -4.19 -2.90
N MET A 1 17.44 2.95 -23.23
CA MET A 1 16.76 1.94 -22.37
C MET A 1 17.16 2.14 -20.91
N THR A 2 16.17 2.07 -20.02
CA THR A 2 16.40 2.23 -18.59
C THR A 2 17.39 3.37 -18.29
N VAL A 3 16.91 4.60 -18.36
CA VAL A 3 17.73 5.77 -18.11
C VAL A 3 17.47 6.33 -16.70
N PRO A 4 18.50 6.85 -16.04
CA PRO A 4 18.38 7.41 -14.68
C PRO A 4 17.70 8.78 -14.70
N ASP A 5 16.54 8.86 -15.34
CA ASP A 5 15.81 10.11 -15.44
C ASP A 5 14.57 10.11 -14.53
N ARG A 6 13.40 9.86 -15.12
CA ARG A 6 12.15 9.82 -14.39
C ARG A 6 12.13 8.73 -13.31
N SER A 7 12.99 7.73 -13.48
CA SER A 7 13.06 6.60 -12.56
C SER A 7 13.13 7.07 -11.10
N GLU A 8 13.75 8.22 -10.85
CA GLU A 8 13.87 8.76 -9.49
C GLU A 8 12.48 8.97 -8.86
N ILE A 9 11.49 9.23 -9.70
CA ILE A 9 10.11 9.45 -9.27
C ILE A 9 9.37 8.15 -8.94
N ALA A 10 10.04 7.02 -9.15
CA ALA A 10 9.43 5.72 -8.92
C ALA A 10 10.36 4.80 -8.12
N GLY A 11 9.94 3.55 -7.91
CA GLY A 11 10.75 2.63 -7.17
C GLY A 11 9.94 1.49 -6.55
N LYS A 12 10.48 0.92 -5.48
CA LYS A 12 9.85 -0.17 -4.77
C LYS A 12 9.44 0.25 -3.36
N TRP A 13 8.30 -0.24 -2.89
CA TRP A 13 7.84 0.10 -1.55
C TRP A 13 7.41 -1.17 -0.81
N TYR A 14 7.60 -1.19 0.51
CA TYR A 14 7.23 -2.35 1.32
C TYR A 14 6.11 -2.00 2.27
N VAL A 15 4.98 -2.75 2.22
CA VAL A 15 3.91 -2.41 3.14
C VAL A 15 4.12 -3.26 4.40
N VAL A 16 4.44 -2.50 5.45
CA VAL A 16 4.70 -3.07 6.77
C VAL A 16 3.53 -2.81 7.70
N ALA A 17 2.47 -2.20 7.16
CA ALA A 17 1.28 -1.87 7.93
C ALA A 17 0.04 -2.04 7.06
N LEU A 18 -1.07 -2.33 7.69
CA LEU A 18 -2.32 -2.54 6.97
C LEU A 18 -3.53 -2.21 7.84
N ALA A 19 -4.58 -1.70 7.21
CA ALA A 19 -5.82 -1.45 7.93
C ALA A 19 -6.96 -1.94 7.03
N SER A 20 -7.84 -2.75 7.62
CA SER A 20 -8.95 -3.28 6.85
C SER A 20 -10.27 -2.93 7.51
N ASN A 21 -11.25 -2.60 6.68
CA ASN A 21 -12.57 -2.21 7.16
C ASN A 21 -13.47 -3.45 7.36
N THR A 22 -13.04 -4.59 6.76
CA THR A 22 -13.76 -5.84 6.89
C THR A 22 -13.11 -6.87 7.84
N GLU A 23 -13.89 -7.47 8.71
CA GLU A 23 -13.36 -8.53 9.60
C GLU A 23 -12.60 -9.59 8.81
N PHE A 24 -13.22 -10.08 7.74
CA PHE A 24 -12.59 -11.12 6.91
C PHE A 24 -11.16 -10.74 6.53
N PHE A 25 -10.99 -9.56 5.91
CA PHE A 25 -9.67 -9.10 5.52
C PHE A 25 -8.73 -9.04 6.72
N LEU A 26 -9.23 -8.49 7.82
CA LEU A 26 -8.44 -8.37 9.05
C LEU A 26 -7.99 -9.75 9.51
N ARG A 27 -8.93 -10.69 9.49
CA ARG A 27 -8.66 -12.06 9.90
C ARG A 27 -7.60 -12.69 9.01
N GLU A 28 -7.75 -12.49 7.69
CA GLU A 28 -6.83 -13.05 6.73
C GLU A 28 -5.49 -12.32 6.75
N LYS A 29 -5.51 -11.01 6.51
CA LYS A 29 -4.29 -10.20 6.48
C LYS A 29 -3.46 -10.35 7.75
N ASP A 30 -4.06 -10.13 8.91
CA ASP A 30 -3.33 -10.24 10.17
C ASP A 30 -2.64 -11.58 10.30
N LYS A 31 -3.33 -12.64 9.89
CA LYS A 31 -2.77 -13.97 9.95
C LYS A 31 -1.67 -14.17 8.94
N MET A 32 -1.65 -13.35 7.80
CA MET A 32 -0.56 -13.78 6.95
C MET A 32 0.84 -13.06 7.15
N LYS A 33 1.43 -12.51 6.08
CA LYS A 33 2.77 -11.88 6.29
C LYS A 33 2.74 -10.52 5.69
N MET A 34 3.85 -9.80 5.79
CA MET A 34 3.93 -8.43 5.29
C MET A 34 3.95 -8.45 3.76
N ALA A 35 3.38 -7.43 3.16
CA ALA A 35 3.25 -7.30 1.70
C ALA A 35 4.14 -6.18 1.16
N MET A 36 4.17 -6.07 -0.14
CA MET A 36 5.01 -5.13 -0.87
C MET A 36 4.28 -4.48 -2.04
N ALA A 37 4.94 -3.49 -2.65
CA ALA A 37 4.35 -2.81 -3.78
C ALA A 37 5.41 -2.00 -4.56
N ARG A 38 5.44 -2.15 -5.87
CA ARG A 38 6.34 -1.38 -6.71
C ARG A 38 5.50 -0.69 -7.77
N ILE A 39 5.63 0.61 -7.89
CA ILE A 39 4.83 1.39 -8.83
C ILE A 39 5.67 1.91 -9.99
N SER A 40 5.05 2.02 -11.16
CA SER A 40 5.73 2.52 -12.34
C SER A 40 4.83 3.45 -13.16
N PHE A 41 5.38 4.61 -13.53
CA PHE A 41 4.63 5.60 -14.31
C PHE A 41 4.45 5.16 -15.75
N LEU A 42 3.21 4.84 -16.11
CA LEU A 42 2.88 4.42 -17.46
C LEU A 42 2.85 5.62 -18.39
N GLY A 43 2.11 6.65 -17.99
CA GLY A 43 1.98 7.85 -18.79
C GLY A 43 1.56 9.03 -17.93
N GLU A 44 1.55 10.21 -18.52
CA GLU A 44 1.16 11.42 -17.79
C GLU A 44 -0.17 11.25 -17.07
N ASP A 45 -1.06 10.42 -17.63
CA ASP A 45 -2.37 10.18 -17.03
C ASP A 45 -2.59 8.71 -16.63
N GLU A 46 -1.59 7.85 -16.84
CA GLU A 46 -1.73 6.43 -16.51
C GLU A 46 -0.53 5.93 -15.70
N LEU A 47 -0.77 4.90 -14.92
CA LEU A 47 0.21 4.34 -14.00
C LEU A 47 0.03 2.83 -13.80
N LYS A 48 1.10 2.16 -13.46
CA LYS A 48 1.10 0.72 -13.24
C LYS A 48 1.75 0.36 -11.91
N VAL A 49 1.22 -0.66 -11.23
CA VAL A 49 1.76 -1.06 -9.95
C VAL A 49 1.95 -2.59 -9.86
N SER A 50 3.03 -3.00 -9.21
CA SER A 50 3.30 -4.41 -9.03
C SER A 50 2.99 -4.77 -7.58
N TYR A 51 2.12 -5.76 -7.40
CA TYR A 51 1.75 -6.17 -6.05
C TYR A 51 2.63 -7.33 -5.66
N ALA A 52 3.12 -7.31 -4.43
CA ALA A 52 3.95 -8.40 -3.94
C ALA A 52 3.44 -8.86 -2.60
N VAL A 53 2.90 -10.07 -2.56
CA VAL A 53 2.35 -10.64 -1.35
C VAL A 53 2.63 -12.14 -1.25
N PRO A 54 2.80 -12.66 -0.03
CA PRO A 54 3.05 -14.08 0.19
C PRO A 54 1.73 -14.87 0.34
N LYS A 55 1.47 -15.74 -0.60
CA LYS A 55 0.28 -16.59 -0.66
C LYS A 55 0.61 -18.03 -0.32
N PRO A 56 -0.26 -18.73 0.44
CA PRO A 56 -0.03 -20.14 0.82
C PRO A 56 0.55 -20.98 -0.34
N ASN A 57 0.26 -20.60 -1.58
CA ASN A 57 0.76 -21.31 -2.75
C ASN A 57 2.08 -20.72 -3.26
N GLY A 58 2.69 -19.83 -2.46
CA GLY A 58 3.94 -19.23 -2.85
C GLY A 58 3.79 -17.74 -3.10
N CYS A 59 4.92 -17.07 -3.31
CA CYS A 59 4.94 -15.62 -3.58
C CYS A 59 4.03 -15.25 -4.76
N ARG A 60 3.05 -14.38 -4.48
CA ARG A 60 2.12 -13.93 -5.51
C ARG A 60 2.29 -12.44 -5.85
N LYS A 61 2.29 -12.11 -7.12
CA LYS A 61 2.38 -10.72 -7.54
C LYS A 61 1.38 -10.43 -8.65
N TRP A 62 1.00 -9.17 -8.79
CA TRP A 62 0.06 -8.76 -9.82
C TRP A 62 0.39 -7.35 -10.26
N GLU A 63 0.00 -6.98 -11.47
CA GLU A 63 0.32 -5.63 -11.92
C GLU A 63 -1.01 -4.98 -12.26
N THR A 64 -1.21 -3.84 -11.63
CA THR A 64 -2.46 -3.08 -11.78
C THR A 64 -2.18 -1.72 -12.41
N THR A 65 -3.14 -1.27 -13.22
CA THR A 65 -3.06 0.01 -13.90
C THR A 65 -4.00 1.03 -13.26
N PHE A 66 -3.56 2.26 -13.09
CA PHE A 66 -4.41 3.28 -12.48
C PHE A 66 -4.51 4.52 -13.37
N LYS A 67 -5.41 5.43 -12.97
CA LYS A 67 -5.63 6.68 -13.69
C LYS A 67 -5.18 7.86 -12.84
N LYS A 68 -4.71 8.92 -13.48
CA LYS A 68 -4.27 10.11 -12.77
C LYS A 68 -5.43 10.85 -12.14
N THR A 69 -5.41 10.99 -10.82
CA THR A 69 -6.46 11.77 -10.14
C THR A 69 -5.82 12.44 -8.91
N SER A 70 -5.30 13.64 -9.15
CA SER A 70 -4.69 14.43 -8.09
C SER A 70 -5.75 15.02 -7.17
N ASP A 71 -6.42 14.14 -6.41
CA ASP A 71 -7.49 14.58 -5.51
C ASP A 71 -6.99 15.60 -4.47
N ASP A 72 -6.14 15.13 -3.55
CA ASP A 72 -5.57 15.96 -2.51
C ASP A 72 -4.02 15.95 -2.60
N GLY A 73 -3.59 16.01 -3.84
CA GLY A 73 -2.31 16.16 -4.47
C GLY A 73 -1.61 15.02 -5.21
N GLU A 74 -1.22 13.86 -4.74
CA GLU A 74 -0.72 12.85 -5.72
C GLU A 74 -1.57 11.62 -5.51
N VAL A 75 -2.86 11.77 -5.80
CA VAL A 75 -3.81 10.68 -5.59
C VAL A 75 -4.03 9.93 -6.91
N TYR A 76 -4.48 8.68 -6.81
CA TYR A 76 -4.70 7.85 -7.97
C TYR A 76 -6.02 7.09 -7.86
N TYR A 77 -6.62 6.79 -9.00
CA TYR A 77 -7.89 6.09 -9.04
C TYR A 77 -7.88 4.98 -10.08
N SER A 78 -8.34 3.80 -9.69
CA SER A 78 -8.40 2.69 -10.64
C SER A 78 -9.86 2.48 -11.04
N GLU A 79 -10.26 3.16 -12.11
CA GLU A 79 -11.64 3.07 -12.60
C GLU A 79 -11.94 1.64 -13.03
N GLU A 80 -11.00 1.02 -13.72
CA GLU A 80 -11.15 -0.35 -14.19
C GLU A 80 -11.22 -1.32 -13.01
N ALA A 81 -10.65 -0.92 -11.87
CA ALA A 81 -10.64 -1.77 -10.69
C ALA A 81 -11.73 -1.38 -9.67
N LYS A 82 -12.30 -0.18 -9.81
CA LYS A 82 -13.34 0.30 -8.90
C LYS A 82 -12.78 0.53 -7.50
N LYS A 83 -11.68 1.26 -7.45
CA LYS A 83 -10.98 1.54 -6.20
C LYS A 83 -10.14 2.81 -6.28
N LYS A 84 -10.03 3.53 -5.19
CA LYS A 84 -9.25 4.75 -5.13
C LYS A 84 -8.09 4.64 -4.15
N VAL A 85 -6.98 5.35 -4.46
CA VAL A 85 -5.87 5.36 -3.52
C VAL A 85 -5.49 6.84 -3.35
N GLU A 86 -5.46 7.24 -2.08
CA GLU A 86 -5.15 8.62 -1.75
C GLU A 86 -4.04 8.65 -0.70
N VAL A 87 -2.91 9.19 -1.14
CA VAL A 87 -1.75 9.32 -0.27
C VAL A 87 -1.98 10.42 0.75
N LEU A 88 -2.09 10.03 2.02
CA LEU A 88 -2.34 11.01 3.08
C LEU A 88 -1.06 11.77 3.37
N ASP A 89 0.04 11.05 3.58
CA ASP A 89 1.34 11.67 3.84
C ASP A 89 2.47 10.67 3.60
N THR A 90 3.62 11.17 3.21
CA THR A 90 4.77 10.32 2.93
C THR A 90 6.08 11.07 3.18
N ASP A 91 7.06 10.37 3.73
CA ASP A 91 8.36 10.97 4.00
C ASP A 91 9.31 10.66 2.84
N TYR A 92 10.14 11.62 2.48
CA TYR A 92 11.07 11.44 1.39
C TYR A 92 12.18 10.44 1.77
N LYS A 93 12.50 10.38 3.06
CA LYS A 93 13.51 9.48 3.58
C LYS A 93 13.02 8.64 4.77
N SER A 94 11.70 8.47 4.88
CA SER A 94 11.17 7.71 6.01
C SER A 94 9.91 6.91 5.63
N TYR A 95 8.99 6.76 6.58
CA TYR A 95 7.75 6.01 6.36
C TYR A 95 6.73 6.82 5.57
N ALA A 96 5.69 6.13 5.11
CA ALA A 96 4.61 6.77 4.36
C ALA A 96 3.27 6.11 4.65
N VAL A 97 2.20 6.88 4.68
CA VAL A 97 0.87 6.34 4.93
C VAL A 97 -0.08 6.64 3.77
N ILE A 98 -0.57 5.60 3.11
CA ILE A 98 -1.46 5.76 1.98
C ILE A 98 -2.86 5.25 2.32
N TYR A 99 -3.87 6.02 1.93
CA TYR A 99 -5.26 5.66 2.19
C TYR A 99 -5.89 5.10 0.92
N ALA A 100 -6.68 4.03 1.07
CA ALA A 100 -7.32 3.40 -0.08
C ALA A 100 -8.77 3.02 0.22
N THR A 101 -9.59 3.06 -0.81
CA THR A 101 -10.99 2.70 -0.70
C THR A 101 -11.53 2.13 -2.01
N ARG A 102 -12.43 1.17 -1.93
CA ARG A 102 -13.03 0.57 -3.12
C ARG A 102 -14.54 0.51 -2.93
N VAL A 103 -15.29 0.87 -3.96
CA VAL A 103 -16.75 0.86 -3.85
C VAL A 103 -17.39 -0.14 -4.82
N LYS A 104 -18.22 -0.99 -4.26
CA LYS A 104 -18.94 -2.05 -4.94
C LYS A 104 -20.44 -1.91 -4.71
N ASP A 105 -21.23 -2.62 -5.50
CA ASP A 105 -22.71 -2.57 -5.39
C ASP A 105 -23.19 -2.30 -3.96
N GLY A 106 -23.41 -1.02 -3.66
CA GLY A 106 -23.96 -0.70 -2.36
C GLY A 106 -22.97 -0.85 -1.21
N ARG A 107 -21.73 -1.24 -1.53
CA ARG A 107 -20.74 -1.51 -0.46
C ARG A 107 -19.38 -0.88 -0.77
N THR A 108 -18.88 -0.14 0.21
CA THR A 108 -17.59 0.52 0.11
C THR A 108 -16.57 -0.10 1.05
N LEU A 109 -15.39 -0.43 0.58
CA LEU A 109 -14.38 -0.99 1.46
C LEU A 109 -13.26 0.01 1.62
N HIS A 110 -12.81 0.20 2.85
CA HIS A 110 -11.73 1.14 3.12
C HIS A 110 -10.55 0.32 3.61
N MET A 111 -9.36 0.72 3.16
CA MET A 111 -8.16 0.01 3.56
C MET A 111 -6.96 0.96 3.47
N MET A 112 -6.38 1.25 4.60
CA MET A 112 -5.21 2.12 4.71
C MET A 112 -3.98 1.29 4.96
N ARG A 113 -2.82 1.81 4.63
CA ARG A 113 -1.58 1.06 4.82
C ARG A 113 -0.37 1.97 5.03
N LEU A 114 0.69 1.39 5.55
CA LEU A 114 1.93 2.12 5.80
C LEU A 114 3.08 1.39 5.11
N TYR A 115 3.83 2.11 4.31
CA TYR A 115 4.95 1.51 3.61
C TYR A 115 6.28 2.05 4.12
N SER A 116 7.29 1.20 4.08
CA SER A 116 8.60 1.62 4.59
C SER A 116 9.54 1.64 3.39
N ARG A 117 10.53 2.53 3.47
CA ARG A 117 11.47 2.72 2.36
C ARG A 117 12.29 1.46 2.12
N SER A 118 12.29 0.54 3.08
CA SER A 118 13.03 -0.71 2.96
C SER A 118 12.21 -1.81 3.66
N PRO A 119 12.57 -3.08 3.47
CA PRO A 119 11.85 -4.21 4.09
C PRO A 119 12.08 -4.28 5.62
N GLU A 120 11.71 -3.22 6.33
CA GLU A 120 11.87 -3.18 7.78
C GLU A 120 10.93 -2.15 8.38
N VAL A 121 10.06 -2.61 9.27
CA VAL A 121 9.07 -1.70 9.86
C VAL A 121 9.76 -0.85 10.93
N SER A 122 9.45 0.44 10.86
CA SER A 122 10.02 1.44 11.74
C SER A 122 9.10 1.80 12.90
N PRO A 123 9.63 1.90 14.13
CA PRO A 123 8.83 2.25 15.30
C PRO A 123 8.05 3.55 15.10
N ALA A 124 8.75 4.57 14.61
CA ALA A 124 8.12 5.88 14.36
C ALA A 124 6.93 5.75 13.42
N ALA A 125 7.10 4.98 12.35
CA ALA A 125 6.05 4.78 11.36
C ALA A 125 4.89 4.01 12.00
N THR A 126 5.25 3.10 12.89
CA THR A 126 4.27 2.27 13.57
C THR A 126 3.36 3.14 14.45
N ALA A 127 3.98 4.01 15.24
CA ALA A 127 3.24 4.89 16.15
C ALA A 127 2.56 6.02 15.40
N ILE A 128 3.24 6.57 14.38
CA ILE A 128 2.69 7.67 13.61
C ILE A 128 1.31 7.29 13.10
N PHE A 129 1.21 6.14 12.43
CA PHE A 129 -0.09 5.69 11.93
C PHE A 129 -1.04 5.39 13.10
N ARG A 130 -0.66 4.38 13.90
CA ARG A 130 -1.48 4.01 15.06
C ARG A 130 -2.05 5.23 15.78
N LYS A 131 -1.26 6.30 15.93
CA LYS A 131 -1.77 7.51 16.59
C LYS A 131 -3.00 8.06 15.87
N LEU A 132 -2.87 8.41 14.59
CA LEU A 132 -4.00 8.92 13.82
C LEU A 132 -5.10 7.87 13.78
N ALA A 133 -4.68 6.61 13.69
CA ALA A 133 -5.61 5.50 13.65
C ALA A 133 -6.57 5.57 14.84
N GLY A 134 -6.07 6.01 15.99
CA GLY A 134 -6.90 6.10 17.17
C GLY A 134 -7.87 7.26 17.08
N GLU A 135 -7.44 8.33 16.41
CA GLU A 135 -8.28 9.51 16.25
C GLU A 135 -9.55 9.15 15.45
N ARG A 136 -9.46 8.06 14.69
CA ARG A 136 -10.59 7.59 13.90
C ARG A 136 -11.29 6.41 14.58
N ASN A 137 -11.09 6.27 15.89
CA ASN A 137 -11.70 5.19 16.67
C ASN A 137 -11.33 3.82 16.14
N TYR A 138 -10.10 3.66 15.66
CA TYR A 138 -9.67 2.38 15.11
C TYR A 138 -9.51 1.35 16.23
N THR A 139 -9.53 0.09 15.85
CA THR A 139 -9.39 -1.02 16.78
C THR A 139 -8.28 -1.95 16.31
N ASP A 140 -7.68 -2.70 17.24
CA ASP A 140 -6.59 -3.62 16.88
C ASP A 140 -6.97 -4.52 15.70
N GLU A 141 -8.12 -5.17 15.78
CA GLU A 141 -8.59 -6.08 14.71
C GLU A 141 -8.54 -5.40 13.34
N MET A 142 -8.68 -4.08 13.30
CA MET A 142 -8.68 -3.35 12.02
C MET A 142 -7.27 -3.10 11.49
N VAL A 143 -6.28 -3.15 12.36
CA VAL A 143 -4.90 -2.90 11.96
C VAL A 143 -4.11 -4.20 11.85
N ALA A 144 -3.19 -4.23 10.90
CA ALA A 144 -2.33 -5.38 10.68
C ALA A 144 -0.88 -4.93 10.67
N MET A 145 -0.10 -5.42 11.63
CA MET A 145 1.31 -5.10 11.75
C MET A 145 2.17 -6.30 11.42
N LEU A 146 3.23 -6.07 10.66
CA LEU A 146 4.12 -7.17 10.27
C LEU A 146 5.51 -7.00 10.89
N PRO A 147 5.86 -7.85 11.86
CA PRO A 147 7.18 -7.80 12.52
C PRO A 147 8.29 -8.25 11.56
N ARG A 148 9.52 -8.28 12.08
CA ARG A 148 10.71 -8.72 11.34
C ARG A 148 10.63 -10.15 10.77
N GLN A 149 9.62 -10.41 9.97
CA GLN A 149 9.31 -11.69 9.37
C GLN A 149 9.66 -11.73 7.89
N GLU A 150 10.52 -10.82 7.44
CA GLU A 150 10.75 -10.69 6.00
C GLU A 150 11.36 -11.98 5.45
N GLU A 151 10.89 -12.31 4.24
CA GLU A 151 11.28 -13.55 3.57
C GLU A 151 11.14 -13.45 2.05
N CYS A 152 9.95 -13.09 1.61
CA CYS A 152 9.74 -13.03 0.16
C CYS A 152 9.79 -11.55 -0.22
N THR A 153 10.58 -11.29 -1.27
CA THR A 153 10.84 -9.94 -1.74
C THR A 153 10.54 -9.80 -3.23
N VAL A 154 9.96 -8.66 -3.61
CA VAL A 154 9.62 -8.39 -5.00
C VAL A 154 10.80 -7.74 -5.72
N ASP A 155 11.02 -8.17 -6.95
CA ASP A 155 12.10 -7.65 -7.79
C ASP A 155 11.89 -6.19 -8.17
N GLU A 156 12.98 -5.50 -8.51
CA GLU A 156 12.93 -4.10 -8.89
C GLU A 156 13.17 -3.93 -10.40
N VAL A 157 14.23 -4.55 -10.91
CA VAL A 157 14.57 -4.47 -12.32
C VAL A 157 15.85 -5.25 -12.60
O6 EB4 B . -3.53 -3.16 -1.71
O4 EB4 B . -5.47 -2.57 -2.14
O5 EB4 B . -5.78 -2.73 -4.29
N1 EB4 B . -8.72 -6.29 -2.01
C5 EB4 B . -5.79 -3.23 -5.56
C4 EB4 B . -6.70 -2.63 -1.55
C1 EB4 B . -7.38 -3.80 -1.82
C2 EB4 B . -5.75 -4.63 -5.62
C6 EB4 B . -2.77 -4.07 -1.05
C8 EB4 B . -5.95 -2.49 -6.72
N2 EB4 B . -6.18 -7.31 -5.72
C9 EB4 B . -1.65 -3.78 -0.28
C10 EB4 B . -8.61 -1.76 -0.38
O3 EB4 B . -4.30 -5.52 -1.99
N3 EB4 B . -4.35 -7.97 -1.07
C16 EB4 B . -8.70 -3.95 -1.38
C7 EB4 B . -7.31 -1.61 -0.84
C3 EB4 B . -3.26 -5.37 -1.12
C11 EB4 B . -6.07 -3.13 -7.94
O1 EB4 B . -6.65 -4.68 -2.54
O2 EB4 B . -5.46 -5.23 -4.44
C12 EB4 B . -1.03 -4.79 0.43
C15 EB4 B . -1.54 -6.08 0.41
C14 EB4 B . -6.09 -4.52 -8.00
C13 EB4 B . -9.29 -2.95 -0.64
O7 EB4 B . -10.58 -5.36 -1.08
C19 EB4 B . -9.41 -5.27 -1.46
C22 EB4 B . -9.28 -7.65 -2.15
C25 EB4 B . -8.45 -8.66 -1.37
O10 EB4 B . -8.99 -9.64 -0.85
O15 EB4 B . -7.13 -8.39 -1.28
C30 EB4 B . -6.32 -9.34 -0.55
C24 EB4 B . -4.95 -9.32 -1.19
C21 EB4 B . -3.17 -7.77 -0.43
C18 EB4 B . -2.67 -6.37 -0.36
O9 EB4 B . -2.58 -8.66 0.16
C27 EB4 B . -5.07 -9.83 -2.66
O12 EB4 B . -5.16 -11.03 -2.91
C28 EB4 B . -9.51 -8.01 -3.61
O13 EB4 B . -8.28 -7.92 -4.35
C26 EB4 B . -7.63 -9.05 -4.77
O11 EB4 B . -7.99 -10.19 -4.49
C23 EB4 B . -6.37 -8.77 -5.58
C29 EB4 B . -5.16 -9.44 -4.93
O14 EB4 B . -5.02 -8.86 -3.62
C20 EB4 B . -6.10 -6.66 -6.90
O8 EB4 B . -6.21 -7.21 -8.00
C17 EB4 B . -5.97 -5.27 -6.83
HN1 EB4 B . -7.78 -6.19 -2.32
H8 EB4 B . -5.95 -1.40 -6.67
HN2 EB4 B . -6.41 -6.75 -4.92
H9 EB4 B . -1.17 -2.80 -0.37
H10 EB4 B . -9.15 -0.91 0.06
HN3 EB4 B . -4.84 -7.24 -1.53
H7 EB4 B . -6.76 -0.68 -0.62
H11 EB4 B . -6.21 -2.54 -8.85
H12 EB4 B . -0.08 -4.60 0.94
H15 EB4 B . -1.09 -6.85 1.04
H14 EB4 B . -6.18 -5.02 -8.96
H13 EB4 B . -10.25 -3.13 -0.14
H22 EB4 B . -8.87 -6.66 -2.04
H30 EB4 B . -6.74 -10.34 -0.67
H30A EB4 B . -6.25 -9.00 0.48
H24 EB4 B . -4.50 -8.33 -1.11
H28 EB4 B . -10.19 -7.33 -4.14
H28A EB4 B . -9.81 -9.07 -3.67
H23 EB4 B . -6.23 -7.71 -5.68
H29 EB4 B . -4.31 -9.09 -5.53
H29A EB4 B . -5.42 -10.49 -4.92
GA GA C . -4.78 -3.92 -3.07
N MET A 1 16.90 3.86 -23.04
CA MET A 1 16.21 2.66 -22.51
C MET A 1 16.65 2.39 -21.08
N THR A 2 15.70 2.37 -20.16
CA THR A 2 15.98 2.11 -18.75
C THR A 2 17.09 3.05 -18.24
N VAL A 3 16.84 4.35 -18.37
CA VAL A 3 17.81 5.36 -17.93
C VAL A 3 17.32 6.03 -16.65
N PRO A 4 18.26 6.36 -15.74
CA PRO A 4 17.93 7.01 -14.46
C PRO A 4 17.43 8.44 -14.64
N ASP A 5 16.40 8.60 -15.48
CA ASP A 5 15.82 9.91 -15.75
C ASP A 5 14.63 10.15 -14.81
N ARG A 6 13.56 9.40 -15.05
CA ARG A 6 12.35 9.47 -14.25
C ARG A 6 12.36 8.50 -13.08
N SER A 7 13.19 7.47 -13.18
CA SER A 7 13.28 6.41 -12.17
C SER A 7 13.38 6.98 -10.76
N GLU A 8 14.13 8.07 -10.61
CA GLU A 8 14.31 8.72 -9.31
C GLU A 8 12.96 9.15 -8.68
N ILE A 9 11.94 9.30 -9.53
CA ILE A 9 10.62 9.71 -9.10
C ILE A 9 9.74 8.51 -8.67
N ALA A 10 10.26 7.30 -8.83
CA ALA A 10 9.50 6.10 -8.48
C ALA A 10 10.41 5.01 -7.91
N GLY A 11 9.85 3.82 -7.69
CA GLY A 11 10.63 2.73 -7.15
C GLY A 11 9.77 1.66 -6.49
N LYS A 12 10.34 1.00 -5.50
CA LYS A 12 9.65 -0.06 -4.78
C LYS A 12 9.38 0.37 -3.33
N TRP A 13 8.24 -0.05 -2.80
CA TRP A 13 7.85 0.28 -1.44
C TRP A 13 7.43 -0.99 -0.70
N TYR A 14 7.77 -1.07 0.57
CA TYR A 14 7.43 -2.24 1.37
C TYR A 14 6.30 -1.94 2.33
N VAL A 15 5.19 -2.69 2.23
CA VAL A 15 4.09 -2.41 3.14
C VAL A 15 4.24 -3.30 4.37
N VAL A 16 4.44 -2.61 5.48
CA VAL A 16 4.61 -3.25 6.78
C VAL A 16 3.46 -2.89 7.71
N ALA A 17 2.48 -2.16 7.17
CA ALA A 17 1.31 -1.75 7.93
C ALA A 17 0.06 -2.05 7.13
N LEU A 18 -1.01 -2.42 7.81
CA LEU A 18 -2.25 -2.76 7.14
C LEU A 18 -3.46 -2.45 8.00
N ALA A 19 -4.54 -2.04 7.36
CA ALA A 19 -5.79 -1.77 8.05
C ALA A 19 -6.93 -2.07 7.09
N SER A 20 -7.95 -2.76 7.56
CA SER A 20 -9.08 -3.11 6.71
C SER A 20 -10.39 -2.94 7.46
N ASN A 21 -11.41 -2.50 6.72
CA ASN A 21 -12.74 -2.28 7.33
C ASN A 21 -13.73 -3.48 7.14
N THR A 22 -13.10 -4.66 7.08
CA THR A 22 -13.81 -5.91 6.95
C THR A 22 -13.42 -6.99 7.97
N GLU A 23 -14.27 -7.67 8.68
CA GLU A 23 -13.82 -8.81 9.51
C GLU A 23 -12.92 -9.76 8.71
N PHE A 24 -13.41 -10.19 7.54
CA PHE A 24 -12.66 -11.12 6.70
C PHE A 24 -11.24 -10.63 6.44
N PHE A 25 -11.11 -9.41 5.90
CA PHE A 25 -9.80 -8.84 5.62
C PHE A 25 -8.89 -8.87 6.84
N LEU A 26 -9.42 -8.41 7.97
CA LEU A 26 -8.66 -8.40 9.22
C LEU A 26 -8.27 -9.82 9.61
N ARG A 27 -9.23 -10.73 9.53
CA ARG A 27 -9.01 -12.12 9.87
C ARG A 27 -7.89 -12.70 9.01
N GLU A 28 -7.99 -12.47 7.71
CA GLU A 28 -6.99 -12.97 6.77
C GLU A 28 -5.68 -12.21 6.89
N LYS A 29 -5.73 -10.88 6.73
CA LYS A 29 -4.52 -10.06 6.82
C LYS A 29 -3.74 -10.29 8.09
N ASP A 30 -4.42 -10.23 9.25
CA ASP A 30 -3.74 -10.45 10.53
C ASP A 30 -3.01 -11.79 10.53
N LYS A 31 -3.62 -12.78 9.88
CA LYS A 31 -3.02 -14.10 9.80
C LYS A 31 -1.95 -14.17 8.74
N MET A 32 -1.96 -13.28 7.70
CA MET A 32 -0.91 -13.61 6.76
C MET A 32 0.52 -12.96 7.07
N LYS A 33 1.11 -12.26 6.10
CA LYS A 33 2.45 -11.66 6.38
C LYS A 33 2.55 -10.36 5.67
N MET A 34 3.71 -9.70 5.73
CA MET A 34 3.85 -8.38 5.11
C MET A 34 3.79 -8.51 3.59
N ALA A 35 3.30 -7.46 2.95
CA ALA A 35 3.12 -7.39 1.50
C ALA A 35 4.11 -6.44 0.86
N MET A 36 4.09 -6.38 -0.46
CA MET A 36 5.00 -5.54 -1.22
C MET A 36 4.25 -4.61 -2.18
N ALA A 37 4.96 -3.59 -2.68
CA ALA A 37 4.35 -2.66 -3.61
C ALA A 37 5.45 -1.90 -4.40
N ARG A 38 5.33 -1.98 -5.71
CA ARG A 38 6.24 -1.29 -6.62
C ARG A 38 5.39 -0.62 -7.68
N ILE A 39 5.65 0.66 -7.93
CA ILE A 39 4.88 1.44 -8.89
C ILE A 39 5.67 1.81 -10.14
N SER A 40 4.98 1.85 -11.28
CA SER A 40 5.60 2.21 -12.54
C SER A 40 4.80 3.31 -13.24
N PHE A 41 5.46 4.38 -13.66
CA PHE A 41 4.77 5.47 -14.35
C PHE A 41 4.47 5.04 -15.80
N LEU A 42 3.20 4.73 -16.05
CA LEU A 42 2.78 4.31 -17.37
C LEU A 42 2.77 5.48 -18.33
N GLY A 43 2.15 6.56 -17.92
CA GLY A 43 2.04 7.73 -18.75
C GLY A 43 1.78 8.96 -17.92
N GLU A 44 1.79 10.12 -18.56
CA GLU A 44 1.53 11.38 -17.86
C GLU A 44 0.20 11.33 -17.08
N ASP A 45 -0.74 10.52 -17.58
CA ASP A 45 -2.05 10.39 -16.92
C ASP A 45 -2.35 8.94 -16.50
N GLU A 46 -1.43 8.00 -16.78
CA GLU A 46 -1.65 6.60 -16.44
C GLU A 46 -0.47 6.05 -15.61
N LEU A 47 -0.77 5.08 -14.76
CA LEU A 47 0.21 4.49 -13.86
C LEU A 47 0.03 3.00 -13.70
N LYS A 48 1.14 2.30 -13.50
CA LYS A 48 1.16 0.86 -13.34
C LYS A 48 1.71 0.50 -11.96
N VAL A 49 1.12 -0.50 -11.31
CA VAL A 49 1.58 -0.90 -9.99
C VAL A 49 1.77 -2.41 -9.90
N SER A 50 2.85 -2.84 -9.26
CA SER A 50 3.12 -4.25 -9.10
C SER A 50 2.96 -4.64 -7.63
N TYR A 51 2.09 -5.61 -7.39
CA TYR A 51 1.81 -6.09 -6.05
C TYR A 51 2.56 -7.38 -5.77
N ALA A 52 3.10 -7.50 -4.56
CA ALA A 52 3.78 -8.73 -4.17
C ALA A 52 3.30 -9.13 -2.77
N VAL A 53 2.61 -10.25 -2.69
CA VAL A 53 2.08 -10.72 -1.41
C VAL A 53 2.35 -12.21 -1.21
N PRO A 54 2.59 -12.62 0.04
CA PRO A 54 2.86 -14.01 0.38
C PRO A 54 1.55 -14.81 0.51
N LYS A 55 1.24 -15.58 -0.51
CA LYS A 55 0.04 -16.42 -0.57
C LYS A 55 0.38 -17.87 -0.26
N PRO A 56 -0.47 -18.57 0.51
CA PRO A 56 -0.23 -19.99 0.86
C PRO A 56 0.31 -20.81 -0.32
N ASN A 57 -0.05 -20.43 -1.54
CA ASN A 57 0.41 -21.13 -2.74
C ASN A 57 1.77 -20.61 -3.22
N GLY A 58 2.34 -19.66 -2.50
CA GLY A 58 3.62 -19.09 -2.88
C GLY A 58 3.52 -17.59 -3.11
N CYS A 59 4.65 -16.94 -3.35
CA CYS A 59 4.68 -15.51 -3.60
C CYS A 59 3.68 -15.12 -4.69
N ARG A 60 2.72 -14.29 -4.33
CA ARG A 60 1.72 -13.86 -5.30
C ARG A 60 2.01 -12.42 -5.73
N LYS A 61 2.14 -12.24 -7.03
CA LYS A 61 2.40 -10.93 -7.59
C LYS A 61 1.34 -10.58 -8.61
N TRP A 62 1.02 -9.30 -8.71
CA TRP A 62 0.05 -8.84 -9.66
C TRP A 62 0.36 -7.39 -10.04
N GLU A 63 0.10 -7.02 -11.28
CA GLU A 63 0.38 -5.64 -11.68
C GLU A 63 -0.89 -5.06 -12.28
N THR A 64 -1.28 -3.93 -11.71
CA THR A 64 -2.48 -3.21 -12.11
C THR A 64 -2.16 -1.81 -12.60
N THR A 65 -2.93 -1.33 -13.57
CA THR A 65 -2.75 0.00 -14.13
C THR A 65 -3.87 0.95 -13.68
N PHE A 66 -3.51 2.14 -13.23
CA PHE A 66 -4.47 3.13 -12.76
C PHE A 66 -4.35 4.42 -13.55
N LYS A 67 -5.24 5.36 -13.28
CA LYS A 67 -5.24 6.65 -13.97
C LYS A 67 -4.96 7.79 -12.98
N LYS A 68 -4.36 8.86 -13.48
CA LYS A 68 -4.04 10.02 -12.66
C LYS A 68 -5.29 10.67 -12.10
N THR A 69 -5.37 10.77 -10.78
CA THR A 69 -6.49 11.47 -10.17
C THR A 69 -5.94 12.18 -8.92
N SER A 70 -5.41 13.37 -9.17
CA SER A 70 -4.84 14.21 -8.13
C SER A 70 -5.93 14.83 -7.27
N ASP A 71 -6.70 13.97 -6.60
CA ASP A 71 -7.79 14.43 -5.75
C ASP A 71 -7.25 15.28 -4.59
N ASP A 72 -6.57 14.62 -3.66
CA ASP A 72 -5.97 15.30 -2.51
C ASP A 72 -4.43 15.23 -2.61
N GLY A 73 -3.95 15.84 -3.65
CA GLY A 73 -2.65 16.08 -4.20
C GLY A 73 -1.95 15.00 -5.03
N GLU A 74 -1.57 13.81 -4.57
CA GLU A 74 -1.05 12.80 -5.55
C GLU A 74 -1.86 11.55 -5.35
N VAL A 75 -3.15 11.68 -5.57
CA VAL A 75 -4.08 10.57 -5.39
C VAL A 75 -4.31 9.88 -6.74
N TYR A 76 -4.78 8.64 -6.67
CA TYR A 76 -5.03 7.86 -7.88
C TYR A 76 -6.35 7.12 -7.80
N TYR A 77 -7.00 6.95 -8.94
CA TYR A 77 -8.29 6.27 -8.98
C TYR A 77 -8.28 5.17 -10.02
N SER A 78 -8.59 3.95 -9.60
CA SER A 78 -8.64 2.84 -10.55
C SER A 78 -10.12 2.57 -10.82
N GLU A 79 -10.67 3.30 -11.78
CA GLU A 79 -12.06 3.18 -12.15
C GLU A 79 -12.33 1.80 -12.76
N GLU A 80 -11.42 1.35 -13.61
CA GLU A 80 -11.56 0.05 -14.27
C GLU A 80 -11.75 -1.09 -13.24
N ALA A 81 -11.18 -0.91 -12.05
CA ALA A 81 -11.31 -1.90 -10.99
C ALA A 81 -12.23 -1.48 -9.83
N LYS A 82 -12.62 -0.20 -9.83
CA LYS A 82 -13.45 0.36 -8.76
C LYS A 82 -12.66 0.41 -7.46
N LYS A 83 -11.49 1.02 -7.52
CA LYS A 83 -10.61 1.14 -6.37
C LYS A 83 -9.83 2.46 -6.42
N LYS A 84 -9.73 3.12 -5.27
CA LYS A 84 -9.04 4.40 -5.14
C LYS A 84 -7.89 4.36 -4.14
N VAL A 85 -6.89 5.20 -4.35
CA VAL A 85 -5.77 5.29 -3.41
C VAL A 85 -5.37 6.76 -3.24
N GLU A 86 -5.20 7.19 -2.00
CA GLU A 86 -4.81 8.56 -1.70
C GLU A 86 -3.67 8.58 -0.70
N VAL A 87 -2.55 9.15 -1.13
CA VAL A 87 -1.38 9.26 -0.27
C VAL A 87 -1.68 10.25 0.85
N LEU A 88 -1.75 9.74 2.07
CA LEU A 88 -2.06 10.57 3.23
C LEU A 88 -0.83 11.39 3.61
N ASP A 89 0.30 10.72 3.78
CA ASP A 89 1.55 11.39 4.13
C ASP A 89 2.74 10.52 3.72
N THR A 90 3.83 11.17 3.34
CA THR A 90 5.03 10.48 2.91
C THR A 90 6.28 11.31 3.17
N ASP A 91 7.36 10.66 3.57
CA ASP A 91 8.61 11.35 3.83
C ASP A 91 9.52 11.23 2.60
N TYR A 92 10.52 12.08 2.53
CA TYR A 92 11.44 12.07 1.40
C TYR A 92 12.55 11.03 1.60
N LYS A 93 12.91 10.79 2.86
CA LYS A 93 13.94 9.81 3.20
C LYS A 93 13.47 8.79 4.24
N SER A 94 12.17 8.75 4.51
CA SER A 94 11.67 7.83 5.53
C SER A 94 10.49 6.98 5.00
N TYR A 95 9.54 6.67 5.89
CA TYR A 95 8.38 5.85 5.53
C TYR A 95 7.23 6.74 5.09
N ALA A 96 6.11 6.11 4.70
CA ALA A 96 4.93 6.83 4.27
C ALA A 96 3.64 6.09 4.58
N VAL A 97 2.51 6.80 4.58
CA VAL A 97 1.21 6.19 4.81
C VAL A 97 0.24 6.57 3.69
N ILE A 98 -0.28 5.57 2.99
CA ILE A 98 -1.20 5.79 1.89
C ILE A 98 -2.58 5.21 2.21
N TYR A 99 -3.62 5.93 1.84
CA TYR A 99 -5.00 5.51 2.07
C TYR A 99 -5.59 4.92 0.81
N ALA A 100 -6.41 3.88 0.98
CA ALA A 100 -7.04 3.22 -0.15
C ALA A 100 -8.51 2.88 0.11
N THR A 101 -9.33 2.92 -0.93
CA THR A 101 -10.75 2.60 -0.82
C THR A 101 -11.27 1.93 -2.10
N ARG A 102 -12.20 0.99 -1.95
CA ARG A 102 -12.82 0.31 -3.09
C ARG A 102 -14.33 0.31 -2.93
N VAL A 103 -15.06 0.72 -3.96
CA VAL A 103 -16.51 0.71 -3.89
C VAL A 103 -17.07 -0.32 -4.89
N LYS A 104 -17.89 -1.19 -4.38
CA LYS A 104 -18.53 -2.28 -5.10
C LYS A 104 -20.04 -2.16 -5.02
N ASP A 105 -20.73 -2.94 -5.84
CA ASP A 105 -22.20 -2.93 -5.87
C ASP A 105 -22.82 -2.62 -4.52
N GLY A 106 -23.15 -1.36 -4.31
CA GLY A 106 -23.84 -1.02 -3.08
C GLY A 106 -22.97 -1.01 -1.82
N ARG A 107 -21.65 -1.17 -1.99
CA ARG A 107 -20.76 -1.30 -0.81
C ARG A 107 -19.36 -0.73 -1.06
N THR A 108 -18.84 -0.04 -0.06
CA THR A 108 -17.50 0.55 -0.10
C THR A 108 -16.53 -0.05 0.92
N LEU A 109 -15.27 -0.25 0.57
CA LEU A 109 -14.31 -0.75 1.52
C LEU A 109 -13.11 0.19 1.59
N HIS A 110 -12.56 0.38 2.77
CA HIS A 110 -11.41 1.24 2.94
C HIS A 110 -10.25 0.40 3.44
N MET A 111 -9.03 0.78 3.09
CA MET A 111 -7.87 0.04 3.53
C MET A 111 -6.75 1.04 3.80
N MET A 112 -6.40 1.14 5.07
CA MET A 112 -5.35 2.07 5.47
C MET A 112 -4.08 1.26 5.58
N ARG A 113 -2.97 1.83 5.14
CA ARG A 113 -1.70 1.12 5.12
C ARG A 113 -0.50 2.05 5.20
N LEU A 114 0.65 1.49 5.52
CA LEU A 114 1.88 2.24 5.65
C LEU A 114 3.03 1.47 5.00
N TYR A 115 3.92 2.18 4.33
CA TYR A 115 5.04 1.54 3.68
C TYR A 115 6.37 2.07 4.20
N SER A 116 7.38 1.22 4.17
CA SER A 116 8.70 1.61 4.66
C SER A 116 9.62 1.66 3.45
N ARG A 117 10.68 2.47 3.57
CA ARG A 117 11.58 2.69 2.44
C ARG A 117 12.27 1.38 2.02
N SER A 118 12.29 0.40 2.91
CA SER A 118 12.91 -0.90 2.65
C SER A 118 12.18 -1.96 3.48
N PRO A 119 12.49 -3.25 3.30
CA PRO A 119 11.86 -4.32 4.07
C PRO A 119 12.20 -4.19 5.57
N GLU A 120 11.52 -3.26 6.23
CA GLU A 120 11.72 -2.99 7.65
C GLU A 120 10.51 -2.30 8.26
N VAL A 121 10.57 -2.10 9.57
CA VAL A 121 9.49 -1.47 10.32
C VAL A 121 10.01 -0.37 11.24
N SER A 122 9.63 0.87 11.01
CA SER A 122 10.08 1.95 11.88
C SER A 122 9.06 2.23 12.98
N PRO A 123 9.49 2.14 14.26
CA PRO A 123 8.63 2.39 15.41
C PRO A 123 7.87 3.71 15.27
N ALA A 124 8.53 4.70 14.67
CA ALA A 124 7.93 6.01 14.46
C ALA A 124 6.68 5.88 13.60
N ALA A 125 6.79 5.07 12.55
CA ALA A 125 5.67 4.85 11.64
C ALA A 125 4.55 4.12 12.37
N THR A 126 4.93 3.16 13.20
CA THR A 126 3.98 2.37 13.98
C THR A 126 3.20 3.30 14.91
N ALA A 127 3.92 4.17 15.62
CA ALA A 127 3.30 5.11 16.53
C ALA A 127 2.49 6.17 15.77
N ILE A 128 3.04 6.64 14.66
CA ILE A 128 2.37 7.65 13.84
C ILE A 128 1.06 7.10 13.27
N PHE A 129 1.16 5.95 12.61
CA PHE A 129 -0.01 5.29 12.03
C PHE A 129 -1.06 5.04 13.12
N ARG A 130 -0.58 4.68 14.31
CA ARG A 130 -1.46 4.39 15.43
C ARG A 130 -2.18 5.66 15.87
N LYS A 131 -1.43 6.74 16.03
CA LYS A 131 -2.00 8.03 16.45
C LYS A 131 -3.18 8.40 15.57
N LEU A 132 -3.01 8.26 14.25
CA LEU A 132 -4.08 8.57 13.31
C LEU A 132 -5.20 7.53 13.46
N ALA A 133 -4.80 6.27 13.50
CA ALA A 133 -5.77 5.17 13.65
C ALA A 133 -6.66 5.39 14.87
N GLY A 134 -6.08 5.86 15.97
CA GLY A 134 -6.85 6.09 17.18
C GLY A 134 -7.80 7.26 17.03
N GLU A 135 -7.40 8.24 16.20
CA GLU A 135 -8.21 9.42 15.96
C GLU A 135 -9.53 9.02 15.29
N ARG A 136 -9.50 7.90 14.58
CA ARG A 136 -10.67 7.40 13.87
C ARG A 136 -11.36 6.28 14.66
N ASN A 137 -11.01 6.16 15.95
CA ASN A 137 -11.60 5.12 16.82
C ASN A 137 -11.32 3.71 16.29
N TYR A 138 -10.11 3.51 15.76
CA TYR A 138 -9.75 2.21 15.21
C TYR A 138 -9.63 1.16 16.29
N THR A 139 -9.63 -0.10 15.88
CA THR A 139 -9.50 -1.21 16.81
C THR A 139 -8.22 -1.99 16.46
N ASP A 140 -7.60 -2.60 17.46
CA ASP A 140 -6.33 -3.31 17.21
C ASP A 140 -6.44 -4.30 16.05
N GLU A 141 -7.40 -5.22 16.13
CA GLU A 141 -7.65 -6.21 15.08
C GLU A 141 -7.95 -5.58 13.73
N MET A 142 -8.27 -4.28 13.72
CA MET A 142 -8.60 -3.61 12.46
C MET A 142 -7.32 -3.27 11.69
N VAL A 143 -6.20 -3.24 12.41
CA VAL A 143 -4.88 -2.97 11.88
C VAL A 143 -4.01 -4.22 11.89
N ALA A 144 -3.05 -4.28 10.97
CA ALA A 144 -2.15 -5.42 10.88
C ALA A 144 -0.70 -4.92 10.84
N MET A 145 0.10 -5.37 11.81
CA MET A 145 1.50 -4.98 11.89
C MET A 145 2.39 -6.16 11.52
N LEU A 146 3.43 -5.90 10.73
CA LEU A 146 4.33 -6.95 10.30
C LEU A 146 5.73 -6.77 10.88
N PRO A 147 6.13 -7.65 11.81
CA PRO A 147 7.47 -7.59 12.43
C PRO A 147 8.53 -8.08 11.43
N ARG A 148 9.77 -8.19 11.89
CA ARG A 148 10.89 -8.67 11.05
C ARG A 148 10.72 -10.13 10.56
N GLN A 149 9.61 -10.37 9.88
CA GLN A 149 9.20 -11.64 9.35
C GLN A 149 9.30 -11.77 7.83
N GLU A 150 10.19 -10.96 7.24
CA GLU A 150 10.29 -10.89 5.79
C GLU A 150 11.11 -12.02 5.17
N GLU A 151 10.90 -12.24 3.88
CA GLU A 151 11.59 -13.29 3.14
C GLU A 151 11.38 -13.16 1.64
N CYS A 152 10.13 -12.96 1.26
CA CYS A 152 9.84 -12.89 -0.18
C CYS A 152 9.77 -11.41 -0.51
N THR A 153 10.54 -11.06 -1.55
CA THR A 153 10.69 -9.68 -1.97
C THR A 153 10.39 -9.50 -3.45
N VAL A 154 9.82 -8.35 -3.80
CA VAL A 154 9.48 -8.05 -5.18
C VAL A 154 10.69 -7.50 -5.93
N ASP A 155 10.79 -7.87 -7.19
CA ASP A 155 11.90 -7.43 -8.05
C ASP A 155 11.81 -5.94 -8.36
N GLU A 156 12.96 -5.31 -8.53
CA GLU A 156 13.02 -3.88 -8.82
C GLU A 156 13.53 -3.59 -10.24
N VAL A 157 14.51 -4.38 -10.69
CA VAL A 157 15.07 -4.19 -12.03
C VAL A 157 16.08 -5.28 -12.37
O6 EB4 B . -3.50 -3.56 -2.63
O4 EB4 B . -5.32 -2.66 -2.12
O5 EB4 B . -5.32 -3.08 -4.31
N1 EB4 B . -8.87 -6.03 -2.11
C5 EB4 B . -5.48 -3.63 -5.55
C4 EB4 B . -6.59 -2.55 -1.65
C1 EB4 B . -7.39 -3.62 -2.02
C2 EB4 B . -5.46 -5.02 -5.56
C6 EB4 B . -2.95 -4.24 -1.59
C8 EB4 B . -5.60 -2.92 -6.74
N2 EB4 B . -6.19 -7.61 -5.54
C9 EB4 B . -1.81 -3.86 -0.88
C10 EB4 B . -8.45 -1.51 -0.55
O3 EB4 B . -4.70 -5.66 -2.07
N3 EB4 B . -4.70 -7.98 -0.87
C16 EB4 B . -8.72 -3.66 -1.64
C7 EB4 B . -7.12 -1.49 -0.92
C3 EB4 B . -3.57 -5.45 -1.33
C11 EB4 B . -5.66 -3.62 -7.95
O1 EB4 B . -6.73 -4.55 -2.77
O2 EB4 B . -5.19 -5.58 -4.35
C12 EB4 B . -1.28 -4.73 0.07
C15 EB4 B . -1.90 -5.94 0.33
C14 EB4 B . -5.71 -5.00 -7.95
C13 EB4 B . -9.25 -2.60 -0.88
O7 EB4 B . -10.72 -4.89 -1.50
C19 EB4 B . -9.51 -4.92 -1.70
C22 EB4 B . -9.51 -7.35 -2.20
C25 EB4 B . -8.80 -8.36 -1.31
O10 EB4 B . -9.45 -9.21 -0.69
O15 EB4 B . -7.47 -8.17 -1.16
C30 EB4 B . -6.80 -9.12 -0.30
C24 EB4 B . -5.39 -9.29 -0.84
C21 EB4 B . -3.56 -7.70 -0.20
C18 EB4 B . -3.04 -6.32 -0.38
O9 EB4 B . -3.07 -8.44 0.64
C27 EB4 B . -5.50 -9.96 -2.24
O12 EB4 B . -5.65 -11.18 -2.34
C28 EB4 B . -9.68 -7.81 -3.65
O13 EB4 B . -8.40 -7.88 -4.30
C26 EB4 B . -7.87 -9.10 -4.58
O11 EB4 B . -8.39 -10.17 -4.26
C23 EB4 B . -6.55 -9.03 -5.32
C29 EB4 B . -5.45 -9.78 -4.58
O14 EB4 B . -5.31 -9.13 -3.30
C20 EB4 B . -5.96 -7.06 -6.75
O8 EB4 B . -6.09 -7.66 -7.82
C17 EB4 B . -5.70 -5.69 -6.75
HN1 EB4 B . -7.90 -6.00 -2.40
H8 EB4 B . -5.60 -1.83 -6.74
HN2 EB4 B . -6.31 -7.00 -4.76
H9 EB4 B . -1.25 -2.98 -1.18
H10 EB4 B . -8.91 -0.65 -0.07
HN3 EB4 B . -5.20 -7.26 -1.38
H7 EB4 B . -6.48 -0.67 -0.61
H11 EB4 B . -5.66 -3.07 -8.90
H12 EB4 B . -0.32 -4.50 0.52
H15 EB4 B . -1.49 -6.61 1.08
H14 EB4 B . -5.78 -5.54 -8.90
H13 EB4 B . -10.29 -2.62 -0.58
H22 EB4 B . -9.04 -6.39 -2.13
H30 EB4 B . -7.34 -10.06 -0.34
H30A EB4 B . -6.75 -8.67 0.70
H24 EB4 B . -4.89 -8.34 -0.87
H28 EB4 B . -10.24 -7.11 -4.26
H28A EB4 B . -10.04 -8.84 -3.66
H23 EB4 B . -6.29 -8.00 -5.48
H29 EB4 B . -4.56 -9.56 -5.19
H29A EB4 B . -5.83 -10.79 -4.52
GA GA C . -4.78 -3.99 -3.17
N MET A 1 17.16 3.99 -22.89
CA MET A 1 16.50 2.73 -22.47
C MET A 1 16.87 2.39 -21.04
N THR A 2 15.88 2.35 -20.16
CA THR A 2 16.10 2.03 -18.75
C THR A 2 17.19 2.92 -18.15
N VAL A 3 17.17 4.19 -18.52
CA VAL A 3 18.16 5.16 -18.03
C VAL A 3 17.66 5.85 -16.76
N PRO A 4 18.57 6.25 -15.87
CA PRO A 4 18.22 6.91 -14.61
C PRO A 4 17.67 8.33 -14.82
N ASP A 5 16.59 8.43 -15.59
CA ASP A 5 15.97 9.71 -15.87
C ASP A 5 14.83 9.97 -14.88
N ARG A 6 13.68 9.39 -15.17
CA ARG A 6 12.48 9.49 -14.36
C ARG A 6 12.46 8.48 -13.22
N SER A 7 13.34 7.48 -13.32
CA SER A 7 13.39 6.38 -12.36
C SER A 7 13.36 6.88 -10.91
N GLU A 8 14.12 7.92 -10.62
CA GLU A 8 14.19 8.47 -9.26
C GLU A 8 12.80 8.89 -8.75
N ILE A 9 11.89 9.18 -9.68
CA ILE A 9 10.53 9.58 -9.32
C ILE A 9 9.72 8.40 -8.75
N ALA A 10 10.12 7.17 -9.10
CA ALA A 10 9.42 5.99 -8.63
C ALA A 10 10.39 4.99 -8.01
N GLY A 11 9.93 3.75 -7.81
CA GLY A 11 10.79 2.74 -7.24
C GLY A 11 10.00 1.62 -6.58
N LYS A 12 10.60 0.99 -5.58
CA LYS A 12 9.97 -0.11 -4.86
C LYS A 12 9.61 0.33 -3.44
N TRP A 13 8.45 -0.12 -2.96
CA TRP A 13 8.00 0.22 -1.63
C TRP A 13 7.57 -1.03 -0.88
N TYR A 14 7.94 -1.13 0.38
CA TYR A 14 7.61 -2.30 1.19
C TYR A 14 6.47 -1.98 2.15
N VAL A 15 5.32 -2.69 1.99
CA VAL A 15 4.21 -2.38 2.90
C VAL A 15 4.42 -3.25 4.15
N VAL A 16 4.71 -2.51 5.23
CA VAL A 16 4.98 -3.11 6.53
C VAL A 16 3.79 -2.92 7.45
N ALA A 17 2.71 -2.35 6.93
CA ALA A 17 1.51 -2.10 7.71
C ALA A 17 0.26 -2.26 6.85
N LEU A 18 -0.86 -2.54 7.49
CA LEU A 18 -2.11 -2.75 6.78
C LEU A 18 -3.31 -2.37 7.65
N ALA A 19 -4.37 -1.89 7.02
CA ALA A 19 -5.60 -1.56 7.72
C ALA A 19 -6.77 -1.95 6.82
N SER A 20 -7.74 -2.66 7.40
CA SER A 20 -8.90 -3.08 6.61
C SER A 20 -10.19 -2.71 7.34
N ASN A 21 -11.18 -2.29 6.56
CA ASN A 21 -12.47 -1.90 7.11
C ASN A 21 -13.34 -3.11 7.39
N THR A 22 -13.09 -4.22 6.65
CA THR A 22 -13.85 -5.44 6.87
C THR A 22 -13.09 -6.43 7.77
N GLU A 23 -13.76 -6.91 8.80
CA GLU A 23 -13.15 -7.89 9.71
C GLU A 23 -12.62 -9.10 8.94
N PHE A 24 -13.37 -9.53 7.92
CA PHE A 24 -12.96 -10.66 7.10
C PHE A 24 -11.53 -10.45 6.58
N PHE A 25 -11.30 -9.29 5.97
CA PHE A 25 -9.98 -8.97 5.43
C PHE A 25 -8.96 -8.92 6.56
N LEU A 26 -9.34 -8.29 7.67
CA LEU A 26 -8.47 -8.19 8.84
C LEU A 26 -8.09 -9.58 9.33
N ARG A 27 -9.10 -10.43 9.47
CA ARG A 27 -8.90 -11.79 9.95
C ARG A 27 -7.90 -12.50 9.04
N GLU A 28 -8.11 -12.42 7.73
CA GLU A 28 -7.22 -13.06 6.77
C GLU A 28 -5.86 -12.36 6.76
N LYS A 29 -5.86 -11.04 6.59
CA LYS A 29 -4.62 -10.28 6.57
C LYS A 29 -3.80 -10.51 7.83
N ASP A 30 -4.45 -10.46 8.99
CA ASP A 30 -3.75 -10.68 10.27
C ASP A 30 -3.04 -12.03 10.25
N LYS A 31 -3.59 -12.98 9.50
CA LYS A 31 -3.00 -14.30 9.38
C LYS A 31 -1.85 -14.32 8.39
N MET A 32 -1.82 -13.33 7.40
CA MET A 32 -0.67 -13.58 6.54
C MET A 32 0.66 -12.85 6.94
N LYS A 33 1.33 -12.20 5.98
CA LYS A 33 2.64 -11.58 6.33
C LYS A 33 2.71 -10.28 5.59
N MET A 34 3.85 -9.58 5.68
CA MET A 34 3.97 -8.26 5.04
C MET A 34 3.98 -8.45 3.52
N ALA A 35 3.51 -7.43 2.83
CA ALA A 35 3.35 -7.42 1.37
C ALA A 35 4.34 -6.47 0.72
N MET A 36 4.32 -6.42 -0.60
CA MET A 36 5.23 -5.58 -1.37
C MET A 36 4.46 -4.66 -2.32
N ALA A 37 5.17 -3.65 -2.84
CA ALA A 37 4.54 -2.72 -3.79
C ALA A 37 5.63 -2.00 -4.60
N ARG A 38 5.51 -2.12 -5.91
CA ARG A 38 6.44 -1.46 -6.83
C ARG A 38 5.59 -0.76 -7.88
N ILE A 39 5.82 0.51 -8.08
CA ILE A 39 5.04 1.33 -9.01
C ILE A 39 5.84 1.73 -10.24
N SER A 40 5.16 1.94 -11.36
CA SER A 40 5.80 2.36 -12.59
C SER A 40 4.94 3.36 -13.38
N PHE A 41 5.56 4.41 -13.88
CA PHE A 41 4.81 5.43 -14.63
C PHE A 41 4.59 4.98 -16.07
N LEU A 42 3.34 4.62 -16.37
CA LEU A 42 2.97 4.19 -17.70
C LEU A 42 2.90 5.39 -18.64
N GLY A 43 2.37 6.48 -18.13
CA GLY A 43 2.17 7.68 -18.90
C GLY A 43 1.90 8.87 -18.00
N GLU A 44 1.72 10.04 -18.61
CA GLU A 44 1.42 11.24 -17.84
C GLU A 44 0.16 11.06 -16.98
N ASP A 45 -0.84 10.37 -17.54
CA ASP A 45 -2.09 10.11 -16.83
C ASP A 45 -2.30 8.60 -16.60
N GLU A 46 -1.32 7.80 -16.99
CA GLU A 46 -1.43 6.35 -16.85
C GLU A 46 -0.31 5.86 -15.93
N LEU A 47 -0.66 4.96 -15.03
CA LEU A 47 0.28 4.44 -14.04
C LEU A 47 0.10 2.95 -13.81
N LYS A 48 1.20 2.27 -13.53
CA LYS A 48 1.21 0.83 -13.32
C LYS A 48 1.81 0.49 -11.96
N VAL A 49 1.24 -0.51 -11.28
CA VAL A 49 1.76 -0.91 -9.98
C VAL A 49 1.89 -2.43 -9.88
N SER A 50 2.96 -2.88 -9.26
CA SER A 50 3.21 -4.31 -9.09
C SER A 50 3.01 -4.69 -7.63
N TYR A 51 2.14 -5.66 -7.41
CA TYR A 51 1.83 -6.13 -6.06
C TYR A 51 2.58 -7.42 -5.78
N ALA A 52 3.11 -7.55 -4.58
CA ALA A 52 3.81 -8.76 -4.20
C ALA A 52 3.34 -9.20 -2.81
N VAL A 53 2.69 -10.36 -2.74
CA VAL A 53 2.19 -10.86 -1.47
C VAL A 53 2.53 -12.33 -1.28
N PRO A 54 3.04 -12.70 -0.09
CA PRO A 54 3.38 -14.09 0.21
C PRO A 54 2.13 -14.87 0.59
N LYS A 55 1.59 -15.58 -0.38
CA LYS A 55 0.39 -16.38 -0.22
C LYS A 55 0.75 -17.84 0.04
N PRO A 56 0.01 -18.52 0.94
CA PRO A 56 0.26 -19.94 1.26
C PRO A 56 0.60 -20.80 0.04
N ASN A 57 0.11 -20.41 -1.13
CA ASN A 57 0.38 -21.15 -2.37
C ASN A 57 1.61 -20.64 -3.09
N GLY A 58 2.36 -19.73 -2.44
CA GLY A 58 3.56 -19.17 -3.04
C GLY A 58 3.48 -17.67 -3.19
N CYS A 59 4.61 -17.04 -3.48
CA CYS A 59 4.64 -15.59 -3.65
C CYS A 59 3.72 -15.17 -4.79
N ARG A 60 2.66 -14.45 -4.45
CA ARG A 60 1.72 -14.01 -5.46
C ARG A 60 1.94 -12.54 -5.78
N LYS A 61 2.14 -12.25 -7.05
CA LYS A 61 2.34 -10.89 -7.51
C LYS A 61 1.24 -10.51 -8.48
N TRP A 62 0.99 -9.22 -8.64
CA TRP A 62 -0.04 -8.75 -9.55
C TRP A 62 0.31 -7.34 -10.01
N GLU A 63 -0.08 -7.01 -11.23
CA GLU A 63 0.22 -5.68 -11.74
C GLU A 63 -1.06 -5.04 -12.24
N THR A 64 -1.30 -3.83 -11.75
CA THR A 64 -2.51 -3.08 -12.07
C THR A 64 -2.18 -1.67 -12.57
N THR A 65 -3.04 -1.15 -13.44
CA THR A 65 -2.90 0.17 -14.01
C THR A 65 -3.92 1.15 -13.42
N PHE A 66 -3.52 2.36 -13.11
CA PHE A 66 -4.44 3.35 -12.55
C PHE A 66 -4.34 4.67 -13.31
N LYS A 67 -5.23 5.61 -12.99
CA LYS A 67 -5.25 6.92 -13.61
C LYS A 67 -4.93 8.02 -12.61
N LYS A 68 -4.31 9.09 -13.11
CA LYS A 68 -3.95 10.22 -12.27
C LYS A 68 -5.19 10.87 -11.67
N THR A 69 -5.24 10.96 -10.33
CA THR A 69 -6.36 11.67 -9.70
C THR A 69 -5.78 12.41 -8.48
N SER A 70 -5.25 13.60 -8.80
CA SER A 70 -4.66 14.46 -7.78
C SER A 70 -5.75 15.14 -6.96
N ASP A 71 -6.60 14.32 -6.31
CA ASP A 71 -7.69 14.83 -5.50
C ASP A 71 -7.13 15.68 -4.37
N ASP A 72 -6.33 15.06 -3.52
CA ASP A 72 -5.69 15.76 -2.41
C ASP A 72 -4.17 15.53 -2.47
N GLY A 73 -3.55 16.27 -3.29
CA GLY A 73 -2.19 16.38 -3.69
C GLY A 73 -1.56 15.27 -4.57
N GLU A 74 -1.46 14.01 -4.16
CA GLU A 74 -0.97 12.98 -5.11
C GLU A 74 -1.82 11.74 -4.91
N VAL A 75 -3.12 11.90 -5.18
CA VAL A 75 -4.06 10.80 -5.01
C VAL A 75 -4.28 10.11 -6.37
N TYR A 76 -4.80 8.88 -6.32
CA TYR A 76 -5.05 8.10 -7.54
C TYR A 76 -6.36 7.32 -7.45
N TYR A 77 -6.98 7.08 -8.60
CA TYR A 77 -8.23 6.35 -8.65
C TYR A 77 -8.22 5.29 -9.74
N SER A 78 -8.63 4.07 -9.38
CA SER A 78 -8.68 2.98 -10.33
C SER A 78 -10.13 2.75 -10.75
N GLU A 79 -10.53 3.37 -11.85
CA GLU A 79 -11.90 3.25 -12.32
C GLU A 79 -12.21 1.83 -12.77
N GLU A 80 -11.31 1.24 -13.56
CA GLU A 80 -11.47 -0.12 -14.05
C GLU A 80 -11.55 -1.11 -12.89
N ALA A 81 -10.83 -0.83 -11.81
CA ALA A 81 -10.81 -1.71 -10.66
C ALA A 81 -11.82 -1.30 -9.57
N LYS A 82 -12.36 -0.08 -9.67
CA LYS A 82 -13.33 0.41 -8.70
C LYS A 82 -12.65 0.56 -7.34
N LYS A 83 -11.49 1.22 -7.36
CA LYS A 83 -10.68 1.41 -6.17
C LYS A 83 -10.05 2.79 -6.11
N LYS A 84 -10.08 3.40 -4.94
CA LYS A 84 -9.50 4.73 -4.75
C LYS A 84 -8.32 4.66 -3.77
N VAL A 85 -7.30 5.49 -4.01
CA VAL A 85 -6.15 5.52 -3.11
C VAL A 85 -5.72 6.98 -2.89
N GLU A 86 -5.52 7.33 -1.62
CA GLU A 86 -5.12 8.69 -1.28
C GLU A 86 -3.97 8.66 -0.28
N VAL A 87 -2.83 9.20 -0.71
CA VAL A 87 -1.66 9.27 0.15
C VAL A 87 -1.93 10.34 1.21
N LEU A 88 -2.12 9.91 2.44
CA LEU A 88 -2.45 10.85 3.51
C LEU A 88 -1.21 11.70 3.79
N ASP A 89 -0.05 11.07 3.93
CA ASP A 89 1.20 11.79 4.15
C ASP A 89 2.39 10.89 3.93
N THR A 90 3.53 11.49 3.59
CA THR A 90 4.73 10.72 3.34
C THR A 90 5.99 11.52 3.65
N ASP A 91 7.02 10.85 4.13
CA ASP A 91 8.28 11.49 4.44
C ASP A 91 9.20 11.36 3.23
N TYR A 92 9.89 12.43 2.87
CA TYR A 92 10.78 12.40 1.73
C TYR A 92 11.90 11.36 1.89
N LYS A 93 12.29 11.11 3.15
CA LYS A 93 13.32 10.14 3.47
C LYS A 93 12.93 9.20 4.60
N SER A 94 11.65 8.89 4.73
CA SER A 94 11.22 8.02 5.81
C SER A 94 9.97 7.19 5.44
N TYR A 95 9.12 6.91 6.42
CA TYR A 95 7.91 6.11 6.22
C TYR A 95 6.83 6.90 5.48
N ALA A 96 5.85 6.18 4.97
CA ALA A 96 4.72 6.78 4.25
C ALA A 96 3.42 6.02 4.53
N VAL A 97 2.32 6.74 4.64
CA VAL A 97 1.02 6.12 4.90
C VAL A 97 0.02 6.48 3.80
N ILE A 98 -0.54 5.47 3.15
CA ILE A 98 -1.50 5.70 2.07
C ILE A 98 -2.88 5.14 2.45
N TYR A 99 -3.92 5.88 2.08
CA TYR A 99 -5.29 5.47 2.37
C TYR A 99 -5.90 4.88 1.10
N ALA A 100 -6.64 3.78 1.24
CA ALA A 100 -7.26 3.12 0.11
C ALA A 100 -8.70 2.70 0.40
N THR A 101 -9.52 2.70 -0.65
CA THR A 101 -10.93 2.33 -0.54
C THR A 101 -11.44 1.67 -1.83
N ARG A 102 -12.38 0.73 -1.71
CA ARG A 102 -12.98 0.07 -2.87
C ARG A 102 -14.49 0.04 -2.67
N VAL A 103 -15.25 0.42 -3.67
CA VAL A 103 -16.71 0.39 -3.56
C VAL A 103 -17.32 -0.57 -4.56
N LYS A 104 -18.18 -1.43 -4.09
CA LYS A 104 -18.85 -2.48 -4.82
C LYS A 104 -20.35 -2.46 -4.57
N ASP A 105 -21.07 -3.29 -5.32
CA ASP A 105 -22.54 -3.39 -5.21
C ASP A 105 -23.08 -3.02 -3.83
N GLY A 106 -23.40 -1.73 -3.67
CA GLY A 106 -24.05 -1.36 -2.42
C GLY A 106 -23.11 -1.36 -1.20
N ARG A 107 -21.82 -1.62 -1.42
CA ARG A 107 -20.89 -1.80 -0.31
C ARG A 107 -19.51 -1.21 -0.60
N THR A 108 -18.97 -0.47 0.36
CA THR A 108 -17.66 0.15 0.27
C THR A 108 -16.64 -0.44 1.24
N LEU A 109 -15.41 -0.62 0.84
CA LEU A 109 -14.39 -1.11 1.75
C LEU A 109 -13.24 -0.13 1.83
N HIS A 110 -12.73 0.08 3.03
CA HIS A 110 -11.62 1.00 3.21
C HIS A 110 -10.44 0.16 3.68
N MET A 111 -9.25 0.55 3.23
CA MET A 111 -8.04 -0.19 3.60
C MET A 111 -6.86 0.78 3.53
N MET A 112 -6.28 1.03 4.70
CA MET A 112 -5.16 1.96 4.75
C MET A 112 -3.90 1.11 4.73
N ARG A 113 -2.80 1.72 4.28
CA ARG A 113 -1.54 0.99 4.15
C ARG A 113 -0.35 1.85 4.55
N LEU A 114 0.62 1.22 5.20
CA LEU A 114 1.83 1.90 5.63
C LEU A 114 3.03 1.17 5.06
N TYR A 115 3.91 1.90 4.38
CA TYR A 115 5.07 1.29 3.78
C TYR A 115 6.36 1.93 4.25
N SER A 116 7.44 1.17 4.18
CA SER A 116 8.74 1.66 4.61
C SER A 116 9.64 1.69 3.39
N ARG A 117 10.64 2.57 3.42
CA ARG A 117 11.53 2.73 2.27
C ARG A 117 12.29 1.44 1.99
N SER A 118 12.30 0.52 2.94
CA SER A 118 12.96 -0.77 2.79
C SER A 118 12.13 -1.82 3.56
N PRO A 119 12.45 -3.12 3.42
CA PRO A 119 11.70 -4.18 4.09
C PRO A 119 11.95 -4.20 5.62
N GLU A 120 11.49 -3.16 6.31
CA GLU A 120 11.66 -3.10 7.76
C GLU A 120 10.70 -2.08 8.38
N VAL A 121 9.84 -2.56 9.28
CA VAL A 121 8.86 -1.66 9.90
C VAL A 121 9.58 -0.87 11.00
N SER A 122 9.37 0.46 10.92
CA SER A 122 9.99 1.40 11.83
C SER A 122 9.02 1.84 12.93
N PRO A 123 9.51 2.00 14.17
CA PRO A 123 8.68 2.44 15.30
C PRO A 123 7.97 3.76 15.01
N ALA A 124 8.72 4.71 14.44
CA ALA A 124 8.17 6.03 14.12
C ALA A 124 6.95 5.90 13.22
N ALA A 125 7.08 5.12 12.15
CA ALA A 125 5.97 4.93 11.21
C ALA A 125 4.83 4.19 11.91
N THR A 126 5.19 3.24 12.76
CA THR A 126 4.22 2.45 13.50
C THR A 126 3.40 3.34 14.42
N ALA A 127 4.09 4.14 15.24
CA ALA A 127 3.42 5.04 16.18
C ALA A 127 2.59 6.08 15.44
N ILE A 128 3.11 6.58 14.32
CA ILE A 128 2.41 7.59 13.53
C ILE A 128 1.15 7.00 12.91
N PHE A 129 1.31 5.86 12.23
CA PHE A 129 0.18 5.19 11.58
C PHE A 129 -0.91 4.87 12.60
N ARG A 130 -0.51 4.48 13.81
CA ARG A 130 -1.47 4.14 14.85
C ARG A 130 -2.21 5.37 15.35
N LYS A 131 -1.47 6.45 15.59
CA LYS A 131 -2.07 7.70 16.08
C LYS A 131 -3.24 8.12 15.20
N LEU A 132 -3.04 8.09 13.89
CA LEU A 132 -4.09 8.47 12.95
C LEU A 132 -5.24 7.47 13.06
N ALA A 133 -4.88 6.18 13.10
CA ALA A 133 -5.86 5.11 13.23
C ALA A 133 -6.74 5.32 14.47
N GLY A 134 -6.13 5.78 15.57
CA GLY A 134 -6.88 5.99 16.79
C GLY A 134 -7.78 7.20 16.68
N GLU A 135 -7.35 8.20 15.91
CA GLU A 135 -8.12 9.42 15.72
C GLU A 135 -9.45 9.08 15.06
N ARG A 136 -9.48 7.97 14.32
CA ARG A 136 -10.68 7.52 13.63
C ARG A 136 -11.40 6.45 14.45
N ASN A 137 -11.09 6.37 15.75
CA ASN A 137 -11.70 5.39 16.65
C ASN A 137 -11.54 3.96 16.13
N TYR A 138 -10.38 3.67 15.54
CA TYR A 138 -10.13 2.34 14.99
C TYR A 138 -9.91 1.33 16.12
N THR A 139 -9.97 0.05 15.75
CA THR A 139 -9.74 -1.02 16.71
C THR A 139 -8.54 -1.84 16.23
N ASP A 140 -7.83 -2.47 17.18
CA ASP A 140 -6.63 -3.23 16.83
C ASP A 140 -6.85 -4.15 15.63
N GLU A 141 -7.92 -4.95 15.70
CA GLU A 141 -8.25 -5.89 14.61
C GLU A 141 -8.36 -5.21 13.24
N MET A 142 -8.52 -3.89 13.21
CA MET A 142 -8.65 -3.18 11.94
C MET A 142 -7.28 -2.91 11.30
N VAL A 143 -6.23 -2.95 12.09
CA VAL A 143 -4.87 -2.72 11.63
C VAL A 143 -4.03 -4.00 11.68
N ALA A 144 -3.04 -4.09 10.80
CA ALA A 144 -2.16 -5.24 10.74
C ALA A 144 -0.70 -4.80 10.64
N MET A 145 0.13 -5.28 11.55
CA MET A 145 1.55 -4.98 11.60
C MET A 145 2.41 -6.19 11.27
N LEU A 146 3.47 -6.00 10.50
CA LEU A 146 4.35 -7.11 10.17
C LEU A 146 5.75 -6.89 10.75
N PRO A 147 6.11 -7.62 11.80
CA PRO A 147 7.44 -7.52 12.44
C PRO A 147 8.53 -8.03 11.51
N ARG A 148 9.75 -8.16 12.02
CA ARG A 148 10.90 -8.65 11.25
C ARG A 148 10.72 -10.11 10.75
N GLN A 149 9.63 -10.34 10.06
CA GLN A 149 9.17 -11.59 9.52
C GLN A 149 9.24 -11.73 8.01
N GLU A 150 10.11 -10.94 7.38
CA GLU A 150 10.16 -10.90 5.91
C GLU A 150 10.95 -12.05 5.31
N GLU A 151 10.67 -12.33 4.04
CA GLU A 151 11.33 -13.42 3.32
C GLU A 151 11.10 -13.31 1.82
N CYS A 152 9.85 -13.01 1.46
CA CYS A 152 9.56 -12.95 0.02
C CYS A 152 9.57 -11.46 -0.34
N THR A 153 10.40 -11.16 -1.36
CA THR A 153 10.62 -9.81 -1.80
C THR A 153 10.39 -9.69 -3.31
N VAL A 154 9.90 -8.52 -3.74
CA VAL A 154 9.64 -8.28 -5.15
C VAL A 154 10.88 -7.72 -5.83
N ASP A 155 11.15 -8.20 -7.03
CA ASP A 155 12.30 -7.75 -7.79
C ASP A 155 12.10 -6.35 -8.37
N GLU A 156 13.19 -5.61 -8.48
CA GLU A 156 13.15 -4.25 -9.01
C GLU A 156 13.66 -4.20 -10.45
N VAL A 157 14.73 -4.94 -10.72
CA VAL A 157 15.33 -4.96 -12.06
C VAL A 157 16.49 -5.94 -12.11
O6 EB4 B . -3.66 -3.86 -2.46
O4 EB4 B . -5.42 -2.90 -1.95
O5 EB4 B . -5.47 -3.20 -4.18
N1 EB4 B . -9.11 -6.14 -2.41
C5 EB4 B . -5.51 -3.68 -5.46
C4 EB4 B . -6.72 -2.80 -1.57
C1 EB4 B . -7.53 -3.80 -2.08
C2 EB4 B . -5.47 -5.05 -5.58
C6 EB4 B . -3.11 -4.67 -1.51
C8 EB4 B . -5.60 -2.88 -6.60
N2 EB4 B . -6.23 -7.60 -5.75
C9 EB4 B . -1.96 -4.39 -0.76
C10 EB4 B . -8.62 -1.78 -0.51
O3 EB4 B . -4.98 -5.92 -2.02
N3 EB4 B . -5.09 -8.29 -1.03
C16 EB4 B . -8.90 -3.80 -1.80
C7 EB4 B . -7.26 -1.79 -0.78
C3 EB4 B . -3.85 -5.82 -1.25
C11 EB4 B . -5.59 -3.49 -7.87
O1 EB4 B . -6.85 -4.70 -2.84
O2 EB4 B . -5.25 -5.69 -4.40
C12 EB4 B . -1.54 -5.31 0.19
C15 EB4 B . -2.24 -6.48 0.40
C14 EB4 B . -5.61 -4.88 -7.97
C13 EB4 B . -9.44 -2.78 -1.02
O7 EB4 B . -10.96 -4.96 -1.83
C19 EB4 B . -9.74 -5.03 -1.98
C22 EB4 B . -9.77 -7.45 -2.63
C25 EB4 B . -9.18 -8.53 -1.74
O10 EB4 B . -9.88 -9.46 -1.33
O15 EB4 B . -7.86 -8.42 -1.48
C30 EB4 B . -7.24 -9.41 -0.64
C24 EB4 B . -5.79 -9.59 -1.12
C21 EB4 B . -3.99 -8.10 -0.26
C18 EB4 B . -3.41 -6.73 -0.30
O9 EB4 B . -3.55 -8.96 0.48
C27 EB4 B . -5.84 -10.18 -2.55
O12 EB4 B . -6.05 -11.37 -2.74
C28 EB4 B . -9.87 -7.81 -4.10
O13 EB4 B . -8.56 -7.89 -4.69
C26 EB4 B . -8.04 -9.10 -5.01
O11 EB4 B . -8.56 -10.18 -4.75
C23 EB4 B . -6.65 -9.04 -5.63
C29 EB4 B . -5.64 -9.86 -4.86
O14 EB4 B . -5.57 -9.31 -3.54
C20 EB4 B . -5.93 -6.99 -6.91
O8 EB4 B . -6.14 -7.52 -8.00
C17 EB4 B . -5.62 -5.65 -6.82
HN1 EB4 B . -8.16 -6.10 -2.73
H8 EB4 B . -5.67 -1.79 -6.53
HN2 EB4 B . -6.35 -7.06 -4.92
H9 EB4 B . -1.38 -3.50 -0.99
H10 EB4 B . -9.07 -0.94 0.02
HN3 EB4 B . -5.55 -7.51 -1.49
H7 EB4 B . -6.62 -1.00 -0.38
H11 EB4 B . -5.53 -2.86 -8.76
H12 EB4 B . -0.55 -5.20 0.63
H15 EB4 B . -1.91 -7.20 1.16
H14 EB4 B . -5.62 -5.34 -8.94
H13 EB4 B . -10.49 -2.80 -0.78
H22 EB4 B . -9.30 -6.51 -2.47
H30 EB4 B . -7.75 -10.37 -0.77
H30A EB4 B . -7.24 -9.04 0.40
H24 EB4 B . -5.28 -8.63 -1.05
H28 EB4 B . -10.37 -7.06 -4.73
H28A EB4 B . -10.27 -8.82 -4.22
H23 EB4 B . -6.35 -8.02 -5.71
H29 EB4 B . -4.68 -9.64 -5.37
H29A EB4 B . -6.03 -10.86 -4.90
GA GA C . -4.89 -4.21 -3.06
N MET A 1 16.82 4.02 -23.21
CA MET A 1 16.40 2.68 -22.73
C MET A 1 16.90 2.43 -21.32
N THR A 2 15.97 2.22 -20.39
CA THR A 2 16.31 1.94 -19.00
C THR A 2 17.32 2.96 -18.45
N VAL A 3 17.06 4.25 -18.70
CA VAL A 3 17.94 5.30 -18.23
C VAL A 3 17.42 5.91 -16.93
N PRO A 4 18.32 6.16 -15.96
CA PRO A 4 17.95 6.73 -14.66
C PRO A 4 17.53 8.20 -14.76
N ASP A 5 16.52 8.45 -15.60
CA ASP A 5 16.02 9.81 -15.80
C ASP A 5 14.79 10.05 -14.93
N ARG A 6 13.69 9.42 -15.29
CA ARG A 6 12.43 9.50 -14.56
C ARG A 6 12.39 8.54 -13.37
N SER A 7 13.29 7.54 -13.42
CA SER A 7 13.34 6.51 -12.38
C SER A 7 13.32 7.12 -10.97
N GLU A 8 13.91 8.30 -10.83
CA GLU A 8 13.98 9.01 -9.56
C GLU A 8 12.57 9.24 -8.99
N ILE A 9 11.56 9.26 -9.86
CA ILE A 9 10.17 9.47 -9.49
C ILE A 9 9.43 8.18 -9.10
N ALA A 10 10.12 7.03 -9.20
CA ALA A 10 9.49 5.76 -8.92
C ALA A 10 10.44 4.79 -8.21
N GLY A 11 9.94 3.61 -7.88
CA GLY A 11 10.75 2.62 -7.20
C GLY A 11 9.91 1.52 -6.57
N LYS A 12 10.48 0.85 -5.57
CA LYS A 12 9.79 -0.23 -4.88
C LYS A 12 9.45 0.18 -3.46
N TRP A 13 8.30 -0.27 -2.97
CA TRP A 13 7.85 0.07 -1.62
C TRP A 13 7.40 -1.19 -0.89
N TYR A 14 7.66 -1.25 0.41
CA TYR A 14 7.28 -2.41 1.21
C TYR A 14 6.17 -2.06 2.17
N VAL A 15 4.99 -2.71 2.00
CA VAL A 15 3.90 -2.33 2.91
C VAL A 15 4.10 -3.21 4.17
N VAL A 16 4.50 -2.45 5.20
CA VAL A 16 4.80 -3.04 6.50
C VAL A 16 3.64 -2.77 7.45
N ALA A 17 2.56 -2.19 6.93
CA ALA A 17 1.39 -1.88 7.73
C ALA A 17 0.12 -2.14 6.93
N LEU A 18 -0.96 -2.47 7.61
CA LEU A 18 -2.23 -2.76 6.95
C LEU A 18 -3.41 -2.44 7.86
N ALA A 19 -4.52 -2.01 7.27
CA ALA A 19 -5.73 -1.72 8.01
C ALA A 19 -6.94 -2.03 7.12
N SER A 20 -7.93 -2.71 7.68
CA SER A 20 -9.11 -3.09 6.92
C SER A 20 -10.38 -2.83 7.72
N ASN A 21 -11.46 -2.51 7.01
CA ASN A 21 -12.75 -2.25 7.64
C ASN A 21 -13.62 -3.51 7.67
N THR A 22 -13.18 -4.56 6.94
CA THR A 22 -13.92 -5.82 6.93
C THR A 22 -13.31 -6.87 7.87
N GLU A 23 -14.14 -7.50 8.68
CA GLU A 23 -13.66 -8.53 9.61
C GLU A 23 -12.88 -9.60 8.86
N PHE A 24 -13.48 -10.13 7.78
CA PHE A 24 -12.83 -11.17 6.99
C PHE A 24 -11.41 -10.78 6.59
N PHE A 25 -11.25 -9.61 5.97
CA PHE A 25 -9.95 -9.14 5.55
C PHE A 25 -8.98 -9.05 6.72
N LEU A 26 -9.44 -8.49 7.82
CA LEU A 26 -8.61 -8.37 9.02
C LEU A 26 -8.18 -9.76 9.47
N ARG A 27 -9.16 -10.67 9.50
CA ARG A 27 -8.91 -12.05 9.91
C ARG A 27 -7.83 -12.66 9.03
N GLU A 28 -7.95 -12.47 7.72
CA GLU A 28 -6.99 -13.01 6.78
C GLU A 28 -5.65 -12.26 6.83
N LYS A 29 -5.68 -10.95 6.62
CA LYS A 29 -4.47 -10.13 6.65
C LYS A 29 -3.70 -10.28 7.95
N ASP A 30 -4.38 -10.15 9.08
CA ASP A 30 -3.73 -10.27 10.38
C ASP A 30 -3.00 -11.60 10.50
N LYS A 31 -3.60 -12.65 9.94
CA LYS A 31 -3.01 -13.97 9.99
C LYS A 31 -1.91 -14.12 8.95
N MET A 32 -1.95 -13.24 7.83
CA MET A 32 -0.87 -13.55 6.92
C MET A 32 0.49 -12.84 7.18
N LYS A 33 1.08 -12.17 6.17
CA LYS A 33 2.40 -11.55 6.41
C LYS A 33 2.42 -10.23 5.67
N MET A 34 3.54 -9.51 5.75
CA MET A 34 3.64 -8.18 5.13
C MET A 34 3.63 -8.33 3.61
N ALA A 35 3.10 -7.32 2.94
CA ALA A 35 2.94 -7.30 1.49
C ALA A 35 3.93 -6.31 0.86
N MET A 36 3.93 -6.26 -0.47
CA MET A 36 4.83 -5.40 -1.21
C MET A 36 4.11 -4.55 -2.26
N ALA A 37 4.82 -3.55 -2.77
CA ALA A 37 4.25 -2.69 -3.81
C ALA A 37 5.34 -1.92 -4.56
N ARG A 38 5.32 -2.07 -5.87
CA ARG A 38 6.26 -1.37 -6.75
C ARG A 38 5.44 -0.68 -7.82
N ILE A 39 5.65 0.60 -8.02
CA ILE A 39 4.88 1.40 -8.97
C ILE A 39 5.72 1.88 -10.15
N SER A 40 5.08 2.07 -11.29
CA SER A 40 5.77 2.58 -12.48
C SER A 40 4.84 3.51 -13.28
N PHE A 41 5.37 4.64 -13.73
CA PHE A 41 4.58 5.60 -14.50
C PHE A 41 4.21 5.04 -15.87
N LEU A 42 2.93 4.72 -16.04
CA LEU A 42 2.42 4.19 -17.30
C LEU A 42 2.29 5.31 -18.32
N GLY A 43 1.96 6.50 -17.84
CA GLY A 43 1.77 7.65 -18.69
C GLY A 43 1.54 8.89 -17.87
N GLU A 44 1.42 10.04 -18.52
CA GLU A 44 1.17 11.28 -17.81
C GLU A 44 -0.09 11.18 -16.93
N ASP A 45 -1.12 10.53 -17.46
CA ASP A 45 -2.39 10.37 -16.73
C ASP A 45 -2.64 8.91 -16.33
N GLU A 46 -1.67 8.03 -16.57
CA GLU A 46 -1.82 6.61 -16.24
C GLU A 46 -0.61 6.08 -15.49
N LEU A 47 -0.81 5.01 -14.73
CA LEU A 47 0.23 4.43 -13.90
C LEU A 47 0.11 2.92 -13.77
N LYS A 48 1.22 2.27 -13.56
CA LYS A 48 1.30 0.82 -13.41
C LYS A 48 1.88 0.47 -12.05
N VAL A 49 1.32 -0.55 -11.40
CA VAL A 49 1.81 -0.97 -10.09
C VAL A 49 1.92 -2.48 -10.01
N SER A 50 2.97 -2.97 -9.37
CA SER A 50 3.15 -4.40 -9.21
C SER A 50 3.01 -4.74 -7.74
N TYR A 51 2.08 -5.63 -7.45
CA TYR A 51 1.82 -6.04 -6.07
C TYR A 51 2.54 -7.36 -5.80
N ALA A 52 3.09 -7.48 -4.59
CA ALA A 52 3.79 -8.69 -4.19
C ALA A 52 3.32 -9.14 -2.82
N VAL A 53 2.79 -10.36 -2.72
CA VAL A 53 2.31 -10.88 -1.45
C VAL A 53 2.68 -12.35 -1.28
N PRO A 54 3.11 -12.73 -0.07
CA PRO A 54 3.48 -14.13 0.21
C PRO A 54 2.23 -14.94 0.57
N LYS A 55 1.69 -15.61 -0.42
CA LYS A 55 0.49 -16.42 -0.27
C LYS A 55 0.89 -17.88 -0.04
N PRO A 56 0.16 -18.60 0.84
CA PRO A 56 0.45 -20.01 1.14
C PRO A 56 0.86 -20.81 -0.11
N ASN A 57 0.28 -20.48 -1.25
CA ASN A 57 0.57 -21.15 -2.52
C ASN A 57 1.88 -20.66 -3.13
N GLY A 58 2.60 -19.79 -2.43
CA GLY A 58 3.85 -19.26 -2.94
C GLY A 58 3.80 -17.77 -3.20
N CYS A 59 4.95 -17.16 -3.44
CA CYS A 59 5.02 -15.74 -3.73
C CYS A 59 4.09 -15.34 -4.86
N ARG A 60 3.11 -14.49 -4.56
CA ARG A 60 2.16 -14.01 -5.54
C ARG A 60 2.31 -12.53 -5.87
N LYS A 61 2.22 -12.17 -7.13
CA LYS A 61 2.30 -10.78 -7.54
C LYS A 61 1.14 -10.43 -8.46
N TRP A 62 0.80 -9.16 -8.53
CA TRP A 62 -0.28 -8.72 -9.40
C TRP A 62 0.11 -7.38 -10.01
N GLU A 63 -0.41 -7.15 -11.24
CA GLU A 63 0.00 -5.90 -11.89
C GLU A 63 -1.33 -5.12 -12.04
N THR A 64 -1.24 -3.87 -11.56
CA THR A 64 -2.39 -2.98 -11.52
C THR A 64 -2.12 -1.66 -12.23
N THR A 65 -3.09 -1.23 -13.03
CA THR A 65 -3.00 0.03 -13.76
C THR A 65 -3.93 1.07 -13.13
N PHE A 66 -3.44 2.28 -12.92
CA PHE A 66 -4.25 3.33 -12.31
C PHE A 66 -4.30 4.57 -13.19
N LYS A 67 -5.25 5.45 -12.90
CA LYS A 67 -5.40 6.69 -13.63
C LYS A 67 -5.04 7.88 -12.74
N LYS A 68 -4.54 8.94 -13.35
CA LYS A 68 -4.15 10.13 -12.62
C LYS A 68 -5.36 10.76 -11.93
N THR A 69 -5.31 10.86 -10.59
CA THR A 69 -6.40 11.54 -9.90
C THR A 69 -5.78 12.29 -8.71
N SER A 70 -5.30 13.49 -9.05
CA SER A 70 -4.70 14.37 -8.05
C SER A 70 -5.80 15.01 -7.20
N ASP A 71 -6.54 14.17 -6.49
CA ASP A 71 -7.64 14.63 -5.63
C ASP A 71 -7.12 15.60 -4.58
N ASP A 72 -6.25 15.10 -3.71
CA ASP A 72 -5.66 15.90 -2.65
C ASP A 72 -4.13 15.67 -2.62
N GLY A 73 -3.50 16.02 -3.64
CA GLY A 73 -2.15 16.10 -4.07
C GLY A 73 -1.50 14.98 -4.91
N GLU A 74 -1.19 13.79 -4.45
CA GLU A 74 -0.67 12.77 -5.40
C GLU A 74 -1.57 11.57 -5.22
N VAL A 75 -2.85 11.78 -5.52
CA VAL A 75 -3.84 10.72 -5.36
C VAL A 75 -4.08 10.02 -6.71
N TYR A 76 -4.59 8.80 -6.65
CA TYR A 76 -4.85 8.01 -7.84
C TYR A 76 -6.12 7.18 -7.71
N TYR A 77 -6.74 6.86 -8.84
CA TYR A 77 -7.97 6.08 -8.86
C TYR A 77 -7.94 5.05 -9.99
N SER A 78 -8.43 3.85 -9.70
CA SER A 78 -8.48 2.80 -10.71
C SER A 78 -9.92 2.55 -11.14
N GLU A 79 -10.30 3.15 -12.27
CA GLU A 79 -11.66 3.02 -12.76
C GLU A 79 -12.01 1.58 -13.13
N GLU A 80 -11.12 0.89 -13.84
CA GLU A 80 -11.37 -0.49 -14.23
C GLU A 80 -11.30 -1.43 -13.03
N ALA A 81 -10.61 -1.00 -11.97
CA ALA A 81 -10.48 -1.82 -10.77
C ALA A 81 -11.47 -1.44 -9.67
N LYS A 82 -12.05 -0.24 -9.76
CA LYS A 82 -13.02 0.23 -8.76
C LYS A 82 -12.33 0.44 -7.41
N LYS A 83 -11.19 1.10 -7.46
CA LYS A 83 -10.39 1.35 -6.26
C LYS A 83 -9.68 2.70 -6.33
N LYS A 84 -9.67 3.42 -5.23
CA LYS A 84 -9.01 4.72 -5.15
C LYS A 84 -7.98 4.72 -4.02
N VAL A 85 -6.88 5.42 -4.23
CA VAL A 85 -5.84 5.50 -3.20
C VAL A 85 -5.43 6.96 -3.02
N GLU A 86 -5.34 7.35 -1.74
CA GLU A 86 -4.98 8.73 -1.41
C GLU A 86 -3.84 8.74 -0.40
N VAL A 87 -2.71 9.31 -0.84
CA VAL A 87 -1.54 9.39 0.03
C VAL A 87 -1.84 10.40 1.14
N LEU A 88 -1.88 9.89 2.37
CA LEU A 88 -2.19 10.73 3.52
C LEU A 88 -0.99 11.60 3.86
N ASP A 89 0.17 10.98 4.02
CA ASP A 89 1.41 11.71 4.32
C ASP A 89 2.61 10.84 4.00
N THR A 90 3.73 11.47 3.65
CA THR A 90 4.93 10.74 3.30
C THR A 90 6.18 11.60 3.53
N ASP A 91 7.26 10.95 3.92
CA ASP A 91 8.53 11.64 4.13
C ASP A 91 9.46 11.33 2.96
N TYR A 92 10.10 12.36 2.42
CA TYR A 92 11.00 12.18 1.28
C TYR A 92 12.11 11.18 1.61
N LYS A 93 12.50 11.13 2.88
CA LYS A 93 13.53 10.22 3.35
C LYS A 93 13.09 9.40 4.55
N SER A 94 11.80 9.07 4.63
CA SER A 94 11.31 8.30 5.77
C SER A 94 10.11 7.42 5.39
N TYR A 95 9.22 7.18 6.36
CA TYR A 95 8.04 6.33 6.16
C TYR A 95 6.96 7.08 5.37
N ALA A 96 5.97 6.34 4.89
CA ALA A 96 4.85 6.91 4.15
C ALA A 96 3.55 6.19 4.46
N VAL A 97 2.45 6.93 4.53
CA VAL A 97 1.14 6.35 4.82
C VAL A 97 0.14 6.72 3.73
N ILE A 98 -0.50 5.71 3.14
CA ILE A 98 -1.47 5.95 2.08
C ILE A 98 -2.84 5.38 2.45
N TYR A 99 -3.89 6.11 2.11
CA TYR A 99 -5.25 5.67 2.40
C TYR A 99 -5.82 5.04 1.13
N ALA A 100 -6.55 3.93 1.30
CA ALA A 100 -7.12 3.22 0.17
C ALA A 100 -8.62 3.01 0.33
N THR A 101 -9.34 3.18 -0.76
CA THR A 101 -10.79 2.99 -0.77
C THR A 101 -11.25 2.35 -2.07
N ARG A 102 -12.15 1.40 -1.98
CA ARG A 102 -12.70 0.75 -3.16
C ARG A 102 -14.15 0.38 -2.91
N VAL A 103 -15.00 0.60 -3.89
CA VAL A 103 -16.43 0.37 -3.75
C VAL A 103 -17.01 -0.59 -4.77
N LYS A 104 -17.92 -1.44 -4.31
CA LYS A 104 -18.60 -2.39 -5.16
C LYS A 104 -20.10 -2.12 -5.06
N ASP A 105 -20.84 -2.44 -6.12
CA ASP A 105 -22.28 -2.22 -6.18
C ASP A 105 -22.97 -2.36 -4.82
N GLY A 106 -23.25 -1.22 -4.18
CA GLY A 106 -23.95 -1.24 -2.90
C GLY A 106 -23.06 -1.39 -1.67
N ARG A 107 -21.76 -1.59 -1.87
CA ARG A 107 -20.84 -1.75 -0.73
C ARG A 107 -19.54 -0.97 -0.91
N THR A 108 -19.19 -0.20 0.11
CA THR A 108 -17.99 0.62 0.12
C THR A 108 -16.98 0.07 1.14
N LEU A 109 -15.73 -0.11 0.74
CA LEU A 109 -14.72 -0.60 1.67
C LEU A 109 -13.50 0.31 1.65
N HIS A 110 -12.98 0.58 2.84
CA HIS A 110 -11.80 1.44 2.97
C HIS A 110 -10.68 0.61 3.62
N MET A 111 -9.45 1.04 3.40
CA MET A 111 -8.30 0.34 3.94
C MET A 111 -7.13 1.30 4.13
N MET A 112 -6.39 1.11 5.22
CA MET A 112 -5.24 1.96 5.49
C MET A 112 -3.97 1.17 5.17
N ARG A 113 -3.05 1.82 4.46
CA ARG A 113 -1.81 1.16 4.09
C ARG A 113 -0.60 2.03 4.43
N LEU A 114 0.40 1.38 5.01
CA LEU A 114 1.63 2.06 5.40
C LEU A 114 2.82 1.25 4.89
N TYR A 115 3.78 1.94 4.28
CA TYR A 115 4.94 1.27 3.74
C TYR A 115 6.24 1.89 4.25
N SER A 116 7.30 1.10 4.24
CA SER A 116 8.58 1.60 4.72
C SER A 116 9.49 1.66 3.50
N ARG A 117 10.47 2.58 3.56
CA ARG A 117 11.38 2.79 2.43
C ARG A 117 12.18 1.52 2.16
N SER A 118 12.22 0.61 3.12
CA SER A 118 12.91 -0.66 2.98
C SER A 118 12.05 -1.74 3.64
N PRO A 119 12.37 -3.02 3.44
CA PRO A 119 11.59 -4.12 4.03
C PRO A 119 11.77 -4.23 5.55
N GLU A 120 11.41 -3.17 6.27
CA GLU A 120 11.54 -3.17 7.73
C GLU A 120 10.61 -2.13 8.36
N VAL A 121 9.77 -2.60 9.28
CA VAL A 121 8.81 -1.69 9.93
C VAL A 121 9.55 -0.95 11.05
N SER A 122 9.33 0.37 11.03
CA SER A 122 9.94 1.28 11.99
C SER A 122 8.97 1.74 13.08
N PRO A 123 9.42 1.81 14.33
CA PRO A 123 8.57 2.26 15.45
C PRO A 123 7.91 3.61 15.15
N ALA A 124 8.71 4.55 14.66
CA ALA A 124 8.20 5.89 14.35
C ALA A 124 7.00 5.81 13.42
N ALA A 125 7.13 5.07 12.32
CA ALA A 125 6.04 4.93 11.35
C ALA A 125 4.88 4.16 11.99
N THR A 126 5.23 3.20 12.84
CA THR A 126 4.24 2.39 13.53
C THR A 126 3.35 3.26 14.41
N ALA A 127 3.99 4.07 15.25
CA ALA A 127 3.28 4.96 16.16
C ALA A 127 2.60 6.10 15.42
N ILE A 128 3.30 6.64 14.41
CA ILE A 128 2.75 7.75 13.63
C ILE A 128 1.39 7.37 13.08
N PHE A 129 1.33 6.23 12.38
CA PHE A 129 0.05 5.80 11.84
C PHE A 129 -0.94 5.46 12.95
N ARG A 130 -0.61 4.42 13.74
CA ARG A 130 -1.50 4.02 14.85
C ARG A 130 -2.06 5.26 15.60
N LYS A 131 -1.26 6.30 15.79
CA LYS A 131 -1.75 7.53 16.43
C LYS A 131 -3.01 8.04 15.73
N LEU A 132 -2.89 8.29 14.43
CA LEU A 132 -4.04 8.78 13.65
C LEU A 132 -5.11 7.70 13.60
N ALA A 133 -4.67 6.45 13.50
CA ALA A 133 -5.59 5.32 13.45
C ALA A 133 -6.53 5.35 14.65
N GLY A 134 -6.00 5.72 15.81
CA GLY A 134 -6.81 5.78 17.02
C GLY A 134 -7.78 6.94 16.95
N GLU A 135 -7.36 8.02 16.28
CA GLU A 135 -8.19 9.20 16.14
C GLU A 135 -9.47 8.86 15.38
N ARG A 136 -9.43 7.79 14.58
CA ARG A 136 -10.57 7.35 13.81
C ARG A 136 -11.34 6.25 14.55
N ASN A 137 -11.10 6.15 15.87
CA ASN A 137 -11.75 5.15 16.71
C ASN A 137 -11.53 3.73 16.18
N TYR A 138 -10.37 3.49 15.59
CA TYR A 138 -10.07 2.18 15.03
C TYR A 138 -9.85 1.16 16.14
N THR A 139 -9.86 -0.12 15.76
CA THR A 139 -9.68 -1.20 16.71
C THR A 139 -8.44 -2.00 16.32
N ASP A 140 -7.83 -2.68 17.30
CA ASP A 140 -6.60 -3.44 17.02
C ASP A 140 -6.76 -4.39 15.82
N GLU A 141 -7.81 -5.22 15.86
CA GLU A 141 -8.09 -6.17 14.76
C GLU A 141 -8.25 -5.46 13.41
N MET A 142 -8.44 -4.14 13.41
CA MET A 142 -8.63 -3.42 12.15
C MET A 142 -7.28 -3.16 11.48
N VAL A 143 -6.21 -3.17 12.24
CA VAL A 143 -4.86 -2.95 11.74
C VAL A 143 -4.03 -4.23 11.79
N ALA A 144 -3.04 -4.32 10.91
CA ALA A 144 -2.17 -5.49 10.85
C ALA A 144 -0.70 -5.04 10.75
N MET A 145 0.11 -5.53 11.66
CA MET A 145 1.54 -5.24 11.73
C MET A 145 2.41 -6.44 11.42
N LEU A 146 3.47 -6.25 10.66
CA LEU A 146 4.40 -7.33 10.34
C LEU A 146 5.81 -7.05 10.86
N PRO A 147 6.25 -7.75 11.90
CA PRO A 147 7.60 -7.58 12.45
C PRO A 147 8.66 -8.17 11.52
N ARG A 148 9.86 -8.40 12.03
CA ARG A 148 10.97 -8.99 11.28
C ARG A 148 10.67 -10.41 10.72
N GLN A 149 9.60 -10.51 9.96
CA GLN A 149 9.05 -11.70 9.36
C GLN A 149 9.27 -11.80 7.85
N GLU A 150 10.26 -11.07 7.35
CA GLU A 150 10.48 -10.99 5.90
C GLU A 150 11.21 -12.21 5.33
N GLU A 151 10.92 -12.49 4.07
CA GLU A 151 11.53 -13.61 3.36
C GLU A 151 11.41 -13.46 1.85
N CYS A 152 10.16 -13.31 1.38
CA CYS A 152 9.98 -13.23 -0.07
C CYS A 152 9.82 -11.72 -0.36
N THR A 153 10.58 -11.31 -1.39
CA THR A 153 10.64 -9.91 -1.79
C THR A 153 10.42 -9.74 -3.30
N VAL A 154 9.87 -8.60 -3.68
CA VAL A 154 9.62 -8.31 -5.09
C VAL A 154 10.85 -7.65 -5.71
N ASP A 155 11.21 -8.09 -6.91
CA ASP A 155 12.37 -7.55 -7.60
C ASP A 155 12.08 -6.18 -8.21
N GLU A 156 13.14 -5.40 -8.38
CA GLU A 156 13.03 -4.06 -8.94
C GLU A 156 13.45 -4.03 -10.41
N VAL A 157 14.57 -4.67 -10.71
CA VAL A 157 15.10 -4.71 -12.08
C VAL A 157 16.44 -5.43 -12.13
O6 EB4 B . -4.10 -3.89 -2.75
O4 EB4 B . -5.98 -3.42 -1.69
O5 EB4 B . -4.63 -3.98 -4.87
N1 EB4 B . -9.26 -6.97 -1.79
C5 EB4 B . -5.13 -4.52 -6.02
C4 EB4 B . -7.26 -3.40 -1.24
C1 EB4 B . -8.00 -4.52 -1.62
C2 EB4 B . -5.75 -5.74 -5.82
C6 EB4 B . -3.39 -4.58 -1.82
C8 EB4 B . -4.96 -4.04 -7.31
N2 EB4 B . -6.55 -8.33 -5.53
C9 EB4 B . -2.24 -4.13 -1.19
C10 EB4 B . -9.21 -2.48 -0.14
O3 EB4 B . -5.08 -6.09 -2.18
N3 EB4 B . -4.84 -8.46 -0.99
C16 EB4 B . -9.32 -4.63 -1.23
C7 EB4 B . -7.87 -2.38 -0.52
C3 EB4 B . -3.93 -5.82 -1.51
C11 EB4 B . -5.40 -4.77 -8.40
O1 EB4 B . -7.31 -5.37 -2.40
O2 EB4 B . -5.93 -6.08 -4.52
C12 EB4 B . -1.62 -4.94 -0.25
C15 EB4 B . -2.16 -6.19 0.07
C14 EB4 B . -6.04 -5.98 -8.21
C13 EB4 B . -9.93 -3.62 -0.49
O7 EB4 B . -11.22 -6.04 -1.10
C19 EB4 B . -10.01 -5.95 -1.32
C22 EB4 B . -9.76 -8.36 -1.91
C25 EB4 B . -8.93 -9.32 -1.08
O10 EB4 B . -9.43 -10.26 -0.47
O15 EB4 B . -7.61 -8.98 -1.00
C30 EB4 B . -6.75 -9.83 -0.23
C24 EB4 B . -5.37 -9.84 -0.87
C21 EB4 B . -3.69 -8.07 -0.39
C18 EB4 B . -3.29 -6.65 -0.59
O9 EB4 B . -3.06 -8.79 0.40
C27 EB4 B . -5.52 -10.54 -2.25
O12 EB4 B . -5.61 -11.78 -2.29
C28 EB4 B . -9.94 -8.75 -3.37
O13 EB4 B . -8.72 -8.67 -4.12
C26 EB4 B . -8.15 -9.87 -4.45
O11 EB4 B . -8.56 -10.95 -4.05
C23 EB4 B . -6.87 -9.75 -5.29
C29 EB4 B . -5.69 -10.43 -4.60
O14 EB4 B . -5.49 -9.74 -3.36
C20 EB4 B . -6.47 -7.83 -6.78
O8 EB4 B . -6.82 -8.47 -7.77
C17 EB4 B . -6.18 -6.48 -6.91
HN1 EB4 B . -8.31 -6.84 -2.10
H8 EB4 B . -4.54 -3.04 -7.46
HN2 EB4 B . -5.91 -7.93 -4.87
H9 EB4 B . -1.72 -3.25 -1.55
H10 EB4 B . -9.71 -1.65 0.35
HN3 EB4 B . -5.27 -7.92 -1.72
H7 EB4 B . -7.30 -1.49 -0.24
H11 EB4 B . -5.22 -4.42 -9.43
H12 EB4 B . -0.71 -4.61 0.25
H15 EB4 B . -1.66 -6.83 0.80
H14 EB4 B . -6.30 -6.61 -9.06
H13 EB4 B . -10.95 -3.74 -0.14
H22 EB4 B . -9.39 -7.35 -1.82
H30 EB4 B . -7.15 -10.84 -0.25
H30A EB4 B . -6.68 -9.40 0.77
H24 EB4 B . -4.98 -8.84 -0.96
H28 EB4 B . -10.60 -8.10 -3.93
H28A EB4 B . -10.20 -9.81 -3.38
H23 EB4 B . -6.63 -8.71 -5.47
H29 EB4 B . -4.84 -10.20 -5.24
H29A EB4 B . -5.98 -11.46 -4.48
GA GA C . -5.69 -4.52 -3.30
N MET A 1 16.51 3.87 -22.82
CA MET A 1 16.28 2.53 -22.22
C MET A 1 16.87 2.48 -20.82
N THR A 2 16.03 2.15 -19.83
CA THR A 2 16.47 2.06 -18.43
C THR A 2 17.30 3.29 -18.04
N VAL A 3 16.83 4.47 -18.45
CA VAL A 3 17.53 5.72 -18.15
C VAL A 3 17.38 6.10 -16.67
N PRO A 4 18.45 6.62 -16.06
CA PRO A 4 18.44 7.01 -14.65
C PRO A 4 17.85 8.42 -14.45
N ASP A 5 16.72 8.67 -15.10
CA ASP A 5 16.07 9.98 -14.99
C ASP A 5 14.71 9.85 -14.30
N ARG A 6 13.64 9.74 -15.09
CA ARG A 6 12.29 9.61 -14.53
C ARG A 6 12.21 8.51 -13.48
N SER A 7 12.99 7.45 -13.66
CA SER A 7 13.02 6.31 -12.75
C SER A 7 13.15 6.77 -11.29
N GLU A 8 13.86 7.87 -11.06
CA GLU A 8 14.05 8.41 -9.71
C GLU A 8 12.70 8.76 -9.06
N ILE A 9 11.70 9.03 -9.89
CA ILE A 9 10.38 9.40 -9.40
C ILE A 9 9.56 8.17 -8.95
N ALA A 10 10.08 6.98 -9.22
CA ALA A 10 9.38 5.75 -8.84
C ALA A 10 10.35 4.74 -8.25
N GLY A 11 9.86 3.55 -7.92
CA GLY A 11 10.71 2.53 -7.34
C GLY A 11 9.93 1.44 -6.64
N LYS A 12 10.55 0.86 -5.61
CA LYS A 12 9.93 -0.22 -4.85
C LYS A 12 9.57 0.25 -3.44
N TRP A 13 8.41 -0.16 -2.97
CA TRP A 13 7.95 0.20 -1.63
C TRP A 13 7.51 -1.04 -0.87
N TYR A 14 7.85 -1.10 0.41
CA TYR A 14 7.49 -2.27 1.22
C TYR A 14 6.32 -1.96 2.13
N VAL A 15 5.21 -2.71 2.00
CA VAL A 15 4.13 -2.39 2.90
C VAL A 15 4.34 -3.28 4.14
N VAL A 16 4.69 -2.54 5.18
CA VAL A 16 4.96 -3.13 6.49
C VAL A 16 3.83 -2.83 7.44
N ALA A 17 2.73 -2.30 6.91
CA ALA A 17 1.57 -1.96 7.71
C ALA A 17 0.30 -2.24 6.92
N LEU A 18 -0.79 -2.48 7.63
CA LEU A 18 -2.06 -2.78 6.99
C LEU A 18 -3.24 -2.34 7.86
N ALA A 19 -4.32 -1.96 7.20
CA ALA A 19 -5.54 -1.57 7.89
C ALA A 19 -6.73 -1.97 7.02
N SER A 20 -7.72 -2.57 7.63
CA SER A 20 -8.90 -3.02 6.92
C SER A 20 -10.16 -2.88 7.76
N ASN A 21 -11.30 -2.78 7.09
CA ASN A 21 -12.58 -2.63 7.77
C ASN A 21 -13.48 -3.85 7.53
N THR A 22 -12.97 -4.84 6.79
CA THR A 22 -13.71 -6.05 6.50
C THR A 22 -13.41 -7.22 7.45
N GLU A 23 -14.46 -7.91 7.87
CA GLU A 23 -14.33 -9.10 8.73
C GLU A 23 -13.29 -10.09 8.17
N PHE A 24 -13.43 -10.39 6.89
CA PHE A 24 -12.54 -11.26 6.11
C PHE A 24 -11.08 -10.74 6.00
N PHE A 25 -11.01 -9.42 6.24
CA PHE A 25 -9.77 -8.68 6.09
C PHE A 25 -8.83 -8.78 7.27
N LEU A 26 -9.36 -8.24 8.38
CA LEU A 26 -8.68 -8.27 9.65
C LEU A 26 -8.32 -9.73 9.91
N ARG A 27 -9.19 -10.61 9.39
CA ARG A 27 -9.00 -12.04 9.55
C ARG A 27 -7.85 -12.58 8.70
N GLU A 28 -7.83 -12.31 7.39
CA GLU A 28 -6.76 -12.83 6.54
C GLU A 28 -5.54 -11.91 6.50
N LYS A 29 -5.68 -10.73 7.11
CA LYS A 29 -4.61 -9.75 7.18
C LYS A 29 -3.62 -10.06 8.27
N ASP A 30 -4.16 -10.11 9.50
CA ASP A 30 -3.38 -10.42 10.68
C ASP A 30 -2.88 -11.84 10.54
N LYS A 31 -3.61 -12.65 9.74
CA LYS A 31 -3.21 -14.01 9.54
C LYS A 31 -2.11 -14.16 8.54
N MET A 32 -1.97 -13.32 7.44
CA MET A 32 -0.82 -13.78 6.65
C MET A 32 0.54 -13.04 6.95
N LYS A 33 1.16 -12.38 5.95
CA LYS A 33 2.47 -11.73 6.27
C LYS A 33 2.57 -10.41 5.56
N MET A 34 3.72 -9.76 5.69
CA MET A 34 3.90 -8.43 5.11
C MET A 34 3.86 -8.52 3.58
N ALA A 35 3.37 -7.46 2.96
CA ALA A 35 3.17 -7.37 1.52
C ALA A 35 4.19 -6.44 0.87
N MET A 36 4.16 -6.39 -0.45
CA MET A 36 5.12 -5.61 -1.24
C MET A 36 4.40 -4.72 -2.24
N ALA A 37 5.14 -3.76 -2.80
CA ALA A 37 4.55 -2.87 -3.78
C ALA A 37 5.65 -2.15 -4.58
N ARG A 38 5.58 -2.25 -5.90
CA ARG A 38 6.52 -1.58 -6.79
C ARG A 38 5.70 -0.78 -7.78
N ILE A 39 5.97 0.51 -7.88
CA ILE A 39 5.20 1.38 -8.77
C ILE A 39 6.03 1.84 -9.95
N SER A 40 5.40 1.95 -11.10
CA SER A 40 6.09 2.39 -12.31
C SER A 40 5.21 3.34 -13.13
N PHE A 41 5.80 4.43 -13.60
CA PHE A 41 5.08 5.43 -14.38
C PHE A 41 4.74 4.90 -15.77
N LEU A 42 3.46 4.90 -16.09
CA LEU A 42 3.00 4.44 -17.40
C LEU A 42 2.91 5.64 -18.35
N GLY A 43 2.29 6.71 -17.88
CA GLY A 43 2.10 7.90 -18.68
C GLY A 43 1.72 9.08 -17.82
N GLU A 44 1.62 10.25 -18.42
CA GLU A 44 1.25 11.45 -17.67
C GLU A 44 -0.09 11.24 -16.94
N ASP A 45 -0.99 10.49 -17.56
CA ASP A 45 -2.31 10.23 -16.97
C ASP A 45 -2.50 8.76 -16.57
N GLU A 46 -1.46 7.95 -16.70
CA GLU A 46 -1.55 6.52 -16.37
C GLU A 46 -0.32 6.04 -15.60
N LEU A 47 -0.52 4.98 -14.83
CA LEU A 47 0.49 4.42 -13.95
C LEU A 47 0.38 2.91 -13.79
N LYS A 48 1.50 2.25 -13.57
CA LYS A 48 1.53 0.81 -13.39
C LYS A 48 2.06 0.46 -11.99
N VAL A 49 1.43 -0.50 -11.33
CA VAL A 49 1.87 -0.88 -10.00
C VAL A 49 1.99 -2.40 -9.87
N SER A 50 3.06 -2.85 -9.24
CA SER A 50 3.28 -4.25 -9.06
C SER A 50 3.06 -4.57 -7.58
N TYR A 51 2.10 -5.45 -7.31
CA TYR A 51 1.78 -5.85 -5.96
C TYR A 51 2.37 -7.22 -5.70
N ALA A 52 2.89 -7.42 -4.51
CA ALA A 52 3.47 -8.71 -4.15
C ALA A 52 3.07 -9.09 -2.74
N VAL A 53 2.53 -10.29 -2.57
CA VAL A 53 2.11 -10.77 -1.26
C VAL A 53 2.48 -12.23 -1.05
N PRO A 54 2.79 -12.61 0.20
CA PRO A 54 3.14 -13.99 0.51
C PRO A 54 1.87 -14.83 0.70
N LYS A 55 1.48 -15.50 -0.37
CA LYS A 55 0.28 -16.34 -0.39
C LYS A 55 0.69 -17.79 -0.15
N PRO A 56 -0.10 -18.52 0.67
CA PRO A 56 0.21 -19.93 1.00
C PRO A 56 0.76 -20.71 -0.22
N ASN A 57 0.27 -20.37 -1.41
CA ASN A 57 0.73 -21.05 -2.63
C ASN A 57 2.14 -20.59 -3.02
N GLY A 58 2.58 -19.48 -2.47
CA GLY A 58 3.90 -18.95 -2.78
C GLY A 58 3.87 -17.45 -3.01
N CYS A 59 4.98 -16.90 -3.46
CA CYS A 59 5.08 -15.47 -3.72
C CYS A 59 4.09 -15.07 -4.80
N ARG A 60 3.01 -14.38 -4.41
CA ARG A 60 2.03 -13.95 -5.39
C ARG A 60 2.25 -12.48 -5.75
N LYS A 61 2.40 -12.25 -7.04
CA LYS A 61 2.59 -10.91 -7.56
C LYS A 61 1.39 -10.53 -8.41
N TRP A 62 1.06 -9.25 -8.44
CA TRP A 62 -0.06 -8.79 -9.23
C TRP A 62 0.30 -7.47 -9.91
N GLU A 63 -0.39 -7.18 -10.99
CA GLU A 63 -0.09 -5.94 -11.75
C GLU A 63 -1.37 -5.15 -11.84
N THR A 64 -1.22 -3.87 -11.49
CA THR A 64 -2.36 -2.96 -11.45
C THR A 64 -2.07 -1.67 -12.19
N THR A 65 -3.02 -1.24 -13.01
CA THR A 65 -2.90 0.00 -13.75
C THR A 65 -3.80 1.06 -13.12
N PHE A 66 -3.22 2.21 -12.79
CA PHE A 66 -3.99 3.28 -12.16
C PHE A 66 -4.12 4.48 -13.10
N LYS A 67 -5.13 5.30 -12.85
CA LYS A 67 -5.37 6.48 -13.66
C LYS A 67 -4.97 7.73 -12.90
N LYS A 68 -4.45 8.71 -13.63
CA LYS A 68 -4.02 9.95 -13.04
C LYS A 68 -5.17 10.75 -12.44
N THR A 69 -5.33 10.68 -11.12
CA THR A 69 -6.32 11.51 -10.48
C THR A 69 -5.71 11.95 -9.15
N SER A 70 -4.94 13.02 -9.27
CA SER A 70 -4.28 13.62 -8.12
C SER A 70 -5.25 14.47 -7.35
N ASP A 71 -6.07 13.83 -6.50
CA ASP A 71 -7.07 14.64 -5.78
C ASP A 71 -6.45 15.50 -4.66
N ASP A 72 -6.13 14.91 -3.50
CA ASP A 72 -5.46 15.67 -2.41
C ASP A 72 -3.94 15.41 -2.48
N GLY A 73 -3.36 16.13 -3.43
CA GLY A 73 -2.03 16.30 -3.97
C GLY A 73 -1.42 15.16 -4.78
N GLU A 74 -1.11 13.91 -4.34
CA GLU A 74 -0.66 12.91 -5.33
C GLU A 74 -1.53 11.68 -5.13
N VAL A 75 -2.80 11.86 -5.44
CA VAL A 75 -3.81 10.82 -5.28
C VAL A 75 -4.05 10.13 -6.62
N TYR A 76 -4.69 8.95 -6.58
CA TYR A 76 -4.94 8.17 -7.79
C TYR A 76 -6.26 7.42 -7.71
N TYR A 77 -6.70 6.85 -8.84
CA TYR A 77 -7.97 6.12 -8.88
C TYR A 77 -7.95 5.02 -9.94
N SER A 78 -8.62 3.89 -9.64
CA SER A 78 -8.69 2.82 -10.60
C SER A 78 -10.16 2.58 -10.95
N GLU A 79 -10.66 3.33 -11.92
CA GLU A 79 -12.04 3.21 -12.36
C GLU A 79 -12.32 1.80 -12.86
N GLU A 80 -11.37 1.26 -13.60
CA GLU A 80 -11.53 -0.07 -14.18
C GLU A 80 -11.89 -1.09 -13.08
N ALA A 81 -11.34 -0.90 -11.90
CA ALA A 81 -11.54 -1.73 -10.73
C ALA A 81 -12.28 -1.08 -9.54
N LYS A 82 -12.87 0.10 -9.75
CA LYS A 82 -13.48 0.87 -8.67
C LYS A 82 -12.54 0.95 -7.46
N LYS A 83 -11.28 1.23 -7.69
CA LYS A 83 -10.35 1.29 -6.58
C LYS A 83 -9.90 2.73 -6.37
N LYS A 84 -10.14 3.20 -5.15
CA LYS A 84 -9.79 4.57 -4.78
C LYS A 84 -8.63 4.51 -3.81
N VAL A 85 -7.61 5.30 -4.11
CA VAL A 85 -6.40 5.33 -3.30
C VAL A 85 -5.97 6.77 -3.06
N GLU A 86 -5.36 7.00 -1.90
CA GLU A 86 -4.93 8.33 -1.53
C GLU A 86 -3.66 8.31 -0.68
N VAL A 87 -2.87 9.36 -0.81
CA VAL A 87 -1.66 9.52 -0.04
C VAL A 87 -1.89 10.44 1.15
N LEU A 88 -1.85 9.91 2.36
CA LEU A 88 -2.08 10.76 3.53
C LEU A 88 -0.82 11.53 3.87
N ASP A 89 0.27 10.80 4.06
CA ASP A 89 1.57 11.43 4.37
C ASP A 89 2.70 10.52 3.90
N THR A 90 3.77 11.13 3.42
CA THR A 90 4.92 10.39 2.94
C THR A 90 6.20 11.19 3.16
N ASP A 91 7.22 10.53 3.70
CA ASP A 91 8.50 11.18 3.94
C ASP A 91 9.42 10.98 2.75
N TYR A 92 9.99 12.06 2.26
CA TYR A 92 10.88 12.00 1.11
C TYR A 92 12.10 11.11 1.36
N LYS A 93 12.47 10.97 2.64
CA LYS A 93 13.60 10.14 3.02
C LYS A 93 13.22 9.10 4.09
N SER A 94 11.95 8.76 4.19
CA SER A 94 11.52 7.81 5.21
C SER A 94 10.32 6.96 4.72
N TYR A 95 9.42 6.64 5.65
CA TYR A 95 8.23 5.83 5.36
C TYR A 95 7.08 6.71 4.90
N ALA A 96 5.95 6.07 4.58
CA ALA A 96 4.77 6.78 4.14
C ALA A 96 3.48 6.05 4.51
N VAL A 97 2.36 6.78 4.57
CA VAL A 97 1.06 6.18 4.85
C VAL A 97 0.10 6.43 3.68
N ILE A 98 -0.44 5.36 3.12
CA ILE A 98 -1.35 5.46 2.00
C ILE A 98 -2.75 4.96 2.38
N TYR A 99 -3.75 5.71 2.00
CA TYR A 99 -5.14 5.39 2.29
C TYR A 99 -5.79 4.71 1.08
N ALA A 100 -6.68 3.76 1.35
CA ALA A 100 -7.32 2.99 0.29
C ALA A 100 -8.84 2.88 0.50
N THR A 101 -9.57 2.89 -0.62
CA THR A 101 -11.02 2.79 -0.59
C THR A 101 -11.54 2.05 -1.84
N ARG A 102 -12.56 1.23 -1.67
CA ARG A 102 -13.13 0.52 -2.81
C ARG A 102 -14.65 0.50 -2.71
N VAL A 103 -15.33 0.69 -3.83
CA VAL A 103 -16.78 0.71 -3.83
C VAL A 103 -17.39 -0.45 -4.61
N LYS A 104 -18.17 -1.26 -3.92
CA LYS A 104 -18.85 -2.42 -4.46
C LYS A 104 -20.35 -2.17 -4.40
N ASP A 105 -21.13 -2.89 -5.22
CA ASP A 105 -22.60 -2.72 -5.26
C ASP A 105 -23.18 -2.33 -3.91
N GLY A 106 -23.34 -1.03 -3.68
CA GLY A 106 -23.96 -0.61 -2.44
C GLY A 106 -23.04 -0.66 -1.23
N ARG A 107 -21.81 -1.14 -1.40
CA ARG A 107 -20.91 -1.25 -0.27
C ARG A 107 -19.56 -0.60 -0.55
N THR A 108 -19.16 0.26 0.37
CA THR A 108 -17.89 0.97 0.27
C THR A 108 -16.88 0.39 1.24
N LEU A 109 -15.76 -0.11 0.72
CA LEU A 109 -14.74 -0.68 1.57
C LEU A 109 -13.62 0.32 1.79
N HIS A 110 -13.17 0.42 3.05
CA HIS A 110 -12.11 1.35 3.42
C HIS A 110 -10.92 0.58 3.94
N MET A 111 -9.74 1.10 3.62
CA MET A 111 -8.47 0.45 3.93
C MET A 111 -7.33 1.43 4.09
N MET A 112 -6.35 1.08 4.90
CA MET A 112 -5.18 1.92 5.06
C MET A 112 -3.91 1.07 4.94
N ARG A 113 -2.89 1.61 4.29
CA ARG A 113 -1.64 0.89 4.11
C ARG A 113 -0.45 1.79 4.40
N LEU A 114 0.58 1.22 5.02
CA LEU A 114 1.78 1.97 5.37
C LEU A 114 2.98 1.29 4.74
N TYR A 115 3.77 2.07 3.99
CA TYR A 115 4.94 1.51 3.35
C TYR A 115 6.23 2.15 3.86
N SER A 116 7.30 1.38 3.85
CA SER A 116 8.58 1.87 4.30
C SER A 116 9.57 1.77 3.17
N ARG A 117 10.57 2.66 3.18
CA ARG A 117 11.56 2.70 2.12
C ARG A 117 12.37 1.41 2.08
N SER A 118 12.33 0.64 3.17
CA SER A 118 13.04 -0.62 3.26
C SER A 118 12.13 -1.66 3.91
N PRO A 119 12.41 -2.96 3.73
CA PRO A 119 11.58 -4.03 4.31
C PRO A 119 11.75 -4.14 5.83
N GLU A 120 11.44 -3.06 6.53
CA GLU A 120 11.55 -3.02 7.97
C GLU A 120 10.60 -1.97 8.55
N VAL A 121 9.73 -2.40 9.45
CA VAL A 121 8.76 -1.46 10.02
C VAL A 121 9.46 -0.66 11.12
N SER A 122 9.41 0.65 10.95
CA SER A 122 10.04 1.59 11.86
C SER A 122 9.09 2.02 12.97
N PRO A 123 9.61 2.21 14.19
CA PRO A 123 8.80 2.63 15.32
C PRO A 123 8.01 3.89 15.01
N ALA A 124 8.64 4.83 14.30
CA ALA A 124 7.96 6.10 14.01
C ALA A 124 6.66 5.93 13.25
N ALA A 125 6.70 5.32 12.05
CA ALA A 125 5.47 5.07 11.28
C ALA A 125 4.48 4.29 12.13
N THR A 126 4.98 3.26 12.79
CA THR A 126 4.15 2.43 13.65
C THR A 126 3.39 3.30 14.66
N ALA A 127 4.12 4.17 15.36
CA ALA A 127 3.51 5.05 16.34
C ALA A 127 2.60 6.07 15.68
N ILE A 128 3.01 6.59 14.51
CA ILE A 128 2.20 7.60 13.83
C ILE A 128 0.89 7.01 13.32
N PHE A 129 0.98 5.96 12.49
CA PHE A 129 -0.20 5.29 11.96
C PHE A 129 -1.23 5.02 13.04
N ARG A 130 -0.79 4.59 14.21
CA ARG A 130 -1.70 4.30 15.32
C ARG A 130 -2.42 5.58 15.77
N LYS A 131 -1.66 6.67 15.91
CA LYS A 131 -2.22 7.94 16.34
C LYS A 131 -3.43 8.33 15.49
N LEU A 132 -3.22 8.38 14.17
CA LEU A 132 -4.30 8.73 13.25
C LEU A 132 -5.40 7.66 13.29
N ALA A 133 -4.96 6.40 13.27
CA ALA A 133 -5.90 5.28 13.33
C ALA A 133 -6.78 5.37 14.57
N GLY A 134 -6.20 5.81 15.68
CA GLY A 134 -6.95 5.92 16.91
C GLY A 134 -7.99 7.01 16.84
N GLU A 135 -7.68 8.11 16.14
CA GLU A 135 -8.64 9.20 16.03
C GLU A 135 -9.97 8.66 15.51
N ARG A 136 -9.91 7.83 14.47
CA ARG A 136 -11.14 7.25 13.93
C ARG A 136 -11.65 6.08 14.76
N ASN A 137 -11.16 5.95 16.00
CA ASN A 137 -11.60 4.88 16.88
C ASN A 137 -11.37 3.51 16.23
N TYR A 138 -10.20 3.35 15.62
CA TYR A 138 -9.90 2.10 14.93
C TYR A 138 -9.77 0.97 15.94
N THR A 139 -10.02 -0.25 15.47
CA THR A 139 -9.94 -1.40 16.35
C THR A 139 -8.58 -2.06 16.18
N ASP A 140 -8.09 -2.68 17.26
CA ASP A 140 -6.78 -3.34 17.22
C ASP A 140 -6.66 -4.30 16.04
N GLU A 141 -7.67 -5.16 15.90
CA GLU A 141 -7.77 -6.12 14.82
C GLU A 141 -7.96 -5.48 13.45
N MET A 142 -8.24 -4.18 13.42
CA MET A 142 -8.51 -3.48 12.15
C MET A 142 -7.20 -3.18 11.43
N VAL A 143 -6.13 -3.02 12.21
CA VAL A 143 -4.78 -2.73 11.71
C VAL A 143 -3.91 -3.98 11.76
N ALA A 144 -2.92 -4.02 10.88
CA ALA A 144 -2.01 -5.16 10.81
C ALA A 144 -0.55 -4.70 10.76
N MET A 145 0.28 -5.28 11.63
CA MET A 145 1.70 -4.97 11.72
C MET A 145 2.57 -6.14 11.30
N LEU A 146 3.60 -5.91 10.49
CA LEU A 146 4.48 -6.99 10.11
C LEU A 146 5.90 -6.76 10.65
N PRO A 147 6.27 -7.49 11.72
CA PRO A 147 7.60 -7.38 12.33
C PRO A 147 8.64 -8.12 11.48
N ARG A 148 9.81 -8.37 12.06
CA ARG A 148 10.93 -9.11 11.42
C ARG A 148 10.57 -10.50 10.85
N GLN A 149 9.61 -10.51 9.96
CA GLN A 149 9.03 -11.66 9.30
C GLN A 149 9.29 -11.82 7.80
N GLU A 150 10.31 -11.16 7.29
CA GLU A 150 10.54 -11.10 5.85
C GLU A 150 11.15 -12.37 5.28
N GLU A 151 11.05 -12.53 3.96
CA GLU A 151 11.58 -13.71 3.28
C GLU A 151 11.47 -13.56 1.76
N CYS A 152 10.31 -13.14 1.30
CA CYS A 152 10.10 -12.99 -0.14
C CYS A 152 10.00 -11.51 -0.44
N THR A 153 10.57 -11.13 -1.57
CA THR A 153 10.61 -9.72 -1.97
C THR A 153 10.27 -9.54 -3.44
N VAL A 154 9.86 -8.32 -3.80
CA VAL A 154 9.54 -8.05 -5.19
C VAL A 154 10.76 -7.40 -5.85
N ASP A 155 11.11 -7.90 -7.02
CA ASP A 155 12.27 -7.38 -7.74
C ASP A 155 12.01 -6.01 -8.35
N GLU A 156 13.09 -5.27 -8.55
CA GLU A 156 12.99 -3.93 -9.12
C GLU A 156 13.46 -3.95 -10.57
N VAL A 157 14.62 -4.58 -10.81
CA VAL A 157 15.18 -4.66 -12.15
C VAL A 157 16.42 -5.56 -12.16
O6 EB4 B . -4.24 -4.50 -2.75
O4 EB4 B . -6.15 -3.55 -2.57
O5 EB4 B . -5.26 -4.09 -4.59
N1 EB4 B . -9.73 -6.85 -2.14
C5 EB4 B . -5.38 -4.71 -5.80
C4 EB4 B . -7.38 -3.39 -2.00
C1 EB4 B . -8.18 -4.52 -2.11
C2 EB4 B . -6.00 -5.95 -5.73
C6 EB4 B . -3.68 -5.23 -1.75
C8 EB4 B . -5.06 -4.15 -7.03
N2 EB4 B . -6.98 -8.48 -5.64
C9 EB4 B . -2.53 -4.89 -1.03
C10 EB4 B . -9.22 -2.21 -1.00
O3 EB4 B . -5.50 -6.58 -2.17
N3 EB4 B . -5.57 -8.90 -1.00
C16 EB4 B . -9.50 -4.50 -1.69
C7 EB4 B . -7.91 -2.23 -1.45
C3 EB4 B . -4.36 -6.41 -1.45
C11 EB4 B . -5.32 -4.87 -8.19
O1 EB4 B . -7.52 -5.58 -2.68
O2 EB4 B . -6.22 -6.39 -4.46
C12 EB4 B . -2.06 -5.74 -0.04
C15 EB4 B . -2.72 -6.94 0.23
C14 EB4 B . -5.96 -6.09 -8.13
C13 EB4 B . -10.02 -3.35 -1.10
O7 EB4 B . -11.54 -5.68 -1.42
C19 EB4 B . -10.35 -5.73 -1.70
C22 EB4 B . -10.39 -8.17 -2.25
C25 EB4 B . -9.70 -9.19 -1.37
O10 EB4 B . -10.36 -10.02 -0.74
O15 EB4 B . -8.36 -9.03 -1.24
C30 EB4 B . -7.69 -9.98 -0.41
C24 EB4 B . -6.28 -10.18 -0.95
C21 EB4 B . -4.45 -8.64 -0.31
C18 EB4 B . -3.87 -7.27 -0.48
O9 EB4 B . -4.01 -9.38 0.57
C27 EB4 B . -6.43 -10.86 -2.35
O12 EB4 B . -6.67 -12.07 -2.45
C28 EB4 B . -10.54 -8.58 -3.70
O13 EB4 B . -9.26 -8.64 -4.37
C26 EB4 B . -8.77 -9.87 -4.67
O11 EB4 B . -9.37 -10.92 -4.45
C23 EB4 B . -7.44 -9.88 -5.42
C29 EB4 B . -6.39 -10.69 -4.68
O14 EB4 B . -6.21 -10.05 -3.42
C20 EB4 B . -6.74 -7.95 -6.86
O8 EB4 B . -6.95 -8.56 -7.91
C17 EB4 B . -6.34 -6.63 -6.90
HN1 EB4 B . -8.76 -6.86 -2.35
H8 EB4 B . -4.59 -3.17 -7.09
HN2 EB4 B . -7.13 -7.86 -4.87
H9 EB4 B . -1.93 -4.03 -1.34
H10 EB4 B . -9.67 -1.28 -0.62
HN3 EB4 B . -5.89 -8.28 -1.72
H7 EB4 B . -7.30 -1.33 -1.41
H11 EB4 B . -5.00 -4.47 -9.15
H12 EB4 B . -1.12 -5.52 0.45
H15 EB4 B . -2.32 -7.62 0.97
H14 EB4 B . -6.20 -6.63 -9.04
H13 EB4 B . -10.93 -3.41 -0.51
H22 EB4 B . -9.91 -7.21 -2.17
H30 EB4 B . -8.22 -10.93 -0.45
H30A EB4 B . -7.62 -9.56 0.59
H24 EB4 B . -5.76 -9.24 -0.99
H28 EB4 B . -11.10 -7.86 -4.30
H28A EB4 B . -10.92 -9.59 -3.74
H23 EB4 B . -7.11 -8.87 -5.58
H29 EB4 B . -5.48 -10.58 -5.27
H29A EB4 B . -6.84 -11.67 -4.60
GA GA C . -5.70 -4.91 -3.19
N MET A 1 17.32 3.64 -23.12
CA MET A 1 16.63 2.50 -22.46
C MET A 1 17.15 2.33 -21.04
N THR A 2 16.24 2.07 -20.10
CA THR A 2 16.61 1.90 -18.70
C THR A 2 17.45 3.08 -18.21
N VAL A 3 17.09 4.28 -18.67
CA VAL A 3 17.81 5.50 -18.30
C VAL A 3 17.37 6.00 -16.93
N PRO A 4 18.34 6.46 -16.11
CA PRO A 4 18.07 6.98 -14.77
C PRO A 4 17.46 8.38 -14.81
N ASP A 5 16.26 8.48 -15.38
CA ASP A 5 15.56 9.75 -15.47
C ASP A 5 14.34 9.75 -14.55
N ARG A 6 13.15 9.53 -15.13
CA ARG A 6 11.91 9.49 -14.36
C ARG A 6 11.98 8.41 -13.28
N SER A 7 12.82 7.40 -13.51
CA SER A 7 12.98 6.29 -12.57
C SER A 7 13.19 6.80 -11.14
N GLU A 8 13.85 7.94 -11.01
CA GLU A 8 14.11 8.55 -9.71
C GLU A 8 12.81 8.88 -8.97
N ILE A 9 11.75 9.10 -9.73
CA ILE A 9 10.44 9.45 -9.19
C ILE A 9 9.61 8.20 -8.85
N ALA A 10 10.11 7.02 -9.20
CA ALA A 10 9.38 5.78 -8.95
C ALA A 10 10.28 4.73 -8.27
N GLY A 11 9.75 3.53 -8.10
CA GLY A 11 10.51 2.47 -7.46
C GLY A 11 9.63 1.47 -6.73
N LYS A 12 10.24 0.69 -5.85
CA LYS A 12 9.50 -0.31 -5.09
C LYS A 12 9.38 0.13 -3.63
N TRP A 13 8.27 -0.25 -3.01
CA TRP A 13 8.00 0.09 -1.62
C TRP A 13 7.55 -1.16 -0.88
N TYR A 14 7.86 -1.23 0.40
CA TYR A 14 7.49 -2.40 1.19
C TYR A 14 6.34 -2.08 2.12
N VAL A 15 5.19 -2.77 2.00
CA VAL A 15 4.18 -2.43 2.92
C VAL A 15 4.36 -3.30 4.15
N VAL A 16 4.59 -2.58 5.24
CA VAL A 16 4.82 -3.17 6.54
C VAL A 16 3.68 -2.87 7.51
N ALA A 17 2.64 -2.25 6.98
CA ALA A 17 1.48 -1.89 7.77
C ALA A 17 0.21 -2.08 6.96
N LEU A 18 -0.88 -2.38 7.65
CA LEU A 18 -2.15 -2.60 7.00
C LEU A 18 -3.32 -2.23 7.90
N ALA A 19 -4.42 -1.80 7.31
CA ALA A 19 -5.63 -1.47 8.05
C ALA A 19 -6.83 -1.80 7.18
N SER A 20 -7.85 -2.43 7.75
CA SER A 20 -9.03 -2.80 6.98
C SER A 20 -10.31 -2.64 7.78
N ASN A 21 -11.39 -2.37 7.08
CA ASN A 21 -12.69 -2.20 7.72
C ASN A 21 -13.51 -3.48 7.61
N THR A 22 -13.08 -4.43 6.75
CA THR A 22 -13.84 -5.64 6.67
C THR A 22 -13.31 -6.67 7.67
N GLU A 23 -14.22 -7.28 8.41
CA GLU A 23 -13.88 -8.30 9.39
C GLU A 23 -13.00 -9.40 8.79
N PHE A 24 -13.46 -9.96 7.68
CA PHE A 24 -12.73 -11.02 7.01
C PHE A 24 -11.29 -10.61 6.72
N PHE A 25 -11.12 -9.46 6.06
CA PHE A 25 -9.79 -8.98 5.73
C PHE A 25 -8.91 -8.86 6.96
N LEU A 26 -9.48 -8.31 8.04
CA LEU A 26 -8.75 -8.16 9.29
C LEU A 26 -8.30 -9.53 9.80
N ARG A 27 -9.12 -10.54 9.54
CA ARG A 27 -8.82 -11.91 9.95
C ARG A 27 -7.77 -12.52 9.03
N GLU A 28 -7.94 -12.31 7.73
CA GLU A 28 -7.01 -12.86 6.74
C GLU A 28 -5.66 -12.18 6.79
N LYS A 29 -5.65 -10.86 6.58
CA LYS A 29 -4.40 -10.10 6.59
C LYS A 29 -3.66 -10.20 7.91
N ASP A 30 -4.36 -10.00 9.03
CA ASP A 30 -3.73 -10.08 10.35
C ASP A 30 -3.04 -11.42 10.54
N LYS A 31 -3.59 -12.45 9.93
CA LYS A 31 -3.00 -13.73 10.02
C LYS A 31 -1.97 -13.94 8.94
N MET A 32 -1.81 -13.12 7.85
CA MET A 32 -0.73 -13.71 7.07
C MET A 32 0.63 -12.97 7.21
N LYS A 33 1.17 -12.30 6.18
CA LYS A 33 2.48 -11.64 6.37
C LYS A 33 2.55 -10.32 5.62
N MET A 34 3.71 -9.67 5.68
CA MET A 34 3.86 -8.39 5.02
C MET A 34 3.84 -8.56 3.51
N ALA A 35 3.37 -7.51 2.86
CA ALA A 35 3.14 -7.41 1.41
C ALA A 35 4.12 -6.47 0.74
N MET A 36 4.07 -6.42 -0.57
CA MET A 36 5.00 -5.59 -1.33
C MET A 36 4.21 -4.67 -2.26
N ALA A 37 4.89 -3.63 -2.72
CA ALA A 37 4.27 -2.72 -3.64
C ALA A 37 5.34 -1.92 -4.36
N ARG A 38 5.25 -1.94 -5.67
CA ARG A 38 6.16 -1.21 -6.55
C ARG A 38 5.32 -0.45 -7.55
N ILE A 39 5.66 0.80 -7.79
CA ILE A 39 4.90 1.63 -8.71
C ILE A 39 5.72 2.01 -9.93
N SER A 40 5.07 2.02 -11.09
CA SER A 40 5.74 2.37 -12.34
C SER A 40 4.91 3.40 -13.10
N PHE A 41 5.57 4.46 -13.58
CA PHE A 41 4.87 5.50 -14.32
C PHE A 41 4.53 5.02 -15.73
N LEU A 42 3.25 4.78 -15.95
CA LEU A 42 2.80 4.32 -17.26
C LEU A 42 2.80 5.48 -18.24
N GLY A 43 2.20 6.57 -17.83
CA GLY A 43 2.05 7.75 -18.66
C GLY A 43 1.79 8.98 -17.82
N GLU A 44 1.75 10.13 -18.45
CA GLU A 44 1.49 11.38 -17.74
C GLU A 44 0.17 11.28 -16.97
N ASP A 45 -0.80 10.54 -17.52
CA ASP A 45 -2.10 10.37 -16.89
C ASP A 45 -2.36 8.92 -16.46
N GLU A 46 -1.41 8.02 -16.73
CA GLU A 46 -1.57 6.61 -16.36
C GLU A 46 -0.39 6.10 -15.52
N LEU A 47 -0.69 5.16 -14.65
CA LEU A 47 0.28 4.59 -13.71
C LEU A 47 0.10 3.08 -13.54
N LYS A 48 1.21 2.40 -13.35
CA LYS A 48 1.25 0.95 -13.19
C LYS A 48 1.81 0.57 -11.83
N VAL A 49 1.21 -0.40 -11.16
CA VAL A 49 1.69 -0.81 -9.84
C VAL A 49 1.89 -2.31 -9.76
N SER A 50 2.97 -2.74 -9.13
CA SER A 50 3.23 -4.15 -8.97
C SER A 50 3.02 -4.51 -7.49
N TYR A 51 2.13 -5.47 -7.25
CA TYR A 51 1.82 -5.91 -5.91
C TYR A 51 2.38 -7.30 -5.68
N ALA A 52 2.87 -7.53 -4.48
CA ALA A 52 3.42 -8.84 -4.12
C ALA A 52 2.98 -9.23 -2.71
N VAL A 53 2.45 -10.44 -2.56
CA VAL A 53 2.01 -10.91 -1.27
C VAL A 53 2.38 -12.36 -1.05
N PRO A 54 2.84 -12.72 0.16
CA PRO A 54 3.18 -14.09 0.43
C PRO A 54 1.91 -14.89 0.74
N LYS A 55 1.42 -15.53 -0.30
CA LYS A 55 0.22 -16.35 -0.27
C LYS A 55 0.59 -17.80 -0.08
N PRO A 56 -0.14 -18.52 0.80
CA PRO A 56 0.15 -19.91 1.12
C PRO A 56 0.58 -20.69 -0.12
N ASN A 57 0.00 -20.36 -1.29
CA ASN A 57 0.34 -21.03 -2.54
C ASN A 57 1.68 -20.56 -3.11
N GLY A 58 2.33 -19.63 -2.42
CA GLY A 58 3.61 -19.12 -2.88
C GLY A 58 3.56 -17.62 -3.12
N CYS A 59 4.70 -17.03 -3.44
CA CYS A 59 4.78 -15.61 -3.69
C CYS A 59 3.75 -15.18 -4.73
N ARG A 60 2.74 -14.45 -4.29
CA ARG A 60 1.72 -14.00 -5.22
C ARG A 60 2.03 -12.56 -5.63
N LYS A 61 2.08 -12.34 -6.94
CA LYS A 61 2.37 -11.03 -7.48
C LYS A 61 1.32 -10.63 -8.50
N TRP A 62 1.08 -9.34 -8.63
CA TRP A 62 0.11 -8.84 -9.58
C TRP A 62 0.46 -7.39 -9.94
N GLU A 63 0.07 -6.97 -11.14
CA GLU A 63 0.36 -5.63 -11.60
C GLU A 63 -0.90 -5.01 -12.18
N THR A 64 -1.19 -3.79 -11.74
CA THR A 64 -2.38 -3.07 -12.16
C THR A 64 -2.05 -1.66 -12.62
N THR A 65 -2.84 -1.17 -13.56
CA THR A 65 -2.70 0.17 -14.11
C THR A 65 -3.78 1.13 -13.58
N PHE A 66 -3.41 2.34 -13.19
CA PHE A 66 -4.37 3.31 -12.68
C PHE A 66 -4.32 4.62 -13.47
N LYS A 67 -5.27 5.51 -13.21
CA LYS A 67 -5.34 6.80 -13.89
C LYS A 67 -5.02 7.95 -12.93
N LYS A 68 -4.41 8.99 -13.45
CA LYS A 68 -4.06 10.15 -12.66
C LYS A 68 -5.28 10.87 -12.12
N THR A 69 -5.42 10.92 -10.79
CA THR A 69 -6.51 11.67 -10.22
C THR A 69 -6.03 12.30 -8.92
N SER A 70 -5.51 13.51 -9.04
CA SER A 70 -5.01 14.25 -7.89
C SER A 70 -6.15 14.90 -7.11
N ASP A 71 -6.90 14.07 -6.39
CA ASP A 71 -7.99 14.55 -5.57
C ASP A 71 -7.46 15.54 -4.49
N ASP A 72 -6.57 15.04 -3.52
CA ASP A 72 -5.97 15.95 -2.44
C ASP A 72 -4.51 16.48 -2.77
N GLY A 73 -4.19 15.67 -3.78
CA GLY A 73 -3.19 15.89 -4.69
C GLY A 73 -2.12 14.80 -4.80
N GLU A 74 -1.43 13.78 -4.02
CA GLU A 74 -0.78 12.85 -4.98
C GLU A 74 -1.77 11.63 -5.04
N VAL A 75 -3.04 11.85 -5.44
CA VAL A 75 -4.07 10.80 -5.40
C VAL A 75 -4.26 10.14 -6.75
N TYR A 76 -4.79 8.92 -6.72
CA TYR A 76 -5.01 8.16 -7.94
C TYR A 76 -6.34 7.42 -7.87
N TYR A 77 -6.96 7.22 -9.02
CA TYR A 77 -8.23 6.53 -9.06
C TYR A 77 -8.20 5.40 -10.07
N SER A 78 -8.51 4.18 -9.62
CA SER A 78 -8.54 3.08 -10.54
C SER A 78 -10.01 2.81 -10.88
N GLU A 79 -10.49 3.47 -11.92
CA GLU A 79 -11.88 3.34 -12.33
C GLU A 79 -12.15 1.96 -12.89
N GLU A 80 -11.25 1.49 -13.74
CA GLU A 80 -11.39 0.19 -14.37
C GLU A 80 -11.43 -0.93 -13.32
N ALA A 81 -10.80 -0.69 -12.17
CA ALA A 81 -10.77 -1.67 -11.09
C ALA A 81 -11.73 -1.31 -9.94
N LYS A 82 -12.26 -0.09 -9.96
CA LYS A 82 -13.21 0.37 -8.93
C LYS A 82 -12.46 0.51 -7.59
N LYS A 83 -11.29 1.12 -7.66
CA LYS A 83 -10.44 1.30 -6.49
C LYS A 83 -9.82 2.70 -6.48
N LYS A 84 -9.85 3.33 -5.32
CA LYS A 84 -9.27 4.66 -5.16
C LYS A 84 -8.18 4.66 -4.10
N VAL A 85 -7.17 5.50 -4.30
CA VAL A 85 -6.06 5.57 -3.35
C VAL A 85 -5.78 7.02 -2.99
N GLU A 86 -5.29 7.20 -1.77
CA GLU A 86 -4.99 8.52 -1.31
C GLU A 86 -3.81 8.53 -0.34
N VAL A 87 -2.73 9.17 -0.75
CA VAL A 87 -1.55 9.27 0.11
C VAL A 87 -1.83 10.31 1.18
N LEU A 88 -1.93 9.86 2.43
CA LEU A 88 -2.23 10.75 3.53
C LEU A 88 -0.98 11.54 3.89
N ASP A 89 0.14 10.84 4.05
CA ASP A 89 1.41 11.48 4.36
C ASP A 89 2.58 10.56 4.01
N THR A 90 3.68 11.16 3.61
CA THR A 90 4.86 10.41 3.23
C THR A 90 6.14 11.19 3.52
N ASP A 91 7.16 10.51 4.05
CA ASP A 91 8.43 11.16 4.34
C ASP A 91 9.37 10.99 3.17
N TYR A 92 10.02 12.06 2.76
CA TYR A 92 10.95 12.00 1.64
C TYR A 92 12.06 10.98 1.87
N LYS A 93 12.46 10.81 3.12
CA LYS A 93 13.50 9.87 3.51
C LYS A 93 13.07 8.92 4.62
N SER A 94 11.77 8.69 4.82
CA SER A 94 11.37 7.81 5.93
C SER A 94 10.07 7.04 5.62
N TYR A 95 9.23 6.84 6.64
CA TYR A 95 7.96 6.11 6.51
C TYR A 95 6.91 6.90 5.74
N ALA A 96 5.91 6.18 5.24
CA ALA A 96 4.82 6.78 4.51
C ALA A 96 3.50 6.06 4.78
N VAL A 97 2.38 6.78 4.81
CA VAL A 97 1.07 6.18 5.03
C VAL A 97 0.11 6.53 3.91
N ILE A 98 -0.45 5.52 3.26
CA ILE A 98 -1.38 5.75 2.16
C ILE A 98 -2.76 5.14 2.48
N TYR A 99 -3.81 5.84 2.08
CA TYR A 99 -5.18 5.41 2.31
C TYR A 99 -5.74 4.80 1.03
N ALA A 100 -6.49 3.70 1.17
CA ALA A 100 -7.05 3.01 0.02
C ALA A 100 -8.54 2.68 0.23
N THR A 101 -9.31 2.87 -0.83
CA THR A 101 -10.74 2.60 -0.80
C THR A 101 -11.26 2.07 -2.14
N ARG A 102 -12.24 1.17 -2.09
CA ARG A 102 -12.84 0.64 -3.31
C ARG A 102 -14.32 0.35 -3.06
N VAL A 103 -15.16 0.57 -4.07
CA VAL A 103 -16.60 0.36 -3.94
C VAL A 103 -17.15 -0.64 -4.95
N LYS A 104 -18.02 -1.50 -4.45
CA LYS A 104 -18.69 -2.61 -5.14
C LYS A 104 -20.19 -2.52 -5.00
N ASP A 105 -20.90 -3.24 -5.87
CA ASP A 105 -22.36 -3.23 -5.88
C ASP A 105 -22.96 -2.95 -4.50
N GLY A 106 -23.29 -1.71 -4.23
CA GLY A 106 -23.93 -1.47 -2.95
C GLY A 106 -23.01 -1.50 -1.74
N ARG A 107 -21.71 -1.74 -1.95
CA ARG A 107 -20.81 -1.89 -0.81
C ARG A 107 -19.47 -1.20 -1.02
N THR A 108 -19.07 -0.44 -0.02
CA THR A 108 -17.81 0.29 -0.02
C THR A 108 -16.77 -0.31 0.92
N LEU A 109 -15.57 -0.61 0.45
CA LEU A 109 -14.54 -1.16 1.32
C LEU A 109 -13.36 -0.19 1.44
N HIS A 110 -12.89 0.03 2.68
CA HIS A 110 -11.79 0.94 2.97
C HIS A 110 -10.68 0.18 3.67
N MET A 111 -9.47 0.54 3.36
CA MET A 111 -8.31 -0.08 3.97
C MET A 111 -7.08 0.83 3.90
N MET A 112 -6.42 1.14 4.99
CA MET A 112 -5.24 2.02 4.89
C MET A 112 -4.00 1.14 4.92
N ARG A 113 -2.92 1.67 4.33
CA ARG A 113 -1.68 0.93 4.22
C ARG A 113 -0.47 1.82 4.50
N LEU A 114 0.58 1.21 5.03
CA LEU A 114 1.79 1.94 5.34
C LEU A 114 2.99 1.24 4.71
N TYR A 115 3.84 2.01 4.06
CA TYR A 115 5.00 1.44 3.43
C TYR A 115 6.27 2.03 4.01
N SER A 116 7.33 1.26 3.99
CA SER A 116 8.60 1.70 4.57
C SER A 116 9.62 1.70 3.45
N ARG A 117 10.63 2.54 3.61
CA ARG A 117 11.63 2.71 2.57
C ARG A 117 12.35 1.40 2.29
N SER A 118 12.34 0.48 3.24
CA SER A 118 12.94 -0.82 3.06
C SER A 118 12.07 -1.86 3.78
N PRO A 119 12.29 -3.16 3.54
CA PRO A 119 11.51 -4.22 4.18
C PRO A 119 11.80 -4.32 5.68
N GLU A 120 11.41 -3.30 6.42
CA GLU A 120 11.60 -3.27 7.85
C GLU A 120 10.76 -2.15 8.48
N VAL A 121 9.91 -2.53 9.45
CA VAL A 121 9.00 -1.56 10.06
C VAL A 121 9.74 -0.83 11.17
N SER A 122 9.51 0.47 11.17
CA SER A 122 10.09 1.40 12.12
C SER A 122 9.12 1.82 13.23
N PRO A 123 9.62 2.05 14.44
CA PRO A 123 8.78 2.53 15.56
C PRO A 123 8.09 3.86 15.21
N ALA A 124 8.85 4.76 14.58
CA ALA A 124 8.32 6.07 14.19
C ALA A 124 7.07 5.92 13.33
N ALA A 125 7.15 5.08 12.31
CA ALA A 125 6.02 4.86 11.42
C ALA A 125 4.89 4.19 12.18
N THR A 126 5.26 3.27 13.06
CA THR A 126 4.30 2.54 13.88
C THR A 126 3.51 3.50 14.78
N ALA A 127 4.24 4.32 15.52
CA ALA A 127 3.61 5.28 16.43
C ALA A 127 2.77 6.29 15.65
N ILE A 128 3.27 6.71 14.50
CA ILE A 128 2.57 7.69 13.67
C ILE A 128 1.27 7.08 13.12
N PHE A 129 1.39 5.89 12.52
CA PHE A 129 0.24 5.20 11.95
C PHE A 129 -0.83 4.96 13.03
N ARG A 130 -0.38 4.62 14.24
CA ARG A 130 -1.30 4.36 15.34
C ARG A 130 -2.02 5.63 15.76
N LYS A 131 -1.26 6.72 15.89
CA LYS A 131 -1.82 8.01 16.29
C LYS A 131 -3.01 8.37 15.41
N LEU A 132 -2.85 8.20 14.10
CA LEU A 132 -3.93 8.50 13.17
C LEU A 132 -5.05 7.48 13.33
N ALA A 133 -4.66 6.21 13.42
CA ALA A 133 -5.63 5.13 13.58
C ALA A 133 -6.53 5.39 14.79
N GLY A 134 -5.95 5.89 15.87
CA GLY A 134 -6.71 6.18 17.07
C GLY A 134 -7.67 7.34 16.86
N GLU A 135 -7.29 8.26 15.99
CA GLU A 135 -8.10 9.44 15.69
C GLU A 135 -9.41 9.01 15.03
N ARG A 136 -9.38 7.86 14.37
CA ARG A 136 -10.56 7.34 13.69
C ARG A 136 -11.25 6.24 14.51
N ASN A 137 -10.94 6.18 15.82
CA ASN A 137 -11.53 5.18 16.70
C ASN A 137 -11.29 3.77 16.16
N TYR A 138 -10.08 3.53 15.63
CA TYR A 138 -9.78 2.24 15.04
C TYR A 138 -9.68 1.17 16.12
N THR A 139 -9.82 -0.08 15.68
CA THR A 139 -9.75 -1.19 16.60
C THR A 139 -8.46 -1.96 16.34
N ASP A 140 -7.91 -2.64 17.36
CA ASP A 140 -6.64 -3.35 17.18
C ASP A 140 -6.66 -4.30 15.97
N GLU A 141 -7.67 -5.16 15.92
CA GLU A 141 -7.85 -6.10 14.80
C GLU A 141 -8.08 -5.41 13.47
N MET A 142 -8.34 -4.10 13.49
CA MET A 142 -8.62 -3.38 12.25
C MET A 142 -7.31 -3.03 11.54
N VAL A 143 -6.23 -2.98 12.30
CA VAL A 143 -4.87 -2.69 11.84
C VAL A 143 -3.99 -3.94 11.86
N ALA A 144 -3.04 -4.01 10.93
CA ALA A 144 -2.12 -5.15 10.85
C ALA A 144 -0.66 -4.70 10.70
N MET A 145 0.20 -5.22 11.60
CA MET A 145 1.64 -4.94 11.63
C MET A 145 2.51 -6.14 11.29
N LEU A 146 3.54 -5.98 10.49
CA LEU A 146 4.44 -7.09 10.18
C LEU A 146 5.86 -6.87 10.73
N PRO A 147 6.28 -7.63 11.76
CA PRO A 147 7.64 -7.49 12.32
C PRO A 147 8.70 -8.06 11.34
N ARG A 148 9.94 -8.22 11.82
CA ARG A 148 11.06 -8.76 11.02
C ARG A 148 10.84 -10.22 10.54
N GLN A 149 9.72 -10.39 9.90
CA GLN A 149 9.17 -11.65 9.34
C GLN A 149 9.33 -11.83 7.82
N GLU A 150 10.27 -11.11 7.22
CA GLU A 150 10.39 -11.10 5.76
C GLU A 150 11.15 -12.29 5.16
N GLU A 151 10.87 -12.56 3.89
CA GLU A 151 11.50 -13.68 3.14
C GLU A 151 11.31 -13.50 1.64
N CYS A 152 10.09 -13.17 1.23
CA CYS A 152 9.82 -13.02 -0.19
C CYS A 152 9.61 -11.56 -0.46
N THR A 153 10.27 -11.16 -1.56
CA THR A 153 10.31 -9.78 -2.01
C THR A 153 10.18 -9.68 -3.52
N VAL A 154 9.83 -8.50 -4.00
CA VAL A 154 9.68 -8.28 -5.43
C VAL A 154 10.94 -7.66 -6.05
N ASP A 155 11.26 -8.08 -7.26
CA ASP A 155 12.43 -7.58 -7.98
C ASP A 155 12.23 -6.15 -8.47
N GLU A 156 13.34 -5.44 -8.68
CA GLU A 156 13.30 -4.06 -9.14
C GLU A 156 13.75 -3.93 -10.61
N VAL A 157 14.74 -4.73 -11.02
CA VAL A 157 15.24 -4.68 -12.39
C VAL A 157 16.32 -5.73 -12.64
O6 EB4 B . -3.83 -4.34 -2.43
O4 EB4 B . -5.81 -3.68 -2.15
O5 EB4 B . -5.10 -3.86 -4.17
N1 EB4 B . -8.92 -7.44 -2.08
C5 EB4 B . -5.22 -4.35 -5.43
C4 EB4 B . -7.10 -3.70 -1.71
C1 EB4 B . -7.72 -4.91 -1.91
C2 EB4 B . -5.47 -5.71 -5.47
C6 EB4 B . -3.18 -5.03 -1.45
C8 EB4 B . -5.13 -3.62 -6.60
N2 EB4 B . -6.00 -8.41 -5.60
C9 EB4 B . -2.11 -4.57 -0.71
C10 EB4 B . -9.06 -2.86 -0.61
O3 EB4 B . -4.81 -6.57 -1.96
N3 EB4 B . -4.53 -8.95 -0.96
C16 EB4 B . -9.03 -5.11 -1.48
C7 EB4 B . -7.77 -2.66 -1.09
C3 EB4 B . -3.70 -6.29 -1.22
C11 EB4 B . -5.26 -4.27 -7.83
O1 EB4 B . -6.92 -5.83 -2.53
O2 EB4 B . -5.47 -6.31 -4.24
C12 EB4 B . -1.51 -5.40 0.23
C15 EB4 B . -2.00 -6.68 0.43
C14 EB4 B . -5.54 -5.64 -7.86
C13 EB4 B . -9.68 -4.09 -0.80
O7 EB4 B . -10.92 -6.53 -1.49
C19 EB4 B . -9.70 -6.44 -1.60
C22 EB4 B . -9.39 -8.82 -2.29
C25 EB4 B . -8.57 -9.81 -1.47
O10 EB4 B . -9.09 -10.79 -0.95
O15 EB4 B . -7.26 -9.47 -1.29
C30 EB4 B . -6.48 -10.38 -0.51
C24 EB4 B . -5.04 -10.34 -1.03
C21 EB4 B . -3.45 -8.59 -0.23
C18 EB4 B . -3.09 -7.14 -0.30
O9 EB4 B . -2.89 -9.33 0.56
C27 EB4 B . -5.07 -10.91 -2.48
O12 EB4 B . -5.11 -12.12 -2.69
C28 EB4 B . -9.49 -9.16 -3.77
O13 EB4 B . -8.22 -9.01 -4.41
C26 EB4 B . -7.54 -10.13 -4.78
O11 EB4 B . -7.91 -11.27 -4.53
C23 EB4 B . -6.22 -9.86 -5.50
C29 EB4 B . -5.04 -10.55 -4.80
O14 EB4 B . -4.98 -9.98 -3.48
C20 EB4 B . -5.85 -7.73 -6.77
O8 EB4 B . -6.00 -8.26 -7.87
C17 EB4 B . -5.68 -6.35 -6.68
HN1 EB4 B . -7.94 -7.30 -2.20
H8 EB4 B . -4.97 -2.55 -6.57
HN2 EB4 B . -5.93 -7.91 -4.74
H9 EB4 B . -1.64 -3.60 -0.95
H10 EB4 B . -9.58 -2.06 -0.09
HN3 EB4 B . -5.11 -8.28 -1.44
H7 EB4 B . -7.30 -1.68 -0.98
H11 EB4 B . -5.14 -3.72 -8.76
H12 EB4 B . -0.62 -5.07 0.76
H15 EB4 B . -1.53 -7.34 1.16
H14 EB4 B . -5.63 -6.15 -8.82
H13 EB4 B . -10.68 -4.26 -0.39
H22 EB4 B . -9.05 -7.81 -2.14
H30 EB4 B . -6.87 -11.38 -0.66
H30A EB4 B . -6.48 -10.03 0.52
H24 EB4 B . -4.66 -9.33 -0.98
H28 EB4 B . -10.16 -8.50 -4.33
H28A EB4 B . -9.73 -10.22 -3.89
H23 EB4 B . -6.05 -8.81 -5.57
H29 EB4 B . -4.17 -10.19 -5.35
H29A EB4 B . -5.29 -11.61 -4.81
GA GA C . -5.19 -4.89 -2.88
N MET A 1 17.88 3.15 -23.23
CA MET A 1 16.79 2.49 -22.47
C MET A 1 17.18 2.34 -21.00
N THR A 2 16.18 2.19 -20.13
CA THR A 2 16.42 2.05 -18.70
C THR A 2 17.36 3.15 -18.18
N VAL A 3 17.17 4.37 -18.69
CA VAL A 3 18.01 5.50 -18.29
C VAL A 3 17.64 6.00 -16.89
N PRO A 4 18.65 6.32 -16.08
CA PRO A 4 18.44 6.82 -14.71
C PRO A 4 17.97 8.27 -14.71
N ASP A 5 16.69 8.47 -15.06
CA ASP A 5 16.11 9.81 -15.09
C ASP A 5 14.81 9.85 -14.27
N ARG A 6 13.67 9.79 -14.95
CA ARG A 6 12.37 9.80 -14.27
C ARG A 6 12.28 8.66 -13.24
N SER A 7 13.10 7.63 -13.46
CA SER A 7 13.14 6.46 -12.58
C SER A 7 13.23 6.87 -11.10
N GLU A 8 13.95 7.95 -10.83
CA GLU A 8 14.13 8.46 -9.47
C GLU A 8 12.78 8.79 -8.84
N ILE A 9 11.80 9.14 -9.66
CA ILE A 9 10.47 9.49 -9.18
C ILE A 9 9.64 8.24 -8.79
N ALA A 10 10.15 7.05 -9.10
CA ALA A 10 9.45 5.81 -8.79
C ALA A 10 10.38 4.84 -8.07
N GLY A 11 9.89 3.63 -7.80
CA GLY A 11 10.71 2.64 -7.13
C GLY A 11 9.91 1.55 -6.46
N LYS A 12 10.56 0.83 -5.55
CA LYS A 12 9.93 -0.27 -4.84
C LYS A 12 9.64 0.14 -3.38
N TRP A 13 8.45 -0.20 -2.91
CA TRP A 13 8.06 0.12 -1.54
C TRP A 13 7.50 -1.11 -0.84
N TYR A 14 7.82 -1.26 0.43
CA TYR A 14 7.36 -2.43 1.18
C TYR A 14 6.24 -2.04 2.13
N VAL A 15 5.12 -2.77 2.14
CA VAL A 15 4.11 -2.36 3.07
C VAL A 15 4.27 -3.21 4.33
N VAL A 16 4.51 -2.49 5.41
CA VAL A 16 4.69 -3.08 6.73
C VAL A 16 3.51 -2.78 7.63
N ALA A 17 2.49 -2.12 7.08
CA ALA A 17 1.32 -1.78 7.84
C ALA A 17 0.06 -2.06 7.03
N LEU A 18 -0.97 -2.49 7.73
CA LEU A 18 -2.24 -2.78 7.07
C LEU A 18 -3.41 -2.45 7.97
N ALA A 19 -4.48 -1.90 7.38
CA ALA A 19 -5.68 -1.60 8.12
C ALA A 19 -6.88 -1.87 7.24
N SER A 20 -7.87 -2.55 7.78
CA SER A 20 -9.07 -2.89 7.02
C SER A 20 -10.33 -2.61 7.84
N ASN A 21 -11.44 -2.36 7.17
CA ASN A 21 -12.70 -2.04 7.86
C ASN A 21 -13.62 -3.28 8.02
N THR A 22 -13.13 -4.40 7.46
CA THR A 22 -13.78 -5.75 7.57
C THR A 22 -13.22 -6.85 8.53
N GLU A 23 -14.01 -7.66 9.27
CA GLU A 23 -13.30 -8.74 10.03
C GLU A 23 -12.55 -9.72 9.06
N PHE A 24 -13.28 -10.37 8.11
CA PHE A 24 -12.63 -11.30 7.15
C PHE A 24 -11.41 -10.62 6.51
N PHE A 25 -11.50 -9.32 6.37
CA PHE A 25 -10.39 -8.56 5.81
C PHE A 25 -9.25 -8.52 6.83
N LEU A 26 -9.57 -8.02 8.03
CA LEU A 26 -8.60 -7.92 9.11
C LEU A 26 -8.13 -9.30 9.53
N ARG A 27 -9.06 -10.17 9.85
CA ARG A 27 -8.73 -11.51 10.33
C ARG A 27 -7.81 -12.25 9.36
N GLU A 28 -7.89 -12.02 8.05
CA GLU A 28 -7.00 -12.77 7.18
C GLU A 28 -5.67 -12.02 7.08
N LYS A 29 -5.67 -10.73 7.50
CA LYS A 29 -4.46 -9.92 7.46
C LYS A 29 -3.50 -10.46 8.51
N ASP A 30 -4.05 -10.93 9.64
CA ASP A 30 -3.23 -11.50 10.69
C ASP A 30 -2.58 -12.75 10.14
N LYS A 31 -3.39 -13.59 9.52
CA LYS A 31 -2.84 -14.74 8.91
C LYS A 31 -2.06 -14.31 7.71
N MET A 32 -2.19 -13.07 7.16
CA MET A 32 -1.38 -13.07 5.99
C MET A 32 0.11 -12.70 6.24
N LYS A 33 0.61 -11.57 5.75
CA LYS A 33 2.03 -11.27 6.08
C LYS A 33 2.45 -10.01 5.31
N MET A 34 3.61 -9.46 5.65
CA MET A 34 3.97 -8.19 5.06
C MET A 34 4.06 -8.39 3.55
N ALA A 35 3.51 -7.37 2.91
CA ALA A 35 3.25 -7.28 1.49
C ALA A 35 4.20 -6.33 0.82
N MET A 36 4.13 -6.32 -0.50
CA MET A 36 5.05 -5.53 -1.29
C MET A 36 4.29 -4.69 -2.28
N ALA A 37 4.96 -3.67 -2.79
CA ALA A 37 4.35 -2.82 -3.79
C ALA A 37 5.44 -2.06 -4.51
N ARG A 38 5.41 -2.09 -5.83
CA ARG A 38 6.37 -1.36 -6.62
C ARG A 38 5.60 -0.46 -7.56
N ILE A 39 5.95 0.80 -7.61
CA ILE A 39 5.23 1.74 -8.44
C ILE A 39 6.08 2.13 -9.63
N SER A 40 5.43 2.22 -10.77
CA SER A 40 6.10 2.59 -12.01
C SER A 40 5.21 3.49 -12.86
N PHE A 41 5.78 4.57 -13.35
CA PHE A 41 5.06 5.52 -14.17
C PHE A 41 4.75 4.93 -15.54
N LEU A 42 3.50 5.05 -15.95
CA LEU A 42 3.07 4.55 -17.24
C LEU A 42 2.96 5.68 -18.28
N GLY A 43 2.30 6.75 -17.85
CA GLY A 43 2.02 7.88 -18.71
C GLY A 43 1.80 9.16 -17.91
N GLU A 44 1.66 10.27 -18.60
CA GLU A 44 1.41 11.55 -17.95
C GLU A 44 0.11 11.47 -17.12
N ASP A 45 -0.85 10.67 -17.60
CA ASP A 45 -2.14 10.50 -16.91
C ASP A 45 -2.37 9.02 -16.55
N GLU A 46 -1.28 8.26 -16.46
CA GLU A 46 -1.37 6.83 -16.15
C GLU A 46 -0.22 6.36 -15.25
N LEU A 47 -0.49 5.28 -14.52
CA LEU A 47 0.43 4.70 -13.55
C LEU A 47 0.30 3.18 -13.46
N LYS A 48 1.41 2.51 -13.15
CA LYS A 48 1.46 1.06 -13.03
C LYS A 48 2.09 0.62 -11.69
N VAL A 49 1.52 -0.41 -11.07
CA VAL A 49 2.02 -0.92 -9.80
C VAL A 49 2.14 -2.43 -9.79
N SER A 50 3.17 -2.96 -9.15
CA SER A 50 3.30 -4.40 -9.07
C SER A 50 3.14 -4.80 -7.61
N TYR A 51 2.18 -5.66 -7.34
CA TYR A 51 1.93 -6.09 -5.98
C TYR A 51 2.58 -7.44 -5.74
N ALA A 52 3.15 -7.59 -4.57
CA ALA A 52 3.77 -8.84 -4.17
C ALA A 52 3.30 -9.21 -2.78
N VAL A 53 2.57 -10.32 -2.68
CA VAL A 53 2.05 -10.76 -1.39
C VAL A 53 2.36 -12.21 -1.12
N PRO A 54 2.59 -12.56 0.15
CA PRO A 54 2.86 -13.94 0.46
C PRO A 54 1.56 -14.70 0.69
N LYS A 55 1.11 -15.31 -0.40
CA LYS A 55 -0.11 -16.08 -0.43
C LYS A 55 0.25 -17.54 -0.26
N PRO A 56 -0.49 -18.26 0.60
CA PRO A 56 -0.21 -19.67 0.91
C PRO A 56 0.33 -20.46 -0.26
N ASN A 57 -0.20 -20.19 -1.47
CA ASN A 57 0.24 -20.95 -2.63
C ASN A 57 1.67 -20.57 -3.00
N GLY A 58 2.12 -19.41 -2.54
CA GLY A 58 3.47 -18.95 -2.80
C GLY A 58 3.49 -17.47 -3.13
N CYS A 59 4.68 -16.87 -3.14
CA CYS A 59 4.80 -15.45 -3.45
C CYS A 59 3.91 -15.07 -4.63
N ARG A 60 2.83 -14.36 -4.35
CA ARG A 60 1.88 -13.97 -5.38
C ARG A 60 2.05 -12.50 -5.72
N LYS A 61 2.07 -12.19 -7.01
CA LYS A 61 2.22 -10.82 -7.44
C LYS A 61 1.10 -10.44 -8.39
N TRP A 62 0.70 -9.19 -8.36
CA TRP A 62 -0.33 -8.70 -9.23
C TRP A 62 0.05 -7.30 -9.64
N GLU A 63 -0.28 -6.93 -10.86
CA GLU A 63 0.11 -5.63 -11.35
C GLU A 63 -1.14 -4.94 -11.83
N THR A 64 -1.14 -3.63 -11.63
CA THR A 64 -2.30 -2.82 -11.94
C THR A 64 -1.94 -1.45 -12.50
N THR A 65 -2.78 -0.99 -13.43
CA THR A 65 -2.63 0.33 -14.04
C THR A 65 -3.70 1.30 -13.50
N PHE A 66 -3.35 2.55 -13.24
CA PHE A 66 -4.32 3.52 -12.74
C PHE A 66 -4.27 4.83 -13.53
N LYS A 67 -5.24 5.70 -13.26
CA LYS A 67 -5.31 7.01 -13.94
C LYS A 67 -4.90 8.14 -13.01
N LYS A 68 -4.50 9.27 -13.58
CA LYS A 68 -4.10 10.37 -12.74
C LYS A 68 -5.31 11.19 -12.34
N THR A 69 -5.92 10.89 -11.20
CA THR A 69 -6.99 11.74 -10.77
C THR A 69 -6.50 12.31 -9.45
N SER A 70 -5.80 13.41 -9.58
CA SER A 70 -5.21 14.12 -8.46
C SER A 70 -6.29 14.85 -7.67
N ASP A 71 -7.00 14.16 -6.77
CA ASP A 71 -8.03 14.86 -6.02
C ASP A 71 -7.45 15.71 -4.87
N ASP A 72 -6.96 15.07 -3.79
CA ASP A 72 -6.37 15.82 -2.66
C ASP A 72 -4.86 16.02 -2.89
N GLY A 73 -4.65 16.84 -3.90
CA GLY A 73 -3.39 17.29 -4.50
C GLY A 73 -2.61 16.17 -5.23
N GLU A 74 -2.51 14.95 -4.66
CA GLU A 74 -1.85 13.85 -5.37
C GLU A 74 -2.56 12.56 -5.05
N VAL A 75 -3.55 12.24 -5.88
CA VAL A 75 -4.36 11.04 -5.71
C VAL A 75 -4.58 10.37 -7.06
N TYR A 76 -4.84 9.07 -7.02
CA TYR A 76 -5.05 8.25 -8.21
C TYR A 76 -6.42 7.56 -8.19
N TYR A 77 -6.75 6.88 -9.28
CA TYR A 77 -8.05 6.21 -9.37
C TYR A 77 -8.02 4.99 -10.26
N SER A 78 -8.76 3.93 -9.89
CA SER A 78 -8.84 2.82 -10.79
C SER A 78 -10.31 2.61 -11.15
N GLU A 79 -10.81 3.36 -12.13
CA GLU A 79 -12.20 3.23 -12.54
C GLU A 79 -12.38 1.90 -13.22
N GLU A 80 -11.36 1.51 -13.96
CA GLU A 80 -11.41 0.26 -14.69
C GLU A 80 -11.49 -0.95 -13.74
N ALA A 81 -10.95 -0.77 -12.53
CA ALA A 81 -10.96 -1.80 -11.48
C ALA A 81 -11.88 -1.49 -10.27
N LYS A 82 -12.71 -0.43 -10.35
CA LYS A 82 -13.56 -0.02 -9.20
C LYS A 82 -12.68 0.15 -7.94
N LYS A 83 -11.64 0.98 -8.10
CA LYS A 83 -10.61 1.21 -7.07
C LYS A 83 -10.11 2.66 -7.06
N LYS A 84 -9.71 3.10 -5.87
CA LYS A 84 -9.18 4.45 -5.68
C LYS A 84 -8.08 4.47 -4.60
N VAL A 85 -7.08 5.34 -4.72
CA VAL A 85 -6.04 5.43 -3.70
C VAL A 85 -5.56 6.87 -3.51
N GLU A 86 -5.33 7.25 -2.25
CA GLU A 86 -4.88 8.59 -1.94
C GLU A 86 -3.72 8.56 -0.95
N VAL A 87 -2.70 9.36 -1.23
CA VAL A 87 -1.56 9.42 -0.34
C VAL A 87 -1.78 10.58 0.62
N LEU A 88 -2.06 10.27 1.88
CA LEU A 88 -2.33 11.29 2.85
C LEU A 88 -1.02 11.93 3.29
N ASP A 89 -0.06 11.10 3.68
CA ASP A 89 1.24 11.61 4.09
C ASP A 89 2.35 10.64 3.75
N THR A 90 3.47 11.18 3.28
CA THR A 90 4.61 10.37 2.90
C THR A 90 5.91 11.13 3.15
N ASP A 91 6.87 10.48 3.79
CA ASP A 91 8.15 11.12 4.07
C ASP A 91 9.15 10.79 2.98
N TYR A 92 9.84 11.80 2.49
CA TYR A 92 10.81 11.60 1.41
C TYR A 92 11.93 10.63 1.84
N LYS A 93 12.25 10.64 3.13
CA LYS A 93 13.26 9.76 3.70
C LYS A 93 12.75 8.92 4.88
N SER A 94 11.48 8.56 4.91
CA SER A 94 10.98 7.77 6.04
C SER A 94 9.75 6.94 5.64
N TYR A 95 8.80 6.80 6.57
CA TYR A 95 7.59 6.02 6.32
C TYR A 95 6.56 6.82 5.53
N ALA A 96 5.53 6.13 5.07
CA ALA A 96 4.45 6.77 4.32
C ALA A 96 3.09 6.13 4.61
N VAL A 97 2.03 6.93 4.58
CA VAL A 97 0.68 6.41 4.81
C VAL A 97 -0.18 6.60 3.56
N ILE A 98 -0.76 5.51 3.07
CA ILE A 98 -1.59 5.56 1.87
C ILE A 98 -3.01 5.08 2.19
N TYR A 99 -4.00 5.84 1.74
CA TYR A 99 -5.39 5.49 1.99
C TYR A 99 -5.99 4.85 0.74
N ALA A 100 -6.60 3.68 0.95
CA ALA A 100 -7.25 2.92 -0.11
C ALA A 100 -8.77 2.88 0.04
N THR A 101 -9.44 2.71 -1.09
CA THR A 101 -10.89 2.69 -1.19
C THR A 101 -11.39 1.78 -2.31
N ARG A 102 -12.57 1.19 -2.17
CA ARG A 102 -13.14 0.37 -3.24
C ARG A 102 -14.64 0.43 -3.22
N VAL A 103 -15.26 0.39 -4.40
CA VAL A 103 -16.72 0.43 -4.46
C VAL A 103 -17.24 -0.83 -5.15
N LYS A 104 -17.97 -1.65 -4.40
CA LYS A 104 -18.54 -2.87 -4.93
C LYS A 104 -20.06 -2.76 -4.84
N ASP A 105 -20.76 -3.45 -5.72
CA ASP A 105 -22.22 -3.42 -5.76
C ASP A 105 -22.83 -3.33 -4.37
N GLY A 106 -23.14 -2.12 -3.93
CA GLY A 106 -23.77 -1.93 -2.64
C GLY A 106 -22.80 -1.88 -1.47
N ARG A 107 -21.54 -2.33 -1.65
CA ARG A 107 -20.63 -2.26 -0.55
C ARG A 107 -19.30 -1.63 -0.96
N THR A 108 -18.92 -0.59 -0.24
CA THR A 108 -17.67 0.12 -0.44
C THR A 108 -16.69 -0.27 0.65
N LEU A 109 -15.47 -0.65 0.28
CA LEU A 109 -14.50 -1.03 1.28
C LEU A 109 -13.49 0.07 1.58
N HIS A 110 -12.94 0.02 2.79
CA HIS A 110 -11.94 0.99 3.21
C HIS A 110 -10.74 0.23 3.74
N MET A 111 -9.55 0.67 3.34
CA MET A 111 -8.32 0.01 3.76
C MET A 111 -7.14 1.00 3.78
N MET A 112 -6.42 1.06 4.88
CA MET A 112 -5.28 1.95 4.99
C MET A 112 -3.99 1.12 5.09
N ARG A 113 -2.89 1.66 4.59
CA ARG A 113 -1.62 0.95 4.63
C ARG A 113 -0.44 1.92 4.77
N LEU A 114 0.66 1.42 5.32
CA LEU A 114 1.86 2.21 5.51
C LEU A 114 3.05 1.45 4.95
N TYR A 115 3.83 2.10 4.09
CA TYR A 115 4.98 1.45 3.48
C TYR A 115 6.29 2.04 3.98
N SER A 116 7.35 1.27 3.86
CA SER A 116 8.68 1.68 4.30
C SER A 116 9.64 1.57 3.12
N ARG A 117 10.71 2.36 3.13
CA ARG A 117 11.66 2.37 2.04
C ARG A 117 12.32 0.99 1.90
N SER A 118 12.49 0.30 3.02
CA SER A 118 13.07 -1.03 3.02
C SER A 118 12.10 -2.01 3.67
N PRO A 119 12.30 -3.33 3.46
CA PRO A 119 11.44 -4.37 4.05
C PRO A 119 11.69 -4.49 5.55
N GLU A 120 11.45 -3.39 6.26
CA GLU A 120 11.64 -3.32 7.69
C GLU A 120 10.55 -2.50 8.39
N VAL A 121 10.59 -2.65 9.74
CA VAL A 121 9.73 -2.02 10.77
C VAL A 121 10.29 -0.76 11.29
N SER A 122 9.36 0.19 11.48
CA SER A 122 9.79 1.46 12.14
C SER A 122 9.19 1.79 13.56
N PRO A 123 9.87 2.00 14.70
CA PRO A 123 9.11 2.45 15.89
C PRO A 123 8.32 3.77 15.61
N ALA A 124 9.02 4.78 15.08
CA ALA A 124 8.41 6.07 14.78
C ALA A 124 7.20 5.93 13.86
N ALA A 125 7.39 5.24 12.74
CA ALA A 125 6.29 5.02 11.80
C ALA A 125 5.15 4.29 12.50
N THR A 126 5.50 3.24 13.23
CA THR A 126 4.51 2.45 13.95
C THR A 126 3.68 3.35 14.88
N ALA A 127 4.36 4.06 15.78
CA ALA A 127 3.66 4.94 16.71
C ALA A 127 2.82 5.97 15.97
N ILE A 128 3.42 6.58 14.94
CA ILE A 128 2.71 7.59 14.16
C ILE A 128 1.43 6.99 13.57
N PHE A 129 1.58 5.88 12.84
CA PHE A 129 0.44 5.20 12.23
C PHE A 129 -0.60 4.88 13.29
N ARG A 130 -0.16 4.37 14.44
CA ARG A 130 -1.07 4.04 15.53
C ARG A 130 -1.85 5.27 15.98
N LYS A 131 -1.13 6.36 16.27
CA LYS A 131 -1.77 7.60 16.70
C LYS A 131 -2.84 7.99 15.70
N LEU A 132 -2.44 8.07 14.43
CA LEU A 132 -3.36 8.40 13.35
C LEU A 132 -4.51 7.39 13.37
N ALA A 133 -4.15 6.12 13.54
CA ALA A 133 -5.12 5.04 13.58
C ALA A 133 -6.16 5.28 14.68
N GLY A 134 -5.72 5.61 15.89
CA GLY A 134 -6.65 5.86 16.97
C GLY A 134 -7.47 7.11 16.75
N GLU A 135 -6.88 8.10 16.09
CA GLU A 135 -7.59 9.35 15.82
C GLU A 135 -8.93 9.03 15.18
N ARG A 136 -8.95 8.05 14.28
CA ARG A 136 -10.18 7.64 13.64
C ARG A 136 -10.91 6.54 14.42
N ASN A 137 -10.61 6.38 15.71
CA ASN A 137 -11.27 5.36 16.54
C ASN A 137 -11.06 3.93 16.02
N TYR A 138 -9.83 3.62 15.62
CA TYR A 138 -9.51 2.30 15.10
C TYR A 138 -9.47 1.24 16.21
N THR A 139 -9.50 -0.02 15.81
CA THR A 139 -9.47 -1.13 16.75
C THR A 139 -8.17 -1.94 16.57
N ASP A 140 -7.76 -2.63 17.63
CA ASP A 140 -6.53 -3.45 17.61
C ASP A 140 -6.47 -4.39 16.40
N GLU A 141 -7.59 -5.03 16.13
CA GLU A 141 -7.75 -5.97 15.01
C GLU A 141 -7.90 -5.28 13.66
N MET A 142 -8.09 -3.95 13.67
CA MET A 142 -8.31 -3.19 12.45
C MET A 142 -7.01 -2.90 11.72
N VAL A 143 -5.92 -2.76 12.48
CA VAL A 143 -4.62 -2.51 11.87
C VAL A 143 -3.67 -3.69 12.15
N ALA A 144 -3.03 -4.19 11.10
CA ALA A 144 -2.13 -5.31 11.22
C ALA A 144 -0.70 -4.84 11.04
N MET A 145 0.16 -5.38 11.90
CA MET A 145 1.59 -5.05 11.92
C MET A 145 2.45 -6.22 11.44
N LEU A 146 3.44 -5.94 10.59
CA LEU A 146 4.32 -6.99 10.11
C LEU A 146 5.73 -6.82 10.66
N PRO A 147 6.14 -7.68 11.61
CA PRO A 147 7.49 -7.64 12.17
C PRO A 147 8.51 -8.34 11.23
N ARG A 148 9.72 -8.56 11.76
CA ARG A 148 10.92 -9.23 11.12
C ARG A 148 10.61 -10.60 10.47
N GLN A 149 9.69 -10.50 9.54
CA GLN A 149 9.18 -11.57 8.77
C GLN A 149 9.49 -11.65 7.28
N GLU A 150 10.44 -10.88 6.69
CA GLU A 150 10.35 -11.06 5.32
C GLU A 150 11.31 -12.06 4.77
N GLU A 151 10.63 -13.02 4.19
CA GLU A 151 11.29 -14.15 3.57
C GLU A 151 11.07 -14.09 2.09
N CYS A 152 10.10 -13.28 1.70
CA CYS A 152 9.80 -13.10 0.30
C CYS A 152 9.92 -11.63 -0.05
N THR A 153 10.37 -11.35 -1.26
CA THR A 153 10.53 -9.98 -1.72
C THR A 153 10.20 -9.85 -3.20
N VAL A 154 9.83 -8.65 -3.64
CA VAL A 154 9.53 -8.45 -5.05
C VAL A 154 10.72 -7.80 -5.73
N ASP A 155 11.08 -8.31 -6.89
CA ASP A 155 12.21 -7.78 -7.65
C ASP A 155 11.90 -6.39 -8.20
N GLU A 156 12.94 -5.59 -8.38
CA GLU A 156 12.79 -4.24 -8.88
C GLU A 156 13.04 -4.17 -10.38
N VAL A 157 14.20 -4.64 -10.83
CA VAL A 157 14.55 -4.61 -12.24
C VAL A 157 15.74 -5.53 -12.53
O6 EB4 B . -3.47 -3.65 -2.72
O4 EB4 B . -5.46 -2.94 -2.15
O5 EB4 B . -5.06 -3.34 -4.34
N1 EB4 B . -8.35 -6.97 -2.10
C5 EB4 B . -5.20 -3.85 -5.59
C4 EB4 B . -6.71 -3.09 -1.64
C1 EB4 B . -7.29 -4.34 -1.93
C2 EB4 B . -5.17 -5.24 -5.64
C6 EB4 B . -2.74 -4.29 -1.78
C8 EB4 B . -5.36 -3.12 -6.76
N2 EB4 B . -5.55 -7.93 -5.72
C9 EB4 B . -1.64 -3.77 -1.11
C10 EB4 B . -8.68 -2.48 -0.40
O3 EB4 B . -4.29 -5.94 -2.19
N3 EB4 B . -3.87 -8.26 -1.12
C16 EB4 B . -8.56 -4.62 -1.50
C7 EB4 B . -7.41 -2.16 -0.88
C3 EB4 B . -3.16 -5.59 -1.51
C11 EB4 B . -5.42 -3.77 -7.98
O1 EB4 B . -6.45 -5.14 -2.65
O2 EB4 B . -4.91 -5.83 -4.44
C12 EB4 B . -0.96 -4.54 -0.18
C15 EB4 B . -1.36 -5.85 0.06
C14 EB4 B . -5.43 -5.17 -8.02
C13 EB4 B . -9.25 -3.70 -0.72
O7 EB4 B . -10.32 -6.18 -1.30
C19 EB4 B . -9.14 -6.01 -1.59
C22 EB4 B . -8.77 -8.37 -2.24
C25 EB4 B . -7.88 -9.30 -1.43
O10 EB4 B . -8.32 -10.35 -0.96
O15 EB4 B . -6.58 -8.92 -1.30
C30 EB4 B . -5.72 -9.76 -0.54
C24 EB4 B . -4.33 -9.67 -1.13
C21 EB4 B . -2.77 -7.84 -0.49
C18 EB4 B . -2.47 -6.38 -0.60
O9 EB4 B . -2.05 -8.56 0.20
C27 EB4 B . -4.40 -10.29 -2.56
O12 EB4 B . -4.42 -11.51 -2.72
C28 EB4 B . -8.92 -8.76 -3.70
O13 EB4 B . -7.68 -8.58 -4.42
C26 EB4 B . -6.98 -9.69 -4.76
O11 EB4 B . -7.27 -10.83 -4.40
C23 EB4 B . -5.70 -9.40 -5.56
C29 EB4 B . -4.48 -9.99 -4.88
O14 EB4 B . -4.39 -9.39 -3.58
C20 EB4 B . -5.47 -7.29 -6.91
O8 EB4 B . -5.66 -7.84 -7.98
C17 EB4 B . -5.38 -5.90 -6.84
HN1 EB4 B . -7.45 -6.76 -2.45
H8 EB4 B . -5.40 -2.03 -6.72
HN2 EB4 B . -5.46 -7.41 -4.88
H9 EB4 B . -1.21 -2.82 -1.43
H10 EB4 B . -9.26 -1.72 0.13
HN3 EB4 B . -4.48 -7.63 -1.60
H7 EB4 B . -7.00 -1.16 -0.74
H11 EB4 B . -5.44 -3.21 -8.90
H12 EB4 B . -0.07 -4.15 0.32
H15 EB4 B . -0.84 -6.46 0.80
H14 EB4 B . -5.46 -5.68 -8.98
H13 EB4 B . -10.24 -3.96 -0.32
H22 EB4 B . -8.46 -7.35 -2.14
H30 EB4 B . -6.08 -10.79 -0.61
H30A EB4 B . -5.70 -9.37 0.48
H24 EB4 B . -4.00 -8.65 -1.13
H28 EB4 B . -9.62 -8.15 -4.26
H28A EB4 B . -9.12 -9.84 -3.77
H23 EB4 B . -5.59 -8.33 -5.67
H29 EB4 B . -3.64 -9.63 -5.47
H29A EB4 B . -4.68 -11.07 -4.85
GA GA C . -4.70 -4.28 -3.20
N MET A 1 16.81 3.81 -22.99
CA MET A 1 16.13 2.66 -22.36
C MET A 1 16.59 2.49 -20.92
N THR A 2 15.65 2.33 -20.01
CA THR A 2 15.97 2.15 -18.59
C THR A 2 16.92 3.24 -18.10
N VAL A 3 16.67 4.48 -18.52
CA VAL A 3 17.49 5.62 -18.13
C VAL A 3 17.16 6.09 -16.72
N PRO A 4 18.17 6.53 -15.96
CA PRO A 4 17.98 7.03 -14.59
C PRO A 4 17.38 8.43 -14.56
N ASP A 5 16.26 8.62 -15.26
CA ASP A 5 15.60 9.91 -15.31
C ASP A 5 14.33 9.92 -14.45
N ARG A 6 13.18 9.71 -15.08
CA ARG A 6 11.90 9.69 -14.38
C ARG A 6 11.88 8.63 -13.28
N SER A 7 12.69 7.59 -13.45
CA SER A 7 12.77 6.48 -12.49
C SER A 7 12.89 6.99 -11.05
N GLU A 8 13.62 8.08 -10.86
CA GLU A 8 13.83 8.66 -9.53
C GLU A 8 12.49 9.05 -8.88
N ILE A 9 11.48 9.34 -9.69
CA ILE A 9 10.16 9.74 -9.19
C ILE A 9 9.35 8.53 -8.69
N ALA A 10 9.74 7.32 -9.09
CA ALA A 10 9.03 6.12 -8.68
C ALA A 10 9.99 5.09 -8.09
N GLY A 11 9.53 3.85 -7.94
CA GLY A 11 10.38 2.82 -7.39
C GLY A 11 9.59 1.73 -6.69
N LYS A 12 10.23 1.04 -5.76
CA LYS A 12 9.60 -0.03 -5.01
C LYS A 12 9.37 0.39 -3.56
N TRP A 13 8.28 -0.09 -2.99
CA TRP A 13 7.93 0.22 -1.61
C TRP A 13 7.58 -1.08 -0.87
N TYR A 14 7.86 -1.11 0.43
CA TYR A 14 7.57 -2.30 1.22
C TYR A 14 6.49 -2.01 2.24
N VAL A 15 5.39 -2.77 2.21
CA VAL A 15 4.35 -2.52 3.17
C VAL A 15 4.54 -3.39 4.40
N VAL A 16 4.57 -2.71 5.54
CA VAL A 16 4.76 -3.35 6.84
C VAL A 16 3.58 -3.05 7.76
N ALA A 17 2.56 -2.39 7.23
CA ALA A 17 1.38 -2.02 8.01
C ALA A 17 0.14 -2.11 7.13
N LEU A 18 -0.98 -2.38 7.76
CA LEU A 18 -2.25 -2.49 7.05
C LEU A 18 -3.44 -2.13 7.94
N ALA A 19 -4.52 -1.67 7.34
CA ALA A 19 -5.74 -1.36 8.06
C ALA A 19 -6.91 -1.71 7.15
N SER A 20 -7.93 -2.37 7.69
CA SER A 20 -9.08 -2.78 6.88
C SER A 20 -10.39 -2.62 7.65
N ASN A 21 -11.46 -2.33 6.94
CA ASN A 21 -12.79 -2.14 7.59
C ASN A 21 -13.66 -3.39 7.42
N THR A 22 -12.98 -4.48 7.15
CA THR A 22 -13.61 -5.82 7.08
C THR A 22 -13.29 -6.82 8.22
N GLU A 23 -14.19 -7.55 8.85
CA GLU A 23 -13.69 -8.58 9.82
C GLU A 23 -12.82 -9.62 9.07
N PHE A 24 -13.35 -10.19 7.98
CA PHE A 24 -12.64 -11.21 7.22
C PHE A 24 -11.24 -10.75 6.80
N PHE A 25 -11.18 -9.60 6.12
CA PHE A 25 -9.89 -9.06 5.67
C PHE A 25 -8.91 -8.90 6.84
N LEU A 26 -9.39 -8.32 7.94
CA LEU A 26 -8.57 -8.13 9.11
C LEU A 26 -8.10 -9.47 9.65
N ARG A 27 -9.06 -10.38 9.78
CA ARG A 27 -8.78 -11.72 10.29
C ARG A 27 -7.74 -12.41 9.43
N GLU A 28 -7.93 -12.35 8.11
CA GLU A 28 -6.99 -12.98 7.19
C GLU A 28 -5.67 -12.22 7.11
N LYS A 29 -5.75 -10.91 6.87
CA LYS A 29 -4.56 -10.07 6.79
C LYS A 29 -3.63 -10.29 7.98
N ASP A 30 -4.16 -10.15 9.19
CA ASP A 30 -3.37 -10.34 10.40
C ASP A 30 -2.78 -11.74 10.43
N LYS A 31 -3.60 -12.71 10.08
CA LYS A 31 -3.15 -14.08 10.09
C LYS A 31 -2.12 -14.35 9.00
N MET A 32 -2.16 -13.65 7.86
CA MET A 32 -1.19 -14.00 6.84
C MET A 32 0.21 -13.34 7.05
N LYS A 33 0.47 -12.16 6.46
CA LYS A 33 1.80 -11.54 6.53
C LYS A 33 1.75 -10.07 6.03
N MET A 34 2.96 -9.58 5.85
CA MET A 34 3.38 -8.25 5.36
C MET A 34 2.92 -8.11 3.92
N ALA A 35 3.34 -7.00 3.31
CA ALA A 35 2.93 -6.77 1.91
C ALA A 35 4.05 -6.06 1.13
N MET A 36 3.98 -6.08 -0.19
CA MET A 36 4.97 -5.36 -1.00
C MET A 36 4.26 -4.56 -2.08
N ALA A 37 4.92 -3.50 -2.56
CA ALA A 37 4.35 -2.72 -3.63
C ALA A 37 5.41 -1.89 -4.32
N ARG A 38 5.44 -2.00 -5.63
CA ARG A 38 6.37 -1.26 -6.46
C ARG A 38 5.53 -0.57 -7.51
N ILE A 39 5.75 0.71 -7.73
CA ILE A 39 4.95 1.50 -8.65
C ILE A 39 5.71 1.84 -9.95
N SER A 40 4.90 1.83 -11.03
CA SER A 40 5.30 2.08 -12.43
C SER A 40 4.57 3.27 -13.00
N PHE A 41 5.19 3.79 -14.06
CA PHE A 41 4.57 4.85 -14.83
C PHE A 41 4.07 4.53 -16.29
N LEU A 42 2.82 4.40 -16.69
CA LEU A 42 2.62 4.21 -18.15
C LEU A 42 2.58 5.54 -18.88
N GLY A 43 1.65 6.37 -18.46
CA GLY A 43 1.51 7.68 -19.03
C GLY A 43 1.25 8.70 -17.95
N GLU A 44 1.43 9.97 -18.28
CA GLU A 44 1.25 11.05 -17.30
C GLU A 44 -0.09 10.92 -16.58
N ASP A 45 -1.07 10.35 -17.28
CA ASP A 45 -2.42 10.19 -16.76
C ASP A 45 -2.71 8.75 -16.34
N GLU A 46 -1.76 7.83 -16.53
CA GLU A 46 -1.94 6.49 -16.09
C GLU A 46 -0.57 5.80 -15.89
N LEU A 47 -0.50 5.42 -14.62
CA LEU A 47 0.65 4.79 -13.97
C LEU A 47 0.24 3.39 -13.55
N LYS A 48 1.30 2.63 -13.39
CA LYS A 48 1.32 1.20 -13.13
C LYS A 48 1.78 0.82 -11.74
N VAL A 49 1.18 -0.20 -11.13
CA VAL A 49 1.61 -0.63 -9.79
C VAL A 49 1.84 -2.13 -9.73
N SER A 50 2.90 -2.55 -9.04
CA SER A 50 3.21 -3.97 -8.92
C SER A 50 3.01 -4.40 -7.47
N TYR A 51 2.20 -5.41 -7.27
CA TYR A 51 1.90 -5.93 -5.94
C TYR A 51 2.71 -7.18 -5.67
N ALA A 52 3.15 -7.35 -4.43
CA ALA A 52 3.89 -8.53 -4.05
C ALA A 52 3.40 -9.02 -2.68
N VAL A 53 2.81 -10.20 -2.65
CA VAL A 53 2.29 -10.75 -1.40
C VAL A 53 2.62 -12.24 -1.26
N PRO A 54 2.90 -12.68 -0.03
CA PRO A 54 3.20 -14.08 0.28
C PRO A 54 1.91 -14.88 0.54
N LYS A 55 1.52 -15.62 -0.48
CA LYS A 55 0.32 -16.47 -0.49
C LYS A 55 0.65 -17.93 -0.21
N PRO A 56 -0.14 -18.62 0.63
CA PRO A 56 0.10 -20.03 0.95
C PRO A 56 0.51 -20.82 -0.31
N ASN A 57 -0.03 -20.42 -1.47
CA ASN A 57 0.28 -21.09 -2.74
C ASN A 57 1.62 -20.61 -3.31
N GLY A 58 2.33 -19.77 -2.56
CA GLY A 58 3.61 -19.25 -3.01
C GLY A 58 3.53 -17.73 -3.23
N CYS A 59 4.71 -17.10 -3.42
CA CYS A 59 4.79 -15.65 -3.65
C CYS A 59 3.87 -15.24 -4.79
N ARG A 60 2.89 -14.39 -4.48
CA ARG A 60 1.95 -13.89 -5.47
C ARG A 60 2.14 -12.41 -5.79
N LYS A 61 2.22 -12.05 -7.07
CA LYS A 61 2.35 -10.63 -7.43
C LYS A 61 1.25 -10.25 -8.42
N TRP A 62 1.04 -8.95 -8.61
CA TRP A 62 0.02 -8.46 -9.54
C TRP A 62 0.34 -7.03 -9.95
N GLU A 63 -0.24 -6.56 -11.04
CA GLU A 63 -0.01 -5.20 -11.49
C GLU A 63 -1.26 -4.63 -12.12
N THR A 64 -1.64 -3.44 -11.66
CA THR A 64 -2.82 -2.76 -12.17
C THR A 64 -2.49 -1.34 -12.57
N THR A 65 -3.03 -0.90 -13.70
CA THR A 65 -2.80 0.45 -14.19
C THR A 65 -3.71 1.42 -13.46
N PHE A 66 -3.20 2.59 -13.11
CA PHE A 66 -4.02 3.55 -12.41
C PHE A 66 -4.12 4.84 -13.20
N LYS A 67 -5.23 5.53 -13.07
CA LYS A 67 -5.45 6.75 -13.81
C LYS A 67 -5.20 7.93 -12.88
N LYS A 68 -4.70 9.00 -13.47
CA LYS A 68 -4.37 10.19 -12.74
C LYS A 68 -5.57 10.85 -12.11
N THR A 69 -5.60 10.92 -10.77
CA THR A 69 -6.64 11.66 -10.15
C THR A 69 -6.05 12.34 -8.92
N SER A 70 -5.55 13.55 -9.16
CA SER A 70 -4.95 14.35 -8.11
C SER A 70 -6.03 15.02 -7.28
N ASP A 71 -6.75 14.21 -6.47
CA ASP A 71 -7.82 14.78 -5.65
C ASP A 71 -7.25 15.65 -4.53
N ASP A 72 -6.58 15.01 -3.55
CA ASP A 72 -5.95 15.71 -2.41
C ASP A 72 -4.38 15.80 -2.52
N GLY A 73 -4.09 16.08 -3.78
CA GLY A 73 -2.86 16.34 -4.58
C GLY A 73 -2.10 15.12 -5.24
N GLU A 74 -1.80 13.91 -4.66
CA GLU A 74 -1.21 12.90 -5.58
C GLU A 74 -2.01 11.64 -5.41
N VAL A 75 -3.28 11.72 -5.77
CA VAL A 75 -4.19 10.59 -5.61
C VAL A 75 -4.34 9.85 -6.92
N TYR A 76 -4.74 8.59 -6.82
CA TYR A 76 -4.92 7.74 -7.99
C TYR A 76 -6.26 7.01 -7.96
N TYR A 77 -6.86 6.83 -9.12
CA TYR A 77 -8.15 6.17 -9.22
C TYR A 77 -8.17 5.11 -10.32
N SER A 78 -8.59 3.91 -9.99
CA SER A 78 -8.66 2.85 -10.97
C SER A 78 -10.13 2.58 -11.31
N GLU A 79 -10.63 3.29 -12.33
CA GLU A 79 -12.03 3.15 -12.75
C GLU A 79 -12.33 1.74 -13.23
N GLU A 80 -11.43 1.16 -14.01
CA GLU A 80 -11.62 -0.17 -14.55
C GLU A 80 -11.55 -1.24 -13.46
N ALA A 81 -10.91 -0.91 -12.35
CA ALA A 81 -10.78 -1.84 -11.24
C ALA A 81 -11.71 -1.51 -10.07
N LYS A 82 -12.22 -0.27 -10.03
CA LYS A 82 -13.10 0.18 -8.95
C LYS A 82 -12.31 0.31 -7.64
N LYS A 83 -11.11 0.89 -7.74
CA LYS A 83 -10.22 1.07 -6.59
C LYS A 83 -9.49 2.41 -6.70
N LYS A 84 -9.45 3.15 -5.59
CA LYS A 84 -8.77 4.45 -5.54
C LYS A 84 -7.89 4.55 -4.29
N VAL A 85 -6.80 5.28 -4.41
CA VAL A 85 -5.87 5.43 -3.30
C VAL A 85 -5.26 6.84 -3.28
N GLU A 86 -5.04 7.37 -2.09
CA GLU A 86 -4.44 8.68 -1.94
C GLU A 86 -3.34 8.69 -0.89
N VAL A 87 -2.17 9.21 -1.26
CA VAL A 87 -1.04 9.26 -0.35
C VAL A 87 -1.31 10.31 0.71
N LEU A 88 -1.48 9.85 1.96
CA LEU A 88 -1.78 10.77 3.05
C LEU A 88 -0.52 11.49 3.51
N ASP A 89 0.51 10.73 3.88
CA ASP A 89 1.77 11.31 4.32
C ASP A 89 2.93 10.38 3.96
N THR A 90 4.03 10.96 3.53
CA THR A 90 5.20 10.20 3.16
C THR A 90 6.49 11.00 3.40
N ASP A 91 7.53 10.33 3.90
CA ASP A 91 8.81 10.99 4.13
C ASP A 91 9.77 10.65 3.01
N TYR A 92 10.36 11.67 2.41
CA TYR A 92 11.31 11.47 1.30
C TYR A 92 12.35 10.41 1.65
N LYS A 93 12.81 10.42 2.89
CA LYS A 93 13.81 9.48 3.36
C LYS A 93 13.35 8.65 4.54
N SER A 94 12.05 8.42 4.69
CA SER A 94 11.59 7.61 5.81
C SER A 94 10.34 6.80 5.46
N TYR A 95 9.43 6.62 6.44
CA TYR A 95 8.19 5.85 6.25
C TYR A 95 7.13 6.65 5.51
N ALA A 96 6.07 5.97 5.08
CA ALA A 96 4.96 6.61 4.40
C ALA A 96 3.62 5.94 4.72
N VAL A 97 2.54 6.71 4.72
CA VAL A 97 1.21 6.17 4.95
C VAL A 97 0.28 6.50 3.78
N ILE A 98 -0.28 5.47 3.15
CA ILE A 98 -1.17 5.68 2.01
C ILE A 98 -2.57 5.14 2.31
N TYR A 99 -3.58 5.87 1.88
CA TYR A 99 -4.97 5.48 2.09
C TYR A 99 -5.54 4.88 0.81
N ALA A 100 -6.32 3.80 0.95
CA ALA A 100 -6.90 3.13 -0.19
C ALA A 100 -8.39 2.85 0.03
N THR A 101 -9.16 2.99 -1.04
CA THR A 101 -10.59 2.74 -0.99
C THR A 101 -11.12 2.19 -2.33
N ARG A 102 -12.07 1.27 -2.27
CA ARG A 102 -12.65 0.73 -3.50
C ARG A 102 -14.13 0.42 -3.26
N VAL A 103 -14.96 0.64 -4.27
CA VAL A 103 -16.39 0.40 -4.13
C VAL A 103 -16.89 -0.65 -5.10
N LYS A 104 -17.61 -1.62 -4.56
CA LYS A 104 -18.20 -2.70 -5.34
C LYS A 104 -19.71 -2.46 -5.39
N ASP A 105 -20.35 -2.96 -6.44
CA ASP A 105 -21.80 -2.81 -6.61
C ASP A 105 -22.54 -2.78 -5.28
N GLY A 106 -22.92 -1.60 -4.81
CA GLY A 106 -23.67 -1.56 -3.57
C GLY A 106 -22.84 -1.67 -2.29
N ARG A 107 -21.52 -1.82 -2.39
CA ARG A 107 -20.69 -1.98 -1.21
C ARG A 107 -19.37 -1.19 -1.29
N THR A 108 -19.10 -0.45 -0.23
CA THR A 108 -17.88 0.36 -0.12
C THR A 108 -16.84 -0.24 0.83
N LEU A 109 -15.63 -0.51 0.36
CA LEU A 109 -14.60 -1.03 1.25
C LEU A 109 -13.41 -0.06 1.32
N HIS A 110 -12.93 0.19 2.52
CA HIS A 110 -11.83 1.13 2.74
C HIS A 110 -10.68 0.36 3.39
N MET A 111 -9.46 0.82 3.12
CA MET A 111 -8.27 0.21 3.66
C MET A 111 -7.12 1.20 3.81
N MET A 112 -6.32 1.06 4.85
CA MET A 112 -5.17 1.93 5.04
C MET A 112 -3.89 1.10 4.97
N ARG A 113 -2.82 1.68 4.43
CA ARG A 113 -1.56 0.96 4.31
C ARG A 113 -0.38 1.85 4.67
N LEU A 114 0.61 1.26 5.30
CA LEU A 114 1.82 1.96 5.70
C LEU A 114 3.02 1.25 5.11
N TYR A 115 3.84 1.98 4.39
CA TYR A 115 5.01 1.38 3.77
C TYR A 115 6.28 1.99 4.33
N SER A 116 7.36 1.25 4.23
CA SER A 116 8.62 1.73 4.75
C SER A 116 9.56 1.81 3.57
N ARG A 117 10.54 2.69 3.66
CA ARG A 117 11.46 2.94 2.56
C ARG A 117 12.25 1.69 2.23
N SER A 118 12.26 0.72 3.13
CA SER A 118 12.93 -0.54 2.92
C SER A 118 12.13 -1.61 3.69
N PRO A 119 12.41 -2.90 3.49
CA PRO A 119 11.69 -3.97 4.19
C PRO A 119 12.03 -3.99 5.69
N GLU A 120 11.69 -2.91 6.37
CA GLU A 120 11.97 -2.80 7.80
C GLU A 120 10.94 -1.91 8.49
N VAL A 121 10.23 -2.47 9.47
CA VAL A 121 9.20 -1.68 10.15
C VAL A 121 9.88 -0.89 11.24
N SER A 122 9.60 0.41 11.20
CA SER A 122 10.16 1.38 12.13
C SER A 122 9.20 1.75 13.25
N PRO A 123 9.71 1.84 14.49
CA PRO A 123 8.89 2.22 15.65
C PRO A 123 8.14 3.54 15.41
N ALA A 124 8.86 4.54 14.90
CA ALA A 124 8.27 5.85 14.63
C ALA A 124 7.06 5.72 13.70
N ALA A 125 7.26 4.99 12.62
CA ALA A 125 6.20 4.75 11.63
C ALA A 125 5.04 3.98 12.28
N THR A 126 5.41 3.11 13.21
CA THR A 126 4.44 2.28 13.92
C THR A 126 3.49 3.15 14.76
N ALA A 127 4.05 4.08 15.53
CA ALA A 127 3.26 4.95 16.40
C ALA A 127 2.60 6.07 15.61
N ILE A 128 3.32 6.61 14.62
CA ILE A 128 2.79 7.70 13.83
C ILE A 128 1.43 7.27 13.26
N PHE A 129 1.35 6.07 12.70
CA PHE A 129 0.08 5.59 12.17
C PHE A 129 -0.92 5.35 13.31
N ARG A 130 -0.56 4.41 14.21
CA ARG A 130 -1.45 4.10 15.33
C ARG A 130 -2.02 5.36 15.97
N LYS A 131 -1.20 6.40 16.16
CA LYS A 131 -1.73 7.63 16.75
C LYS A 131 -2.96 8.13 15.96
N LEU A 132 -2.78 8.36 14.66
CA LEU A 132 -3.89 8.81 13.82
C LEU A 132 -4.98 7.75 13.79
N ALA A 133 -4.55 6.50 13.81
CA ALA A 133 -5.46 5.37 13.82
C ALA A 133 -6.45 5.47 14.98
N GLY A 134 -6.00 6.00 16.12
CA GLY A 134 -6.86 6.12 17.27
C GLY A 134 -7.83 7.27 17.09
N GLU A 135 -7.40 8.30 16.38
CA GLU A 135 -8.24 9.47 16.11
C GLU A 135 -9.49 9.02 15.36
N ARG A 136 -9.36 7.93 14.62
CA ARG A 136 -10.46 7.39 13.84
C ARG A 136 -11.15 6.24 14.59
N ASN A 137 -10.97 6.20 15.92
CA ASN A 137 -11.58 5.16 16.73
C ASN A 137 -11.26 3.77 16.20
N TYR A 138 -10.02 3.56 15.76
CA TYR A 138 -9.65 2.29 15.16
C TYR A 138 -9.58 1.23 16.24
N THR A 139 -9.73 -0.02 15.83
CA THR A 139 -9.69 -1.14 16.75
C THR A 139 -8.44 -1.98 16.48
N ASP A 140 -7.93 -2.69 17.48
CA ASP A 140 -6.68 -3.45 17.30
C ASP A 140 -6.73 -4.36 16.06
N GLU A 141 -7.75 -5.20 15.98
CA GLU A 141 -7.92 -6.11 14.83
C GLU A 141 -8.13 -5.37 13.51
N MET A 142 -8.41 -4.08 13.57
CA MET A 142 -8.68 -3.32 12.36
C MET A 142 -7.36 -2.97 11.66
N VAL A 143 -6.28 -2.96 12.43
CA VAL A 143 -4.94 -2.68 11.95
C VAL A 143 -4.08 -3.97 11.89
N ALA A 144 -3.15 -4.03 10.94
CA ALA A 144 -2.27 -5.20 10.76
C ALA A 144 -0.80 -4.77 10.57
N MET A 145 0.06 -5.28 11.48
CA MET A 145 1.51 -5.06 11.52
C MET A 145 2.38 -6.30 11.31
N LEU A 146 3.45 -6.21 10.53
CA LEU A 146 4.38 -7.35 10.43
C LEU A 146 5.80 -7.03 10.93
N PRO A 147 6.33 -7.65 12.00
CA PRO A 147 7.71 -7.37 12.45
C PRO A 147 8.74 -8.00 11.47
N ARG A 148 9.96 -8.24 11.96
CA ARG A 148 11.07 -8.85 11.18
C ARG A 148 10.75 -10.30 10.68
N GLN A 149 9.62 -10.39 10.02
CA GLN A 149 9.03 -11.62 9.48
C GLN A 149 9.14 -11.77 7.94
N GLU A 150 10.05 -11.02 7.33
CA GLU A 150 10.17 -11.02 5.88
C GLU A 150 11.01 -12.16 5.31
N GLU A 151 10.83 -12.42 4.01
CA GLU A 151 11.56 -13.48 3.29
C GLU A 151 11.42 -13.28 1.78
N CYS A 152 10.16 -13.14 1.33
CA CYS A 152 9.82 -12.93 -0.05
C CYS A 152 9.29 -11.50 -0.18
N THR A 153 9.87 -11.02 -1.25
CA THR A 153 10.06 -9.78 -1.91
C THR A 153 9.59 -9.75 -3.31
N VAL A 154 9.91 -8.61 -3.90
CA VAL A 154 9.66 -8.56 -5.31
C VAL A 154 10.96 -8.10 -6.05
N ASP A 155 11.13 -8.40 -7.34
CA ASP A 155 12.31 -7.91 -8.09
C ASP A 155 12.05 -6.45 -8.54
N GLU A 156 13.12 -5.69 -8.74
CA GLU A 156 12.98 -4.28 -9.17
C GLU A 156 13.47 -4.06 -10.59
N VAL A 157 14.69 -4.51 -10.89
CA VAL A 157 15.26 -4.34 -12.22
C VAL A 157 16.69 -4.86 -12.28
O6 EB4 B . -4.01 -4.15 -2.27
O4 EB4 B . -5.98 -3.47 -1.85
O5 EB4 B . -5.47 -3.65 -3.96
N1 EB4 B . -8.99 -7.36 -2.08
C5 EB4 B . -5.54 -4.07 -5.25
C4 EB4 B . -7.25 -3.59 -1.38
C1 EB4 B . -7.84 -4.81 -1.71
C2 EB4 B . -5.64 -5.44 -5.39
C6 EB4 B . -3.29 -4.89 -1.39
C8 EB4 B . -5.53 -3.25 -6.37
N2 EB4 B . -6.08 -8.12 -5.70
C9 EB4 B . -2.21 -4.46 -0.64
C10 EB4 B . -9.25 -2.94 -0.20
O3 EB4 B . -4.86 -6.46 -2.03
N3 EB4 B . -4.56 -8.88 -1.12
C16 EB4 B . -9.14 -5.08 -1.30
C7 EB4 B . -7.95 -2.65 -0.64
C3 EB4 B . -3.76 -6.20 -1.27
C11 EB4 B . -5.56 -3.81 -7.64
O1 EB4 B . -7.02 -5.61 -2.44
O2 EB4 B . -5.54 -6.13 -4.22
C12 EB4 B . -1.58 -5.33 0.23
C15 EB4 B . -2.04 -6.65 0.34
C14 EB4 B . -5.71 -5.19 -7.78
C13 EB4 B . -9.84 -4.15 -0.54
O7 EB4 B . -10.97 -6.58 -1.32
C19 EB4 B . -9.76 -6.42 -1.51
C22 EB4 B . -9.44 -8.75 -2.37
C25 EB4 B . -8.58 -9.76 -1.62
O10 EB4 B . -9.09 -10.78 -1.17
O15 EB4 B . -7.28 -9.41 -1.42
C30 EB4 B . -6.48 -10.35 -0.70
C24 EB4 B . -5.06 -10.26 -1.25
C21 EB4 B . -3.46 -8.54 -0.40
C18 EB4 B . -3.12 -7.09 -0.41
O9 EB4 B . -2.84 -9.32 0.30
C27 EB4 B . -5.10 -10.76 -2.73
O12 EB4 B . -5.12 -11.96 -2.99
C28 EB4 B . -9.54 -9.00 -3.86
O13 EB4 B . -8.27 -8.80 -4.51
C26 EB4 B . -7.60 -9.89 -4.95
O11 EB4 B . -7.94 -11.04 -4.74
C23 EB4 B . -6.28 -9.58 -5.68
C29 EB4 B . -5.10 -10.28 -5.02
O14 EB4 B . -5.03 -9.78 -3.67
C20 EB4 B . -5.95 -7.38 -6.83
O8 EB4 B . -6.06 -7.85 -7.96
C17 EB4 B . -5.81 -6.00 -6.65
HN1 EB4 B . -8.02 -7.20 -2.29
H8 EB4 B . -5.46 -2.16 -6.26
HN2 EB4 B . -6.14 -7.65 -4.82
H9 EB4 B . -1.76 -3.50 -0.85
H10 EB4 B . -9.79 -2.21 0.40
HN3 EB4 B . -5.15 -8.19 -1.55
H7 EB4 B . -7.51 -1.69 -0.42
H11 EB4 B . -5.46 -3.19 -8.53
H12 EB4 B . -0.68 -5.04 0.75
H15 EB4 B . -1.52 -7.35 1.01
H14 EB4 B . -5.73 -5.64 -8.77
H13 EB4 B . -10.86 -4.35 -0.24
H22 EB4 B . -9.11 -7.74 -2.17
H30 EB4 B . -6.86 -11.36 -0.88
H30A EB4 B . -6.47 -10.07 0.36
H24 EB4 B . -4.69 -9.26 -1.16
H28 EB4 B . -10.23 -8.31 -4.36
H28A EB4 B . -9.75 -10.06 -4.04
H23 EB4 B . -6.14 -8.51 -5.69
H29 EB4 B . -4.22 -9.90 -5.55
H29A EB4 B . -5.34 -11.33 -5.09
GA GA C . -5.23 -4.68 -2.85
N MET A 1 16.92 3.67 -23.01
CA MET A 1 16.37 2.45 -22.37
C MET A 1 16.91 2.31 -20.95
N THR A 2 16.04 2.10 -19.99
CA THR A 2 16.44 1.95 -18.60
C THR A 2 17.35 3.11 -18.19
N VAL A 3 16.93 4.33 -18.53
CA VAL A 3 17.70 5.52 -18.21
C VAL A 3 17.34 6.06 -16.83
N PRO A 4 18.33 6.58 -16.10
CA PRO A 4 18.12 7.14 -14.75
C PRO A 4 17.45 8.51 -14.79
N ASP A 5 16.32 8.58 -15.49
CA ASP A 5 15.58 9.84 -15.61
C ASP A 5 14.37 9.85 -14.66
N ARG A 6 13.19 9.55 -15.19
CA ARG A 6 11.97 9.52 -14.38
C ARG A 6 12.07 8.55 -13.21
N SER A 7 12.93 7.55 -13.36
CA SER A 7 13.15 6.54 -12.32
C SER A 7 13.39 7.16 -10.95
N GLU A 8 13.99 8.35 -10.94
CA GLU A 8 14.29 9.05 -9.68
C GLU A 8 13.01 9.29 -8.86
N ILE A 9 11.89 9.40 -9.56
CA ILE A 9 10.57 9.63 -9.00
C ILE A 9 9.80 8.33 -8.69
N ALA A 10 10.42 7.18 -8.99
CA ALA A 10 9.77 5.89 -8.81
C ALA A 10 10.63 4.93 -8.01
N GLY A 11 10.21 3.66 -7.95
CA GLY A 11 10.96 2.67 -7.23
C GLY A 11 10.07 1.61 -6.60
N LYS A 12 10.58 0.98 -5.56
CA LYS A 12 9.84 -0.06 -4.83
C LYS A 12 9.52 0.38 -3.42
N TRP A 13 8.31 0.07 -2.94
CA TRP A 13 7.91 0.44 -1.59
C TRP A 13 7.42 -0.81 -0.86
N TYR A 14 7.83 -0.98 0.37
CA TYR A 14 7.41 -2.15 1.15
C TYR A 14 6.28 -1.78 2.08
N VAL A 15 5.15 -2.50 2.01
CA VAL A 15 4.11 -2.15 2.93
C VAL A 15 4.27 -3.05 4.13
N VAL A 16 4.49 -2.39 5.26
CA VAL A 16 4.69 -3.06 6.53
C VAL A 16 3.46 -3.07 7.40
N ALA A 17 2.49 -2.23 7.07
CA ALA A 17 1.26 -2.17 7.84
C ALA A 17 0.05 -2.12 6.91
N LEU A 18 -1.06 -2.66 7.39
CA LEU A 18 -2.29 -2.66 6.62
C LEU A 18 -3.49 -2.64 7.56
N ALA A 19 -4.52 -1.88 7.21
CA ALA A 19 -5.73 -1.82 8.03
C ALA A 19 -6.94 -1.79 7.13
N SER A 20 -7.96 -2.56 7.49
CA SER A 20 -9.17 -2.60 6.68
C SER A 20 -10.40 -2.67 7.59
N ASN A 21 -11.49 -2.06 7.16
CA ASN A 21 -12.73 -2.03 7.97
C ASN A 21 -13.61 -3.26 7.73
N THR A 22 -12.92 -4.32 7.34
CA THR A 22 -13.55 -5.62 7.17
C THR A 22 -13.16 -6.69 8.25
N GLU A 23 -14.03 -7.46 8.92
CA GLU A 23 -13.45 -8.51 9.82
C GLU A 23 -12.65 -9.56 9.03
N PHE A 24 -13.29 -10.15 7.99
CA PHE A 24 -12.63 -11.18 7.18
C PHE A 24 -11.26 -10.70 6.69
N PHE A 25 -11.25 -9.53 6.05
CA PHE A 25 -10.01 -8.94 5.55
C PHE A 25 -8.97 -8.84 6.67
N LEU A 26 -9.40 -8.35 7.82
CA LEU A 26 -8.52 -8.19 8.98
C LEU A 26 -8.01 -9.54 9.47
N ARG A 27 -8.94 -10.45 9.77
CA ARG A 27 -8.58 -11.75 10.29
C ARG A 27 -7.60 -12.45 9.35
N GLU A 28 -7.91 -12.48 8.06
CA GLU A 28 -7.03 -13.10 7.08
C GLU A 28 -5.71 -12.34 6.99
N LYS A 29 -5.80 -11.00 6.89
CA LYS A 29 -4.61 -10.17 6.82
C LYS A 29 -3.71 -10.40 8.02
N ASP A 30 -4.31 -10.39 9.22
CA ASP A 30 -3.55 -10.62 10.45
C ASP A 30 -2.89 -11.99 10.41
N LYS A 31 -3.56 -12.94 9.76
CA LYS A 31 -3.04 -14.23 9.62
C LYS A 31 -2.11 -14.30 8.45
N MET A 32 -1.86 -13.25 7.59
CA MET A 32 -0.84 -13.75 6.69
C MET A 32 0.58 -13.12 6.82
N LYS A 33 1.08 -12.36 5.83
CA LYS A 33 2.43 -11.79 6.04
C LYS A 33 2.50 -10.44 5.39
N MET A 34 3.65 -9.78 5.46
CA MET A 34 3.74 -8.44 4.90
C MET A 34 3.65 -8.52 3.39
N ALA A 35 3.30 -7.38 2.80
CA ALA A 35 3.06 -7.24 1.37
C ALA A 35 4.09 -6.38 0.70
N MET A 36 4.08 -6.35 -0.62
CA MET A 36 5.06 -5.57 -1.33
C MET A 36 4.36 -4.64 -2.29
N ALA A 37 5.07 -3.60 -2.72
CA ALA A 37 4.51 -2.69 -3.65
C ALA A 37 5.61 -2.07 -4.49
N ARG A 38 5.40 -2.15 -5.77
CA ARG A 38 6.31 -1.58 -6.75
C ARG A 38 5.48 -0.83 -7.74
N ILE A 39 5.74 0.44 -7.86
CA ILE A 39 4.99 1.33 -8.74
C ILE A 39 5.84 1.75 -9.92
N SER A 40 5.21 1.88 -11.07
CA SER A 40 5.90 2.29 -12.26
C SER A 40 5.06 3.22 -13.12
N PHE A 41 5.66 4.31 -13.56
CA PHE A 41 4.95 5.31 -14.36
C PHE A 41 4.59 4.72 -15.72
N LEU A 42 3.33 4.86 -16.09
CA LEU A 42 2.85 4.34 -17.35
C LEU A 42 2.73 5.45 -18.40
N GLY A 43 1.99 6.48 -18.02
CA GLY A 43 1.68 7.61 -18.86
C GLY A 43 1.56 8.89 -18.08
N GLU A 44 1.38 10.00 -18.78
CA GLU A 44 1.22 11.30 -18.11
C GLU A 44 0.04 11.25 -17.13
N ASP A 45 -1.01 10.48 -17.46
CA ASP A 45 -2.19 10.36 -16.61
C ASP A 45 -2.46 8.91 -16.18
N GLU A 46 -1.65 7.97 -16.66
CA GLU A 46 -1.86 6.56 -16.33
C GLU A 46 -0.61 6.03 -15.65
N LEU A 47 -0.84 5.09 -14.74
CA LEU A 47 0.20 4.52 -13.89
C LEU A 47 0.03 3.02 -13.66
N LYS A 48 1.17 2.33 -13.56
CA LYS A 48 1.20 0.89 -13.33
C LYS A 48 1.77 0.57 -11.95
N VAL A 49 1.14 -0.38 -11.26
CA VAL A 49 1.61 -0.76 -9.94
C VAL A 49 1.70 -2.28 -9.81
N SER A 50 2.78 -2.78 -9.21
CA SER A 50 2.92 -4.20 -9.03
C SER A 50 2.77 -4.50 -7.55
N TYR A 51 1.82 -5.35 -7.22
CA TYR A 51 1.59 -5.74 -5.85
C TYR A 51 2.08 -7.16 -5.65
N ALA A 52 2.70 -7.41 -4.50
CA ALA A 52 3.21 -8.75 -4.20
C ALA A 52 2.84 -9.14 -2.78
N VAL A 53 2.30 -10.34 -2.62
CA VAL A 53 1.90 -10.84 -1.32
C VAL A 53 2.23 -12.33 -1.16
N PRO A 54 2.68 -12.72 0.04
CA PRO A 54 3.02 -14.12 0.34
C PRO A 54 1.77 -14.92 0.71
N LYS A 55 1.31 -15.71 -0.25
CA LYS A 55 0.13 -16.57 -0.19
C LYS A 55 0.51 -18.03 0.04
N PRO A 56 -0.21 -18.76 0.92
CA PRO A 56 0.10 -20.17 1.20
C PRO A 56 0.61 -20.93 -0.04
N ASN A 57 0.14 -20.55 -1.24
CA ASN A 57 0.57 -21.21 -2.48
C ASN A 57 1.93 -20.68 -2.98
N GLY A 58 2.40 -19.60 -2.38
CA GLY A 58 3.68 -19.03 -2.77
C GLY A 58 3.58 -17.51 -2.93
N CYS A 59 4.66 -16.90 -3.42
CA CYS A 59 4.68 -15.47 -3.62
C CYS A 59 3.74 -15.06 -4.75
N ARG A 60 2.62 -14.43 -4.39
CA ARG A 60 1.63 -13.99 -5.36
C ARG A 60 1.75 -12.50 -5.62
N LYS A 61 1.78 -12.14 -6.89
CA LYS A 61 1.91 -10.74 -7.31
C LYS A 61 0.98 -10.39 -8.46
N TRP A 62 0.86 -9.09 -8.74
CA TRP A 62 0.04 -8.64 -9.85
C TRP A 62 0.40 -7.19 -10.20
N GLU A 63 0.12 -6.77 -11.43
CA GLU A 63 0.39 -5.40 -11.79
C GLU A 63 -0.84 -4.89 -12.51
N THR A 64 -1.35 -3.78 -12.00
CA THR A 64 -2.54 -3.15 -12.52
C THR A 64 -2.26 -1.74 -12.98
N THR A 65 -3.04 -1.28 -13.93
CA THR A 65 -2.90 0.06 -14.46
C THR A 65 -4.00 0.94 -13.86
N PHE A 66 -3.61 2.07 -13.29
CA PHE A 66 -4.57 2.96 -12.68
C PHE A 66 -4.47 4.38 -13.26
N LYS A 67 -5.46 5.21 -12.95
CA LYS A 67 -5.53 6.57 -13.44
C LYS A 67 -5.15 7.54 -12.31
N LYS A 68 -4.71 8.71 -12.71
CA LYS A 68 -4.30 9.75 -11.78
C LYS A 68 -5.42 10.64 -11.29
N THR A 69 -5.52 10.85 -9.99
CA THR A 69 -6.46 11.82 -9.50
C THR A 69 -5.81 12.45 -8.25
N SER A 70 -5.05 13.50 -8.45
CA SER A 70 -4.37 14.16 -7.36
C SER A 70 -5.29 15.06 -6.57
N ASP A 71 -6.25 14.46 -5.89
CA ASP A 71 -7.19 15.24 -5.07
C ASP A 71 -6.43 15.97 -3.95
N ASP A 72 -5.74 15.18 -3.10
CA ASP A 72 -4.93 15.71 -1.97
C ASP A 72 -3.42 15.33 -2.13
N GLY A 73 -2.80 16.28 -2.79
CA GLY A 73 -1.42 16.45 -3.29
C GLY A 73 -0.97 15.39 -4.30
N GLU A 74 -1.11 14.05 -4.04
CA GLU A 74 -0.88 13.02 -5.08
C GLU A 74 -1.81 11.87 -4.81
N VAL A 75 -2.77 11.63 -5.65
CA VAL A 75 -3.72 10.56 -5.41
C VAL A 75 -4.02 9.81 -6.69
N TYR A 76 -4.34 8.51 -6.57
CA TYR A 76 -4.67 7.70 -7.73
C TYR A 76 -6.12 7.26 -7.63
N TYR A 77 -6.59 6.72 -8.74
CA TYR A 77 -7.98 6.32 -8.81
C TYR A 77 -8.20 5.35 -9.98
N SER A 78 -8.67 4.11 -9.72
CA SER A 78 -8.97 3.16 -10.82
C SER A 78 -10.46 3.03 -11.07
N GLU A 79 -10.79 3.00 -12.37
CA GLU A 79 -12.19 2.77 -12.79
C GLU A 79 -12.57 1.30 -12.98
N GLU A 80 -11.68 0.69 -13.75
CA GLU A 80 -11.76 -0.69 -14.23
C GLU A 80 -11.64 -1.65 -13.10
N ALA A 81 -10.78 -1.31 -12.16
CA ALA A 81 -10.53 -2.16 -11.01
C ALA A 81 -11.45 -1.86 -9.81
N LYS A 82 -12.16 -0.72 -9.81
CA LYS A 82 -13.07 -0.39 -8.69
C LYS A 82 -12.26 -0.24 -7.38
N LYS A 83 -11.29 0.68 -7.42
CA LYS A 83 -10.36 0.92 -6.30
C LYS A 83 -9.79 2.35 -6.35
N LYS A 84 -9.52 2.92 -5.18
CA LYS A 84 -8.99 4.29 -5.07
C LYS A 84 -7.95 4.43 -3.95
N VAL A 85 -6.99 5.34 -4.11
CA VAL A 85 -5.97 5.54 -3.08
C VAL A 85 -5.67 7.02 -2.86
N GLU A 86 -5.49 7.41 -1.60
CA GLU A 86 -5.20 8.80 -1.25
C GLU A 86 -3.99 8.89 -0.32
N VAL A 87 -3.03 9.74 -0.65
CA VAL A 87 -1.84 9.88 0.17
C VAL A 87 -2.14 10.69 1.42
N LEU A 88 -2.16 10.01 2.56
CA LEU A 88 -2.47 10.70 3.80
C LEU A 88 -1.25 11.51 4.21
N ASP A 89 -0.07 10.91 4.09
CA ASP A 89 1.18 11.60 4.43
C ASP A 89 2.38 10.80 3.95
N THR A 90 3.48 11.46 3.66
CA THR A 90 4.67 10.75 3.21
C THR A 90 5.96 11.51 3.58
N ASP A 91 7.05 10.79 3.77
CA ASP A 91 8.33 11.42 4.07
C ASP A 91 9.19 11.39 2.81
N TYR A 92 10.07 12.36 2.66
CA TYR A 92 10.92 12.42 1.49
C TYR A 92 12.14 11.49 1.63
N LYS A 93 12.53 11.25 2.89
CA LYS A 93 13.64 10.37 3.21
C LYS A 93 13.27 9.25 4.21
N SER A 94 11.99 8.93 4.35
CA SER A 94 11.59 7.92 5.33
C SER A 94 10.40 7.07 4.86
N TYR A 95 9.49 6.75 5.78
CA TYR A 95 8.31 5.93 5.48
C TYR A 95 7.11 6.82 5.18
N ALA A 96 6.04 6.20 4.70
CA ALA A 96 4.81 6.94 4.40
C ALA A 96 3.55 6.10 4.67
N VAL A 97 2.44 6.79 4.88
CA VAL A 97 1.12 6.16 5.08
C VAL A 97 0.20 6.52 3.93
N ILE A 98 -0.63 5.60 3.50
CA ILE A 98 -1.53 5.85 2.40
C ILE A 98 -2.96 5.42 2.74
N TYR A 99 -3.94 6.19 2.31
CA TYR A 99 -5.31 5.84 2.56
C TYR A 99 -5.84 5.20 1.28
N ALA A 100 -6.37 3.99 1.46
CA ALA A 100 -6.87 3.13 0.41
C ALA A 100 -8.39 3.17 0.36
N THR A 101 -8.82 2.75 -0.83
CA THR A 101 -10.15 2.87 -1.41
C THR A 101 -10.62 1.68 -2.20
N ARG A 102 -11.94 1.46 -2.20
CA ARG A 102 -12.59 0.35 -2.88
C ARG A 102 -14.01 0.63 -3.35
N VAL A 103 -14.47 -0.15 -4.35
CA VAL A 103 -15.86 -0.05 -4.78
C VAL A 103 -16.55 -1.43 -4.99
N LYS A 104 -17.76 -1.65 -4.46
CA LYS A 104 -18.49 -2.90 -4.74
C LYS A 104 -20.00 -2.61 -4.92
N ASP A 105 -20.73 -3.38 -5.74
CA ASP A 105 -22.17 -3.16 -5.89
C ASP A 105 -22.83 -3.04 -4.51
N GLY A 106 -23.27 -1.88 -4.13
CA GLY A 106 -23.92 -1.81 -2.84
C GLY A 106 -22.98 -1.83 -1.67
N ARG A 107 -21.66 -1.91 -1.95
CA ARG A 107 -20.71 -1.88 -0.90
C ARG A 107 -19.36 -1.32 -1.36
N THR A 108 -18.94 -0.28 -0.69
CA THR A 108 -17.66 0.45 -0.80
C THR A 108 -16.58 -0.09 0.08
N LEU A 109 -15.33 0.05 -0.34
CA LEU A 109 -14.24 -0.42 0.48
C LEU A 109 -13.30 0.71 0.90
N HIS A 110 -12.69 0.58 2.07
CA HIS A 110 -11.73 1.57 2.59
C HIS A 110 -10.62 0.79 3.26
N MET A 111 -9.37 1.18 3.05
CA MET A 111 -8.26 0.45 3.62
C MET A 111 -7.09 1.37 3.94
N MET A 112 -6.45 1.14 5.07
CA MET A 112 -5.32 1.95 5.49
C MET A 112 -4.06 1.15 5.20
N ARG A 113 -3.03 1.84 4.70
CA ARG A 113 -1.81 1.17 4.34
C ARG A 113 -0.58 1.97 4.77
N LEU A 114 0.48 1.26 5.10
CA LEU A 114 1.74 1.89 5.53
C LEU A 114 2.87 1.34 4.67
N TYR A 115 3.69 2.24 4.11
CA TYR A 115 4.79 1.82 3.24
C TYR A 115 6.13 2.44 3.65
N SER A 116 7.20 1.72 3.30
CA SER A 116 8.56 2.12 3.62
C SER A 116 9.55 1.67 2.54
N ARG A 117 10.67 2.37 2.42
CA ARG A 117 11.70 2.00 1.45
C ARG A 117 12.44 0.73 1.90
N SER A 118 12.20 0.32 3.15
CA SER A 118 12.82 -0.86 3.72
C SER A 118 11.76 -1.77 4.31
N PRO A 119 11.80 -3.08 4.00
CA PRO A 119 10.83 -4.05 4.51
C PRO A 119 11.04 -4.34 6.00
N GLU A 120 11.07 -3.28 6.77
CA GLU A 120 11.25 -3.38 8.20
C GLU A 120 10.47 -2.26 8.86
N VAL A 121 9.57 -2.62 9.77
CA VAL A 121 8.70 -1.59 10.33
C VAL A 121 9.43 -0.87 11.41
N SER A 122 9.28 0.45 11.33
CA SER A 122 9.95 1.39 12.22
C SER A 122 9.03 1.85 13.33
N PRO A 123 9.60 2.13 14.52
CA PRO A 123 8.82 2.58 15.67
C PRO A 123 8.00 3.83 15.34
N ALA A 124 8.65 4.83 14.73
CA ALA A 124 7.96 6.07 14.39
C ALA A 124 6.76 5.82 13.48
N ALA A 125 6.99 5.07 12.39
CA ALA A 125 5.92 4.74 11.46
C ALA A 125 4.79 4.01 12.19
N THR A 126 5.17 3.18 13.14
CA THR A 126 4.21 2.41 13.92
C THR A 126 3.39 3.37 14.79
N ALA A 127 4.08 4.26 15.50
CA ALA A 127 3.42 5.22 16.37
C ALA A 127 2.55 6.18 15.57
N ILE A 128 3.10 6.74 14.50
CA ILE A 128 2.36 7.69 13.67
C ILE A 128 1.14 7.00 13.06
N PHE A 129 1.38 5.88 12.37
CA PHE A 129 0.31 5.11 11.74
C PHE A 129 -0.77 4.77 12.76
N ARG A 130 -0.36 4.42 13.97
CA ARG A 130 -1.30 4.07 15.03
C ARG A 130 -2.09 5.30 15.48
N LYS A 131 -1.38 6.40 15.71
CA LYS A 131 -2.03 7.65 16.15
C LYS A 131 -3.17 8.00 15.20
N LEU A 132 -2.86 8.06 13.90
CA LEU A 132 -3.86 8.38 12.89
C LEU A 132 -5.02 7.38 12.98
N ALA A 133 -4.68 6.13 13.25
CA ALA A 133 -5.69 5.08 13.39
C ALA A 133 -6.61 5.36 14.58
N GLY A 134 -6.03 5.86 15.67
CA GLY A 134 -6.82 6.16 16.85
C GLY A 134 -7.74 7.34 16.58
N GLU A 135 -7.24 8.26 15.74
CA GLU A 135 -8.00 9.45 15.36
C GLU A 135 -9.36 9.02 14.82
N ARG A 136 -9.35 7.95 14.03
CA ARG A 136 -10.57 7.40 13.44
C ARG A 136 -11.21 6.32 14.31
N ASN A 137 -10.82 6.24 15.58
CA ASN A 137 -11.38 5.24 16.49
C ASN A 137 -11.11 3.82 15.98
N TYR A 138 -9.89 3.58 15.50
CA TYR A 138 -9.56 2.28 14.95
C TYR A 138 -9.47 1.25 16.07
N THR A 139 -9.49 -0.02 15.69
CA THR A 139 -9.45 -1.09 16.66
C THR A 139 -8.20 -1.95 16.47
N ASP A 140 -7.78 -2.61 17.54
CA ASP A 140 -6.59 -3.46 17.52
C ASP A 140 -6.66 -4.53 16.41
N GLU A 141 -7.91 -4.93 16.10
CA GLU A 141 -8.20 -5.89 15.03
C GLU A 141 -8.31 -5.29 13.63
N MET A 142 -8.45 -3.96 13.57
CA MET A 142 -8.67 -3.24 12.32
C MET A 142 -7.38 -2.79 11.67
N VAL A 143 -6.26 -2.93 12.38
CA VAL A 143 -4.97 -2.53 11.84
C VAL A 143 -3.94 -3.63 12.06
N ALA A 144 -3.33 -4.10 10.96
CA ALA A 144 -2.33 -5.17 10.95
C ALA A 144 -0.97 -4.69 10.45
N MET A 145 0.03 -5.10 11.22
CA MET A 145 1.47 -4.83 11.08
C MET A 145 2.37 -6.05 10.83
N LEU A 146 3.41 -5.95 10.03
CA LEU A 146 4.32 -7.12 9.92
C LEU A 146 5.73 -6.82 10.50
N PRO A 147 6.13 -7.49 11.61
CA PRO A 147 7.49 -7.28 12.18
C PRO A 147 8.57 -8.01 11.31
N ARG A 148 9.69 -8.35 11.94
CA ARG A 148 10.90 -9.12 11.44
C ARG A 148 10.60 -10.48 10.72
N GLN A 149 9.89 -10.37 9.63
CA GLN A 149 9.44 -11.46 8.81
C GLN A 149 10.03 -11.63 7.42
N GLU A 150 11.16 -11.00 7.05
CA GLU A 150 11.35 -11.03 5.66
C GLU A 150 11.67 -12.42 5.18
N GLU A 151 10.89 -12.76 4.15
CA GLU A 151 10.96 -14.07 3.53
C GLU A 151 10.90 -13.97 2.03
N CYS A 152 9.92 -13.22 1.52
CA CYS A 152 9.79 -13.05 0.09
C CYS A 152 9.91 -11.55 -0.23
N THR A 153 10.26 -11.23 -1.47
CA THR A 153 10.41 -9.84 -1.87
C THR A 153 10.06 -9.64 -3.34
N VAL A 154 9.72 -8.41 -3.71
CA VAL A 154 9.40 -8.10 -5.10
C VAL A 154 10.63 -7.50 -5.78
N ASP A 155 10.87 -7.94 -7.02
CA ASP A 155 12.00 -7.46 -7.79
C ASP A 155 11.78 -6.05 -8.33
N GLU A 156 12.87 -5.34 -8.58
CA GLU A 156 12.80 -3.97 -9.09
C GLU A 156 13.22 -3.92 -10.56
N VAL A 157 14.33 -4.58 -10.89
CA VAL A 157 14.84 -4.60 -12.27
C VAL A 157 16.10 -5.46 -12.36
O6 EB4 B . -3.75 -4.28 -2.58
O4 EB4 B . -5.65 -3.39 -2.12
O5 EB4 B . -5.09 -3.69 -4.25
N1 EB4 B . -9.15 -6.79 -2.35
C5 EB4 B . -5.15 -4.26 -5.48
C4 EB4 B . -6.96 -3.27 -1.78
C1 EB4 B . -7.71 -4.39 -2.15
C2 EB4 B . -5.35 -5.63 -5.47
C6 EB4 B . -3.25 -4.91 -1.49
C8 EB4 B . -5.02 -3.57 -6.69
N2 EB4 B . -6.06 -8.27 -5.51
C9 EB4 B . -2.12 -4.52 -0.77
C10 EB4 B . -8.94 -2.20 -0.96
O3 EB4 B . -5.06 -6.25 -1.87
N3 EB4 B . -5.03 -8.59 -0.76
C16 EB4 B . -9.08 -4.42 -1.89
C7 EB4 B . -7.57 -2.18 -1.20
C3 EB4 B . -3.93 -6.06 -1.15
C11 EB4 B . -5.04 -4.28 -7.88
O1 EB4 B . -6.96 -5.36 -2.73
O2 EB4 B . -5.38 -6.17 -4.23
C12 EB4 B . -1.64 -5.33 0.25
C15 EB4 B . -2.31 -6.51 0.57
C14 EB4 B . -5.29 -5.65 -7.88
C13 EB4 B . -9.69 -3.31 -1.31
O7 EB4 B . -11.08 -5.66 -1.94
C19 EB4 B . -9.85 -5.69 -2.02
C22 EB4 B . -9.72 -8.14 -2.50
C25 EB4 B . -9.08 -9.12 -1.54
O10 EB4 B . -9.70 -10.09 -1.11
O15 EB4 B . -7.77 -8.89 -1.26
C30 EB4 B . -7.13 -9.80 -0.35
C24 EB4 B . -5.67 -9.91 -0.76
C21 EB4 B . -3.96 -8.28 0.02
C18 EB4 B . -3.45 -6.88 -0.13
O9 EB4 B . -3.46 -9.04 0.84
C27 EB4 B . -5.65 -10.60 -2.17
O12 EB4 B . -5.79 -11.81 -2.28
C28 EB4 B . -9.74 -8.58 -3.96
O13 EB4 B . -8.41 -8.58 -4.49
C26 EB4 B . -7.82 -9.78 -4.72
O11 EB4 B . -8.26 -10.86 -4.30
C23 EB4 B . -6.41 -9.69 -5.33
C29 EB4 B . -5.39 -10.41 -4.49
O14 EB4 B . -5.39 -9.76 -3.21
C20 EB4 B . -5.76 -7.69 -6.70
O8 EB4 B . -5.79 -8.28 -7.77
C17 EB4 B . -5.49 -6.32 -6.67
HN1 EB4 B . -8.18 -6.73 -2.60
H8 EB4 B . -4.88 -2.48 -6.70
HN2 EB4 B . -5.98 -7.73 -4.69
H9 EB4 B . -1.55 -3.63 -1.05
H10 EB4 B . -9.45 -1.29 -0.61
HN3 EB4 B . -5.41 -7.94 -1.40
H7 EB4 B . -7.00 -1.27 -1.00
H11 EB4 B . -4.90 -3.75 -8.84
H12 EB4 B . -0.68 -5.11 0.72
H15 EB4 B . -1.93 -7.14 1.37
H14 EB4 B . -5.29 -6.21 -8.81
H13 EB4 B . -10.76 -3.33 -1.10
H22 EB4 B . -9.30 -7.15 -2.39
H30 EB4 B . -7.61 -10.77 -0.44
H30A EB4 B . -7.18 -9.36 0.64
H24 EB4 B . -5.20 -8.95 -0.76
H28 EB4 B . -10.30 -7.91 -4.61
H28A EB4 B . -10.07 -9.62 -4.02
H23 EB4 B . -6.15 -8.65 -5.47
H29 EB4 B . -4.43 -10.19 -4.97
H29A EB4 B . -5.74 -11.44 -4.47
GA GA C . -5.09 -4.62 -2.95
N MET A 1 17.30 3.35 -22.89
CA MET A 1 16.36 2.44 -22.21
C MET A 1 16.83 2.11 -20.80
N THR A 2 15.89 2.04 -19.86
CA THR A 2 16.22 1.73 -18.47
C THR A 2 17.42 2.53 -17.98
N VAL A 3 17.45 3.82 -18.31
CA VAL A 3 18.54 4.70 -17.90
C VAL A 3 18.15 5.53 -16.69
N PRO A 4 19.14 6.06 -15.95
CA PRO A 4 18.89 6.90 -14.78
C PRO A 4 18.17 8.19 -15.19
N ASP A 5 16.85 8.14 -15.15
CA ASP A 5 16.02 9.28 -15.53
C ASP A 5 14.81 9.39 -14.58
N ARG A 6 13.62 9.69 -15.12
CA ARG A 6 12.41 9.81 -14.31
C ARG A 6 12.28 8.66 -13.30
N SER A 7 12.92 7.53 -13.58
CA SER A 7 12.88 6.37 -12.70
C SER A 7 13.15 6.77 -11.23
N GLU A 8 13.98 7.79 -11.04
CA GLU A 8 14.32 8.27 -9.70
C GLU A 8 13.06 8.70 -8.92
N ILE A 9 12.01 9.07 -9.64
CA ILE A 9 10.76 9.50 -9.01
C ILE A 9 9.88 8.33 -8.53
N ALA A 10 10.22 7.09 -8.92
CA ALA A 10 9.44 5.91 -8.52
C ALA A 10 10.34 4.77 -8.08
N GLY A 11 9.77 3.56 -7.95
CA GLY A 11 10.56 2.41 -7.54
C GLY A 11 9.74 1.39 -6.78
N LYS A 12 10.43 0.57 -5.98
CA LYS A 12 9.77 -0.47 -5.18
C LYS A 12 9.62 -0.03 -3.73
N TRP A 13 8.44 -0.22 -3.17
CA TRP A 13 8.16 0.16 -1.80
C TRP A 13 7.51 -1.02 -1.06
N TYR A 14 7.98 -1.26 0.15
CA TYR A 14 7.50 -2.35 1.01
C TYR A 14 6.49 -1.87 2.05
N VAL A 15 5.48 -2.67 2.31
CA VAL A 15 4.46 -2.30 3.28
C VAL A 15 4.55 -3.15 4.55
N VAL A 16 4.54 -2.46 5.70
CA VAL A 16 4.62 -3.13 7.01
C VAL A 16 3.39 -2.82 7.85
N ALA A 17 2.44 -2.08 7.27
CA ALA A 17 1.25 -1.80 8.00
C ALA A 17 0.08 -2.17 7.20
N LEU A 18 -0.93 -2.73 7.86
CA LEU A 18 -2.09 -3.10 7.15
C LEU A 18 -3.30 -2.71 7.95
N ALA A 19 -4.25 -2.14 7.25
CA ALA A 19 -5.47 -1.68 7.85
C ALA A 19 -6.59 -2.00 6.90
N SER A 20 -7.71 -2.42 7.46
CA SER A 20 -8.86 -2.84 6.68
C SER A 20 -10.13 -2.35 7.36
N ASN A 21 -11.24 -2.36 6.66
CA ASN A 21 -12.50 -1.90 7.23
C ASN A 21 -13.45 -3.07 7.46
N THR A 22 -13.03 -4.24 7.02
CA THR A 22 -13.73 -5.54 7.32
C THR A 22 -13.13 -6.47 8.42
N GLU A 23 -13.87 -7.07 9.31
CA GLU A 23 -13.22 -8.07 10.20
C GLU A 23 -12.70 -9.24 9.34
N PHE A 24 -13.52 -9.63 8.36
CA PHE A 24 -13.17 -10.72 7.44
C PHE A 24 -11.75 -10.50 6.91
N PHE A 25 -11.48 -9.29 6.46
CA PHE A 25 -10.16 -8.93 5.94
C PHE A 25 -9.11 -8.87 7.05
N LEU A 26 -9.51 -8.41 8.25
CA LEU A 26 -8.55 -8.26 9.35
C LEU A 26 -7.79 -9.57 9.62
N ARG A 27 -8.51 -10.64 9.95
CA ARG A 27 -7.87 -11.93 10.22
C ARG A 27 -7.22 -12.46 8.95
N GLU A 28 -7.82 -12.08 7.83
CA GLU A 28 -7.30 -12.47 6.53
C GLU A 28 -5.91 -11.87 6.36
N LYS A 29 -5.83 -10.56 6.48
CA LYS A 29 -4.57 -9.85 6.34
C LYS A 29 -3.59 -10.13 7.48
N ASP A 30 -4.04 -10.01 8.73
CA ASP A 30 -3.15 -10.21 9.88
C ASP A 30 -2.49 -11.60 9.85
N LYS A 31 -3.30 -12.64 9.71
CA LYS A 31 -2.78 -14.00 9.69
C LYS A 31 -1.98 -14.24 8.43
N MET A 32 -2.14 -13.39 7.45
CA MET A 32 -1.43 -13.56 6.20
C MET A 32 0.07 -13.35 6.31
N LYS A 33 0.53 -12.09 6.23
CA LYS A 33 1.96 -11.80 6.21
C LYS A 33 2.22 -10.37 5.74
N MET A 34 3.48 -10.03 5.55
CA MET A 34 3.88 -8.71 5.06
C MET A 34 3.56 -8.61 3.56
N ALA A 35 3.60 -7.40 3.00
CA ALA A 35 3.30 -7.17 1.58
C ALA A 35 4.35 -6.33 0.88
N MET A 36 4.30 -6.32 -0.45
CA MET A 36 5.27 -5.60 -1.27
C MET A 36 4.49 -4.72 -2.24
N ALA A 37 5.19 -3.74 -2.84
CA ALA A 37 4.53 -2.83 -3.77
C ALA A 37 5.56 -2.16 -4.66
N ARG A 38 5.27 -2.12 -5.96
CA ARG A 38 6.14 -1.48 -6.92
C ARG A 38 5.35 -0.43 -7.69
N ILE A 39 5.86 0.80 -7.74
CA ILE A 39 5.17 1.87 -8.43
C ILE A 39 5.94 2.29 -9.69
N SER A 40 5.24 2.22 -10.83
CA SER A 40 5.82 2.60 -12.11
C SER A 40 4.84 3.51 -12.88
N PHE A 41 5.35 4.66 -13.30
CA PHE A 41 4.54 5.60 -14.08
C PHE A 41 4.70 5.43 -15.59
N LEU A 42 3.67 5.00 -16.28
CA LEU A 42 3.76 4.82 -17.73
C LEU A 42 3.54 6.13 -18.48
N GLY A 43 2.66 6.98 -17.95
CA GLY A 43 2.30 8.24 -18.60
C GLY A 43 1.91 9.32 -17.60
N GLU A 44 1.68 10.53 -18.09
CA GLU A 44 1.27 11.62 -17.23
C GLU A 44 0.00 11.26 -16.47
N ASP A 45 -0.96 10.64 -17.16
CA ASP A 45 -2.23 10.23 -16.54
C ASP A 45 -2.34 8.71 -16.45
N GLU A 46 -1.26 8.00 -16.77
CA GLU A 46 -1.23 6.54 -16.74
C GLU A 46 -0.09 6.04 -15.85
N LEU A 47 -0.40 5.07 -15.01
CA LEU A 47 0.55 4.52 -14.05
C LEU A 47 0.32 3.03 -13.79
N LYS A 48 1.40 2.31 -13.54
CA LYS A 48 1.33 0.90 -13.26
C LYS A 48 1.88 0.60 -11.86
N VAL A 49 1.15 -0.20 -11.10
CA VAL A 49 1.57 -0.57 -9.75
C VAL A 49 1.46 -2.08 -9.57
N SER A 50 2.47 -2.68 -8.98
CA SER A 50 2.46 -4.12 -8.78
C SER A 50 2.56 -4.45 -7.30
N TYR A 51 1.76 -5.41 -6.84
CA TYR A 51 1.81 -5.79 -5.45
C TYR A 51 2.22 -7.24 -5.34
N ALA A 52 3.10 -7.54 -4.39
CA ALA A 52 3.56 -8.89 -4.19
C ALA A 52 3.41 -9.29 -2.73
N VAL A 53 2.56 -10.28 -2.49
CA VAL A 53 2.31 -10.76 -1.13
C VAL A 53 2.49 -12.27 -1.05
N PRO A 54 3.02 -12.75 0.09
CA PRO A 54 3.23 -14.18 0.31
C PRO A 54 1.90 -14.90 0.63
N LYS A 55 1.40 -15.58 -0.38
CA LYS A 55 0.14 -16.32 -0.32
C LYS A 55 0.40 -17.81 -0.05
N PRO A 56 -0.37 -18.44 0.85
CA PRO A 56 -0.18 -19.86 1.20
C PRO A 56 0.17 -20.73 -0.02
N ASN A 57 -0.38 -20.29 -1.13
CA ASN A 57 -0.25 -20.88 -2.50
C ASN A 57 0.93 -20.33 -3.32
N GLY A 58 1.97 -19.90 -2.63
CA GLY A 58 3.09 -19.31 -3.33
C GLY A 58 2.96 -17.79 -3.32
N CYS A 59 4.07 -17.10 -3.51
CA CYS A 59 4.10 -15.63 -3.54
C CYS A 59 3.17 -15.09 -4.61
N ARG A 60 2.20 -14.28 -4.20
CA ARG A 60 1.23 -13.71 -5.12
C ARG A 60 1.67 -12.32 -5.58
N LYS A 61 1.54 -12.07 -6.87
CA LYS A 61 1.91 -10.78 -7.46
C LYS A 61 0.82 -10.32 -8.45
N TRP A 62 0.78 -9.01 -8.68
CA TRP A 62 -0.17 -8.43 -9.63
C TRP A 62 0.20 -6.99 -9.94
N GLU A 63 -0.30 -6.47 -11.06
CA GLU A 63 -0.02 -5.09 -11.44
C GLU A 63 -1.26 -4.48 -12.12
N THR A 64 -1.60 -3.26 -11.74
CA THR A 64 -2.77 -2.58 -12.31
C THR A 64 -2.42 -1.16 -12.76
N THR A 65 -3.19 -0.65 -13.70
CA THR A 65 -2.99 0.70 -14.21
C THR A 65 -3.82 1.69 -13.39
N PHE A 66 -3.27 2.88 -13.16
CA PHE A 66 -3.95 3.92 -12.39
C PHE A 66 -3.99 5.24 -13.18
N LYS A 67 -4.98 6.06 -12.89
CA LYS A 67 -5.15 7.35 -13.58
C LYS A 67 -4.80 8.50 -12.67
N LYS A 68 -4.47 9.69 -13.18
CA LYS A 68 -4.10 10.69 -12.25
C LYS A 68 -5.34 11.22 -11.64
N THR A 69 -5.78 10.57 -10.59
CA THR A 69 -6.93 11.08 -9.95
C THR A 69 -6.34 11.60 -8.67
N SER A 70 -5.80 12.78 -8.78
CA SER A 70 -5.22 13.52 -7.72
C SER A 70 -6.25 14.47 -7.17
N ASP A 71 -7.11 13.92 -6.33
CA ASP A 71 -8.14 14.71 -5.69
C ASP A 71 -7.53 15.58 -4.58
N ASP A 72 -6.82 14.90 -3.65
CA ASP A 72 -6.14 15.55 -2.51
C ASP A 72 -4.59 15.37 -2.55
N GLY A 73 -4.07 16.31 -3.30
CA GLY A 73 -2.66 16.60 -3.67
C GLY A 73 -1.95 15.54 -4.52
N GLU A 74 -2.01 14.22 -4.22
CA GLU A 74 -1.41 13.24 -5.15
C GLU A 74 -2.18 11.93 -5.08
N VAL A 75 -3.47 12.00 -5.26
CA VAL A 75 -4.29 10.80 -5.10
C VAL A 75 -4.40 10.12 -6.45
N TYR A 76 -4.80 8.86 -6.40
CA TYR A 76 -4.90 8.04 -7.59
C TYR A 76 -6.10 7.11 -7.57
N TYR A 77 -6.70 6.92 -8.74
CA TYR A 77 -7.87 6.05 -8.86
C TYR A 77 -7.70 5.06 -10.01
N SER A 78 -8.25 3.87 -9.84
CA SER A 78 -8.20 2.84 -10.89
C SER A 78 -9.61 2.60 -11.42
N GLU A 79 -9.91 3.12 -12.60
CA GLU A 79 -11.24 2.96 -13.18
C GLU A 79 -11.51 1.51 -13.54
N GLU A 80 -10.52 0.87 -14.12
CA GLU A 80 -10.64 -0.51 -14.55
C GLU A 80 -11.04 -1.42 -13.38
N ALA A 81 -10.52 -1.14 -12.20
CA ALA A 81 -10.84 -1.93 -11.00
C ALA A 81 -11.79 -1.20 -10.04
N LYS A 82 -12.34 -0.05 -10.46
CA LYS A 82 -13.25 0.74 -9.63
C LYS A 82 -12.68 0.89 -8.21
N LYS A 83 -11.39 1.22 -8.13
CA LYS A 83 -10.73 1.35 -6.83
C LYS A 83 -10.03 2.70 -6.68
N LYS A 84 -10.12 3.28 -5.50
CA LYS A 84 -9.49 4.57 -5.24
C LYS A 84 -8.56 4.49 -4.04
N VAL A 85 -7.45 5.22 -4.09
CA VAL A 85 -6.52 5.25 -2.97
C VAL A 85 -5.88 6.62 -2.96
N GLU A 86 -5.79 7.26 -1.80
CA GLU A 86 -5.19 8.56 -1.72
C GLU A 86 -4.16 8.64 -0.61
N VAL A 87 -3.05 9.30 -0.89
CA VAL A 87 -1.97 9.44 0.06
C VAL A 87 -2.43 10.35 1.18
N LEU A 88 -2.31 9.84 2.40
CA LEU A 88 -2.69 10.58 3.59
C LEU A 88 -1.50 11.41 4.06
N ASP A 89 -0.36 10.76 4.25
CA ASP A 89 0.85 11.42 4.67
C ASP A 89 2.07 10.66 4.17
N THR A 90 3.10 11.39 3.81
CA THR A 90 4.33 10.80 3.29
C THR A 90 5.53 11.69 3.61
N ASP A 91 6.69 11.10 3.79
CA ASP A 91 7.90 11.88 4.08
C ASP A 91 8.80 11.86 2.86
N TYR A 92 9.34 13.01 2.51
CA TYR A 92 10.21 13.10 1.33
C TYR A 92 11.47 12.25 1.49
N LYS A 93 11.91 12.07 2.73
CA LYS A 93 13.06 11.23 3.05
C LYS A 93 12.76 10.14 4.08
N SER A 94 11.53 9.64 4.15
CA SER A 94 11.24 8.59 5.15
C SER A 94 10.09 7.70 4.69
N TYR A 95 9.27 7.24 5.65
CA TYR A 95 8.15 6.35 5.37
C TYR A 95 6.87 7.13 5.11
N ALA A 96 5.87 6.44 4.56
CA ALA A 96 4.55 7.05 4.29
C ALA A 96 3.38 6.08 4.45
N VAL A 97 2.17 6.62 4.66
CA VAL A 97 0.98 5.79 4.79
C VAL A 97 -0.13 6.32 3.87
N ILE A 98 -0.52 5.52 2.88
CA ILE A 98 -1.58 5.90 1.94
C ILE A 98 -2.79 4.96 2.10
N TYR A 99 -3.98 5.55 2.10
CA TYR A 99 -5.26 4.85 2.28
C TYR A 99 -5.93 4.51 0.95
N ALA A 100 -6.65 3.40 0.98
CA ALA A 100 -7.36 2.90 -0.21
C ALA A 100 -8.81 2.52 0.09
N THR A 101 -9.66 2.72 -0.90
CA THR A 101 -11.09 2.38 -0.78
C THR A 101 -11.62 1.86 -2.14
N ARG A 102 -12.55 0.91 -2.13
CA ARG A 102 -13.10 0.38 -3.38
C ARG A 102 -14.61 0.20 -3.28
N VAL A 103 -15.34 0.51 -4.37
CA VAL A 103 -16.80 0.39 -4.37
C VAL A 103 -17.30 -0.79 -5.23
N LYS A 104 -17.91 -1.72 -4.51
CA LYS A 104 -18.48 -2.98 -5.00
C LYS A 104 -19.99 -3.01 -4.88
N ASP A 105 -20.64 -3.88 -5.64
CA ASP A 105 -22.09 -4.01 -5.61
C ASP A 105 -22.66 -3.78 -4.23
N GLY A 106 -23.20 -2.59 -3.88
CA GLY A 106 -23.78 -2.58 -2.56
C GLY A 106 -22.72 -2.46 -1.45
N ARG A 107 -21.42 -2.35 -1.84
CA ARG A 107 -20.39 -2.36 -0.84
C ARG A 107 -19.16 -1.51 -1.12
N THR A 108 -18.53 -1.03 -0.05
CA THR A 108 -17.26 -0.31 -0.07
C THR A 108 -16.02 -0.98 0.59
N LEU A 109 -14.91 -1.23 -0.13
CA LEU A 109 -13.70 -1.79 0.48
C LEU A 109 -12.83 -0.69 1.08
N HIS A 110 -11.81 -1.07 1.85
CA HIS A 110 -10.88 -0.08 2.44
C HIS A 110 -9.48 -0.70 2.56
N MET A 111 -8.48 0.15 2.62
CA MET A 111 -7.16 -0.37 3.03
C MET A 111 -6.27 0.76 3.46
N MET A 112 -5.82 0.91 4.68
CA MET A 112 -4.84 1.97 4.86
C MET A 112 -3.60 1.24 5.25
N ARG A 113 -2.53 1.46 4.52
CA ARG A 113 -1.28 0.77 4.80
C ARG A 113 -0.13 1.77 4.94
N LEU A 114 0.96 1.29 5.49
CA LEU A 114 2.14 2.11 5.72
C LEU A 114 3.29 1.49 4.97
N TYR A 115 4.00 2.32 4.21
CA TYR A 115 5.13 1.81 3.43
C TYR A 115 6.50 2.31 3.90
N SER A 116 7.42 1.37 3.92
CA SER A 116 8.78 1.64 4.33
C SER A 116 9.64 1.24 3.14
N ARG A 117 10.79 1.89 2.96
CA ARG A 117 11.63 1.59 1.81
C ARG A 117 12.32 0.26 2.00
N SER A 118 12.81 0.02 3.21
CA SER A 118 13.47 -1.23 3.53
C SER A 118 12.43 -2.24 4.04
N PRO A 119 12.67 -3.54 3.86
CA PRO A 119 11.74 -4.59 4.29
C PRO A 119 11.74 -4.77 5.80
N GLU A 120 11.27 -3.73 6.51
CA GLU A 120 11.20 -3.75 7.94
C GLU A 120 10.16 -2.76 8.51
N VAL A 121 10.09 -2.87 9.84
CA VAL A 121 9.26 -2.09 10.82
C VAL A 121 9.87 -0.87 11.28
N SER A 122 8.98 0.10 11.39
CA SER A 122 9.56 1.40 11.95
C SER A 122 9.06 1.82 13.41
N PRO A 123 9.81 1.98 14.47
CA PRO A 123 9.13 2.47 15.71
C PRO A 123 8.25 3.72 15.51
N ALA A 124 8.87 4.82 15.05
CA ALA A 124 8.13 6.08 14.81
C ALA A 124 6.96 5.86 13.85
N ALA A 125 7.25 5.24 12.72
CA ALA A 125 6.22 4.95 11.72
C ALA A 125 5.06 4.20 12.36
N THR A 126 5.39 3.17 13.13
CA THR A 126 4.39 2.36 13.81
C THR A 126 3.52 3.25 14.73
N ALA A 127 4.17 4.02 15.59
CA ALA A 127 3.47 4.89 16.52
C ALA A 127 2.69 5.99 15.80
N ILE A 128 3.36 6.68 14.87
CA ILE A 128 2.74 7.75 14.13
C ILE A 128 1.48 7.24 13.42
N PHE A 129 1.60 6.11 12.74
CA PHE A 129 0.47 5.51 12.05
C PHE A 129 -0.64 5.19 13.05
N ARG A 130 -0.25 4.60 14.18
CA ARG A 130 -1.22 4.24 15.22
C ARG A 130 -1.96 5.46 15.73
N LYS A 131 -1.24 6.54 16.05
CA LYS A 131 -1.89 7.74 16.58
C LYS A 131 -3.02 8.19 15.67
N LEU A 132 -2.69 8.48 14.40
CA LEU A 132 -3.71 8.90 13.45
C LEU A 132 -4.82 7.87 13.40
N ALA A 133 -4.43 6.60 13.40
CA ALA A 133 -5.37 5.51 13.38
C ALA A 133 -6.33 5.58 14.57
N GLY A 134 -5.79 5.88 15.75
CA GLY A 134 -6.61 5.95 16.95
C GLY A 134 -7.57 7.12 16.90
N GLU A 135 -7.09 8.28 16.48
CA GLU A 135 -7.93 9.47 16.39
C GLU A 135 -9.18 9.19 15.54
N ARG A 136 -9.07 8.20 14.65
CA ARG A 136 -10.18 7.79 13.80
C ARG A 136 -11.05 6.73 14.47
N ASN A 137 -10.80 6.45 15.75
CA ASN A 137 -11.56 5.45 16.50
C ASN A 137 -11.19 4.03 16.08
N TYR A 138 -9.99 3.87 15.53
CA TYR A 138 -9.55 2.56 15.06
C TYR A 138 -9.21 1.66 16.23
N THR A 139 -9.46 0.37 16.04
CA THR A 139 -9.18 -0.66 17.04
C THR A 139 -8.06 -1.55 16.48
N ASP A 140 -7.30 -2.23 17.33
CA ASP A 140 -6.19 -3.05 16.85
C ASP A 140 -6.63 -3.96 15.70
N GLU A 141 -7.73 -4.66 15.90
CA GLU A 141 -8.24 -5.60 14.89
C GLU A 141 -8.50 -4.93 13.53
N MET A 142 -8.45 -3.60 13.46
CA MET A 142 -8.67 -2.92 12.18
C MET A 142 -7.35 -2.79 11.38
N VAL A 143 -6.21 -2.86 12.10
CA VAL A 143 -4.89 -2.75 11.48
C VAL A 143 -3.95 -3.74 12.12
N ALA A 144 -3.07 -4.35 11.33
CA ALA A 144 -2.13 -5.33 11.87
C ALA A 144 -0.72 -5.02 11.37
N MET A 145 0.25 -5.08 12.27
CA MET A 145 1.64 -4.80 11.93
C MET A 145 2.45 -6.09 11.91
N LEU A 146 3.26 -6.27 10.88
CA LEU A 146 4.07 -7.47 10.75
C LEU A 146 5.53 -7.20 11.12
N PRO A 147 6.14 -8.09 11.92
CA PRO A 147 7.54 -7.97 12.34
C PRO A 147 8.47 -8.27 11.16
N ARG A 148 9.77 -8.46 11.42
CA ARG A 148 10.77 -8.76 10.39
C ARG A 148 10.57 -10.10 9.66
N GLN A 149 9.34 -10.23 9.20
CA GLN A 149 8.86 -11.33 8.45
C GLN A 149 9.31 -11.27 7.03
N GLU A 150 10.37 -10.50 6.61
CA GLU A 150 10.43 -10.55 5.22
C GLU A 150 11.03 -11.88 4.77
N GLU A 151 10.14 -12.56 4.04
CA GLU A 151 10.37 -13.88 3.50
C GLU A 151 10.51 -13.74 2.03
N CYS A 152 9.50 -13.27 1.37
CA CYS A 152 9.58 -13.24 -0.06
C CYS A 152 9.78 -11.79 -0.37
N THR A 153 9.92 -11.47 -1.62
CA THR A 153 10.31 -10.14 -2.04
C THR A 153 9.81 -9.80 -3.44
N VAL A 154 9.81 -8.51 -3.77
CA VAL A 154 9.39 -8.10 -5.11
C VAL A 154 10.60 -7.61 -5.91
N ASP A 155 10.67 -8.03 -7.16
CA ASP A 155 11.78 -7.65 -8.04
C ASP A 155 11.58 -6.25 -8.61
N GLU A 156 12.70 -5.56 -8.86
CA GLU A 156 12.68 -4.22 -9.41
C GLU A 156 13.26 -4.18 -10.82
N VAL A 157 14.50 -4.63 -10.98
CA VAL A 157 15.16 -4.64 -12.27
C VAL A 157 16.39 -5.53 -12.25
O6 EB4 B . -3.08 -3.53 -2.41
O4 EB4 B . -4.95 -2.65 -1.95
O5 EB4 B . -4.40 -2.87 -4.04
N1 EB4 B . -8.42 -6.06 -2.08
C5 EB4 B . -4.47 -3.37 -5.30
C4 EB4 B . -6.25 -2.53 -1.56
C1 EB4 B . -6.99 -3.68 -1.82
C2 EB4 B . -4.78 -4.72 -5.35
C6 EB4 B . -2.50 -4.25 -1.41
C8 EB4 B . -4.32 -2.66 -6.48
N2 EB4 B . -5.51 -7.36 -5.49
C9 EB4 B . -1.34 -3.90 -0.72
C10 EB4 B . -8.19 -1.49 -0.63
O3 EB4 B . -4.32 -5.60 -1.79
N3 EB4 B . -4.22 -7.99 -0.83
C16 EB4 B . -8.34 -3.73 -1.50
C7 EB4 B . -6.85 -1.42 -0.99
C3 EB4 B . -3.15 -5.44 -1.11
C11 EB4 B . -4.38 -3.31 -7.70
O1 EB4 B . -6.26 -4.67 -2.43
O2 EB4 B . -4.84 -5.32 -4.12
C12 EB4 B . -0.79 -4.78 0.21
C15 EB4 B . -1.44 -5.99 0.48
C14 EB4 B . -4.73 -4.66 -7.75
C13 EB4 B . -8.93 -2.64 -0.87
O7 EB4 B . -10.35 -4.97 -1.55
C19 EB4 B . -9.11 -5.00 -1.62
C22 EB4 B . -9.01 -7.41 -2.27
C25 EB4 B . -8.31 -8.44 -1.41
O10 EB4 B . -8.94 -9.36 -0.90
O15 EB4 B . -6.98 -8.23 -1.19
C30 EB4 B . -6.31 -9.21 -0.40
C24 EB4 B . -4.87 -9.31 -0.89
C21 EB4 B . -3.12 -7.73 -0.10
C18 EB4 B . -2.62 -6.32 -0.18
O9 EB4 B . -2.64 -8.52 0.71
C27 EB4 B . -4.93 -9.89 -2.34
O12 EB4 B . -5.05 -11.11 -2.51
C28 EB4 B . -9.11 -7.75 -3.76
O13 EB4 B . -7.82 -7.73 -4.35
C26 EB4 B . -7.24 -8.92 -4.70
O11 EB4 B . -7.80 -10.01 -4.57
C23 EB4 B . -5.87 -8.79 -5.38
C29 EB4 B . -4.80 -9.57 -4.66
O14 EB4 B . -4.72 -9.01 -3.34
C20 EB4 B . -5.26 -6.71 -6.65
O8 EB4 B . -5.37 -7.26 -7.75
C17 EB4 B . -4.96 -5.35 -6.57
HN1 EB4 B . -7.47 -5.99 -2.34
H8 EB4 B . -4.13 -1.59 -6.45
HN2 EB4 B . -5.67 -6.80 -4.65
H9 EB4 B . -0.83 -2.96 -0.96
H10 EB4 B . -8.72 -0.59 -0.29
HN3 EB4 B . -4.60 -7.32 -1.46
H7 EB4 B . -6.25 -0.56 -0.73
H11 EB4 B . -4.16 -2.78 -8.63
H12 EB4 B . 0.21 -4.60 0.61
H15 EB4 B . -1.02 -6.67 1.21
H14 EB4 B . -4.86 -5.16 -8.70
H13 EB4 B . -9.97 -2.70 -0.53
H22 EB4 B . -8.59 -6.43 -2.13
H30 EB4 B . -6.81 -10.18 -0.52
H30A EB4 B . -6.29 -8.85 0.63
H24 EB4 B . -4.40 -8.34 -0.84
H28 EB4 B . -9.72 -7.06 -4.32
H28A EB4 B . -9.45 -8.78 -3.85
H23 EB4 B . -5.62 -7.75 -5.46
H29 EB4 B . -3.87 -9.32 -5.18
H29A EB4 B . -5.16 -10.60 -4.66
GA GA C . -4.47 -3.92 -2.71
N MET A 1 17.75 3.33 -23.08
CA MET A 1 16.72 2.47 -22.43
C MET A 1 16.99 2.37 -20.94
N THR A 2 15.94 2.40 -20.14
CA THR A 2 16.09 2.32 -18.68
C THR A 2 16.99 3.44 -18.16
N VAL A 3 16.88 4.62 -18.77
CA VAL A 3 17.69 5.77 -18.38
C VAL A 3 17.38 6.20 -16.95
N PRO A 4 18.42 6.43 -16.14
CA PRO A 4 18.27 6.85 -14.74
C PRO A 4 17.72 8.28 -14.61
N ASP A 5 16.53 8.49 -15.15
CA ASP A 5 15.89 9.81 -15.10
C ASP A 5 14.60 9.73 -14.30
N ARG A 6 13.48 9.46 -14.99
CA ARG A 6 12.18 9.35 -14.34
C ARG A 6 12.21 8.28 -13.24
N SER A 7 13.11 7.31 -13.38
CA SER A 7 13.26 6.23 -12.40
C SER A 7 13.38 6.78 -10.97
N GLU A 8 14.03 7.93 -10.86
CA GLU A 8 14.24 8.63 -9.59
C GLU A 8 12.91 9.00 -8.91
N ILE A 9 11.88 9.13 -9.73
CA ILE A 9 10.53 9.50 -9.28
C ILE A 9 9.70 8.30 -8.83
N ALA A 10 10.21 7.08 -9.02
CA ALA A 10 9.47 5.87 -8.64
C ALA A 10 10.40 4.85 -7.98
N GLY A 11 9.88 3.64 -7.73
CA GLY A 11 10.69 2.61 -7.11
C GLY A 11 9.87 1.53 -6.46
N LYS A 12 10.47 0.84 -5.49
CA LYS A 12 9.81 -0.25 -4.77
C LYS A 12 9.49 0.18 -3.36
N TRP A 13 8.25 -0.03 -2.92
CA TRP A 13 7.86 0.33 -1.58
C TRP A 13 7.31 -0.88 -0.86
N TYR A 14 7.73 -1.08 0.37
CA TYR A 14 7.27 -2.21 1.17
C TYR A 14 6.21 -1.75 2.12
N VAL A 15 5.07 -2.44 2.23
CA VAL A 15 4.12 -1.94 3.16
C VAL A 15 4.36 -2.65 4.48
N VAL A 16 4.56 -1.84 5.53
CA VAL A 16 4.89 -2.40 6.84
C VAL A 16 3.67 -2.50 7.71
N ALA A 17 2.66 -1.66 7.46
CA ALA A 17 1.42 -1.69 8.18
C ALA A 17 0.34 -1.77 7.15
N LEU A 18 -0.82 -2.21 7.57
CA LEU A 18 -1.88 -2.30 6.65
C LEU A 18 -3.17 -2.46 7.50
N ALA A 19 -4.27 -1.82 7.25
CA ALA A 19 -5.43 -2.14 8.02
C ALA A 19 -6.62 -2.16 7.12
N SER A 20 -7.41 -3.17 7.43
CA SER A 20 -8.64 -3.59 6.79
C SER A 20 -9.85 -2.99 7.44
N ASN A 21 -10.98 -3.48 6.98
CA ASN A 21 -12.20 -2.98 7.54
C ASN A 21 -13.09 -4.13 8.03
N THR A 22 -13.41 -4.94 7.06
CA THR A 22 -14.27 -6.10 7.16
C THR A 22 -13.61 -7.21 7.92
N GLU A 23 -14.40 -7.96 8.68
CA GLU A 23 -13.88 -9.04 9.50
C GLU A 23 -12.94 -9.93 8.71
N PHE A 24 -13.39 -10.39 7.55
CA PHE A 24 -12.58 -11.28 6.72
C PHE A 24 -11.23 -10.64 6.36
N PHE A 25 -11.28 -9.44 5.80
CA PHE A 25 -10.06 -8.74 5.42
C PHE A 25 -9.09 -8.66 6.59
N LEU A 26 -9.62 -8.38 7.78
CA LEU A 26 -8.78 -8.27 8.97
C LEU A 26 -8.20 -9.63 9.38
N ARG A 27 -9.08 -10.60 9.59
CA ARG A 27 -8.66 -11.93 10.02
C ARG A 27 -7.63 -12.51 9.03
N GLU A 28 -7.91 -12.40 7.74
CA GLU A 28 -6.99 -12.93 6.75
C GLU A 28 -5.69 -12.11 6.72
N LYS A 29 -5.82 -10.79 6.80
CA LYS A 29 -4.65 -9.91 6.79
C LYS A 29 -3.81 -10.10 8.05
N ASP A 30 -4.47 -10.23 9.20
CA ASP A 30 -3.78 -10.43 10.47
C ASP A 30 -3.00 -11.75 10.47
N LYS A 31 -3.39 -12.67 9.59
CA LYS A 31 -2.74 -13.97 9.49
C LYS A 31 -1.83 -14.08 8.27
N MET A 32 -2.13 -13.32 7.22
CA MET A 32 -1.36 -13.47 6.01
C MET A 32 0.08 -13.04 6.21
N LYS A 33 0.39 -11.75 6.16
CA LYS A 33 1.79 -11.30 6.33
C LYS A 33 1.95 -9.90 5.78
N MET A 34 3.17 -9.38 5.80
CA MET A 34 3.43 -8.04 5.26
C MET A 34 3.28 -8.10 3.74
N ALA A 35 3.21 -6.96 3.10
CA ALA A 35 2.96 -6.88 1.66
C ALA A 35 4.03 -6.09 0.91
N MET A 36 4.03 -6.18 -0.41
CA MET A 36 5.04 -5.50 -1.20
C MET A 36 4.33 -4.65 -2.23
N ALA A 37 5.08 -3.69 -2.78
CA ALA A 37 4.52 -2.77 -3.75
C ALA A 37 5.60 -2.12 -4.59
N ARG A 38 5.37 -2.10 -5.87
CA ARG A 38 6.28 -1.48 -6.81
C ARG A 38 5.49 -0.51 -7.67
N ILE A 39 5.92 0.73 -7.75
CA ILE A 39 5.18 1.69 -8.55
C ILE A 39 5.97 2.01 -9.80
N SER A 40 5.28 1.95 -10.92
CA SER A 40 5.89 2.20 -12.21
C SER A 40 5.04 3.17 -13.03
N PHE A 41 5.67 4.22 -13.50
CA PHE A 41 4.99 5.23 -14.29
C PHE A 41 4.72 4.72 -15.70
N LEU A 42 3.46 4.74 -16.10
CA LEU A 42 3.09 4.27 -17.42
C LEU A 42 3.03 5.45 -18.41
N GLY A 43 2.31 6.48 -17.98
CA GLY A 43 2.05 7.66 -18.78
C GLY A 43 1.85 8.88 -17.92
N GLU A 44 1.72 10.04 -18.53
CA GLU A 44 1.49 11.26 -17.79
C GLU A 44 0.21 11.13 -16.93
N ASP A 45 -0.80 10.40 -17.46
CA ASP A 45 -2.08 10.21 -16.76
C ASP A 45 -2.29 8.76 -16.26
N GLU A 46 -1.50 7.82 -16.76
CA GLU A 46 -1.68 6.42 -16.36
C GLU A 46 -0.41 5.93 -15.72
N LEU A 47 -0.62 5.04 -14.75
CA LEU A 47 0.41 4.51 -13.88
C LEU A 47 0.18 3.04 -13.54
N LYS A 48 1.29 2.31 -13.41
CA LYS A 48 1.25 0.88 -13.11
C LYS A 48 1.87 0.59 -11.75
N VAL A 49 1.21 -0.26 -10.96
CA VAL A 49 1.71 -0.62 -9.65
C VAL A 49 1.72 -2.14 -9.48
N SER A 50 2.80 -2.66 -8.93
CA SER A 50 2.91 -4.09 -8.72
C SER A 50 2.75 -4.43 -7.24
N TYR A 51 1.96 -5.44 -6.95
CA TYR A 51 1.81 -5.85 -5.58
C TYR A 51 2.32 -7.27 -5.44
N ALA A 52 3.07 -7.54 -4.38
CA ALA A 52 3.58 -8.88 -4.13
C ALA A 52 3.20 -9.29 -2.71
N VAL A 53 2.49 -10.40 -2.60
CA VAL A 53 2.04 -10.89 -1.31
C VAL A 53 2.34 -12.37 -1.13
N PRO A 54 2.61 -12.78 0.12
CA PRO A 54 2.91 -14.17 0.42
C PRO A 54 1.62 -15.00 0.53
N LYS A 55 1.30 -15.69 -0.54
CA LYS A 55 0.10 -16.53 -0.66
C LYS A 55 0.47 -17.98 -0.37
N PRO A 56 -0.32 -18.67 0.45
CA PRO A 56 -0.06 -20.07 0.81
C PRO A 56 0.45 -20.87 -0.39
N ASN A 57 -0.11 -20.59 -1.57
CA ASN A 57 0.27 -21.28 -2.80
C ASN A 57 1.62 -20.77 -3.35
N GLY A 58 2.21 -19.78 -2.66
CA GLY A 58 3.46 -19.22 -3.10
C GLY A 58 3.38 -17.71 -3.23
N CYS A 59 4.52 -17.05 -3.32
CA CYS A 59 4.55 -15.59 -3.45
C CYS A 59 3.69 -15.16 -4.63
N ARG A 60 2.64 -14.38 -4.35
CA ARG A 60 1.74 -13.92 -5.38
C ARG A 60 2.10 -12.50 -5.79
N LYS A 61 2.03 -12.23 -7.08
CA LYS A 61 2.36 -10.92 -7.60
C LYS A 61 1.27 -10.43 -8.55
N TRP A 62 1.16 -9.12 -8.67
CA TRP A 62 0.16 -8.54 -9.54
C TRP A 62 0.54 -7.12 -9.90
N GLU A 63 0.18 -6.66 -11.09
CA GLU A 63 0.47 -5.31 -11.42
C GLU A 63 -0.75 -4.73 -12.11
N THR A 64 -1.24 -3.64 -11.57
CA THR A 64 -2.41 -3.00 -12.07
C THR A 64 -2.11 -1.58 -12.50
N THR A 65 -2.72 -1.14 -13.55
CA THR A 65 -2.50 0.20 -14.02
C THR A 65 -3.70 1.05 -13.59
N PHE A 66 -3.42 2.11 -12.88
CA PHE A 66 -4.46 2.98 -12.36
C PHE A 66 -4.42 4.31 -13.06
N LYS A 67 -5.37 5.17 -12.79
CA LYS A 67 -5.34 6.43 -13.45
C LYS A 67 -5.08 7.53 -12.46
N LYS A 68 -4.13 8.37 -12.82
CA LYS A 68 -3.76 9.49 -12.01
C LYS A 68 -4.88 10.48 -11.87
N THR A 69 -5.48 10.52 -10.71
CA THR A 69 -6.45 11.53 -10.50
C THR A 69 -6.12 12.00 -9.09
N SER A 70 -5.18 12.91 -9.09
CA SER A 70 -4.66 13.50 -7.88
C SER A 70 -5.57 14.57 -7.33
N ASP A 71 -6.76 14.16 -6.90
CA ASP A 71 -7.71 15.09 -6.33
C ASP A 71 -7.02 15.91 -5.24
N ASP A 72 -6.62 15.23 -4.17
CA ASP A 72 -5.91 15.87 -3.06
C ASP A 72 -4.39 15.91 -3.33
N GLY A 73 -4.05 15.88 -4.61
CA GLY A 73 -2.67 15.92 -5.11
C GLY A 73 -1.92 14.62 -4.82
N GLU A 74 -2.17 14.03 -3.63
CA GLU A 74 -1.53 12.77 -3.33
C GLU A 74 -2.61 11.73 -3.19
N VAL A 75 -3.48 11.71 -4.19
CA VAL A 75 -4.55 10.77 -4.29
C VAL A 75 -4.74 10.37 -5.75
N TYR A 76 -4.80 9.07 -6.00
CA TYR A 76 -4.96 8.45 -7.30
C TYR A 76 -6.31 7.76 -7.35
N TYR A 77 -6.65 7.20 -8.53
CA TYR A 77 -8.00 6.66 -8.82
C TYR A 77 -8.04 5.33 -9.59
N SER A 78 -9.13 4.58 -9.31
CA SER A 78 -9.40 3.28 -9.99
C SER A 78 -10.73 3.22 -10.80
N GLU A 79 -10.81 3.48 -12.15
CA GLU A 79 -12.18 3.30 -12.75
C GLU A 79 -12.55 1.83 -13.18
N GLU A 80 -11.63 1.31 -14.01
CA GLU A 80 -11.75 -0.04 -14.60
C GLU A 80 -11.46 -1.05 -13.53
N ALA A 81 -10.83 -0.56 -12.46
CA ALA A 81 -10.48 -1.39 -11.35
C ALA A 81 -11.44 -1.25 -10.15
N LYS A 82 -12.31 -0.21 -10.07
CA LYS A 82 -13.26 -0.08 -8.92
C LYS A 82 -12.46 0.06 -7.59
N LYS A 83 -11.63 1.12 -7.57
CA LYS A 83 -10.67 1.36 -6.48
C LYS A 83 -10.27 2.83 -6.35
N LYS A 84 -9.94 3.27 -5.13
CA LYS A 84 -9.47 4.65 -4.95
C LYS A 84 -8.29 4.66 -3.93
N VAL A 85 -7.28 5.52 -4.12
CA VAL A 85 -6.14 5.57 -3.18
C VAL A 85 -5.75 7.00 -2.82
N GLU A 86 -5.28 7.17 -1.58
CA GLU A 86 -4.86 8.49 -1.09
C GLU A 86 -3.66 8.36 -0.14
N VAL A 87 -2.65 9.19 -0.37
CA VAL A 87 -1.50 9.20 0.51
C VAL A 87 -1.59 10.35 1.53
N LEU A 88 -1.84 10.05 2.79
CA LEU A 88 -1.97 11.11 3.78
C LEU A 88 -0.59 11.65 4.17
N ASP A 89 0.43 10.79 4.04
CA ASP A 89 1.79 11.18 4.36
C ASP A 89 2.82 10.28 3.71
N THR A 90 3.87 10.89 3.20
CA THR A 90 4.96 10.12 2.62
C THR A 90 6.29 10.91 2.69
N ASP A 91 7.14 10.67 3.68
CA ASP A 91 8.40 11.43 3.75
C ASP A 91 9.35 11.01 2.65
N TYR A 92 9.88 11.98 1.93
CA TYR A 92 10.80 11.71 0.82
C TYR A 92 11.96 10.81 1.24
N LYS A 93 12.33 10.88 2.52
CA LYS A 93 13.42 10.07 3.05
C LYS A 93 12.98 9.20 4.23
N SER A 94 11.72 8.76 4.29
CA SER A 94 11.30 7.92 5.42
C SER A 94 10.15 6.97 5.02
N TYR A 95 9.21 6.75 5.96
CA TYR A 95 8.05 5.90 5.72
C TYR A 95 6.99 6.63 4.95
N ALA A 96 5.90 5.95 4.65
CA ALA A 96 4.81 6.57 3.89
C ALA A 96 3.43 6.03 4.28
N VAL A 97 2.47 6.84 4.67
CA VAL A 97 1.14 6.30 4.97
C VAL A 97 0.22 6.41 3.75
N ILE A 98 -0.52 5.36 3.45
CA ILE A 98 -1.42 5.33 2.31
C ILE A 98 -2.78 4.87 2.75
N TYR A 99 -3.78 5.64 2.42
CA TYR A 99 -5.14 5.30 2.74
C TYR A 99 -5.84 4.83 1.48
N ALA A 100 -6.29 3.58 1.51
CA ALA A 100 -6.91 2.91 0.39
C ALA A 100 -8.42 2.93 0.53
N THR A 101 -8.97 2.78 -0.67
CA THR A 101 -10.36 2.96 -1.06
C THR A 101 -10.86 1.93 -2.07
N ARG A 102 -12.16 1.62 -2.00
CA ARG A 102 -12.77 0.64 -2.90
C ARG A 102 -14.23 0.92 -3.28
N VAL A 103 -14.70 0.37 -4.42
CA VAL A 103 -16.10 0.54 -4.80
C VAL A 103 -16.76 -0.80 -5.13
N LYS A 104 -17.84 -1.16 -4.42
CA LYS A 104 -18.59 -2.40 -4.69
C LYS A 104 -20.09 -2.18 -4.60
N ASP A 105 -20.86 -2.94 -5.37
CA ASP A 105 -22.32 -2.84 -5.35
C ASP A 105 -22.83 -2.85 -3.93
N GLY A 106 -23.24 -1.75 -3.35
CA GLY A 106 -23.74 -1.97 -2.03
C GLY A 106 -22.64 -2.11 -1.00
N ARG A 107 -21.37 -2.02 -1.43
CA ARG A 107 -20.33 -2.17 -0.48
C ARG A 107 -19.09 -1.35 -0.86
N THR A 108 -18.70 -0.51 0.07
CA THR A 108 -17.49 0.35 0.06
C THR A 108 -16.27 -0.31 0.66
N LEU A 109 -15.10 0.04 0.14
CA LEU A 109 -13.87 -0.52 0.66
C LEU A 109 -12.99 0.56 1.27
N HIS A 110 -12.28 0.21 2.35
CA HIS A 110 -11.37 1.14 3.04
C HIS A 110 -10.17 0.31 3.50
N MET A 111 -8.98 0.83 3.31
CA MET A 111 -7.78 0.10 3.72
C MET A 111 -6.61 1.01 4.02
N MET A 112 -5.92 0.80 5.11
CA MET A 112 -4.78 1.65 5.39
C MET A 112 -3.54 0.87 5.03
N ARG A 113 -2.50 1.55 4.63
CA ARG A 113 -1.30 0.82 4.36
C ARG A 113 -0.15 1.71 4.75
N LEU A 114 0.78 1.17 5.51
CA LEU A 114 1.89 1.98 5.83
C LEU A 114 3.06 1.41 5.17
N TYR A 115 3.49 2.17 4.17
CA TYR A 115 4.59 1.73 3.39
C TYR A 115 5.87 2.33 3.81
N SER A 116 6.91 1.71 3.31
CA SER A 116 8.28 2.03 3.68
C SER A 116 9.30 1.79 2.56
N ARG A 117 10.42 2.49 2.63
CA ARG A 117 11.50 2.29 1.65
C ARG A 117 12.19 0.93 1.83
N SER A 118 12.25 0.45 3.08
CA SER A 118 12.88 -0.84 3.38
C SER A 118 11.89 -1.78 4.08
N PRO A 119 12.02 -3.10 3.88
CA PRO A 119 11.13 -4.09 4.50
C PRO A 119 11.39 -4.25 5.99
N GLU A 120 11.33 -3.15 6.70
CA GLU A 120 11.55 -3.14 8.12
C GLU A 120 10.75 -2.01 8.74
N VAL A 121 9.77 -2.35 9.54
CA VAL A 121 8.89 -1.31 10.08
C VAL A 121 9.57 -0.72 11.27
N SER A 122 9.53 0.61 11.29
CA SER A 122 10.17 1.41 12.31
C SER A 122 9.20 1.88 13.36
N PRO A 123 9.69 2.11 14.58
CA PRO A 123 8.86 2.59 15.68
C PRO A 123 8.08 3.86 15.33
N ALA A 124 8.78 4.87 14.80
CA ALA A 124 8.13 6.15 14.47
C ALA A 124 6.94 5.95 13.53
N ALA A 125 7.18 5.24 12.41
CA ALA A 125 6.11 4.99 11.45
C ALA A 125 4.96 4.25 12.13
N THR A 126 5.32 3.34 13.02
CA THR A 126 4.34 2.55 13.75
C THR A 126 3.52 3.45 14.67
N ALA A 127 4.21 4.32 15.40
CA ALA A 127 3.56 5.24 16.32
C ALA A 127 2.62 6.20 15.57
N ILE A 128 3.15 6.82 14.51
CA ILE A 128 2.36 7.74 13.71
C ILE A 128 1.13 7.03 13.12
N PHE A 129 1.38 5.92 12.44
CA PHE A 129 0.32 5.13 11.83
C PHE A 129 -0.79 4.87 12.86
N ARG A 130 -0.39 4.58 14.09
CA ARG A 130 -1.36 4.33 15.16
C ARG A 130 -2.08 5.61 15.56
N LYS A 131 -1.34 6.71 15.65
CA LYS A 131 -1.92 8.00 16.05
C LYS A 131 -3.14 8.33 15.19
N LEU A 132 -2.95 8.35 13.87
CA LEU A 132 -4.04 8.66 12.95
C LEU A 132 -5.17 7.67 13.14
N ALA A 133 -4.81 6.39 13.29
CA ALA A 133 -5.79 5.33 13.47
C ALA A 133 -6.62 5.59 14.73
N GLY A 134 -5.99 6.11 15.77
CA GLY A 134 -6.69 6.38 17.02
C GLY A 134 -7.75 7.44 16.86
N GLU A 135 -7.47 8.44 16.02
CA GLU A 135 -8.42 9.52 15.78
C GLU A 135 -9.70 8.95 15.15
N ARG A 136 -9.52 7.96 14.28
CA ARG A 136 -10.64 7.34 13.60
C ARG A 136 -11.27 6.22 14.42
N ASN A 137 -10.83 6.04 15.67
CA ASN A 137 -11.38 4.99 16.52
C ASN A 137 -11.01 3.63 15.94
N TYR A 138 -9.76 3.48 15.51
CA TYR A 138 -9.36 2.25 14.86
C TYR A 138 -9.36 1.10 15.82
N THR A 139 -9.69 -0.08 15.33
CA THR A 139 -9.72 -1.21 16.19
C THR A 139 -8.45 -2.03 15.96
N ASP A 140 -8.00 -2.70 17.02
CA ASP A 140 -6.79 -3.53 16.97
C ASP A 140 -6.93 -4.69 16.00
N GLU A 141 -8.17 -5.11 15.80
CA GLU A 141 -8.49 -6.21 14.90
C GLU A 141 -8.45 -5.78 13.43
N MET A 142 -8.41 -4.45 13.18
CA MET A 142 -8.39 -3.93 11.82
C MET A 142 -6.98 -3.54 11.40
N VAL A 143 -6.18 -3.04 12.33
CA VAL A 143 -4.88 -2.59 11.91
C VAL A 143 -3.89 -3.72 12.10
N ALA A 144 -3.16 -3.91 10.96
CA ALA A 144 -2.18 -4.98 10.70
C ALA A 144 -0.83 -4.41 10.28
N MET A 145 0.13 -4.85 11.08
CA MET A 145 1.56 -4.53 10.94
C MET A 145 2.52 -5.74 10.81
N LEU A 146 3.56 -5.80 9.98
CA LEU A 146 4.45 -6.99 10.13
C LEU A 146 5.87 -6.61 10.62
N PRO A 147 6.36 -7.14 11.79
CA PRO A 147 7.72 -6.83 12.27
C PRO A 147 8.77 -7.71 11.52
N ARG A 148 9.73 -8.31 12.28
CA ARG A 148 10.83 -9.22 11.76
C ARG A 148 10.26 -10.56 11.15
N GLN A 149 9.37 -10.33 10.19
CA GLN A 149 8.64 -11.37 9.46
C GLN A 149 8.91 -11.59 7.95
N GLU A 150 9.99 -11.01 7.40
CA GLU A 150 10.16 -11.05 5.94
C GLU A 150 10.96 -12.21 5.38
N GLU A 151 10.83 -12.43 4.06
CA GLU A 151 11.53 -13.53 3.40
C GLU A 151 11.37 -13.49 1.89
N CYS A 152 10.25 -12.98 1.43
CA CYS A 152 9.99 -12.93 0.00
C CYS A 152 10.04 -11.49 -0.38
N THR A 153 10.24 -11.24 -1.66
CA THR A 153 10.46 -9.90 -2.15
C THR A 153 10.02 -9.73 -3.60
N VAL A 154 9.84 -8.48 -4.02
CA VAL A 154 9.47 -8.21 -5.39
C VAL A 154 10.68 -7.63 -6.14
N ASP A 155 10.87 -8.09 -7.36
CA ASP A 155 11.99 -7.64 -8.19
C ASP A 155 11.80 -6.19 -8.65
N GLU A 156 12.90 -5.48 -8.80
CA GLU A 156 12.86 -4.09 -9.24
C GLU A 156 13.33 -3.96 -10.68
N VAL A 157 14.46 -4.58 -10.99
CA VAL A 157 15.02 -4.52 -12.34
C VAL A 157 16.16 -5.52 -12.49
O6 EB4 B . -3.73 -3.91 -2.74
O4 EB4 B . -5.66 -3.20 -2.09
O5 EB4 B . -5.23 -3.33 -4.25
N1 EB4 B . -9.05 -6.69 -2.34
C5 EB4 B . -5.29 -3.83 -5.52
C4 EB4 B . -6.97 -3.12 -1.73
C1 EB4 B . -7.70 -4.24 -2.10
C2 EB4 B . -5.47 -5.20 -5.57
C6 EB4 B . -3.13 -4.60 -1.73
C8 EB4 B . -5.24 -3.07 -6.69
N2 EB4 B . -6.06 -7.88 -5.73
C9 EB4 B . -1.95 -4.25 -1.08
C10 EB4 B . -8.94 -2.16 -0.75
O3 EB4 B . -4.96 -5.97 -2.04
N3 EB4 B . -4.77 -8.39 -1.06
C16 EB4 B . -9.05 -4.34 -1.79
C7 EB4 B . -7.58 -2.09 -1.05
C3 EB4 B . -3.78 -5.78 -1.38
C11 EB4 B . -5.29 -3.73 -7.92
O1 EB4 B . -6.97 -5.16 -2.81
O2 EB4 B . -5.43 -5.79 -4.36
C12 EB4 B . -1.42 -5.08 -0.11
C15 EB4 B . -2.07 -6.26 0.22
C14 EB4 B . -5.49 -5.10 -7.97
C13 EB4 B . -9.67 -3.28 -1.12
O7 EB4 B . -10.98 -5.69 -1.69
C19 EB4 B . -9.77 -5.65 -1.89
C22 EB4 B . -9.57 -8.06 -2.53
C25 EB4 B . -8.82 -9.06 -1.64
O10 EB4 B . -9.44 -9.96 -1.10
O15 EB4 B . -7.51 -8.78 -1.43
C30 EB4 B . -6.79 -9.71 -0.60
C24 EB4 B . -5.36 -9.74 -1.10
C21 EB4 B . -3.68 -8.05 -0.33
C18 EB4 B . -3.24 -6.63 -0.43
O9 EB4 B . -3.18 -8.79 0.51
C27 EB4 B . -5.37 -10.35 -2.54
O12 EB4 B . -5.39 -11.57 -2.71
C28 EB4 B . -9.64 -8.42 -4.01
O13 EB4 B . -8.32 -8.35 -4.61
C26 EB4 B . -7.70 -9.50 -4.94
O11 EB4 B . -8.19 -10.62 -4.77
C23 EB4 B . -6.34 -9.32 -5.61
C29 EB4 B . -5.23 -10.03 -4.85
O14 EB4 B . -5.20 -9.45 -3.55
C20 EB4 B . -5.84 -7.22 -6.89
O8 EB4 B . -5.92 -7.75 -7.98
C17 EB4 B . -5.63 -5.84 -6.80
HN1 EB4 B . -8.06 -6.63 -2.46
H8 EB4 B . -5.15 -2.00 -6.65
HN2 EB4 B . -5.88 -7.39 -4.86
H9 EB4 B . -1.42 -3.34 -1.39
H10 EB4 B . -9.44 -1.30 -0.31
HN3 EB4 B . -5.19 -7.75 -1.71
H7 EB4 B . -7.03 -1.18 -0.82
H11 EB4 B . -5.22 -3.15 -8.84
H12 EB4 B . -0.43 -4.87 0.31
H15 EB4 B . -1.64 -6.90 0.99
H14 EB4 B . -5.56 -5.61 -8.94
H13 EB4 B . -10.73 -3.33 -0.90
H22 EB4 B . -9.19 -7.07 -2.39
H30 EB4 B . -7.24 -10.68 -0.73
H30A EB4 B . -6.80 -9.34 0.42
H24 EB4 B . -4.92 -8.76 -1.08
H28 EB4 B . -10.23 -7.73 -4.60
H28A EB4 B . -9.92 -9.47 -4.11
H23 EB4 B . -6.13 -8.27 -5.69
H29 EB4 B . -4.32 -9.74 -5.38
H29A EB4 B . -5.54 -11.08 -4.87
GA GA C . -5.14 -4.28 -3.05
N MET A 1 17.70 3.34 -23.23
CA MET A 1 16.59 2.76 -22.42
C MET A 1 17.04 2.53 -20.99
N THR A 2 16.08 2.42 -20.08
CA THR A 2 16.38 2.19 -18.66
C THR A 2 17.45 3.18 -18.16
N VAL A 3 17.20 4.46 -18.42
CA VAL A 3 18.14 5.52 -18.02
C VAL A 3 17.77 6.11 -16.66
N PRO A 4 18.75 6.71 -15.97
CA PRO A 4 18.53 7.32 -14.65
C PRO A 4 17.81 8.67 -14.76
N ASP A 5 16.68 8.67 -15.46
CA ASP A 5 15.89 9.87 -15.65
C ASP A 5 14.71 9.89 -14.65
N ARG A 6 13.48 10.08 -15.14
CA ARG A 6 12.29 10.09 -14.29
C ARG A 6 12.27 8.92 -13.30
N SER A 7 12.99 7.85 -13.65
CA SER A 7 13.09 6.65 -12.81
C SER A 7 13.36 7.02 -11.35
N GLU A 8 14.04 8.15 -11.14
CA GLU A 8 14.37 8.62 -9.78
C GLU A 8 13.09 8.79 -8.93
N ILE A 9 11.98 9.05 -9.62
CA ILE A 9 10.66 9.24 -9.04
C ILE A 9 9.89 7.92 -8.80
N ALA A 10 10.51 6.80 -9.15
CA ALA A 10 9.86 5.50 -9.04
C ALA A 10 10.71 4.46 -8.31
N GLY A 11 10.18 3.23 -8.19
CA GLY A 11 10.91 2.17 -7.53
C GLY A 11 9.98 1.20 -6.79
N LYS A 12 10.56 0.35 -5.95
CA LYS A 12 9.79 -0.62 -5.17
C LYS A 12 9.66 -0.15 -3.73
N TRP A 13 8.45 -0.23 -3.18
CA TRP A 13 8.19 0.20 -1.83
C TRP A 13 7.55 -0.96 -1.05
N TYR A 14 8.04 -1.18 0.17
CA TYR A 14 7.57 -2.24 1.06
C TYR A 14 6.52 -1.76 2.04
N VAL A 15 5.52 -2.58 2.31
CA VAL A 15 4.50 -2.17 3.26
C VAL A 15 4.57 -3.01 4.55
N VAL A 16 4.63 -2.31 5.67
CA VAL A 16 4.70 -2.92 6.99
C VAL A 16 3.46 -2.58 7.80
N ALA A 17 2.49 -1.96 7.14
CA ALA A 17 1.27 -1.65 7.82
C ALA A 17 0.13 -2.14 6.98
N LEU A 18 -0.87 -2.69 7.64
CA LEU A 18 -2.01 -3.20 6.93
C LEU A 18 -3.25 -2.79 7.70
N ALA A 19 -4.25 -2.41 6.95
CA ALA A 19 -5.51 -1.97 7.52
C ALA A 19 -6.65 -2.50 6.68
N SER A 20 -7.75 -2.83 7.33
CA SER A 20 -8.91 -3.39 6.65
C SER A 20 -10.17 -2.79 7.21
N ASN A 21 -11.23 -2.77 6.43
CA ASN A 21 -12.49 -2.19 6.92
C ASN A 21 -13.48 -3.30 7.39
N THR A 22 -13.13 -4.53 6.97
CA THR A 22 -13.82 -5.76 7.36
C THR A 22 -13.21 -6.67 8.44
N GLU A 23 -13.95 -7.27 9.38
CA GLU A 23 -13.29 -8.28 10.25
C GLU A 23 -12.77 -9.42 9.33
N PHE A 24 -13.55 -9.71 8.27
CA PHE A 24 -13.21 -10.75 7.29
C PHE A 24 -11.79 -10.51 6.77
N PHE A 25 -11.53 -9.30 6.32
CA PHE A 25 -10.22 -8.94 5.80
C PHE A 25 -9.17 -8.94 6.91
N LEU A 26 -9.55 -8.49 8.11
CA LEU A 26 -8.59 -8.40 9.22
C LEU A 26 -7.92 -9.76 9.51
N ARG A 27 -8.73 -10.78 9.83
CA ARG A 27 -8.21 -12.12 10.10
C ARG A 27 -7.49 -12.68 8.87
N GLU A 28 -7.92 -12.20 7.71
CA GLU A 28 -7.34 -12.64 6.47
C GLU A 28 -5.99 -11.99 6.26
N LYS A 29 -5.96 -10.66 6.37
CA LYS A 29 -4.72 -9.92 6.20
C LYS A 29 -3.74 -10.16 7.36
N ASP A 30 -4.21 -10.09 8.61
CA ASP A 30 -3.31 -10.28 9.76
C ASP A 30 -2.65 -11.65 9.73
N LYS A 31 -3.45 -12.70 9.57
CA LYS A 31 -2.90 -14.04 9.54
C LYS A 31 -2.07 -14.27 8.31
N MET A 32 -2.22 -13.41 7.32
CA MET A 32 -1.47 -13.57 6.09
C MET A 32 0.03 -13.28 6.25
N LYS A 33 0.44 -12.01 6.18
CA LYS A 33 1.86 -11.66 6.18
C LYS A 33 2.09 -10.23 5.71
N MET A 34 3.37 -9.87 5.55
CA MET A 34 3.76 -8.55 5.06
C MET A 34 3.43 -8.47 3.55
N ALA A 35 3.49 -7.27 2.99
CA ALA A 35 3.17 -7.02 1.58
C ALA A 35 4.26 -6.22 0.85
N MET A 36 4.17 -6.21 -0.47
CA MET A 36 5.16 -5.51 -1.30
C MET A 36 4.41 -4.58 -2.26
N ALA A 37 5.15 -3.63 -2.83
CA ALA A 37 4.53 -2.68 -3.74
C ALA A 37 5.59 -2.08 -4.67
N ARG A 38 5.27 -2.03 -5.94
CA ARG A 38 6.18 -1.47 -6.94
C ARG A 38 5.43 -0.42 -7.74
N ILE A 39 6.00 0.76 -7.83
CA ILE A 39 5.36 1.86 -8.55
C ILE A 39 6.10 2.15 -9.85
N SER A 40 5.37 2.05 -10.96
CA SER A 40 5.94 2.31 -12.27
C SER A 40 5.10 3.35 -13.00
N PHE A 41 5.74 4.41 -13.47
CA PHE A 41 5.03 5.43 -14.20
C PHE A 41 5.07 5.14 -15.69
N LEU A 42 3.95 4.73 -16.24
CA LEU A 42 3.89 4.44 -17.66
C LEU A 42 3.76 5.71 -18.52
N GLY A 43 2.89 6.60 -18.06
CA GLY A 43 2.50 7.80 -18.77
C GLY A 43 2.10 8.93 -17.84
N GLU A 44 1.79 10.09 -18.42
CA GLU A 44 1.37 11.24 -17.60
C GLU A 44 0.11 10.85 -16.78
N ASP A 45 -0.88 10.21 -17.43
CA ASP A 45 -2.11 9.77 -16.74
C ASP A 45 -2.13 8.25 -16.62
N GLU A 46 -1.01 7.61 -16.95
CA GLU A 46 -0.97 6.18 -16.87
C GLU A 46 0.13 5.80 -15.92
N LEU A 47 -0.26 5.00 -14.94
CA LEU A 47 0.61 4.54 -13.89
C LEU A 47 0.41 3.06 -13.63
N LYS A 48 1.51 2.37 -13.41
CA LYS A 48 1.47 0.94 -13.17
C LYS A 48 1.98 0.64 -11.77
N VAL A 49 1.19 -0.07 -11.00
CA VAL A 49 1.56 -0.43 -9.64
C VAL A 49 1.40 -1.92 -9.44
N SER A 50 2.40 -2.57 -8.86
CA SER A 50 2.33 -3.99 -8.63
C SER A 50 2.39 -4.32 -7.15
N TYR A 51 1.49 -5.17 -6.68
CA TYR A 51 1.53 -5.54 -5.30
C TYR A 51 1.91 -7.02 -5.24
N ALA A 52 2.81 -7.37 -4.32
CA ALA A 52 3.24 -8.75 -4.18
C ALA A 52 3.20 -9.19 -2.72
N VAL A 53 2.42 -10.22 -2.45
CA VAL A 53 2.30 -10.74 -1.11
C VAL A 53 2.60 -12.22 -1.04
N PRO A 54 3.18 -12.69 0.06
CA PRO A 54 3.47 -14.08 0.18
C PRO A 54 2.21 -14.86 0.54
N LYS A 55 1.59 -15.37 -0.51
CA LYS A 55 0.34 -16.12 -0.44
C LYS A 55 0.67 -17.58 -0.29
N PRO A 56 -0.07 -18.27 0.61
CA PRO A 56 0.17 -19.67 0.95
C PRO A 56 0.66 -20.50 -0.26
N ASN A 57 -0.06 -20.31 -1.36
CA ASN A 57 0.14 -20.93 -2.69
C ASN A 57 1.36 -20.43 -3.45
N GLY A 58 2.38 -20.00 -2.72
CA GLY A 58 3.52 -19.41 -3.37
C GLY A 58 3.35 -17.91 -3.47
N CYS A 59 4.47 -17.20 -3.52
CA CYS A 59 4.48 -15.73 -3.62
C CYS A 59 3.50 -15.21 -4.68
N ARG A 60 2.54 -14.37 -4.25
CA ARG A 60 1.54 -13.83 -5.15
C ARG A 60 1.85 -12.38 -5.52
N LYS A 61 1.58 -12.04 -6.78
CA LYS A 61 1.80 -10.70 -7.29
C LYS A 61 0.68 -10.21 -8.21
N TRP A 62 0.66 -8.91 -8.48
CA TRP A 62 -0.31 -8.32 -9.38
C TRP A 62 0.09 -6.91 -9.77
N GLU A 63 -0.50 -6.36 -10.83
CA GLU A 63 -0.20 -4.98 -11.24
C GLU A 63 -1.42 -4.36 -11.90
N THR A 64 -1.60 -3.07 -11.70
CA THR A 64 -2.74 -2.38 -12.32
C THR A 64 -2.34 -1.00 -12.81
N THR A 65 -2.97 -0.52 -13.87
CA THR A 65 -2.63 0.78 -14.29
C THR A 65 -3.75 1.69 -13.78
N PHE A 66 -3.36 2.63 -12.96
CA PHE A 66 -4.35 3.51 -12.36
C PHE A 66 -4.30 4.82 -13.07
N LYS A 67 -5.24 5.69 -12.75
CA LYS A 67 -5.37 6.97 -13.45
C LYS A 67 -4.89 8.11 -12.61
N LYS A 68 -4.50 9.24 -13.22
CA LYS A 68 -4.03 10.25 -12.35
C LYS A 68 -5.21 10.96 -11.78
N THR A 69 -5.71 10.40 -10.68
CA THR A 69 -6.75 11.07 -10.04
C THR A 69 -6.09 11.69 -8.84
N SER A 70 -5.55 12.85 -9.11
CA SER A 70 -4.89 13.65 -8.14
C SER A 70 -5.87 14.58 -7.47
N ASP A 71 -6.85 14.01 -6.81
CA ASP A 71 -7.85 14.80 -6.11
C ASP A 71 -7.19 15.57 -4.97
N ASP A 72 -6.66 14.82 -4.00
CA ASP A 72 -5.96 15.38 -2.83
C ASP A 72 -4.42 15.38 -3.01
N GLY A 73 -4.05 16.26 -3.94
CA GLY A 73 -2.71 16.61 -4.43
C GLY A 73 -2.01 15.50 -5.22
N GLU A 74 -2.02 14.20 -4.78
CA GLU A 74 -1.48 13.13 -5.62
C GLU A 74 -2.24 11.84 -5.41
N VAL A 75 -3.54 11.89 -5.58
CA VAL A 75 -4.36 10.71 -5.32
C VAL A 75 -4.50 9.93 -6.61
N TYR A 76 -4.92 8.68 -6.45
CA TYR A 76 -5.02 7.77 -7.58
C TYR A 76 -6.26 6.89 -7.52
N TYR A 77 -6.80 6.60 -8.71
CA TYR A 77 -8.02 5.78 -8.81
C TYR A 77 -7.91 4.71 -9.88
N SER A 78 -8.59 3.58 -9.64
CA SER A 78 -8.63 2.47 -10.59
C SER A 78 -10.06 2.29 -11.11
N GLU A 79 -10.33 2.68 -12.34
CA GLU A 79 -11.67 2.56 -12.91
C GLU A 79 -12.02 1.10 -13.17
N GLU A 80 -11.06 0.37 -13.71
CA GLU A 80 -11.27 -1.03 -14.05
C GLU A 80 -11.74 -1.84 -12.83
N ALA A 81 -11.16 -1.57 -11.67
CA ALA A 81 -11.53 -2.27 -10.44
C ALA A 81 -12.39 -1.38 -9.50
N LYS A 82 -12.78 -0.21 -9.99
CA LYS A 82 -13.59 0.74 -9.21
C LYS A 82 -13.03 0.91 -7.77
N LYS A 83 -11.71 1.06 -7.68
CA LYS A 83 -11.04 1.20 -6.39
C LYS A 83 -10.11 2.41 -6.38
N LYS A 84 -9.99 3.06 -5.23
CA LYS A 84 -9.18 4.27 -5.08
C LYS A 84 -8.33 4.26 -3.82
N VAL A 85 -7.17 4.89 -3.89
CA VAL A 85 -6.31 5.01 -2.73
C VAL A 85 -5.60 6.36 -2.85
N GLU A 86 -5.50 7.13 -1.78
CA GLU A 86 -4.84 8.40 -1.85
C GLU A 86 -3.80 8.55 -0.76
N VAL A 87 -2.65 9.09 -1.13
CA VAL A 87 -1.56 9.28 -0.18
C VAL A 87 -1.93 10.35 0.82
N LEU A 88 -1.87 9.97 2.10
CA LEU A 88 -2.21 10.90 3.17
C LEU A 88 -0.99 11.76 3.49
N ASP A 89 0.13 11.11 3.79
CA ASP A 89 1.37 11.79 4.08
C ASP A 89 2.55 10.86 3.82
N THR A 90 3.68 11.44 3.41
CA THR A 90 4.86 10.68 3.11
C THR A 90 6.12 11.51 3.37
N ASP A 91 7.23 10.85 3.67
CA ASP A 91 8.49 11.56 3.90
C ASP A 91 9.43 11.27 2.74
N TYR A 92 10.24 12.24 2.37
CA TYR A 92 11.18 12.05 1.27
C TYR A 92 12.24 11.00 1.60
N LYS A 93 12.59 10.92 2.88
CA LYS A 93 13.56 9.96 3.38
C LYS A 93 13.04 9.08 4.51
N SER A 94 11.73 8.84 4.60
CA SER A 94 11.25 8.01 5.70
C SER A 94 10.06 7.15 5.27
N TYR A 95 9.11 6.92 6.19
CA TYR A 95 7.93 6.11 5.91
C TYR A 95 6.77 6.96 5.41
N ALA A 96 5.76 6.29 4.87
CA ALA A 96 4.58 6.97 4.38
C ALA A 96 3.30 6.16 4.62
N VAL A 97 2.16 6.83 4.80
CA VAL A 97 0.90 6.12 4.99
C VAL A 97 -0.15 6.61 4.00
N ILE A 98 -0.57 5.73 3.10
CA ILE A 98 -1.57 6.04 2.12
C ILE A 98 -2.81 5.17 2.39
N TYR A 99 -3.98 5.77 2.27
CA TYR A 99 -5.31 5.15 2.50
C TYR A 99 -5.93 4.66 1.20
N ALA A 100 -6.70 3.56 1.34
CA ALA A 100 -7.32 2.90 0.19
C ALA A 100 -8.82 2.66 0.41
N THR A 101 -9.59 2.74 -0.67
CA THR A 101 -11.04 2.52 -0.65
C THR A 101 -11.59 1.88 -1.94
N ARG A 102 -12.61 1.03 -1.82
CA ARG A 102 -13.23 0.42 -2.99
C ARG A 102 -14.75 0.44 -2.86
N VAL A 103 -15.46 0.69 -3.97
CA VAL A 103 -16.93 0.75 -3.95
C VAL A 103 -17.55 -0.26 -4.92
N LYS A 104 -18.31 -1.19 -4.33
CA LYS A 104 -19.00 -2.28 -5.02
C LYS A 104 -20.51 -2.17 -4.87
N ASP A 105 -21.24 -2.78 -5.79
CA ASP A 105 -22.69 -2.74 -5.78
C ASP A 105 -23.27 -2.75 -4.37
N GLY A 106 -23.69 -1.61 -3.84
CA GLY A 106 -24.28 -1.70 -2.52
C GLY A 106 -23.28 -1.83 -1.37
N ARG A 107 -21.96 -1.81 -1.71
CA ARG A 107 -20.93 -2.05 -0.69
C ARG A 107 -19.64 -1.24 -0.90
N THR A 108 -19.18 -0.63 0.19
CA THR A 108 -17.96 0.13 0.23
C THR A 108 -16.82 -0.46 1.07
N LEU A 109 -15.66 -0.80 0.57
CA LEU A 109 -14.62 -1.26 1.46
C LEU A 109 -13.47 -0.25 1.41
N HIS A 110 -12.96 0.04 2.60
CA HIS A 110 -11.89 1.02 2.87
C HIS A 110 -10.70 0.19 3.25
N MET A 111 -9.58 0.88 3.21
CA MET A 111 -8.31 0.24 3.38
C MET A 111 -7.21 1.15 3.87
N MET A 112 -6.25 0.71 4.69
CA MET A 112 -5.13 1.60 5.06
C MET A 112 -3.79 0.95 4.71
N ARG A 113 -2.75 1.76 4.49
CA ARG A 113 -1.42 1.23 4.17
C ARG A 113 -0.30 2.15 4.62
N LEU A 114 0.77 1.55 5.13
CA LEU A 114 1.94 2.31 5.56
C LEU A 114 3.15 1.63 4.95
N TYR A 115 3.89 2.37 4.18
CA TYR A 115 5.02 1.80 3.52
C TYR A 115 6.35 2.30 4.07
N SER A 116 7.28 1.38 4.13
CA SER A 116 8.60 1.67 4.62
C SER A 116 9.43 1.44 3.38
N ARG A 117 10.55 2.13 3.35
CA ARG A 117 11.44 2.15 2.21
C ARG A 117 12.41 0.99 2.18
N SER A 118 12.25 0.12 3.18
CA SER A 118 13.12 -1.02 3.35
C SER A 118 12.37 -2.14 4.08
N PRO A 119 12.93 -3.36 4.11
CA PRO A 119 12.30 -4.49 4.79
C PRO A 119 12.36 -4.36 6.32
N GLU A 120 11.65 -3.37 6.85
CA GLU A 120 11.62 -3.14 8.29
C GLU A 120 10.46 -2.26 8.70
N VAL A 121 10.04 -2.33 9.97
CA VAL A 121 8.98 -1.46 10.37
C VAL A 121 9.52 -0.55 11.46
N SER A 122 9.73 0.69 11.06
CA SER A 122 10.24 1.71 11.95
C SER A 122 9.25 2.02 13.05
N PRO A 123 9.71 2.06 14.30
CA PRO A 123 8.86 2.34 15.45
C PRO A 123 8.08 3.64 15.30
N ALA A 124 8.78 4.72 14.97
CA ALA A 124 8.15 6.02 14.80
C ALA A 124 7.00 5.93 13.80
N ALA A 125 7.28 5.36 12.64
CA ALA A 125 6.28 5.19 11.60
C ALA A 125 5.07 4.45 12.17
N THR A 126 5.33 3.33 12.82
CA THR A 126 4.29 2.53 13.42
C THR A 126 3.49 3.34 14.44
N ALA A 127 4.20 4.03 15.33
CA ALA A 127 3.56 4.85 16.35
C ALA A 127 2.70 5.95 15.74
N ILE A 128 3.29 6.73 14.84
CA ILE A 128 2.56 7.81 14.18
C ILE A 128 1.33 7.27 13.46
N PHE A 129 1.53 6.20 12.69
CA PHE A 129 0.44 5.58 11.96
C PHE A 129 -0.67 5.17 12.94
N ARG A 130 -0.26 4.50 14.01
CA ARG A 130 -1.22 4.06 15.02
C ARG A 130 -1.97 5.24 15.62
N LYS A 131 -1.25 6.33 15.91
CA LYS A 131 -1.88 7.53 16.48
C LYS A 131 -3.04 7.97 15.60
N LEU A 132 -2.75 8.24 14.32
CA LEU A 132 -3.78 8.66 13.39
C LEU A 132 -4.91 7.64 13.37
N ALA A 133 -4.54 6.36 13.39
CA ALA A 133 -5.50 5.28 13.40
C ALA A 133 -6.42 5.37 14.61
N GLY A 134 -5.84 5.66 15.78
CA GLY A 134 -6.63 5.77 17.00
C GLY A 134 -7.63 6.90 16.91
N GLU A 135 -7.18 8.05 16.42
CA GLU A 135 -8.07 9.20 16.28
C GLU A 135 -9.31 8.85 15.48
N ARG A 136 -9.17 7.90 14.55
CA ARG A 136 -10.31 7.48 13.75
C ARG A 136 -11.16 6.43 14.46
N ASN A 137 -10.82 6.13 15.71
CA ASN A 137 -11.57 5.14 16.48
C ASN A 137 -11.33 3.72 15.97
N TYR A 138 -10.16 3.50 15.37
CA TYR A 138 -9.88 2.19 14.79
C TYR A 138 -9.71 1.14 15.88
N THR A 139 -9.65 -0.11 15.46
CA THR A 139 -9.54 -1.23 16.37
C THR A 139 -8.20 -1.92 16.23
N ASP A 140 -7.82 -2.68 17.26
CA ASP A 140 -6.52 -3.38 17.27
C ASP A 140 -6.39 -4.36 16.10
N GLU A 141 -7.52 -4.99 15.79
CA GLU A 141 -7.72 -5.93 14.69
C GLU A 141 -7.96 -5.31 13.31
N MET A 142 -8.10 -3.97 13.32
CA MET A 142 -8.45 -3.26 12.09
C MET A 142 -7.23 -2.95 11.23
N VAL A 143 -6.12 -2.68 11.90
CA VAL A 143 -4.85 -2.40 11.25
C VAL A 143 -3.79 -3.15 12.03
N ALA A 144 -2.89 -3.85 11.36
CA ALA A 144 -1.88 -4.63 12.06
C ALA A 144 -0.52 -4.53 11.39
N MET A 145 0.52 -4.49 12.22
CA MET A 145 1.92 -4.42 11.77
C MET A 145 2.60 -5.77 11.88
N LEU A 146 3.39 -6.15 10.88
CA LEU A 146 4.08 -7.43 10.89
C LEU A 146 5.57 -7.27 11.24
N PRO A 147 6.09 -8.13 12.14
CA PRO A 147 7.50 -8.10 12.54
C PRO A 147 8.42 -8.53 11.38
N ARG A 148 9.73 -8.64 11.64
CA ARG A 148 10.74 -9.04 10.60
C ARG A 148 10.67 -10.56 10.14
N GLN A 149 9.41 -10.85 9.81
CA GLN A 149 8.63 -12.02 9.29
C GLN A 149 8.67 -12.41 7.76
N GLU A 150 9.77 -12.01 7.11
CA GLU A 150 9.97 -11.86 5.67
C GLU A 150 10.97 -12.73 4.89
N GLU A 151 10.96 -12.43 3.58
CA GLU A 151 11.87 -13.09 2.65
C GLU A 151 11.59 -12.86 1.22
N CYS A 152 10.40 -12.97 0.88
CA CYS A 152 10.15 -12.82 -0.48
C CYS A 152 9.58 -11.47 -0.60
N THR A 153 10.49 -10.82 -1.34
CA THR A 153 10.48 -9.39 -1.59
C THR A 153 10.28 -9.23 -3.04
N VAL A 154 10.03 -8.00 -3.43
CA VAL A 154 9.67 -7.74 -4.81
C VAL A 154 10.85 -7.32 -5.66
N ASP A 155 10.89 -7.83 -6.90
CA ASP A 155 11.97 -7.50 -7.84
C ASP A 155 11.93 -6.04 -8.27
N GLU A 156 13.10 -5.51 -8.61
CA GLU A 156 13.22 -4.12 -9.04
C GLU A 156 13.67 -4.04 -10.51
N VAL A 157 14.81 -4.63 -10.82
CA VAL A 157 15.34 -4.63 -12.18
C VAL A 157 16.52 -5.59 -12.30
O6 EB4 B . -3.57 -3.77 -2.30
O4 EB4 B . -5.54 -3.02 -1.99
O5 EB4 B . -4.71 -3.24 -4.01
N1 EB4 B . -8.72 -6.74 -1.86
C5 EB4 B . -4.75 -3.82 -5.25
C4 EB4 B . -6.83 -3.01 -1.55
C1 EB4 B . -7.47 -4.24 -1.70
C2 EB4 B . -5.13 -5.15 -5.25
C6 EB4 B . -2.90 -4.48 -1.34
C8 EB4 B . -4.53 -3.14 -6.44
N2 EB4 B . -5.76 -7.82 -5.34
C9 EB4 B . -1.74 -4.06 -0.70
C10 EB4 B . -8.82 -2.10 -0.55
O3 EB4 B . -4.62 -5.97 -1.70
N3 EB4 B . -4.33 -8.34 -0.72
C16 EB4 B . -8.79 -4.39 -1.29
C7 EB4 B . -7.50 -1.94 -0.99
C3 EB4 B . -3.46 -5.72 -1.04
C11 EB4 B . -4.69 -3.82 -7.65
O1 EB4 B . -6.68 -5.18 -2.28
O2 EB4 B . -5.23 -5.70 -4.00
C12 EB4 B . -1.13 -4.90 0.23
C15 EB4 B . -1.67 -6.14 0.52
C14 EB4 B . -5.14 -5.14 -7.64
C13 EB4 B . -9.45 -3.33 -0.68
O7 EB4 B . -10.65 -5.84 -1.06
C19 EB4 B . -9.47 -5.72 -1.37
C22 EB4 B . -9.21 -8.12 -2.03
C25 EB4 B . -8.39 -9.10 -1.19
O10 EB4 B . -8.90 -10.11 -0.73
O15 EB4 B . -7.07 -8.78 -1.02
C30 EB4 B . -6.31 -9.70 -0.22
C24 EB4 B . -4.88 -9.72 -0.76
C21 EB4 B . -3.23 -7.98 -0.02
C18 EB4 B . -2.83 -6.56 -0.12
O9 EB4 B . -2.68 -8.73 0.80
C27 EB4 B . -4.94 -10.32 -2.19
O12 EB4 B . -5.03 -11.54 -2.38
C28 EB4 B . -9.31 -8.48 -3.50
O13 EB4 B . -8.03 -8.35 -4.13
C26 EB4 B . -7.37 -9.48 -4.48
O11 EB4 B . -7.72 -10.62 -4.15
C23 EB4 B . -6.03 -9.28 -5.21
C29 EB4 B . -4.89 -10.00 -4.51
O14 EB4 B . -4.81 -9.42 -3.20
C20 EB4 B . -5.60 -7.17 -6.51
O8 EB4 B . -5.91 -7.68 -7.60
C17 EB4 B . -5.37 -5.80 -6.45
HN1 EB4 B . -7.75 -6.61 -2.08
H8 EB4 B . -4.24 -2.09 -6.45
HN2 EB4 B . -5.86 -7.28 -4.50
H9 EB4 B . -1.31 -3.09 -0.94
H10 EB4 B . -9.38 -1.24 -0.18
HN3 EB4 B . -4.67 -7.75 -1.46
H7 EB4 B . -7.03 -0.96 -0.92
H11 EB4 B . -4.44 -3.33 -8.59
H12 EB4 B . -0.13 -4.65 0.61
H15 EB4 B . -1.18 -6.80 1.24
H14 EB4 B . -5.37 -5.63 -8.59
H13 EB4 B . -10.37 -3.52 -0.14
H22 EB4 B . -8.85 -7.11 -1.90
H30 EB4 B . -6.73 -10.70 -0.33
H30A EB4 B . -6.31 -9.32 0.81
H24 EB4 B . -4.48 -8.71 -0.74
H28 EB4 B . -9.97 -7.82 -4.07
H28A EB4 B . -9.55 -9.54 -3.60
H23 EB4 B . -5.84 -8.22 -5.30
H29 EB4 B . -3.99 -9.70 -5.05
H29A EB4 B . -5.20 -11.04 -4.52
GA GA C . -4.95 -4.26 -2.64
#